data_2LJA
#
_entry.id   2LJA
#
_entity_poly.entity_id   1
_entity_poly.type   'polypeptide(L)'
_entity_poly.pdbx_seq_one_letter_code
;MSLRSGNPSAASFSYPDINGKTVSLADLKGKYIYIDVWATWCGPCRGELPALKELEEKYAGKDIHFVSLSCDKNKKAWEN
MVTKDQLKGIQLHMGTDRTFMDAYLINGIPRFILLDRDGKIISANMTRPSDPKTAEKFNELLGLEGHHHHHH
;
_entity_poly.pdbx_strand_id   A
#
# COMPACT_ATOMS: atom_id res chain seq x y z
N MET A 1 -6.49 2.04 -26.48
CA MET A 1 -5.58 2.90 -25.68
C MET A 1 -5.27 2.24 -24.34
N SER A 2 -4.94 3.06 -23.34
CA SER A 2 -4.54 2.57 -22.02
C SER A 2 -5.50 1.55 -21.44
N LEU A 3 -4.95 0.57 -20.71
CA LEU A 3 -5.70 -0.55 -20.14
C LEU A 3 -6.10 -1.52 -21.24
N ARG A 4 -6.99 -1.07 -22.11
CA ARG A 4 -7.39 -1.82 -23.29
C ARG A 4 -8.33 -0.97 -24.14
N SER A 5 -9.20 -0.23 -23.46
CA SER A 5 -10.12 0.67 -24.13
C SER A 5 -9.46 2.05 -24.29
N GLY A 6 -9.45 2.81 -23.21
CA GLY A 6 -8.85 4.13 -23.22
C GLY A 6 -9.09 4.86 -21.93
N ASN A 7 -8.85 4.18 -20.82
CA ASN A 7 -9.11 4.74 -19.51
C ASN A 7 -7.82 5.16 -18.83
N PRO A 8 -7.83 6.34 -18.19
CA PRO A 8 -6.67 6.84 -17.46
C PRO A 8 -6.57 6.20 -16.07
N SER A 9 -5.52 5.41 -15.87
CA SER A 9 -5.35 4.69 -14.62
C SER A 9 -3.86 4.45 -14.36
N ALA A 10 -3.51 4.27 -13.08
CA ALA A 10 -2.15 3.93 -12.63
C ALA A 10 -1.21 5.13 -12.72
N ALA A 11 -1.40 5.96 -13.72
CA ALA A 11 -0.55 7.12 -13.94
C ALA A 11 -0.93 8.27 -13.02
N SER A 12 -0.50 8.16 -11.77
CA SER A 12 -0.71 9.20 -10.76
C SER A 12 -2.18 9.31 -10.36
N PHE A 13 -2.54 8.65 -9.27
CA PHE A 13 -3.90 8.70 -8.76
C PHE A 13 -3.99 9.70 -7.61
N SER A 14 -5.21 10.06 -7.24
CA SER A 14 -5.43 10.93 -6.10
C SER A 14 -6.68 10.49 -5.34
N TYR A 15 -6.51 10.15 -4.08
CA TYR A 15 -7.62 9.65 -3.25
C TYR A 15 -7.71 10.44 -1.95
N PRO A 16 -8.86 10.38 -1.26
CA PRO A 16 -9.01 11.00 0.04
C PRO A 16 -8.56 10.07 1.18
N ASP A 17 -7.65 10.57 1.99
CA ASP A 17 -7.24 9.90 3.22
C ASP A 17 -8.37 9.94 4.21
N ILE A 18 -8.33 9.02 5.18
CA ILE A 18 -9.36 8.85 6.20
C ILE A 18 -9.90 10.18 6.74
N ASN A 19 -9.00 11.08 7.12
CA ASN A 19 -9.39 12.34 7.75
C ASN A 19 -10.07 13.26 6.74
N GLY A 20 -9.91 12.95 5.47
CA GLY A 20 -10.46 13.77 4.41
C GLY A 20 -9.39 14.55 3.68
N LYS A 21 -8.21 13.95 3.56
CA LYS A 21 -7.10 14.65 2.91
C LYS A 21 -6.89 14.16 1.49
N THR A 22 -6.82 15.08 0.55
CA THR A 22 -6.42 14.75 -0.79
C THR A 22 -4.97 14.26 -0.79
N VAL A 23 -4.79 12.96 -0.94
CA VAL A 23 -3.46 12.39 -1.04
C VAL A 23 -3.26 11.84 -2.44
N SER A 24 -2.29 12.38 -3.13
CA SER A 24 -2.06 12.03 -4.51
C SER A 24 -0.89 11.05 -4.62
N LEU A 25 -0.50 10.74 -5.84
CA LEU A 25 0.64 9.88 -6.09
C LEU A 25 1.92 10.71 -6.00
N ALA A 26 1.75 12.01 -5.74
CA ALA A 26 2.89 12.91 -5.66
C ALA A 26 3.28 13.06 -4.20
N ASP A 27 2.31 12.75 -3.36
CA ASP A 27 2.46 12.68 -1.94
C ASP A 27 3.41 11.53 -1.58
N LEU A 28 3.52 10.57 -2.49
CA LEU A 28 4.32 9.39 -2.28
C LEU A 28 5.53 9.37 -3.20
N LYS A 29 5.49 10.21 -4.22
CA LYS A 29 6.45 10.19 -5.30
C LYS A 29 7.82 10.67 -4.83
N GLY A 30 8.86 9.93 -5.19
CA GLY A 30 10.20 10.24 -4.75
C GLY A 30 10.79 9.11 -3.95
N LYS A 31 9.91 8.25 -3.46
CA LYS A 31 10.30 7.09 -2.67
C LYS A 31 9.42 5.91 -3.08
N TYR A 32 9.97 4.69 -3.03
CA TYR A 32 9.24 3.50 -3.48
C TYR A 32 7.89 3.38 -2.77
N ILE A 33 6.89 2.95 -3.52
CA ILE A 33 5.53 2.85 -3.00
C ILE A 33 5.10 1.39 -2.90
N TYR A 34 4.56 1.01 -1.77
CA TYR A 34 3.95 -0.31 -1.59
C TYR A 34 2.46 -0.14 -1.34
N ILE A 35 1.65 -0.65 -2.25
CA ILE A 35 0.21 -0.49 -2.14
C ILE A 35 -0.42 -1.79 -1.65
N ASP A 36 -0.89 -1.76 -0.42
CA ASP A 36 -1.66 -2.87 0.14
C ASP A 36 -3.12 -2.48 0.18
N VAL A 37 -4.00 -3.45 0.23
CA VAL A 37 -5.43 -3.17 0.31
C VAL A 37 -5.96 -3.37 1.72
N TRP A 38 -6.80 -2.43 2.17
CA TRP A 38 -7.39 -2.50 3.52
C TRP A 38 -8.91 -2.33 3.41
N ALA A 39 -9.67 -3.06 4.22
CA ALA A 39 -11.12 -3.02 4.13
C ALA A 39 -11.80 -3.18 5.49
N THR A 40 -13.03 -2.71 5.58
CA THR A 40 -13.84 -2.88 6.79
C THR A 40 -14.36 -4.31 6.86
N TRP A 41 -14.87 -4.77 5.74
CA TRP A 41 -15.51 -6.08 5.64
C TRP A 41 -14.47 -7.20 5.49
N CYS A 42 -13.21 -6.83 5.46
CA CYS A 42 -12.15 -7.83 5.37
C CYS A 42 -11.63 -8.15 6.76
N GLY A 43 -11.91 -9.35 7.22
CA GLY A 43 -11.40 -9.81 8.50
C GLY A 43 -10.00 -10.41 8.42
N PRO A 44 -9.69 -11.27 7.41
CA PRO A 44 -8.39 -11.94 7.31
C PRO A 44 -7.21 -10.97 7.37
N CYS A 45 -7.36 -9.81 6.74
CA CYS A 45 -6.29 -8.81 6.72
C CYS A 45 -5.91 -8.38 8.14
N ARG A 46 -6.90 -8.38 9.04
CA ARG A 46 -6.70 -7.93 10.40
C ARG A 46 -5.81 -8.88 11.20
N GLY A 47 -5.51 -10.02 10.60
CA GLY A 47 -4.61 -10.96 11.24
C GLY A 47 -3.16 -10.53 11.06
N GLU A 48 -2.88 -9.81 9.99
CA GLU A 48 -1.52 -9.39 9.69
C GLU A 48 -1.37 -7.87 9.76
N LEU A 49 -2.49 -7.16 9.91
CA LEU A 49 -2.46 -5.70 10.03
C LEU A 49 -1.54 -5.23 11.18
N PRO A 50 -1.64 -5.82 12.39
CA PRO A 50 -0.69 -5.53 13.47
C PRO A 50 0.76 -5.76 13.03
N ALA A 51 0.97 -6.79 12.23
CA ALA A 51 2.31 -7.12 11.73
C ALA A 51 2.74 -6.13 10.67
N LEU A 52 1.76 -5.57 9.95
CA LEU A 52 2.02 -4.53 8.97
C LEU A 52 2.55 -3.29 9.68
N LYS A 53 1.99 -3.00 10.85
CA LYS A 53 2.49 -1.92 11.68
C LYS A 53 3.91 -2.22 12.15
N GLU A 54 4.12 -3.44 12.63
CA GLU A 54 5.45 -3.90 12.99
C GLU A 54 6.43 -3.72 11.84
N LEU A 55 5.98 -4.07 10.63
CA LEU A 55 6.81 -3.91 9.44
C LEU A 55 7.21 -2.45 9.24
N GLU A 56 6.24 -1.56 9.42
CA GLU A 56 6.48 -0.13 9.27
C GLU A 56 7.43 0.38 10.35
N GLU A 57 7.08 0.15 11.60
CA GLU A 57 7.81 0.72 12.72
C GLU A 57 9.17 0.05 12.91
N LYS A 58 9.32 -1.15 12.34
CA LYS A 58 10.61 -1.83 12.36
C LYS A 58 11.48 -1.31 11.22
N TYR A 59 10.84 -0.92 10.13
CA TYR A 59 11.54 -0.43 8.95
C TYR A 59 11.45 1.09 8.85
N ALA A 60 11.00 1.72 9.93
CA ALA A 60 10.88 3.18 9.99
C ALA A 60 12.14 3.87 9.47
N GLY A 61 11.99 4.57 8.35
CA GLY A 61 13.11 5.25 7.74
C GLY A 61 13.47 4.67 6.38
N LYS A 62 12.88 3.52 6.06
CA LYS A 62 13.15 2.83 4.80
C LYS A 62 12.64 3.65 3.61
N ASP A 63 13.03 3.23 2.41
CA ASP A 63 12.59 3.90 1.20
C ASP A 63 11.36 3.21 0.64
N ILE A 64 10.33 3.10 1.48
CA ILE A 64 9.09 2.43 1.10
C ILE A 64 7.90 3.12 1.78
N HIS A 65 6.86 3.38 1.02
CA HIS A 65 5.61 3.90 1.56
C HIS A 65 4.59 2.78 1.69
N PHE A 66 4.12 2.52 2.90
CA PHE A 66 3.01 1.59 3.05
C PHE A 66 1.70 2.33 2.82
N VAL A 67 1.07 2.03 1.69
CA VAL A 67 -0.11 2.75 1.27
C VAL A 67 -1.29 1.80 1.13
N SER A 68 -2.20 1.86 2.07
CA SER A 68 -3.37 1.00 2.08
C SER A 68 -4.50 1.64 1.28
N LEU A 69 -5.02 0.93 0.29
CA LEU A 69 -6.15 1.41 -0.51
C LEU A 69 -7.40 0.61 -0.20
N SER A 70 -8.50 1.30 0.08
CA SER A 70 -9.74 0.65 0.49
C SER A 70 -10.82 0.79 -0.56
N CYS A 71 -11.33 -0.32 -1.03
CA CYS A 71 -12.41 -0.34 -2.00
C CYS A 71 -13.77 -0.23 -1.30
N ASP A 72 -13.74 0.04 0.00
CA ASP A 72 -14.96 0.12 0.81
C ASP A 72 -15.82 1.28 0.34
N LYS A 73 -17.11 1.05 0.23
CA LYS A 73 -18.03 2.11 -0.15
C LYS A 73 -18.39 2.96 1.07
N ASN A 74 -18.47 2.29 2.22
CA ASN A 74 -18.81 2.93 3.48
C ASN A 74 -17.62 3.70 4.04
N LYS A 75 -17.44 4.94 3.62
CA LYS A 75 -16.32 5.72 4.13
C LYS A 75 -16.41 5.95 5.62
N LYS A 76 -17.45 6.64 6.06
CA LYS A 76 -17.59 7.04 7.45
C LYS A 76 -17.48 5.83 8.39
N ALA A 77 -18.03 4.69 7.97
CA ALA A 77 -17.93 3.46 8.74
C ALA A 77 -16.48 2.99 8.81
N TRP A 78 -15.78 3.15 7.71
CA TRP A 78 -14.42 2.68 7.58
C TRP A 78 -13.43 3.66 8.24
N GLU A 79 -13.64 4.95 8.04
CA GLU A 79 -12.78 5.97 8.61
C GLU A 79 -12.81 5.91 10.15
N ASN A 80 -13.99 5.68 10.72
CA ASN A 80 -14.08 5.56 12.18
C ASN A 80 -13.52 4.21 12.61
N MET A 81 -13.63 3.22 11.72
CA MET A 81 -13.08 1.92 11.99
C MET A 81 -11.57 1.96 12.10
N VAL A 82 -10.90 2.54 11.11
CA VAL A 82 -9.44 2.64 11.16
C VAL A 82 -8.99 3.47 12.37
N THR A 83 -9.82 4.43 12.77
CA THR A 83 -9.56 5.18 13.99
C THR A 83 -9.64 4.25 15.21
N LYS A 84 -10.58 3.31 15.16
CA LYS A 84 -10.78 2.33 16.22
C LYS A 84 -9.72 1.23 16.15
N ASP A 85 -9.50 0.76 14.93
CA ASP A 85 -8.53 -0.29 14.63
C ASP A 85 -7.10 0.21 14.82
N GLN A 86 -6.95 1.54 14.88
CA GLN A 86 -5.66 2.18 15.09
C GLN A 86 -4.65 1.84 14.01
N LEU A 87 -5.15 1.61 12.81
CA LEU A 87 -4.30 1.22 11.68
C LEU A 87 -3.70 2.45 10.99
N LYS A 88 -3.28 3.43 11.78
CA LYS A 88 -2.71 4.65 11.22
C LYS A 88 -1.39 4.40 10.48
N GLY A 89 -1.13 5.23 9.49
CA GLY A 89 0.00 5.05 8.60
C GLY A 89 -0.17 5.94 7.37
N ILE A 90 0.08 5.40 6.19
CA ILE A 90 -0.25 6.10 4.95
C ILE A 90 -1.39 5.37 4.27
N GLN A 91 -2.53 6.00 4.18
CA GLN A 91 -3.73 5.30 3.77
C GLN A 91 -4.64 6.11 2.87
N LEU A 92 -5.30 5.42 1.96
CA LEU A 92 -6.22 6.02 1.02
C LEU A 92 -7.51 5.22 0.94
N HIS A 93 -8.59 5.89 0.58
CA HIS A 93 -9.88 5.24 0.47
C HIS A 93 -10.54 5.54 -0.88
N MET A 94 -10.89 4.49 -1.58
CA MET A 94 -11.55 4.57 -2.90
C MET A 94 -13.02 4.93 -2.73
N GLY A 95 -13.86 3.95 -2.50
CA GLY A 95 -15.26 4.22 -2.29
C GLY A 95 -16.16 3.61 -3.33
N THR A 96 -16.16 4.17 -4.52
CA THR A 96 -17.07 3.72 -5.54
C THR A 96 -16.37 3.59 -6.89
N ASP A 97 -15.13 4.05 -6.97
CA ASP A 97 -14.40 4.05 -8.23
C ASP A 97 -13.64 2.74 -8.39
N ARG A 98 -14.34 1.64 -8.16
CA ARG A 98 -13.72 0.31 -8.11
C ARG A 98 -13.39 -0.22 -9.50
N THR A 99 -13.29 0.66 -10.48
CA THR A 99 -12.79 0.28 -11.79
C THR A 99 -11.29 -0.01 -11.69
N PHE A 100 -10.64 0.68 -10.75
CA PHE A 100 -9.22 0.49 -10.49
C PHE A 100 -9.01 -0.84 -9.77
N MET A 101 -10.05 -1.26 -9.06
CA MET A 101 -10.08 -2.55 -8.38
C MET A 101 -9.85 -3.67 -9.39
N ASP A 102 -10.66 -3.66 -10.45
CA ASP A 102 -10.57 -4.66 -11.50
C ASP A 102 -9.34 -4.44 -12.37
N ALA A 103 -8.87 -3.19 -12.45
CA ALA A 103 -7.71 -2.86 -13.26
C ALA A 103 -6.48 -3.62 -12.79
N TYR A 104 -6.46 -3.96 -11.51
CA TYR A 104 -5.36 -4.73 -10.94
C TYR A 104 -5.77 -6.15 -10.62
N LEU A 105 -7.04 -6.46 -10.84
CA LEU A 105 -7.60 -7.77 -10.48
C LEU A 105 -7.48 -8.00 -8.97
N ILE A 106 -7.55 -6.91 -8.21
CA ILE A 106 -7.53 -6.98 -6.75
C ILE A 106 -8.76 -7.73 -6.23
N ASN A 107 -8.52 -8.68 -5.33
CA ASN A 107 -9.60 -9.44 -4.73
C ASN A 107 -9.11 -10.03 -3.41
N GLY A 108 -10.04 -10.41 -2.54
CA GLY A 108 -9.68 -11.03 -1.27
C GLY A 108 -9.31 -10.01 -0.21
N ILE A 109 -8.26 -9.23 -0.49
CA ILE A 109 -7.71 -8.26 0.45
C ILE A 109 -6.98 -8.97 1.60
N PRO A 110 -5.75 -8.54 1.93
CA PRO A 110 -5.07 -7.44 1.26
C PRO A 110 -4.34 -7.86 -0.01
N ARG A 111 -4.31 -6.97 -0.99
CA ARG A 111 -3.54 -7.20 -2.19
C ARG A 111 -2.20 -6.48 -2.05
N PHE A 112 -1.15 -7.11 -2.54
CA PHE A 112 0.20 -6.60 -2.45
C PHE A 112 0.69 -6.02 -3.79
N ILE A 113 0.98 -4.71 -3.81
CA ILE A 113 1.51 -4.04 -5.01
C ILE A 113 2.76 -3.25 -4.66
N LEU A 114 3.68 -3.13 -5.61
CA LEU A 114 4.90 -2.36 -5.41
C LEU A 114 5.20 -1.49 -6.64
N LEU A 115 5.66 -0.26 -6.41
CA LEU A 115 5.97 0.67 -7.48
C LEU A 115 7.30 1.38 -7.20
N ASP A 116 7.92 1.86 -8.27
CA ASP A 116 9.17 2.62 -8.19
C ASP A 116 8.91 4.02 -7.64
N ARG A 117 9.98 4.65 -7.15
CA ARG A 117 9.95 6.00 -6.58
C ARG A 117 9.14 6.97 -7.44
N ASP A 118 9.29 6.84 -8.75
CA ASP A 118 8.61 7.73 -9.69
C ASP A 118 7.09 7.58 -9.58
N GLY A 119 6.68 6.43 -9.11
CA GLY A 119 5.30 6.07 -9.17
C GLY A 119 5.07 5.02 -10.23
N LYS A 120 6.16 4.34 -10.60
CA LYS A 120 6.10 3.38 -11.70
C LYS A 120 5.80 1.99 -11.19
N ILE A 121 4.58 1.52 -11.44
CA ILE A 121 4.16 0.17 -11.06
C ILE A 121 5.22 -0.86 -11.45
N ILE A 122 5.85 -1.46 -10.45
CA ILE A 122 6.88 -2.46 -10.67
C ILE A 122 6.26 -3.85 -10.63
N SER A 123 5.56 -4.13 -9.55
CA SER A 123 4.90 -5.41 -9.38
C SER A 123 3.43 -5.21 -9.07
N ALA A 124 2.57 -5.64 -9.97
CA ALA A 124 1.13 -5.61 -9.74
C ALA A 124 0.78 -6.54 -8.59
N ASN A 125 1.55 -7.61 -8.50
CA ASN A 125 1.46 -8.55 -7.39
C ASN A 125 2.84 -8.74 -6.78
N MET A 126 3.04 -8.16 -5.60
CA MET A 126 4.35 -8.19 -4.97
C MET A 126 4.42 -9.29 -3.89
N THR A 127 4.29 -8.90 -2.63
CA THR A 127 4.37 -9.85 -1.54
C THR A 127 3.62 -9.33 -0.32
N ARG A 128 2.65 -10.11 0.14
CA ARG A 128 1.87 -9.81 1.34
C ARG A 128 2.78 -9.47 2.52
N PRO A 129 2.38 -8.48 3.36
CA PRO A 129 3.17 -8.07 4.54
C PRO A 129 3.47 -9.23 5.48
N SER A 130 2.50 -10.13 5.66
CA SER A 130 2.70 -11.31 6.51
C SER A 130 3.63 -12.34 5.85
N ASP A 131 4.07 -12.05 4.63
CA ASP A 131 4.96 -12.94 3.90
C ASP A 131 6.41 -12.50 4.13
N PRO A 132 7.22 -13.35 4.80
CA PRO A 132 8.62 -13.03 5.15
C PRO A 132 9.48 -12.65 3.95
N LYS A 133 9.11 -13.14 2.77
CA LYS A 133 9.88 -12.87 1.57
C LYS A 133 9.78 -11.41 1.15
N THR A 134 8.73 -10.73 1.62
CA THR A 134 8.58 -9.32 1.32
C THR A 134 9.60 -8.52 2.11
N ALA A 135 9.80 -8.91 3.37
CA ALA A 135 10.79 -8.27 4.22
C ALA A 135 12.19 -8.47 3.64
N GLU A 136 12.43 -9.69 3.15
CA GLU A 136 13.67 -10.01 2.47
C GLU A 136 13.91 -9.06 1.30
N LYS A 137 12.85 -8.78 0.55
CA LYS A 137 12.94 -7.88 -0.59
C LYS A 137 13.33 -6.48 -0.15
N PHE A 138 12.72 -6.00 0.94
CA PHE A 138 13.01 -4.66 1.45
C PHE A 138 14.50 -4.52 1.77
N ASN A 139 15.01 -5.44 2.58
CA ASN A 139 16.42 -5.44 2.96
C ASN A 139 17.29 -5.47 1.72
N GLU A 140 16.93 -6.37 0.80
CA GLU A 140 17.69 -6.57 -0.43
C GLU A 140 17.81 -5.29 -1.25
N LEU A 141 16.67 -4.67 -1.57
CA LEU A 141 16.66 -3.49 -2.44
C LEU A 141 17.30 -2.28 -1.76
N LEU A 142 17.38 -2.31 -0.44
CA LEU A 142 18.05 -1.26 0.31
C LEU A 142 19.54 -1.59 0.48
N GLY A 143 19.90 -2.83 0.16
CA GLY A 143 21.26 -3.30 0.36
C GLY A 143 21.55 -3.48 1.83
N LEU A 144 20.50 -3.81 2.56
CA LEU A 144 20.54 -3.92 4.01
C LEU A 144 20.93 -5.34 4.43
N GLU A 145 21.49 -6.10 3.49
CA GLU A 145 21.87 -7.46 3.75
C GLU A 145 23.22 -7.53 4.49
N GLY A 146 23.25 -8.31 5.56
CA GLY A 146 24.49 -8.55 6.27
C GLY A 146 25.36 -9.54 5.52
N HIS A 147 25.94 -9.05 4.41
CA HIS A 147 26.59 -9.88 3.39
C HIS A 147 25.50 -10.52 2.52
N HIS A 148 24.43 -10.96 3.18
CA HIS A 148 23.20 -11.37 2.51
C HIS A 148 22.12 -11.61 3.58
N HIS A 149 20.87 -11.71 3.12
CA HIS A 149 19.69 -11.89 4.00
C HIS A 149 20.00 -12.73 5.23
N HIS A 150 20.35 -13.97 5.01
CA HIS A 150 20.73 -14.85 6.08
C HIS A 150 22.23 -14.96 6.09
N HIS A 151 22.85 -14.41 7.14
CA HIS A 151 24.30 -14.18 7.18
C HIS A 151 25.12 -15.37 6.69
N HIS A 152 25.62 -15.23 5.48
CA HIS A 152 26.54 -16.20 4.91
C HIS A 152 27.60 -15.45 4.13
N MET A 1 -5.34 10.17 -17.34
CA MET A 1 -4.35 9.08 -17.53
C MET A 1 -3.37 9.47 -18.64
N SER A 2 -2.27 8.73 -18.77
CA SER A 2 -1.29 8.97 -19.82
C SER A 2 -1.94 8.82 -21.20
N LEU A 3 -2.90 7.91 -21.29
CA LEU A 3 -3.68 7.70 -22.51
C LEU A 3 -4.89 8.65 -22.54
N ARG A 4 -4.74 9.78 -21.85
CA ARG A 4 -5.79 10.78 -21.69
C ARG A 4 -6.94 10.26 -20.84
N SER A 5 -7.90 9.59 -21.48
CA SER A 5 -9.17 9.19 -20.86
C SER A 5 -9.72 10.28 -19.94
N GLY A 6 -9.38 10.19 -18.66
CA GLY A 6 -9.79 11.20 -17.71
C GLY A 6 -8.95 11.12 -16.46
N ASN A 7 -9.28 10.17 -15.59
CA ASN A 7 -8.57 9.98 -14.34
C ASN A 7 -7.20 9.35 -14.59
N PRO A 8 -6.25 9.60 -13.69
CA PRO A 8 -4.95 8.94 -13.72
C PRO A 8 -4.99 7.60 -12.98
N SER A 9 -4.95 6.51 -13.73
CA SER A 9 -5.00 5.19 -13.14
C SER A 9 -3.60 4.63 -12.97
N ALA A 10 -3.17 4.50 -11.70
CA ALA A 10 -1.86 3.96 -11.33
C ALA A 10 -0.74 4.97 -11.62
N ALA A 11 -0.85 5.66 -12.75
CA ALA A 11 0.14 6.63 -13.15
C ALA A 11 -0.11 7.97 -12.47
N SER A 12 0.25 8.02 -11.19
CA SER A 12 0.16 9.24 -10.39
C SER A 12 -1.29 9.63 -10.12
N PHE A 13 -1.92 8.95 -9.17
CA PHE A 13 -3.30 9.24 -8.80
C PHE A 13 -3.36 10.07 -7.53
N SER A 14 -4.58 10.39 -7.08
CA SER A 14 -4.77 11.13 -5.85
C SER A 14 -6.01 10.59 -5.13
N TYR A 15 -5.87 10.32 -3.84
CA TYR A 15 -6.97 9.74 -3.06
C TYR A 15 -7.09 10.39 -1.69
N PRO A 16 -8.28 10.37 -1.09
CA PRO A 16 -8.54 10.94 0.23
C PRO A 16 -8.20 9.99 1.37
N ASP A 17 -7.41 10.50 2.30
CA ASP A 17 -7.13 9.82 3.56
C ASP A 17 -8.35 9.89 4.47
N ILE A 18 -8.38 9.01 5.47
CA ILE A 18 -9.53 8.88 6.38
C ILE A 18 -10.03 10.24 6.89
N ASN A 19 -9.08 11.13 7.19
CA ASN A 19 -9.39 12.43 7.77
C ASN A 19 -9.87 13.41 6.70
N GLY A 20 -10.11 12.91 5.51
CA GLY A 20 -10.46 13.77 4.40
C GLY A 20 -9.23 14.45 3.85
N LYS A 21 -8.09 13.80 4.04
CA LYS A 21 -6.82 14.39 3.67
C LYS A 21 -6.40 13.92 2.28
N THR A 22 -6.49 14.81 1.31
CA THR A 22 -6.16 14.47 -0.07
C THR A 22 -4.65 14.24 -0.23
N VAL A 23 -4.29 12.99 -0.50
CA VAL A 23 -2.90 12.64 -0.71
C VAL A 23 -2.71 12.14 -2.13
N SER A 24 -1.67 12.63 -2.79
CA SER A 24 -1.40 12.25 -4.16
C SER A 24 -0.28 11.22 -4.22
N LEU A 25 -0.20 10.51 -5.33
CA LEU A 25 0.89 9.56 -5.54
C LEU A 25 2.17 10.30 -5.89
N ALA A 26 2.09 11.64 -5.91
CA ALA A 26 3.22 12.48 -6.23
C ALA A 26 4.18 12.55 -5.04
N ASP A 27 3.65 12.36 -3.84
CA ASP A 27 4.49 12.34 -2.62
C ASP A 27 5.25 11.03 -2.57
N LEU A 28 4.71 10.08 -3.29
CA LEU A 28 5.16 8.71 -3.24
C LEU A 28 6.38 8.48 -4.13
N LYS A 29 6.74 9.49 -4.91
CA LYS A 29 7.90 9.38 -5.79
C LYS A 29 9.20 9.44 -5.00
N GLY A 30 10.31 9.26 -5.70
CA GLY A 30 11.61 9.35 -5.08
C GLY A 30 12.03 8.05 -4.42
N LYS A 31 11.11 7.44 -3.70
CA LYS A 31 11.38 6.21 -2.98
C LYS A 31 10.45 5.10 -3.44
N TYR A 32 10.78 3.86 -3.10
CA TYR A 32 9.99 2.72 -3.53
C TYR A 32 8.62 2.72 -2.89
N ILE A 33 7.64 2.14 -3.57
CA ILE A 33 6.27 2.19 -3.11
C ILE A 33 5.71 0.78 -2.92
N TYR A 34 5.07 0.57 -1.79
CA TYR A 34 4.35 -0.67 -1.53
C TYR A 34 2.90 -0.36 -1.25
N ILE A 35 2.00 -0.98 -1.99
CA ILE A 35 0.57 -0.71 -1.84
C ILE A 35 -0.14 -1.96 -1.33
N ASP A 36 -1.01 -1.75 -0.36
CA ASP A 36 -1.83 -2.81 0.21
C ASP A 36 -3.28 -2.38 0.17
N VAL A 37 -4.19 -3.32 0.23
CA VAL A 37 -5.59 -2.97 0.33
C VAL A 37 -6.11 -3.25 1.75
N TRP A 38 -6.42 -2.17 2.47
CA TRP A 38 -6.95 -2.27 3.82
C TRP A 38 -8.47 -2.23 3.78
N ALA A 39 -9.13 -3.13 4.48
CA ALA A 39 -10.59 -3.22 4.43
C ALA A 39 -11.17 -3.67 5.78
N THR A 40 -12.48 -3.46 5.96
CA THR A 40 -13.15 -3.90 7.18
C THR A 40 -13.87 -5.23 6.94
N TRP A 41 -14.42 -5.39 5.74
CA TRP A 41 -15.15 -6.60 5.36
C TRP A 41 -14.20 -7.68 4.85
N CYS A 42 -12.93 -7.48 5.13
CA CYS A 42 -11.88 -8.38 4.63
C CYS A 42 -11.85 -9.69 5.39
N GLY A 43 -11.71 -9.61 6.71
CA GLY A 43 -11.58 -10.81 7.52
C GLY A 43 -10.14 -11.13 7.84
N PRO A 44 -9.51 -12.08 7.10
CA PRO A 44 -8.11 -12.50 7.32
C PRO A 44 -7.12 -11.33 7.27
N CYS A 45 -7.47 -10.29 6.52
CA CYS A 45 -6.62 -9.11 6.38
C CYS A 45 -6.35 -8.47 7.73
N ARG A 46 -7.21 -8.73 8.71
CA ARG A 46 -7.04 -8.14 10.02
C ARG A 46 -5.85 -8.76 10.76
N GLY A 47 -5.39 -9.90 10.27
CA GLY A 47 -4.21 -10.52 10.84
C GLY A 47 -2.93 -9.93 10.27
N GLU A 48 -3.08 -9.18 9.19
CA GLU A 48 -1.93 -8.56 8.52
C GLU A 48 -1.69 -7.17 9.08
N LEU A 49 -2.77 -6.57 9.60
CA LEU A 49 -2.74 -5.20 10.11
C LEU A 49 -1.62 -4.96 11.14
N PRO A 50 -1.40 -5.88 12.11
CA PRO A 50 -0.27 -5.76 13.03
C PRO A 50 1.06 -5.63 12.30
N ALA A 51 1.19 -6.33 11.17
CA ALA A 51 2.43 -6.30 10.41
C ALA A 51 2.47 -5.07 9.53
N LEU A 52 1.29 -4.54 9.23
CA LEU A 52 1.17 -3.31 8.48
C LEU A 52 1.77 -2.14 9.27
N LYS A 53 1.58 -2.17 10.58
CA LYS A 53 2.22 -1.19 11.46
C LYS A 53 3.69 -1.50 11.63
N GLU A 54 4.00 -2.79 11.77
CA GLU A 54 5.38 -3.27 11.80
C GLU A 54 6.19 -2.65 10.67
N LEU A 55 5.65 -2.73 9.46
CA LEU A 55 6.25 -2.12 8.31
C LEU A 55 6.40 -0.61 8.49
N GLU A 56 5.28 0.04 8.79
CA GLU A 56 5.24 1.47 9.01
C GLU A 56 6.38 1.96 9.89
N GLU A 57 6.43 1.47 11.12
CA GLU A 57 7.32 2.02 12.14
C GLU A 57 8.77 1.62 11.89
N LYS A 58 8.98 0.43 11.33
CA LYS A 58 10.33 -0.05 11.10
C LYS A 58 10.93 0.60 9.86
N TYR A 59 10.13 0.75 8.82
CA TYR A 59 10.64 1.24 7.56
C TYR A 59 10.27 2.71 7.34
N ALA A 60 9.74 3.34 8.38
CA ALA A 60 9.51 4.78 8.36
C ALA A 60 10.81 5.54 8.15
N GLY A 61 10.81 6.47 7.21
CA GLY A 61 11.96 7.31 6.98
C GLY A 61 13.06 6.60 6.20
N LYS A 62 12.75 5.44 5.65
CA LYS A 62 13.70 4.71 4.84
C LYS A 62 13.60 5.14 3.39
N ASP A 63 13.62 4.17 2.48
CA ASP A 63 13.50 4.46 1.05
C ASP A 63 12.27 3.76 0.49
N ILE A 64 11.19 3.83 1.25
CA ILE A 64 9.99 3.07 0.95
C ILE A 64 8.76 3.83 1.44
N HIS A 65 7.63 3.63 0.78
CA HIS A 65 6.36 4.21 1.19
C HIS A 65 5.32 3.10 1.31
N PHE A 66 4.51 3.14 2.34
CA PHE A 66 3.47 2.14 2.54
C PHE A 66 2.10 2.76 2.33
N VAL A 67 1.46 2.39 1.24
CA VAL A 67 0.15 2.95 0.88
C VAL A 67 -0.95 1.92 1.06
N SER A 68 -1.78 2.14 2.07
CA SER A 68 -2.95 1.31 2.27
C SER A 68 -4.15 1.93 1.56
N LEU A 69 -4.64 1.24 0.55
CA LEU A 69 -5.81 1.71 -0.20
C LEU A 69 -7.02 0.84 0.09
N SER A 70 -8.14 1.47 0.42
CA SER A 70 -9.32 0.73 0.86
C SER A 70 -10.42 0.77 -0.18
N CYS A 71 -10.80 -0.40 -0.66
CA CYS A 71 -11.89 -0.52 -1.61
C CYS A 71 -13.23 -0.66 -0.89
N ASP A 72 -13.25 -0.25 0.38
CA ASP A 72 -14.46 -0.36 1.19
C ASP A 72 -15.48 0.69 0.78
N LYS A 73 -16.59 0.23 0.24
CA LYS A 73 -17.65 1.13 -0.15
C LYS A 73 -18.36 1.72 1.09
N ASN A 74 -18.15 1.07 2.24
CA ASN A 74 -18.68 1.58 3.49
C ASN A 74 -17.73 2.61 4.06
N LYS A 75 -17.93 3.87 3.72
CA LYS A 75 -17.01 4.89 4.17
C LYS A 75 -17.04 5.03 5.69
N LYS A 76 -18.18 5.45 6.18
CA LYS A 76 -18.36 5.71 7.61
C LYS A 76 -17.93 4.51 8.45
N ALA A 77 -18.35 3.30 8.04
CA ALA A 77 -18.04 2.09 8.80
C ALA A 77 -16.55 1.87 8.88
N TRP A 78 -15.88 2.16 7.78
CA TRP A 78 -14.47 1.93 7.69
C TRP A 78 -13.71 2.90 8.57
N GLU A 79 -14.06 4.18 8.48
CA GLU A 79 -13.48 5.21 9.34
C GLU A 79 -13.47 4.79 10.81
N ASN A 80 -14.58 4.22 11.29
CA ASN A 80 -14.64 3.77 12.68
C ASN A 80 -13.57 2.73 12.95
N MET A 81 -13.52 1.71 12.11
CA MET A 81 -12.63 0.57 12.37
C MET A 81 -11.16 0.97 12.34
N VAL A 82 -10.74 1.80 11.39
CA VAL A 82 -9.35 2.23 11.34
C VAL A 82 -9.00 3.04 12.60
N THR A 83 -9.96 3.83 13.07
CA THR A 83 -9.75 4.62 14.28
C THR A 83 -9.74 3.71 15.52
N LYS A 84 -10.56 2.67 15.48
CA LYS A 84 -10.67 1.73 16.58
C LYS A 84 -9.45 0.82 16.68
N ASP A 85 -9.12 0.19 15.57
CA ASP A 85 -8.07 -0.82 15.52
C ASP A 85 -6.68 -0.20 15.32
N GLN A 86 -6.63 1.14 15.37
CA GLN A 86 -5.36 1.88 15.31
C GLN A 86 -4.58 1.56 14.03
N LEU A 87 -5.30 1.40 12.93
CA LEU A 87 -4.70 1.02 11.67
C LEU A 87 -3.94 2.20 11.06
N LYS A 88 -2.63 2.10 11.02
CA LYS A 88 -1.79 3.18 10.53
C LYS A 88 -1.22 2.89 9.14
N GLY A 89 -0.11 3.55 8.81
CA GLY A 89 0.40 3.55 7.46
C GLY A 89 -0.05 4.79 6.72
N ILE A 90 0.40 4.97 5.49
CA ILE A 90 -0.16 6.02 4.65
C ILE A 90 -1.43 5.47 4.03
N GLN A 91 -2.56 6.00 4.45
CA GLN A 91 -3.82 5.32 4.19
C GLN A 91 -4.81 6.19 3.42
N LEU A 92 -5.24 5.66 2.29
CA LEU A 92 -6.21 6.34 1.45
C LEU A 92 -7.43 5.45 1.28
N HIS A 93 -8.59 6.07 1.12
CA HIS A 93 -9.82 5.31 1.02
C HIS A 93 -10.53 5.56 -0.31
N MET A 94 -10.99 4.46 -0.89
CA MET A 94 -11.72 4.45 -2.13
C MET A 94 -13.19 4.25 -1.82
N GLY A 95 -13.89 5.37 -1.69
CA GLY A 95 -15.29 5.35 -1.29
C GLY A 95 -16.19 4.55 -2.22
N THR A 96 -16.15 4.87 -3.50
CA THR A 96 -16.97 4.17 -4.49
C THR A 96 -16.22 4.12 -5.82
N ASP A 97 -14.95 4.45 -5.76
CA ASP A 97 -14.09 4.56 -6.93
C ASP A 97 -13.58 3.19 -7.35
N ARG A 98 -14.40 2.17 -7.13
CA ARG A 98 -13.98 0.78 -7.28
C ARG A 98 -13.71 0.39 -8.73
N THR A 99 -13.87 1.34 -9.65
CA THR A 99 -13.48 1.12 -11.04
C THR A 99 -11.96 0.96 -11.12
N PHE A 100 -11.28 1.44 -10.09
CA PHE A 100 -9.84 1.32 -10.00
C PHE A 100 -9.45 -0.08 -9.53
N MET A 101 -10.37 -0.75 -8.84
CA MET A 101 -10.17 -2.14 -8.45
C MET A 101 -9.98 -2.99 -9.69
N ASP A 102 -10.88 -2.79 -10.66
CA ASP A 102 -10.82 -3.46 -11.94
C ASP A 102 -9.47 -3.21 -12.63
N ALA A 103 -8.99 -1.97 -12.54
CA ALA A 103 -7.76 -1.57 -13.21
C ALA A 103 -6.54 -2.34 -12.70
N TYR A 104 -6.60 -2.76 -11.44
CA TYR A 104 -5.49 -3.47 -10.82
C TYR A 104 -5.80 -4.95 -10.63
N LEU A 105 -7.05 -5.33 -10.91
CA LEU A 105 -7.52 -6.70 -10.66
C LEU A 105 -7.37 -7.04 -9.17
N ILE A 106 -7.53 -6.02 -8.33
CA ILE A 106 -7.36 -6.17 -6.88
C ILE A 106 -8.68 -6.58 -6.22
N ASN A 107 -9.47 -7.39 -6.91
CA ASN A 107 -10.74 -7.87 -6.38
C ASN A 107 -10.52 -8.78 -5.18
N GLY A 108 -9.37 -9.45 -5.16
CA GLY A 108 -9.01 -10.27 -4.04
C GLY A 108 -8.19 -9.48 -3.04
N ILE A 109 -8.82 -9.09 -1.95
CA ILE A 109 -8.15 -8.29 -0.92
C ILE A 109 -7.95 -9.11 0.36
N PRO A 110 -6.92 -8.77 1.18
CA PRO A 110 -6.01 -7.66 0.90
C PRO A 110 -5.10 -7.93 -0.29
N ARG A 111 -4.71 -6.86 -0.97
CA ARG A 111 -3.90 -6.99 -2.16
C ARG A 111 -2.53 -6.38 -1.93
N PHE A 112 -1.51 -7.18 -2.23
CA PHE A 112 -0.11 -6.81 -2.03
C PHE A 112 0.53 -6.42 -3.36
N ILE A 113 0.92 -5.16 -3.48
CA ILE A 113 1.51 -4.65 -4.72
C ILE A 113 2.80 -3.88 -4.43
N LEU A 114 3.77 -4.02 -5.32
CA LEU A 114 5.05 -3.32 -5.19
C LEU A 114 5.31 -2.49 -6.46
N LEU A 115 5.74 -1.24 -6.26
CA LEU A 115 5.98 -0.34 -7.39
C LEU A 115 7.32 0.38 -7.23
N ASP A 116 7.81 0.90 -8.32
CA ASP A 116 9.05 1.67 -8.36
C ASP A 116 8.79 3.08 -7.84
N ARG A 117 9.89 3.79 -7.59
CA ARG A 117 9.88 5.14 -7.04
C ARG A 117 8.90 6.06 -7.77
N ASP A 118 8.79 5.91 -9.09
CA ASP A 118 7.90 6.75 -9.87
C ASP A 118 6.45 6.32 -9.72
N GLY A 119 6.23 5.30 -8.92
CA GLY A 119 4.92 4.71 -8.86
C GLY A 119 4.74 3.74 -10.00
N LYS A 120 5.86 3.21 -10.51
CA LYS A 120 5.79 2.30 -11.64
C LYS A 120 5.73 0.84 -11.18
N ILE A 121 4.55 0.26 -11.30
CA ILE A 121 4.28 -1.11 -10.87
C ILE A 121 5.42 -2.07 -11.23
N ILE A 122 6.02 -2.64 -10.19
CA ILE A 122 7.07 -3.63 -10.36
C ILE A 122 6.48 -5.02 -10.20
N SER A 123 5.63 -5.16 -9.20
CA SER A 123 4.96 -6.42 -8.93
C SER A 123 3.48 -6.17 -8.63
N ALA A 124 2.61 -6.65 -9.51
CA ALA A 124 1.17 -6.48 -9.33
C ALA A 124 0.65 -7.45 -8.29
N ASN A 125 1.48 -8.42 -7.94
CA ASN A 125 1.18 -9.38 -6.90
C ASN A 125 2.46 -9.70 -6.15
N MET A 126 2.64 -9.06 -5.01
CA MET A 126 3.89 -9.19 -4.25
C MET A 126 3.94 -10.50 -3.48
N THR A 127 3.39 -10.51 -2.27
CA THR A 127 3.40 -11.70 -1.42
C THR A 127 2.26 -11.65 -0.43
N ARG A 128 2.40 -10.79 0.56
CA ARG A 128 1.42 -10.62 1.60
C ARG A 128 1.89 -9.51 2.56
N PRO A 129 0.96 -8.69 3.08
CA PRO A 129 1.31 -7.62 4.03
C PRO A 129 2.12 -8.13 5.22
N SER A 130 1.69 -9.24 5.80
CA SER A 130 2.33 -9.78 6.98
C SER A 130 3.35 -10.87 6.65
N ASP A 131 3.61 -11.10 5.36
CA ASP A 131 4.55 -12.14 4.98
C ASP A 131 5.97 -11.58 4.90
N PRO A 132 6.91 -12.25 5.59
CA PRO A 132 8.31 -11.83 5.67
C PRO A 132 8.96 -11.46 4.33
N LYS A 133 8.68 -12.21 3.25
CA LYS A 133 9.39 -12.01 1.98
C LYS A 133 9.28 -10.56 1.55
N THR A 134 8.13 -9.97 1.80
CA THR A 134 7.88 -8.57 1.50
C THR A 134 8.88 -7.68 2.25
N ALA A 135 8.85 -7.77 3.57
CA ALA A 135 9.73 -6.97 4.42
C ALA A 135 11.21 -7.26 4.16
N GLU A 136 11.53 -8.54 3.98
CA GLU A 136 12.92 -8.95 3.78
C GLU A 136 13.44 -8.43 2.47
N LYS A 137 12.54 -8.25 1.52
CA LYS A 137 12.90 -7.69 0.22
C LYS A 137 13.14 -6.19 0.33
N PHE A 138 12.42 -5.52 1.23
CA PHE A 138 12.69 -4.11 1.47
C PHE A 138 14.11 -3.97 1.98
N ASN A 139 14.49 -4.89 2.86
CA ASN A 139 15.87 -4.99 3.33
C ASN A 139 16.81 -5.19 2.16
N GLU A 140 16.53 -6.20 1.33
CA GLU A 140 17.22 -6.41 0.06
C GLU A 140 17.44 -5.09 -0.70
N LEU A 141 16.37 -4.33 -0.88
CA LEU A 141 16.41 -3.07 -1.63
C LEU A 141 17.40 -2.09 -1.01
N LEU A 142 17.47 -2.06 0.31
CA LEU A 142 18.38 -1.15 1.01
C LEU A 142 19.77 -1.76 1.13
N GLY A 143 19.90 -3.01 0.74
CA GLY A 143 21.19 -3.70 0.80
C GLY A 143 21.39 -4.38 2.12
N LEU A 144 20.36 -4.37 2.95
CA LEU A 144 20.41 -4.97 4.27
C LEU A 144 20.04 -6.45 4.19
N GLU A 145 19.27 -6.79 3.16
CA GLU A 145 18.77 -8.14 2.92
C GLU A 145 17.92 -8.71 4.06
N GLY A 146 17.06 -9.64 3.69
CA GLY A 146 16.34 -10.43 4.68
C GLY A 146 17.17 -11.63 5.07
N HIS A 147 17.84 -11.53 6.20
CA HIS A 147 18.82 -12.53 6.61
C HIS A 147 18.15 -13.72 7.30
N HIS A 148 16.90 -14.01 6.94
CA HIS A 148 16.20 -15.17 7.48
C HIS A 148 16.96 -16.45 7.18
N HIS A 149 17.67 -16.44 6.07
CA HIS A 149 18.45 -17.59 5.63
C HIS A 149 19.90 -17.17 5.38
N HIS A 150 20.28 -16.06 5.99
CA HIS A 150 21.60 -15.49 5.78
C HIS A 150 22.27 -15.29 7.13
N HIS A 151 23.22 -16.16 7.46
CA HIS A 151 23.84 -16.12 8.79
C HIS A 151 24.85 -14.98 8.92
N HIS A 152 25.00 -14.22 7.84
CA HIS A 152 25.82 -13.02 7.87
C HIS A 152 25.51 -12.19 6.63
N MET A 1 -2.04 14.87 -18.26
CA MET A 1 -2.79 13.91 -17.41
C MET A 1 -1.91 12.70 -17.12
N SER A 2 -2.44 11.76 -16.35
CA SER A 2 -1.71 10.54 -16.03
C SER A 2 -1.52 9.69 -17.28
N LEU A 3 -0.26 9.48 -17.64
CA LEU A 3 0.08 8.67 -18.81
C LEU A 3 1.43 7.98 -18.61
N ARG A 4 1.39 6.69 -18.28
CA ARG A 4 2.61 5.89 -18.16
C ARG A 4 2.25 4.41 -18.10
N SER A 5 1.14 4.06 -18.74
CA SER A 5 0.66 2.68 -18.75
C SER A 5 -0.03 2.39 -20.07
N GLY A 6 -0.53 1.17 -20.23
CA GLY A 6 -1.38 0.86 -21.38
C GLY A 6 -2.69 1.61 -21.29
N ASN A 7 -3.02 2.03 -20.08
CA ASN A 7 -4.17 2.89 -19.83
C ASN A 7 -3.70 4.13 -19.08
N PRO A 8 -4.47 5.23 -19.12
CA PRO A 8 -4.12 6.47 -18.41
C PRO A 8 -3.87 6.24 -16.91
N SER A 9 -4.63 5.33 -16.31
CA SER A 9 -4.52 5.05 -14.89
C SER A 9 -3.25 4.26 -14.57
N ALA A 10 -3.14 3.82 -13.32
CA ALA A 10 -1.98 3.07 -12.84
C ALA A 10 -0.71 3.92 -12.89
N ALA A 11 -0.89 5.23 -12.84
CA ALA A 11 0.23 6.16 -12.83
C ALA A 11 -0.17 7.48 -12.19
N SER A 12 0.23 7.67 -10.92
CA SER A 12 -0.03 8.89 -10.17
C SER A 12 -1.54 9.12 -9.94
N PHE A 13 -1.97 8.86 -8.71
CA PHE A 13 -3.37 9.05 -8.33
C PHE A 13 -3.46 9.94 -7.09
N SER A 14 -4.67 10.35 -6.74
CA SER A 14 -4.90 11.17 -5.56
C SER A 14 -6.18 10.73 -4.86
N TYR A 15 -6.09 10.49 -3.56
CA TYR A 15 -7.24 10.02 -2.79
C TYR A 15 -7.23 10.61 -1.39
N PRO A 16 -8.40 10.64 -0.72
CA PRO A 16 -8.54 11.16 0.63
C PRO A 16 -8.27 10.12 1.70
N ASP A 17 -7.38 10.46 2.63
CA ASP A 17 -7.16 9.66 3.84
C ASP A 17 -8.40 9.68 4.71
N ILE A 18 -8.47 8.74 5.64
CA ILE A 18 -9.59 8.55 6.54
C ILE A 18 -10.10 9.87 7.11
N ASN A 19 -9.17 10.70 7.56
CA ASN A 19 -9.49 11.94 8.27
C ASN A 19 -9.90 13.05 7.32
N GLY A 20 -9.96 12.73 6.03
CA GLY A 20 -10.23 13.75 5.04
C GLY A 20 -8.94 14.40 4.58
N LYS A 21 -7.90 13.59 4.51
CA LYS A 21 -6.57 14.08 4.20
C LYS A 21 -6.22 13.81 2.74
N THR A 22 -6.22 14.86 1.94
CA THR A 22 -5.97 14.71 0.51
C THR A 22 -4.49 14.43 0.24
N VAL A 23 -4.19 13.19 -0.11
CA VAL A 23 -2.82 12.79 -0.40
C VAL A 23 -2.73 12.30 -1.84
N SER A 24 -1.67 12.69 -2.53
CA SER A 24 -1.48 12.28 -3.90
C SER A 24 -0.26 11.38 -4.00
N LEU A 25 -0.21 10.56 -5.04
CA LEU A 25 0.93 9.69 -5.28
C LEU A 25 2.13 10.51 -5.70
N ALA A 26 1.91 11.79 -5.98
CA ALA A 26 2.99 12.70 -6.34
C ALA A 26 3.73 13.18 -5.10
N ASP A 27 3.00 13.21 -3.98
CA ASP A 27 3.60 13.58 -2.69
C ASP A 27 4.46 12.44 -2.17
N LEU A 28 4.02 11.22 -2.45
CA LEU A 28 4.74 10.02 -2.05
C LEU A 28 5.70 9.57 -3.14
N LYS A 29 5.72 10.33 -4.21
CA LYS A 29 6.52 10.04 -5.38
C LYS A 29 7.99 10.33 -5.12
N GLY A 30 8.87 9.59 -5.79
CA GLY A 30 10.28 9.70 -5.54
C GLY A 30 10.74 8.68 -4.54
N LYS A 31 9.80 7.81 -4.18
CA LYS A 31 10.04 6.78 -3.19
C LYS A 31 9.24 5.54 -3.57
N TYR A 32 9.70 4.36 -3.20
CA TYR A 32 8.98 3.13 -3.54
C TYR A 32 7.65 3.07 -2.81
N ILE A 33 6.69 2.39 -3.41
CA ILE A 33 5.34 2.34 -2.85
C ILE A 33 4.87 0.89 -2.71
N TYR A 34 4.44 0.53 -1.51
CA TYR A 34 3.79 -0.75 -1.30
C TYR A 34 2.30 -0.53 -1.11
N ILE A 35 1.50 -0.97 -2.06
CA ILE A 35 0.06 -0.82 -1.98
C ILE A 35 -0.56 -2.04 -1.33
N ASP A 36 -1.25 -1.80 -0.23
CA ASP A 36 -1.94 -2.84 0.51
C ASP A 36 -3.41 -2.53 0.56
N VAL A 37 -4.25 -3.45 0.12
CA VAL A 37 -5.67 -3.19 0.13
C VAL A 37 -6.26 -3.47 1.50
N TRP A 38 -6.73 -2.42 2.15
CA TRP A 38 -7.29 -2.50 3.49
C TRP A 38 -8.80 -2.30 3.41
N ALA A 39 -9.56 -3.12 4.12
CA ALA A 39 -11.01 -3.03 4.04
C ALA A 39 -11.67 -3.33 5.38
N THR A 40 -12.98 -3.13 5.44
CA THR A 40 -13.75 -3.44 6.63
C THR A 40 -14.25 -4.88 6.58
N TRP A 41 -14.72 -5.26 5.39
CA TRP A 41 -15.32 -6.57 5.16
C TRP A 41 -14.26 -7.60 4.76
N CYS A 42 -13.00 -7.23 4.94
CA CYS A 42 -11.90 -8.10 4.58
C CYS A 42 -11.66 -9.17 5.65
N GLY A 43 -12.21 -8.93 6.84
CA GLY A 43 -12.12 -9.89 7.93
C GLY A 43 -10.70 -10.26 8.30
N PRO A 44 -10.25 -11.49 7.95
CA PRO A 44 -8.92 -12.01 8.30
C PRO A 44 -7.77 -11.08 7.91
N CYS A 45 -8.01 -10.24 6.91
CA CYS A 45 -7.02 -9.23 6.48
C CYS A 45 -6.56 -8.39 7.66
N ARG A 46 -7.45 -8.18 8.62
CA ARG A 46 -7.19 -7.33 9.76
C ARG A 46 -6.10 -7.90 10.67
N GLY A 47 -5.75 -9.17 10.44
CA GLY A 47 -4.73 -9.81 11.25
C GLY A 47 -3.35 -9.25 10.99
N GLU A 48 -3.09 -8.83 9.76
CA GLU A 48 -1.77 -8.34 9.39
C GLU A 48 -1.71 -6.82 9.51
N LEU A 49 -2.87 -6.19 9.74
CA LEU A 49 -2.92 -4.74 9.90
C LEU A 49 -1.98 -4.25 10.99
N PRO A 50 -1.97 -4.90 12.19
CA PRO A 50 -0.97 -4.62 13.21
C PRO A 50 0.45 -4.79 12.68
N ALA A 51 0.68 -5.87 11.92
CA ALA A 51 2.02 -6.20 11.45
C ALA A 51 2.49 -5.20 10.41
N LEU A 52 1.53 -4.56 9.76
CA LEU A 52 1.81 -3.54 8.77
C LEU A 52 2.41 -2.32 9.47
N LYS A 53 1.88 -1.99 10.64
CA LYS A 53 2.39 -0.89 11.44
C LYS A 53 3.82 -1.18 11.84
N GLU A 54 4.02 -2.35 12.40
CA GLU A 54 5.33 -2.79 12.83
C GLU A 54 6.31 -2.79 11.67
N LEU A 55 5.84 -3.18 10.49
CA LEU A 55 6.70 -3.21 9.31
C LEU A 55 6.98 -1.80 8.80
N GLU A 56 5.96 -0.94 8.83
CA GLU A 56 6.09 0.42 8.31
C GLU A 56 7.06 1.21 9.18
N GLU A 57 6.98 1.02 10.49
CA GLU A 57 7.83 1.73 11.43
C GLU A 57 9.24 1.15 11.43
N LYS A 58 9.34 -0.13 11.11
CA LYS A 58 10.63 -0.79 11.00
C LYS A 58 11.39 -0.29 9.76
N TYR A 59 10.64 0.06 8.72
CA TYR A 59 11.26 0.47 7.46
C TYR A 59 11.04 1.95 7.16
N ALA A 60 10.46 2.65 8.12
CA ALA A 60 10.28 4.09 8.01
C ALA A 60 11.61 4.80 7.93
N GLY A 61 11.67 5.85 7.12
CA GLY A 61 12.91 6.59 6.98
C GLY A 61 13.71 6.14 5.79
N LYS A 62 13.35 4.98 5.25
CA LYS A 62 14.04 4.45 4.09
C LYS A 62 13.21 4.62 2.82
N ASP A 63 13.66 4.00 1.76
CA ASP A 63 13.17 4.30 0.42
C ASP A 63 11.94 3.50 0.04
N ILE A 64 11.07 3.21 1.01
CA ILE A 64 9.82 2.52 0.75
C ILE A 64 8.70 3.11 1.60
N HIS A 65 7.54 3.33 0.97
CA HIS A 65 6.35 3.80 1.67
C HIS A 65 5.31 2.69 1.75
N PHE A 66 4.59 2.64 2.85
CA PHE A 66 3.49 1.71 2.99
C PHE A 66 2.17 2.45 2.76
N VAL A 67 1.47 2.08 1.69
CA VAL A 67 0.25 2.77 1.30
C VAL A 67 -0.93 1.80 1.21
N SER A 68 -1.91 2.00 2.07
CA SER A 68 -3.09 1.16 2.08
C SER A 68 -4.22 1.82 1.29
N LEU A 69 -4.85 1.06 0.39
CA LEU A 69 -5.98 1.57 -0.39
C LEU A 69 -7.22 0.73 -0.14
N SER A 70 -8.38 1.38 -0.02
CA SER A 70 -9.61 0.69 0.33
C SER A 70 -10.72 0.92 -0.69
N CYS A 71 -11.34 -0.17 -1.14
CA CYS A 71 -12.50 -0.13 -2.02
C CYS A 71 -13.81 -0.18 -1.22
N ASP A 72 -13.75 0.22 0.05
CA ASP A 72 -14.94 0.16 0.91
C ASP A 72 -15.86 1.33 0.66
N LYS A 73 -17.00 1.08 0.02
CA LYS A 73 -17.96 2.14 -0.23
C LYS A 73 -18.58 2.64 1.08
N ASN A 74 -18.51 1.80 2.11
CA ASN A 74 -18.94 2.18 3.46
C ASN A 74 -17.87 3.02 4.13
N LYS A 75 -17.66 4.24 3.65
CA LYS A 75 -16.59 5.08 4.15
C LYS A 75 -16.73 5.34 5.65
N LYS A 76 -17.91 5.77 6.06
CA LYS A 76 -18.16 6.11 7.45
C LYS A 76 -17.90 4.89 8.34
N ALA A 77 -18.37 3.73 7.92
CA ALA A 77 -18.16 2.49 8.67
C ALA A 77 -16.67 2.17 8.76
N TRP A 78 -15.99 2.35 7.64
CA TRP A 78 -14.58 2.03 7.55
C TRP A 78 -13.72 3.05 8.29
N GLU A 79 -14.02 4.32 8.08
CA GLU A 79 -13.24 5.41 8.63
C GLU A 79 -13.26 5.39 10.16
N ASN A 80 -14.39 5.01 10.74
CA ASN A 80 -14.46 4.94 12.20
C ASN A 80 -13.77 3.68 12.72
N MET A 81 -13.85 2.59 11.93
CA MET A 81 -13.16 1.36 12.29
C MET A 81 -11.66 1.55 12.34
N VAL A 82 -11.08 2.11 11.29
CA VAL A 82 -9.63 2.37 11.28
C VAL A 82 -9.26 3.30 12.43
N THR A 83 -10.12 4.27 12.73
CA THR A 83 -9.90 5.16 13.85
C THR A 83 -9.88 4.37 15.17
N LYS A 84 -10.75 3.37 15.29
CA LYS A 84 -10.80 2.54 16.48
C LYS A 84 -9.63 1.56 16.49
N ASP A 85 -9.40 0.94 15.33
CA ASP A 85 -8.37 -0.07 15.17
C ASP A 85 -6.95 0.52 15.27
N GLN A 86 -6.86 1.83 15.07
CA GLN A 86 -5.60 2.57 15.18
C GLN A 86 -4.57 2.03 14.20
N LEU A 87 -4.90 2.08 12.93
CA LEU A 87 -4.04 1.55 11.88
C LEU A 87 -3.02 2.59 11.43
N LYS A 88 -1.77 2.15 11.31
CA LYS A 88 -0.69 3.01 10.84
C LYS A 88 -0.52 2.88 9.32
N GLY A 89 0.57 3.44 8.81
CA GLY A 89 0.81 3.44 7.37
C GLY A 89 0.11 4.59 6.67
N ILE A 90 0.58 4.91 5.48
CA ILE A 90 -0.07 5.93 4.66
C ILE A 90 -1.31 5.32 4.04
N GLN A 91 -2.47 5.79 4.44
CA GLN A 91 -3.70 5.10 4.11
C GLN A 91 -4.68 6.01 3.39
N LEU A 92 -5.09 5.58 2.20
CA LEU A 92 -6.05 6.31 1.41
C LEU A 92 -7.27 5.43 1.14
N HIS A 93 -8.33 6.03 0.66
CA HIS A 93 -9.59 5.33 0.51
C HIS A 93 -10.27 5.68 -0.81
N MET A 94 -10.61 4.64 -1.57
CA MET A 94 -11.33 4.77 -2.82
C MET A 94 -12.82 4.75 -2.55
N GLY A 95 -13.31 3.61 -2.10
CA GLY A 95 -14.68 3.51 -1.67
C GLY A 95 -15.66 3.27 -2.79
N THR A 96 -15.98 4.30 -3.53
CA THR A 96 -17.07 4.25 -4.49
C THR A 96 -16.65 3.67 -5.83
N ASP A 97 -15.36 3.66 -6.14
CA ASP A 97 -14.92 3.16 -7.44
C ASP A 97 -14.37 1.75 -7.32
N ARG A 98 -14.44 1.02 -8.41
CA ARG A 98 -13.83 -0.29 -8.49
C ARG A 98 -13.19 -0.48 -9.86
N THR A 99 -13.14 0.59 -10.64
CA THR A 99 -12.54 0.56 -11.96
C THR A 99 -11.02 0.63 -11.83
N PHE A 100 -10.56 1.38 -10.84
CA PHE A 100 -9.13 1.45 -10.54
C PHE A 100 -8.73 0.17 -9.82
N MET A 101 -9.68 -0.37 -9.09
CA MET A 101 -9.55 -1.68 -8.46
C MET A 101 -9.43 -2.76 -9.53
N ASP A 102 -10.17 -2.59 -10.62
CA ASP A 102 -10.12 -3.50 -11.76
C ASP A 102 -8.75 -3.44 -12.43
N ALA A 103 -8.25 -2.22 -12.61
CA ALA A 103 -6.98 -2.01 -13.30
C ALA A 103 -5.82 -2.65 -12.53
N TYR A 104 -6.01 -2.89 -11.25
CA TYR A 104 -4.99 -3.50 -10.42
C TYR A 104 -5.25 -4.99 -10.21
N LEU A 105 -6.38 -5.44 -10.75
CA LEU A 105 -6.80 -6.84 -10.64
C LEU A 105 -6.97 -7.26 -9.17
N ILE A 106 -7.24 -6.28 -8.32
CA ILE A 106 -7.36 -6.53 -6.89
C ILE A 106 -8.79 -6.95 -6.53
N ASN A 107 -9.17 -8.11 -7.03
CA ASN A 107 -10.51 -8.65 -6.76
C ASN A 107 -10.54 -9.33 -5.40
N GLY A 108 -9.69 -10.33 -5.24
CA GLY A 108 -9.59 -11.00 -3.96
C GLY A 108 -8.67 -10.26 -3.02
N ILE A 109 -9.24 -9.34 -2.24
CA ILE A 109 -8.46 -8.56 -1.29
C ILE A 109 -8.43 -9.25 0.07
N PRO A 110 -7.43 -8.95 0.93
CA PRO A 110 -6.38 -7.94 0.64
C PRO A 110 -5.46 -8.34 -0.52
N ARG A 111 -4.88 -7.33 -1.15
CA ARG A 111 -3.99 -7.56 -2.28
C ARG A 111 -2.67 -6.86 -2.03
N PHE A 112 -1.59 -7.54 -2.38
CA PHE A 112 -0.23 -7.06 -2.17
C PHE A 112 0.35 -6.53 -3.48
N ILE A 113 0.67 -5.24 -3.51
CA ILE A 113 1.20 -4.61 -4.73
C ILE A 113 2.46 -3.79 -4.42
N LEU A 114 3.40 -3.77 -5.36
CA LEU A 114 4.62 -3.00 -5.20
C LEU A 114 4.80 -2.07 -6.41
N LEU A 115 5.29 -0.86 -6.16
CA LEU A 115 5.47 0.15 -7.21
C LEU A 115 6.83 0.81 -7.08
N ASP A 116 7.33 1.30 -8.21
CA ASP A 116 8.60 2.00 -8.27
C ASP A 116 8.45 3.44 -7.82
N ARG A 117 9.59 4.08 -7.57
CA ARG A 117 9.67 5.46 -7.10
C ARG A 117 8.89 6.43 -7.98
N ASP A 118 8.73 6.05 -9.25
CA ASP A 118 7.98 6.87 -10.21
C ASP A 118 6.50 6.86 -9.86
N GLY A 119 6.11 5.90 -9.05
CA GLY A 119 4.72 5.64 -8.82
C GLY A 119 4.23 4.59 -9.78
N LYS A 120 5.16 3.75 -10.25
CA LYS A 120 4.83 2.80 -11.30
C LYS A 120 4.87 1.37 -10.81
N ILE A 121 3.70 0.73 -10.81
CA ILE A 121 3.56 -0.67 -10.39
C ILE A 121 4.68 -1.55 -10.95
N ILE A 122 5.47 -2.08 -10.04
CA ILE A 122 6.52 -3.03 -10.38
C ILE A 122 5.93 -4.43 -10.38
N SER A 123 5.19 -4.74 -9.33
CA SER A 123 4.55 -6.03 -9.18
C SER A 123 3.07 -5.83 -8.87
N ALA A 124 2.22 -6.26 -9.78
CA ALA A 124 0.77 -6.17 -9.60
C ALA A 124 0.31 -7.16 -8.54
N ASN A 125 1.12 -8.19 -8.32
CA ASN A 125 0.86 -9.18 -7.29
C ASN A 125 2.17 -9.54 -6.60
N MET A 126 2.38 -8.97 -5.42
CA MET A 126 3.63 -9.17 -4.70
C MET A 126 3.43 -10.13 -3.52
N THR A 127 3.82 -9.71 -2.33
CA THR A 127 3.71 -10.55 -1.14
C THR A 127 3.39 -9.68 0.09
N ARG A 128 2.47 -10.16 0.91
CA ARG A 128 2.03 -9.41 2.10
C ARG A 128 2.81 -9.85 3.34
N PRO A 129 2.98 -8.94 4.34
CA PRO A 129 3.62 -9.19 5.66
C PRO A 129 3.64 -10.64 6.17
N SER A 130 2.56 -11.40 5.97
CA SER A 130 2.56 -12.82 6.35
C SER A 130 3.78 -13.54 5.77
N ASP A 131 4.25 -13.07 4.64
CA ASP A 131 5.46 -13.60 4.03
C ASP A 131 6.68 -12.80 4.49
N PRO A 132 7.65 -13.49 5.12
CA PRO A 132 8.88 -12.85 5.61
C PRO A 132 9.81 -12.46 4.47
N LYS A 133 9.67 -13.13 3.34
CA LYS A 133 10.55 -12.89 2.19
C LYS A 133 10.37 -11.48 1.66
N THR A 134 9.17 -10.94 1.83
CA THR A 134 8.89 -9.57 1.48
C THR A 134 9.80 -8.63 2.28
N ALA A 135 9.78 -8.78 3.60
CA ALA A 135 10.63 -8.00 4.50
C ALA A 135 12.11 -8.22 4.21
N GLU A 136 12.50 -9.47 4.00
CA GLU A 136 13.89 -9.81 3.66
C GLU A 136 14.34 -9.03 2.44
N LYS A 137 13.52 -9.15 1.41
CA LYS A 137 13.76 -8.47 0.15
C LYS A 137 13.93 -6.96 0.35
N PHE A 138 13.12 -6.39 1.23
CA PHE A 138 13.24 -4.96 1.55
C PHE A 138 14.66 -4.63 2.01
N ASN A 139 15.18 -5.44 2.93
CA ASN A 139 16.52 -5.23 3.47
C ASN A 139 17.52 -5.14 2.33
N GLU A 140 17.53 -6.17 1.50
CA GLU A 140 18.35 -6.20 0.30
C GLU A 140 18.20 -4.93 -0.53
N LEU A 141 16.97 -4.62 -0.93
CA LEU A 141 16.69 -3.50 -1.83
C LEU A 141 17.13 -2.16 -1.21
N LEU A 142 16.94 -2.03 0.09
CA LEU A 142 17.28 -0.80 0.78
C LEU A 142 18.78 -0.71 1.05
N GLY A 143 19.47 -1.83 0.83
CA GLY A 143 20.91 -1.86 1.01
C GLY A 143 21.27 -2.17 2.45
N LEU A 144 20.32 -2.74 3.16
CA LEU A 144 20.51 -3.11 4.56
C LEU A 144 21.28 -4.42 4.64
N GLU A 145 20.94 -5.34 3.75
CA GLU A 145 21.65 -6.61 3.68
C GLU A 145 22.53 -6.67 2.44
N GLY A 146 23.08 -7.86 2.18
CA GLY A 146 23.92 -8.05 1.01
C GLY A 146 25.32 -7.50 1.23
N HIS A 147 25.70 -6.55 0.39
CA HIS A 147 27.05 -5.99 0.45
C HIS A 147 27.11 -4.84 1.44
N HIS A 148 26.70 -5.12 2.67
CA HIS A 148 26.69 -4.11 3.72
C HIS A 148 27.99 -4.17 4.52
N HIS A 149 28.81 -5.16 4.21
CA HIS A 149 30.10 -5.34 4.87
C HIS A 149 31.23 -4.83 3.99
N HIS A 150 32.21 -4.18 4.60
CA HIS A 150 33.37 -3.66 3.88
C HIS A 150 34.51 -3.34 4.85
N HIS A 151 35.68 -3.87 4.57
CA HIS A 151 36.82 -3.71 5.47
C HIS A 151 38.03 -3.17 4.72
N HIS A 152 38.76 -2.27 5.36
CA HIS A 152 40.00 -1.74 4.81
C HIS A 152 41.07 -1.71 5.89
N MET A 1 -4.61 10.26 -20.63
CA MET A 1 -4.06 8.95 -20.20
C MET A 1 -2.87 9.14 -19.26
N SER A 2 -1.70 9.37 -19.82
CA SER A 2 -0.52 9.67 -19.02
C SER A 2 -0.55 11.12 -18.57
N LEU A 3 -0.33 11.35 -17.28
CA LEU A 3 -0.33 12.70 -16.71
C LEU A 3 0.65 13.58 -17.46
N ARG A 4 1.92 13.18 -17.48
CA ARG A 4 2.94 13.85 -18.25
C ARG A 4 3.84 12.82 -18.91
N SER A 5 4.62 12.13 -18.07
CA SER A 5 5.47 11.04 -18.54
C SER A 5 5.61 10.01 -17.42
N GLY A 6 5.68 8.74 -17.80
CA GLY A 6 5.81 7.68 -16.83
C GLY A 6 4.77 6.61 -17.03
N ASN A 7 3.65 6.72 -16.33
CA ASN A 7 2.55 5.77 -16.48
C ASN A 7 1.25 6.52 -16.69
N PRO A 8 0.28 5.93 -17.39
CA PRO A 8 -1.05 6.49 -17.55
C PRO A 8 -1.85 6.39 -16.26
N SER A 9 -2.11 5.17 -15.82
CA SER A 9 -2.85 4.92 -14.60
C SER A 9 -1.89 4.56 -13.48
N ALA A 10 -2.39 4.61 -12.24
CA ALA A 10 -1.66 4.19 -11.05
C ALA A 10 -0.60 5.21 -10.62
N ALA A 11 0.16 5.72 -11.58
CA ALA A 11 1.30 6.59 -11.30
C ALA A 11 0.93 7.82 -10.48
N SER A 12 -0.27 8.32 -10.68
CA SER A 12 -0.75 9.47 -9.94
C SER A 12 -2.24 9.41 -9.69
N PHE A 13 -2.62 8.75 -8.61
CA PHE A 13 -4.00 8.74 -8.17
C PHE A 13 -4.14 9.64 -6.95
N SER A 14 -5.37 10.02 -6.63
CA SER A 14 -5.62 10.85 -5.47
C SER A 14 -6.88 10.38 -4.75
N TYR A 15 -6.75 10.03 -3.48
CA TYR A 15 -7.87 9.50 -2.71
C TYR A 15 -7.92 10.12 -1.32
N PRO A 16 -9.12 10.26 -0.75
CA PRO A 16 -9.28 10.80 0.60
C PRO A 16 -8.83 9.82 1.68
N ASP A 17 -7.93 10.28 2.51
CA ASP A 17 -7.48 9.56 3.70
C ASP A 17 -8.61 9.50 4.72
N ILE A 18 -8.48 8.60 5.68
CA ILE A 18 -9.50 8.36 6.72
C ILE A 18 -10.03 9.67 7.31
N ASN A 19 -9.13 10.60 7.58
CA ASN A 19 -9.47 11.86 8.24
C ASN A 19 -10.12 12.84 7.27
N GLY A 20 -10.30 12.40 6.03
CA GLY A 20 -10.79 13.28 4.99
C GLY A 20 -9.65 14.04 4.36
N LYS A 21 -8.48 13.41 4.34
CA LYS A 21 -7.26 14.07 3.91
C LYS A 21 -6.95 13.73 2.45
N THR A 22 -6.96 14.74 1.59
CA THR A 22 -6.65 14.53 0.18
C THR A 22 -5.17 14.23 -0.01
N VAL A 23 -4.87 12.96 -0.28
CA VAL A 23 -3.50 12.52 -0.51
C VAL A 23 -3.41 11.87 -1.89
N SER A 24 -2.28 12.03 -2.55
CA SER A 24 -2.11 11.49 -3.89
C SER A 24 -0.93 10.53 -3.91
N LEU A 25 -0.58 10.04 -5.08
CA LEU A 25 0.61 9.23 -5.21
C LEU A 25 1.76 10.08 -5.73
N ALA A 26 1.49 11.35 -5.95
CA ALA A 26 2.51 12.28 -6.47
C ALA A 26 3.34 12.85 -5.32
N ASP A 27 2.69 13.02 -4.17
CA ASP A 27 3.39 13.48 -2.97
C ASP A 27 4.18 12.33 -2.35
N LEU A 28 3.84 11.12 -2.74
CA LEU A 28 4.54 9.93 -2.29
C LEU A 28 5.52 9.46 -3.37
N LYS A 29 5.47 10.11 -4.51
CA LYS A 29 6.20 9.69 -5.69
C LYS A 29 7.65 10.17 -5.61
N GLY A 30 8.56 9.32 -6.05
CA GLY A 30 9.98 9.62 -5.94
C GLY A 30 10.68 8.65 -5.04
N LYS A 31 9.89 7.89 -4.29
CA LYS A 31 10.38 6.86 -3.40
C LYS A 31 9.57 5.59 -3.64
N TYR A 32 10.14 4.41 -3.39
CA TYR A 32 9.43 3.15 -3.67
C TYR A 32 8.04 3.15 -3.05
N ILE A 33 7.08 2.58 -3.77
CA ILE A 33 5.70 2.62 -3.35
C ILE A 33 5.16 1.22 -3.14
N TYR A 34 4.69 0.94 -1.94
CA TYR A 34 4.03 -0.32 -1.65
C TYR A 34 2.57 -0.06 -1.31
N ILE A 35 1.68 -0.86 -1.89
CA ILE A 35 0.25 -0.67 -1.69
C ILE A 35 -0.42 -1.97 -1.29
N ASP A 36 -1.22 -1.92 -0.24
CA ASP A 36 -2.04 -3.05 0.15
C ASP A 36 -3.47 -2.60 0.41
N VAL A 37 -4.40 -3.53 0.37
CA VAL A 37 -5.80 -3.20 0.56
C VAL A 37 -6.25 -3.38 2.01
N TRP A 38 -7.02 -2.44 2.51
CA TRP A 38 -7.62 -2.53 3.83
C TRP A 38 -9.13 -2.43 3.69
N ALA A 39 -9.86 -3.31 4.34
CA ALA A 39 -11.32 -3.32 4.20
C ALA A 39 -12.00 -3.81 5.48
N THR A 40 -13.24 -3.38 5.70
CA THR A 40 -14.03 -3.90 6.81
C THR A 40 -14.87 -5.09 6.38
N TRP A 41 -15.24 -5.12 5.10
CA TRP A 41 -16.04 -6.22 4.57
C TRP A 41 -15.15 -7.41 4.23
N CYS A 42 -13.85 -7.20 4.31
CA CYS A 42 -12.89 -8.28 4.17
C CYS A 42 -12.68 -8.95 5.51
N GLY A 43 -12.01 -8.26 6.43
CA GLY A 43 -11.81 -8.79 7.76
C GLY A 43 -10.37 -9.15 8.07
N PRO A 44 -9.86 -10.30 7.56
CA PRO A 44 -8.48 -10.75 7.81
C PRO A 44 -7.45 -9.68 7.49
N CYS A 45 -7.76 -8.85 6.50
CA CYS A 45 -6.86 -7.78 6.09
C CYS A 45 -6.61 -6.79 7.21
N ARG A 46 -7.47 -6.81 8.23
CA ARG A 46 -7.38 -5.88 9.34
C ARG A 46 -6.36 -6.37 10.37
N GLY A 47 -6.05 -7.65 10.34
CA GLY A 47 -5.16 -8.23 11.32
C GLY A 47 -3.70 -8.02 10.96
N GLU A 48 -3.45 -7.52 9.76
CA GLU A 48 -2.09 -7.34 9.28
C GLU A 48 -1.60 -5.93 9.54
N LEU A 49 -2.51 -5.05 9.94
CA LEU A 49 -2.15 -3.68 10.27
C LEU A 49 -1.04 -3.64 11.35
N PRO A 50 -1.16 -4.46 12.43
CA PRO A 50 -0.07 -4.62 13.39
C PRO A 50 1.25 -5.00 12.71
N ALA A 51 1.18 -5.83 11.67
CA ALA A 51 2.38 -6.27 10.97
C ALA A 51 2.99 -5.13 10.17
N LEU A 52 2.19 -4.12 9.89
CA LEU A 52 2.63 -2.97 9.13
C LEU A 52 3.55 -2.11 9.99
N LYS A 53 3.15 -1.85 11.24
CA LYS A 53 3.99 -1.08 12.14
C LYS A 53 5.29 -1.83 12.40
N GLU A 54 5.18 -3.15 12.61
CA GLU A 54 6.35 -4.00 12.83
C GLU A 54 7.39 -3.76 11.73
N LEU A 55 6.92 -3.81 10.50
CA LEU A 55 7.78 -3.63 9.34
C LEU A 55 8.32 -2.20 9.28
N GLU A 56 7.47 -1.24 9.62
CA GLU A 56 7.82 0.16 9.57
C GLU A 56 8.99 0.47 10.50
N GLU A 57 8.84 0.18 11.78
CA GLU A 57 9.88 0.52 12.75
C GLU A 57 11.14 -0.30 12.54
N LYS A 58 11.00 -1.49 11.95
CA LYS A 58 12.18 -2.29 11.59
C LYS A 58 12.98 -1.60 10.48
N TYR A 59 12.27 -0.92 9.57
CA TYR A 59 12.90 -0.29 8.43
C TYR A 59 12.67 1.22 8.42
N ALA A 60 12.44 1.79 9.60
CA ALA A 60 12.25 3.23 9.76
C ALA A 60 13.34 4.03 9.06
N GLY A 61 12.94 4.81 8.05
CA GLY A 61 13.88 5.63 7.32
C GLY A 61 14.19 5.07 5.95
N LYS A 62 13.58 3.93 5.63
CA LYS A 62 13.81 3.25 4.35
C LYS A 62 13.26 4.05 3.16
N ASP A 63 13.53 3.55 1.97
CA ASP A 63 13.14 4.22 0.74
C ASP A 63 11.88 3.58 0.15
N ILE A 64 10.84 3.42 0.97
CA ILE A 64 9.56 2.87 0.51
C ILE A 64 8.40 3.51 1.26
N HIS A 65 7.19 3.33 0.76
CA HIS A 65 5.98 3.81 1.42
C HIS A 65 5.03 2.64 1.65
N PHE A 66 4.37 2.63 2.81
CA PHE A 66 3.32 1.65 3.06
C PHE A 66 1.97 2.31 2.89
N VAL A 67 1.31 2.06 1.77
CA VAL A 67 0.05 2.72 1.46
C VAL A 67 -1.08 1.70 1.32
N SER A 68 -2.02 1.77 2.22
CA SER A 68 -3.19 0.90 2.19
C SER A 68 -4.33 1.62 1.45
N LEU A 69 -4.98 0.96 0.50
CA LEU A 69 -6.13 1.54 -0.20
C LEU A 69 -7.39 0.71 0.04
N SER A 70 -8.51 1.38 0.28
CA SER A 70 -9.75 0.69 0.60
C SER A 70 -10.84 0.95 -0.43
N CYS A 71 -11.36 -0.12 -1.00
CA CYS A 71 -12.47 -0.04 -1.95
C CYS A 71 -13.82 -0.11 -1.23
N ASP A 72 -13.79 0.05 0.09
CA ASP A 72 -15.01 -0.03 0.90
C ASP A 72 -15.95 1.10 0.53
N LYS A 73 -17.20 0.81 0.33
CA LYS A 73 -18.14 1.86 -0.08
C LYS A 73 -18.73 2.55 1.15
N ASN A 74 -18.74 1.85 2.26
CA ASN A 74 -19.20 2.42 3.53
C ASN A 74 -18.07 3.17 4.21
N LYS A 75 -17.80 4.39 3.74
CA LYS A 75 -16.65 5.15 4.24
C LYS A 75 -16.75 5.41 5.74
N LYS A 76 -17.84 6.05 6.15
CA LYS A 76 -18.03 6.41 7.56
C LYS A 76 -17.97 5.19 8.47
N ALA A 77 -18.56 4.08 8.03
CA ALA A 77 -18.51 2.84 8.80
C ALA A 77 -17.07 2.36 8.93
N TRP A 78 -16.36 2.48 7.84
CA TRP A 78 -14.99 2.01 7.75
C TRP A 78 -14.04 2.93 8.52
N GLU A 79 -14.17 4.23 8.29
CA GLU A 79 -13.26 5.21 8.87
C GLU A 79 -13.38 5.23 10.39
N ASN A 80 -14.58 5.03 10.93
CA ASN A 80 -14.74 5.01 12.37
C ASN A 80 -14.20 3.71 12.95
N MET A 81 -14.40 2.60 12.23
CA MET A 81 -13.84 1.32 12.67
C MET A 81 -12.33 1.38 12.66
N VAL A 82 -11.74 1.82 11.56
CA VAL A 82 -10.29 1.86 11.45
C VAL A 82 -9.70 2.82 12.49
N THR A 83 -10.49 3.78 12.94
CA THR A 83 -10.09 4.64 14.05
C THR A 83 -10.20 3.89 15.38
N LYS A 84 -11.34 3.21 15.57
CA LYS A 84 -11.59 2.48 16.82
C LYS A 84 -10.61 1.31 16.96
N ASP A 85 -10.41 0.62 15.85
CA ASP A 85 -9.51 -0.52 15.79
C ASP A 85 -8.05 -0.09 15.82
N GLN A 86 -7.83 1.23 15.78
CA GLN A 86 -6.49 1.82 15.91
C GLN A 86 -5.55 1.41 14.78
N LEU A 87 -6.12 0.92 13.68
CA LEU A 87 -5.33 0.49 12.55
C LEU A 87 -4.82 1.72 11.79
N LYS A 88 -3.60 2.16 12.10
CA LYS A 88 -3.06 3.35 11.50
C LYS A 88 -1.91 3.07 10.53
N GLY A 89 -1.37 4.15 9.98
CA GLY A 89 -0.38 4.06 8.91
C GLY A 89 -0.77 4.97 7.77
N ILE A 90 -0.17 4.80 6.61
CA ILE A 90 -0.62 5.55 5.44
C ILE A 90 -1.78 4.80 4.80
N GLN A 91 -2.96 5.37 4.86
CA GLN A 91 -4.16 4.67 4.47
C GLN A 91 -5.14 5.58 3.74
N LEU A 92 -5.34 5.31 2.47
CA LEU A 92 -6.24 6.09 1.64
C LEU A 92 -7.46 5.26 1.29
N HIS A 93 -8.56 5.95 1.03
CA HIS A 93 -9.83 5.29 0.79
C HIS A 93 -10.38 5.65 -0.59
N MET A 94 -10.69 4.63 -1.36
CA MET A 94 -11.26 4.77 -2.69
C MET A 94 -12.79 4.75 -2.60
N GLY A 95 -13.34 3.59 -2.32
CA GLY A 95 -14.77 3.50 -2.08
C GLY A 95 -15.60 3.33 -3.34
N THR A 96 -15.75 4.41 -4.07
CA THR A 96 -16.62 4.42 -5.24
C THR A 96 -15.87 4.03 -6.51
N ASP A 97 -14.61 4.42 -6.58
CA ASP A 97 -13.90 4.43 -7.85
C ASP A 97 -13.14 3.14 -8.08
N ARG A 98 -13.86 2.02 -8.01
CA ARG A 98 -13.25 0.69 -8.14
C ARG A 98 -12.72 0.43 -9.55
N THR A 99 -12.78 1.44 -10.42
CA THR A 99 -12.20 1.33 -11.74
C THR A 99 -10.68 1.22 -11.63
N PHE A 100 -10.15 1.64 -10.49
CA PHE A 100 -8.73 1.56 -10.23
C PHE A 100 -8.35 0.12 -9.86
N MET A 101 -9.32 -0.64 -9.37
CA MET A 101 -9.12 -2.06 -9.09
C MET A 101 -8.79 -2.78 -10.39
N ASP A 102 -9.59 -2.50 -11.42
CA ASP A 102 -9.37 -3.07 -12.75
C ASP A 102 -8.04 -2.60 -13.34
N ALA A 103 -7.52 -1.48 -12.84
CA ALA A 103 -6.26 -0.96 -13.33
C ALA A 103 -5.09 -1.84 -12.88
N TYR A 104 -5.29 -2.56 -11.79
CA TYR A 104 -4.28 -3.50 -11.31
C TYR A 104 -4.69 -4.94 -11.59
N LEU A 105 -5.95 -5.11 -11.99
CA LEU A 105 -6.51 -6.43 -12.33
C LEU A 105 -6.63 -7.32 -11.10
N ILE A 106 -6.51 -6.76 -9.90
CA ILE A 106 -6.61 -7.54 -8.69
C ILE A 106 -8.07 -7.76 -8.30
N ASN A 107 -8.33 -8.88 -7.65
CA ASN A 107 -9.69 -9.22 -7.23
C ASN A 107 -9.75 -9.56 -5.75
N GLY A 108 -8.98 -10.55 -5.33
CA GLY A 108 -8.97 -10.95 -3.94
C GLY A 108 -8.20 -10.00 -3.06
N ILE A 109 -8.89 -9.36 -2.13
CA ILE A 109 -8.24 -8.48 -1.17
C ILE A 109 -8.11 -9.17 0.19
N PRO A 110 -7.11 -8.77 0.99
CA PRO A 110 -6.17 -7.70 0.65
C PRO A 110 -5.18 -8.09 -0.45
N ARG A 111 -5.02 -7.21 -1.42
CA ARG A 111 -4.01 -7.41 -2.44
C ARG A 111 -2.75 -6.66 -2.05
N PHE A 112 -1.62 -7.22 -2.42
CA PHE A 112 -0.32 -6.67 -2.08
C PHE A 112 0.43 -6.33 -3.35
N ILE A 113 0.77 -5.05 -3.53
CA ILE A 113 1.43 -4.60 -4.74
C ILE A 113 2.66 -3.75 -4.42
N LEU A 114 3.73 -3.98 -5.14
CA LEU A 114 4.95 -3.21 -4.97
C LEU A 114 5.28 -2.50 -6.28
N LEU A 115 5.61 -1.21 -6.19
CA LEU A 115 5.90 -0.41 -7.37
C LEU A 115 7.17 0.42 -7.16
N ASP A 116 7.81 0.76 -8.26
CA ASP A 116 8.99 1.61 -8.27
C ASP A 116 8.64 3.05 -7.92
N ARG A 117 9.67 3.83 -7.63
CA ARG A 117 9.54 5.24 -7.23
C ARG A 117 8.68 6.06 -8.19
N ASP A 118 8.71 5.71 -9.48
CA ASP A 118 7.92 6.43 -10.48
C ASP A 118 6.48 5.92 -10.48
N GLY A 119 6.19 5.05 -9.54
CA GLY A 119 4.90 4.40 -9.50
C GLY A 119 4.86 3.25 -10.48
N LYS A 120 6.04 2.72 -10.80
CA LYS A 120 6.11 1.65 -11.81
C LYS A 120 5.80 0.31 -11.19
N ILE A 121 4.63 -0.19 -11.51
CA ILE A 121 4.17 -1.49 -11.04
C ILE A 121 5.26 -2.54 -11.22
N ILE A 122 5.86 -2.94 -10.10
CA ILE A 122 6.92 -3.93 -10.10
C ILE A 122 6.33 -5.32 -9.99
N SER A 123 5.41 -5.47 -9.04
CA SER A 123 4.74 -6.74 -8.84
C SER A 123 3.29 -6.52 -8.42
N ALA A 124 2.36 -6.93 -9.27
CA ALA A 124 0.94 -6.87 -8.94
C ALA A 124 0.60 -7.98 -7.95
N ASN A 125 1.42 -9.03 -7.96
CA ASN A 125 1.28 -10.11 -7.01
C ASN A 125 2.45 -10.08 -6.04
N MET A 126 2.31 -9.28 -5.00
CA MET A 126 3.34 -9.15 -3.98
C MET A 126 2.76 -9.71 -2.67
N THR A 127 3.42 -9.46 -1.57
CA THR A 127 2.97 -9.93 -0.27
C THR A 127 3.01 -8.79 0.73
N ARG A 128 2.30 -8.94 1.82
CA ARG A 128 2.26 -7.92 2.86
C ARG A 128 3.42 -8.13 3.83
N PRO A 129 3.85 -7.06 4.57
CA PRO A 129 4.81 -7.18 5.67
C PRO A 129 4.58 -8.39 6.58
N SER A 130 3.35 -8.88 6.61
CA SER A 130 3.00 -10.09 7.36
C SER A 130 3.87 -11.26 6.92
N ASP A 131 4.26 -11.26 5.65
CA ASP A 131 5.10 -12.31 5.10
C ASP A 131 6.55 -11.81 4.99
N PRO A 132 7.50 -12.59 5.55
CA PRO A 132 8.92 -12.22 5.55
C PRO A 132 9.52 -12.02 4.16
N LYS A 133 8.96 -12.67 3.15
CA LYS A 133 9.48 -12.58 1.78
C LYS A 133 9.55 -11.13 1.31
N THR A 134 8.52 -10.38 1.62
CA THR A 134 8.48 -8.99 1.26
C THR A 134 9.50 -8.20 2.06
N ALA A 135 9.58 -8.49 3.36
CA ALA A 135 10.52 -7.82 4.25
C ALA A 135 11.96 -7.99 3.76
N GLU A 136 12.33 -9.21 3.40
CA GLU A 136 13.68 -9.48 2.93
C GLU A 136 13.91 -8.88 1.55
N LYS A 137 12.83 -8.67 0.81
CA LYS A 137 12.92 -7.97 -0.46
C LYS A 137 13.01 -6.46 -0.24
N PHE A 138 12.45 -5.97 0.85
CA PHE A 138 12.55 -4.55 1.17
C PHE A 138 14.00 -4.16 1.42
N ASN A 139 14.73 -4.98 2.17
CA ASN A 139 16.15 -4.74 2.37
C ASN A 139 16.91 -4.99 1.07
N GLU A 140 16.44 -5.93 0.26
CA GLU A 140 16.93 -6.12 -1.11
C GLU A 140 16.91 -4.80 -1.87
N LEU A 141 15.73 -4.16 -1.91
CA LEU A 141 15.54 -2.90 -2.62
C LEU A 141 16.47 -1.82 -2.09
N LEU A 142 16.70 -1.83 -0.79
CA LEU A 142 17.57 -0.85 -0.14
C LEU A 142 19.04 -1.17 -0.39
N GLY A 143 19.32 -2.41 -0.76
CA GLY A 143 20.68 -2.85 -0.93
C GLY A 143 21.26 -3.32 0.38
N LEU A 144 20.37 -3.53 1.33
CA LEU A 144 20.72 -3.95 2.68
C LEU A 144 20.52 -5.46 2.78
N GLU A 145 20.87 -6.13 1.70
CA GLU A 145 20.68 -7.56 1.57
C GLU A 145 21.34 -8.36 2.71
N GLY A 146 20.60 -9.36 3.17
CA GLY A 146 21.06 -10.18 4.27
C GLY A 146 21.31 -11.61 3.85
N HIS A 147 21.03 -11.93 2.59
CA HIS A 147 21.29 -13.27 2.06
C HIS A 147 22.76 -13.38 1.65
N HIS A 148 23.48 -12.27 1.79
CA HIS A 148 24.87 -12.20 1.36
C HIS A 148 25.80 -12.87 2.37
N HIS A 149 26.37 -14.00 1.98
CA HIS A 149 27.33 -14.69 2.81
C HIS A 149 28.70 -14.67 2.14
N HIS A 150 29.77 -14.93 2.89
CA HIS A 150 31.12 -14.89 2.33
C HIS A 150 31.64 -16.28 2.04
N HIS A 151 31.74 -16.61 0.75
CA HIS A 151 32.38 -17.85 0.33
C HIS A 151 33.49 -17.52 -0.67
N HIS A 152 33.63 -16.23 -0.94
CA HIS A 152 34.66 -15.73 -1.85
C HIS A 152 35.09 -14.34 -1.39
N MET A 1 -5.25 17.15 -15.90
CA MET A 1 -5.91 16.56 -17.09
C MET A 1 -4.94 15.62 -17.80
N SER A 2 -5.43 14.47 -18.23
CA SER A 2 -4.57 13.46 -18.83
C SER A 2 -5.28 12.80 -20.00
N LEU A 3 -4.65 11.78 -20.58
CA LEU A 3 -5.23 11.03 -21.70
C LEU A 3 -6.25 10.00 -21.20
N ARG A 4 -6.63 10.14 -19.95
CA ARG A 4 -7.49 9.18 -19.30
C ARG A 4 -8.42 9.88 -18.32
N SER A 5 -9.69 10.01 -18.71
CA SER A 5 -10.70 10.60 -17.85
C SER A 5 -11.09 9.62 -16.75
N GLY A 6 -11.29 10.13 -15.55
CA GLY A 6 -11.57 9.27 -14.42
C GLY A 6 -10.28 8.81 -13.77
N ASN A 7 -9.44 9.79 -13.41
CA ASN A 7 -8.10 9.53 -12.88
C ASN A 7 -7.19 8.96 -13.94
N PRO A 8 -5.92 9.39 -13.95
CA PRO A 8 -4.94 8.98 -14.97
C PRO A 8 -4.66 7.48 -14.94
N SER A 9 -5.06 6.83 -13.83
CA SER A 9 -4.95 5.38 -13.68
C SER A 9 -3.50 4.92 -13.58
N ALA A 10 -3.05 4.70 -12.34
CA ALA A 10 -1.68 4.23 -12.03
C ALA A 10 -0.66 5.36 -12.20
N ALA A 11 -0.82 6.11 -13.27
CA ALA A 11 0.07 7.22 -13.57
C ALA A 11 -0.30 8.46 -12.75
N SER A 12 0.01 8.40 -11.46
CA SER A 12 -0.24 9.49 -10.52
C SER A 12 -1.74 9.62 -10.22
N PHE A 13 -2.18 8.92 -9.19
CA PHE A 13 -3.56 8.96 -8.78
C PHE A 13 -3.71 9.78 -7.50
N SER A 14 -4.94 10.18 -7.20
CA SER A 14 -5.23 10.93 -5.99
C SER A 14 -6.51 10.42 -5.35
N TYR A 15 -6.44 10.11 -4.06
CA TYR A 15 -7.57 9.54 -3.35
C TYR A 15 -7.66 10.11 -1.96
N PRO A 16 -8.88 10.23 -1.41
CA PRO A 16 -9.08 10.76 -0.07
C PRO A 16 -8.69 9.77 1.02
N ASP A 17 -7.81 10.23 1.90
CA ASP A 17 -7.46 9.50 3.12
C ASP A 17 -8.69 9.43 4.01
N ILE A 18 -8.66 8.51 4.95
CA ILE A 18 -9.83 8.20 5.77
C ILE A 18 -10.27 9.42 6.60
N ASN A 19 -9.32 10.31 6.89
CA ASN A 19 -9.62 11.54 7.61
C ASN A 19 -10.21 12.61 6.69
N GLY A 20 -10.45 12.23 5.44
CA GLY A 20 -10.93 13.18 4.45
C GLY A 20 -9.80 14.04 3.94
N LYS A 21 -8.71 13.38 3.54
CA LYS A 21 -7.50 14.07 3.15
C LYS A 21 -7.21 13.85 1.68
N THR A 22 -6.74 14.86 0.98
CA THR A 22 -6.41 14.70 -0.42
C THR A 22 -4.93 14.29 -0.56
N VAL A 23 -4.71 13.00 -0.76
CA VAL A 23 -3.36 12.48 -0.90
C VAL A 23 -3.18 11.91 -2.30
N SER A 24 -2.04 12.18 -2.91
CA SER A 24 -1.79 11.76 -4.28
C SER A 24 -0.55 10.89 -4.36
N LEU A 25 -0.34 10.28 -5.52
CA LEU A 25 0.86 9.51 -5.77
C LEU A 25 2.08 10.43 -5.81
N ALA A 26 1.82 11.73 -5.95
CA ALA A 26 2.89 12.73 -6.00
C ALA A 26 3.68 12.74 -4.69
N ASP A 27 2.97 12.60 -3.58
CA ASP A 27 3.61 12.49 -2.26
C ASP A 27 4.49 11.25 -2.21
N LEU A 28 4.06 10.22 -2.91
CA LEU A 28 4.70 8.92 -2.86
C LEU A 28 5.96 8.89 -3.72
N LYS A 29 6.12 9.86 -4.61
CA LYS A 29 7.31 9.92 -5.44
C LYS A 29 8.56 10.20 -4.64
N GLY A 30 9.71 9.89 -5.23
CA GLY A 30 10.99 10.12 -4.58
C GLY A 30 11.37 8.99 -3.64
N LYS A 31 10.40 8.15 -3.33
CA LYS A 31 10.59 7.06 -2.39
C LYS A 31 9.78 5.85 -2.85
N TYR A 32 10.32 4.64 -2.66
CA TYR A 32 9.64 3.43 -3.11
C TYR A 32 8.24 3.31 -2.51
N ILE A 33 7.36 2.59 -3.19
CA ILE A 33 5.96 2.56 -2.82
C ILE A 33 5.45 1.13 -2.66
N TYR A 34 4.70 0.89 -1.59
CA TYR A 34 4.04 -0.40 -1.40
C TYR A 34 2.54 -0.18 -1.31
N ILE A 35 1.81 -0.74 -2.27
CA ILE A 35 0.37 -0.61 -2.32
C ILE A 35 -0.31 -1.87 -1.80
N ASP A 36 -1.28 -1.71 -0.92
CA ASP A 36 -2.04 -2.84 -0.41
C ASP A 36 -3.50 -2.45 -0.29
N VAL A 37 -4.37 -3.42 -0.17
CA VAL A 37 -5.79 -3.11 0.03
C VAL A 37 -6.21 -3.28 1.49
N TRP A 38 -6.89 -2.28 2.06
CA TRP A 38 -7.35 -2.36 3.44
C TRP A 38 -8.86 -2.09 3.51
N ALA A 39 -9.59 -2.94 4.25
CA ALA A 39 -11.03 -2.78 4.43
C ALA A 39 -11.47 -3.29 5.79
N THR A 40 -12.71 -3.00 6.20
CA THR A 40 -13.21 -3.48 7.49
C THR A 40 -13.93 -4.82 7.35
N TRP A 41 -14.33 -5.17 6.13
CA TRP A 41 -15.08 -6.40 5.89
C TRP A 41 -14.15 -7.57 5.58
N CYS A 42 -12.89 -7.27 5.31
CA CYS A 42 -11.92 -8.32 5.05
C CYS A 42 -11.27 -8.78 6.35
N GLY A 43 -11.83 -9.85 6.92
CA GLY A 43 -11.32 -10.39 8.18
C GLY A 43 -9.83 -10.72 8.15
N PRO A 44 -9.36 -11.58 7.24
CA PRO A 44 -7.94 -11.99 7.16
C PRO A 44 -7.00 -10.79 7.08
N CYS A 45 -7.42 -9.77 6.33
CA CYS A 45 -6.62 -8.56 6.18
C CYS A 45 -6.37 -7.90 7.52
N ARG A 46 -7.39 -7.93 8.38
CA ARG A 46 -7.32 -7.27 9.67
C ARG A 46 -6.36 -8.01 10.60
N GLY A 47 -6.03 -9.24 10.24
CA GLY A 47 -5.08 -10.00 11.01
C GLY A 47 -3.66 -9.58 10.75
N GLU A 48 -3.42 -9.04 9.55
CA GLU A 48 -2.09 -8.60 9.17
C GLU A 48 -1.98 -7.08 9.15
N LEU A 49 -3.07 -6.41 9.50
CA LEU A 49 -3.05 -4.96 9.66
C LEU A 49 -2.07 -4.53 10.76
N PRO A 50 -2.07 -5.20 11.94
CA PRO A 50 -1.03 -4.98 12.95
C PRO A 50 0.38 -5.23 12.40
N ALA A 51 0.50 -6.22 11.51
CA ALA A 51 1.79 -6.55 10.89
C ALA A 51 2.25 -5.42 9.99
N LEU A 52 1.30 -4.63 9.51
CA LEU A 52 1.62 -3.45 8.69
C LEU A 52 2.29 -2.39 9.56
N LYS A 53 1.88 -2.31 10.83
CA LYS A 53 2.52 -1.49 11.80
C LYS A 53 3.94 -2.00 12.04
N GLU A 54 4.04 -3.31 12.23
CA GLU A 54 5.32 -3.99 12.39
C GLU A 54 6.27 -3.61 11.26
N LEU A 55 5.73 -3.64 10.04
CA LEU A 55 6.45 -3.22 8.86
C LEU A 55 6.95 -1.79 8.99
N GLU A 56 6.02 -0.89 9.30
CA GLU A 56 6.30 0.53 9.46
C GLU A 56 7.52 0.78 10.36
N GLU A 57 7.46 0.31 11.60
CA GLU A 57 8.52 0.55 12.55
C GLU A 57 9.78 -0.24 12.22
N LYS A 58 9.62 -1.38 11.55
CA LYS A 58 10.76 -2.17 11.09
C LYS A 58 11.53 -1.39 10.01
N TYR A 59 10.82 -0.48 9.34
CA TYR A 59 11.42 0.26 8.24
C TYR A 59 11.31 1.76 8.43
N ALA A 60 11.06 2.20 9.66
CA ALA A 60 11.17 3.60 9.99
C ALA A 60 12.60 4.06 9.77
N GLY A 61 12.80 4.89 8.75
CA GLY A 61 14.13 5.32 8.38
C GLY A 61 14.53 4.79 7.03
N LYS A 62 13.77 3.83 6.51
CA LYS A 62 14.01 3.27 5.19
C LYS A 62 13.36 4.12 4.12
N ASP A 63 13.35 3.62 2.90
CA ASP A 63 12.77 4.33 1.78
C ASP A 63 11.58 3.56 1.21
N ILE A 64 10.42 3.73 1.84
CA ILE A 64 9.21 3.11 1.36
C ILE A 64 7.96 3.85 1.87
N HIS A 65 6.96 3.94 1.01
CA HIS A 65 5.65 4.45 1.40
C HIS A 65 4.68 3.29 1.54
N PHE A 66 4.30 2.96 2.77
CA PHE A 66 3.26 1.96 2.98
C PHE A 66 1.91 2.59 2.75
N VAL A 67 1.31 2.30 1.60
CA VAL A 67 0.06 2.94 1.21
C VAL A 67 -0.99 1.91 0.83
N SER A 68 -2.09 1.88 1.56
CA SER A 68 -3.16 0.96 1.26
C SER A 68 -4.37 1.71 0.70
N LEU A 69 -5.10 1.06 -0.19
CA LEU A 69 -6.31 1.64 -0.78
C LEU A 69 -7.55 0.90 -0.30
N SER A 70 -8.56 1.65 0.11
CA SER A 70 -9.79 1.06 0.62
C SER A 70 -10.97 1.33 -0.31
N CYS A 71 -11.52 0.26 -0.85
CA CYS A 71 -12.75 0.35 -1.64
C CYS A 71 -13.96 0.13 -0.74
N ASP A 72 -13.87 0.57 0.52
CA ASP A 72 -15.00 0.44 1.43
C ASP A 72 -16.07 1.46 1.10
N LYS A 73 -17.27 0.99 0.90
CA LYS A 73 -18.38 1.86 0.56
C LYS A 73 -18.90 2.57 1.81
N ASN A 74 -18.49 2.08 2.97
CA ASN A 74 -18.89 2.68 4.23
C ASN A 74 -17.78 3.54 4.77
N LYS A 75 -17.51 4.64 4.09
CA LYS A 75 -16.37 5.49 4.43
C LYS A 75 -16.39 5.90 5.89
N LYS A 76 -17.51 6.47 6.33
CA LYS A 76 -17.65 6.89 7.71
C LYS A 76 -17.34 5.75 8.67
N ALA A 77 -18.01 4.61 8.47
CA ALA A 77 -17.79 3.44 9.31
C ALA A 77 -16.32 3.03 9.28
N TRP A 78 -15.72 3.20 8.12
CA TRP A 78 -14.34 2.83 7.91
C TRP A 78 -13.42 3.76 8.70
N GLU A 79 -13.81 5.02 8.83
CA GLU A 79 -13.09 5.97 9.66
C GLU A 79 -12.92 5.45 11.07
N ASN A 80 -14.04 5.02 11.65
CA ASN A 80 -14.05 4.62 13.05
C ASN A 80 -13.21 3.38 13.28
N MET A 81 -13.18 2.47 12.29
CA MET A 81 -12.36 1.28 12.40
C MET A 81 -10.88 1.62 12.48
N VAL A 82 -10.37 2.30 11.46
CA VAL A 82 -8.95 2.61 11.40
C VAL A 82 -8.51 3.42 12.62
N THR A 83 -9.45 4.19 13.17
CA THR A 83 -9.19 4.97 14.38
C THR A 83 -9.20 4.07 15.62
N LYS A 84 -10.13 3.11 15.66
CA LYS A 84 -10.27 2.23 16.81
C LYS A 84 -9.12 1.21 16.81
N ASP A 85 -8.92 0.60 15.65
CA ASP A 85 -7.98 -0.50 15.50
C ASP A 85 -6.53 0.02 15.46
N GLN A 86 -6.38 1.34 15.57
CA GLN A 86 -5.09 1.98 15.80
C GLN A 86 -4.10 1.73 14.65
N LEU A 87 -4.61 1.64 13.43
CA LEU A 87 -3.78 1.33 12.27
C LEU A 87 -2.80 2.46 11.97
N LYS A 88 -1.67 2.08 11.38
CA LYS A 88 -0.66 3.03 10.96
C LYS A 88 -0.46 2.97 9.44
N GLY A 89 0.59 3.60 8.95
CA GLY A 89 0.84 3.64 7.51
C GLY A 89 0.05 4.73 6.82
N ILE A 90 0.36 4.96 5.55
CA ILE A 90 -0.39 5.91 4.75
C ILE A 90 -1.59 5.18 4.15
N GLN A 91 -2.77 5.55 4.59
CA GLN A 91 -3.94 4.78 4.27
C GLN A 91 -4.95 5.62 3.48
N LEU A 92 -5.11 5.30 2.22
CA LEU A 92 -6.00 6.05 1.34
C LEU A 92 -7.26 5.24 1.04
N HIS A 93 -8.35 5.95 0.83
CA HIS A 93 -9.63 5.31 0.60
C HIS A 93 -10.19 5.69 -0.76
N MET A 94 -10.24 4.72 -1.66
CA MET A 94 -10.76 4.90 -3.00
C MET A 94 -12.21 5.30 -2.95
N GLY A 95 -12.98 4.55 -2.19
CA GLY A 95 -14.40 4.80 -2.10
C GLY A 95 -15.19 3.62 -2.58
N THR A 96 -15.83 3.77 -3.72
CA THR A 96 -16.64 2.71 -4.28
C THR A 96 -16.23 2.42 -5.72
N ASP A 97 -14.99 2.75 -6.08
CA ASP A 97 -14.56 2.56 -7.45
C ASP A 97 -14.02 1.15 -7.68
N ARG A 98 -14.32 0.62 -8.84
CA ARG A 98 -13.85 -0.70 -9.23
C ARG A 98 -13.16 -0.63 -10.58
N THR A 99 -13.17 0.55 -11.19
CA THR A 99 -12.47 0.75 -12.44
C THR A 99 -10.97 0.61 -12.20
N PHE A 100 -10.51 1.17 -11.09
CA PHE A 100 -9.12 1.06 -10.68
C PHE A 100 -8.90 -0.26 -9.96
N MET A 101 -9.98 -0.79 -9.40
CA MET A 101 -9.95 -2.06 -8.70
C MET A 101 -9.61 -3.17 -9.71
N ASP A 102 -10.41 -3.25 -10.78
CA ASP A 102 -10.13 -4.20 -11.87
C ASP A 102 -8.84 -3.85 -12.60
N ALA A 103 -8.44 -2.58 -12.56
CA ALA A 103 -7.26 -2.12 -13.29
C ALA A 103 -5.99 -2.85 -12.85
N TYR A 104 -5.93 -3.23 -11.59
CA TYR A 104 -4.77 -3.95 -11.07
C TYR A 104 -5.05 -5.44 -10.95
N LEU A 105 -6.19 -5.86 -11.50
CA LEU A 105 -6.61 -7.26 -11.46
C LEU A 105 -6.78 -7.75 -10.03
N ILE A 106 -6.96 -6.83 -9.10
CA ILE A 106 -7.22 -7.19 -7.72
C ILE A 106 -8.70 -7.56 -7.57
N ASN A 107 -8.99 -8.45 -6.63
CA ASN A 107 -10.37 -8.87 -6.41
C ASN A 107 -10.50 -9.49 -5.03
N GLY A 108 -9.82 -10.60 -4.83
CA GLY A 108 -9.77 -11.22 -3.51
C GLY A 108 -8.82 -10.47 -2.60
N ILE A 109 -9.28 -9.35 -2.08
CA ILE A 109 -8.44 -8.48 -1.26
C ILE A 109 -8.23 -9.05 0.14
N PRO A 110 -7.20 -8.58 0.87
CA PRO A 110 -6.27 -7.54 0.41
C PRO A 110 -5.36 -8.00 -0.73
N ARG A 111 -4.75 -7.03 -1.40
CA ARG A 111 -3.85 -7.31 -2.50
C ARG A 111 -2.54 -6.56 -2.28
N PHE A 112 -1.45 -7.27 -2.56
CA PHE A 112 -0.09 -6.83 -2.28
C PHE A 112 0.63 -6.39 -3.55
N ILE A 113 0.97 -5.11 -3.64
CA ILE A 113 1.65 -4.56 -4.82
C ILE A 113 2.87 -3.73 -4.40
N LEU A 114 3.90 -3.75 -5.23
CA LEU A 114 5.12 -2.98 -4.98
C LEU A 114 5.49 -2.16 -6.21
N LEU A 115 5.85 -0.89 -6.01
CA LEU A 115 6.19 -0.01 -7.12
C LEU A 115 7.44 0.80 -6.81
N ASP A 116 8.05 1.31 -7.87
CA ASP A 116 9.21 2.19 -7.78
C ASP A 116 8.80 3.57 -7.30
N ARG A 117 9.79 4.35 -6.90
CA ARG A 117 9.62 5.70 -6.37
C ARG A 117 8.67 6.53 -7.23
N ASP A 118 8.76 6.41 -8.54
CA ASP A 118 7.93 7.20 -9.44
C ASP A 118 6.56 6.58 -9.63
N GLY A 119 6.22 5.68 -8.74
CA GLY A 119 4.98 4.96 -8.89
C GLY A 119 5.06 3.95 -10.01
N LYS A 120 6.28 3.51 -10.32
CA LYS A 120 6.46 2.55 -11.41
C LYS A 120 6.27 1.13 -10.92
N ILE A 121 5.12 0.56 -11.26
CA ILE A 121 4.77 -0.81 -10.86
C ILE A 121 5.94 -1.78 -11.07
N ILE A 122 6.46 -2.29 -9.96
CA ILE A 122 7.54 -3.27 -9.99
C ILE A 122 6.97 -4.67 -9.90
N SER A 123 6.02 -4.84 -9.00
CA SER A 123 5.34 -6.12 -8.82
C SER A 123 3.87 -5.89 -8.52
N ALA A 124 3.01 -6.32 -9.43
CA ALA A 124 1.56 -6.18 -9.24
C ALA A 124 1.04 -7.23 -8.28
N ASN A 125 1.90 -8.16 -7.90
CA ASN A 125 1.54 -9.22 -6.98
C ASN A 125 2.78 -9.65 -6.20
N MET A 126 2.89 -9.17 -4.96
CA MET A 126 4.07 -9.46 -4.15
C MET A 126 3.90 -10.74 -3.32
N THR A 127 3.39 -10.62 -2.10
CA THR A 127 3.22 -11.78 -1.23
C THR A 127 2.09 -11.59 -0.21
N ARG A 128 2.28 -10.71 0.76
CA ARG A 128 1.37 -10.50 1.90
C ARG A 128 1.98 -9.49 2.85
N PRO A 129 1.17 -8.58 3.41
CA PRO A 129 1.62 -7.67 4.48
C PRO A 129 2.17 -8.44 5.68
N SER A 130 1.55 -9.59 5.99
CA SER A 130 1.98 -10.42 7.10
C SER A 130 3.21 -11.26 6.75
N ASP A 131 3.39 -11.53 5.46
CA ASP A 131 4.47 -12.40 5.02
C ASP A 131 5.79 -11.64 5.01
N PRO A 132 6.75 -12.10 5.83
CA PRO A 132 8.05 -11.43 6.01
C PRO A 132 8.83 -11.23 4.71
N LYS A 133 8.63 -12.14 3.75
CA LYS A 133 9.36 -12.09 2.48
C LYS A 133 9.19 -10.72 1.83
N THR A 134 8.00 -10.14 1.99
CA THR A 134 7.69 -8.83 1.45
C THR A 134 8.64 -7.77 2.03
N ALA A 135 8.75 -7.80 3.35
CA ALA A 135 9.58 -6.84 4.08
C ALA A 135 11.04 -6.95 3.66
N GLU A 136 11.51 -8.17 3.54
CA GLU A 136 12.90 -8.41 3.21
C GLU A 136 13.18 -8.05 1.75
N LYS A 137 12.12 -8.09 0.93
CA LYS A 137 12.20 -7.52 -0.42
C LYS A 137 12.63 -6.08 -0.31
N PHE A 138 11.94 -5.34 0.57
CA PHE A 138 12.20 -3.92 0.77
C PHE A 138 13.67 -3.69 1.12
N ASN A 139 14.24 -4.62 1.89
CA ASN A 139 15.67 -4.54 2.22
C ASN A 139 16.50 -4.56 0.95
N GLU A 140 16.33 -5.60 0.12
CA GLU A 140 17.05 -5.71 -1.15
C GLU A 140 17.08 -4.40 -1.91
N LEU A 141 15.89 -3.89 -2.24
CA LEU A 141 15.74 -2.63 -2.96
C LEU A 141 16.53 -1.49 -2.30
N LEU A 142 16.57 -1.47 -0.98
CA LEU A 142 17.30 -0.42 -0.25
C LEU A 142 18.80 -0.72 -0.22
N GLY A 143 19.15 -2.00 -0.26
CA GLY A 143 20.56 -2.39 -0.26
C GLY A 143 21.04 -2.77 1.12
N LEU A 144 20.12 -3.25 1.96
CA LEU A 144 20.46 -3.61 3.34
C LEU A 144 21.22 -4.93 3.37
N GLU A 145 20.89 -5.80 2.43
CA GLU A 145 21.53 -7.10 2.28
C GLU A 145 23.03 -6.96 2.16
N GLY A 146 23.43 -5.87 1.51
CA GLY A 146 24.82 -5.56 1.28
C GLY A 146 25.49 -6.59 0.38
N HIS A 147 24.69 -7.48 -0.18
CA HIS A 147 25.21 -8.59 -0.99
C HIS A 147 24.16 -8.99 -2.03
N HIS A 148 22.97 -9.33 -1.53
CA HIS A 148 21.88 -9.77 -2.40
C HIS A 148 21.22 -8.58 -3.09
N HIS A 149 21.71 -8.29 -4.30
CA HIS A 149 21.08 -7.33 -5.21
C HIS A 149 22.00 -7.10 -6.40
N HIS A 150 23.01 -6.25 -6.20
CA HIS A 150 24.00 -5.90 -7.23
C HIS A 150 23.36 -5.15 -8.40
N HIS A 151 22.49 -5.82 -9.14
CA HIS A 151 21.76 -5.21 -10.24
C HIS A 151 20.44 -5.95 -10.47
N HIS A 152 19.37 -5.38 -9.95
CA HIS A 152 18.05 -5.95 -10.09
C HIS A 152 17.01 -4.86 -9.92
N MET A 1 -0.42 9.52 -21.91
CA MET A 1 -1.86 9.56 -21.61
C MET A 1 -2.10 10.19 -20.24
N SER A 2 -2.42 11.48 -20.23
CA SER A 2 -2.68 12.18 -19.00
C SER A 2 -4.18 12.24 -18.73
N LEU A 3 -4.68 11.19 -18.09
CA LEU A 3 -6.10 11.08 -17.80
C LEU A 3 -6.54 12.12 -16.79
N ARG A 4 -7.36 13.06 -17.24
CA ARG A 4 -7.87 14.11 -16.37
C ARG A 4 -9.40 13.99 -16.30
N SER A 5 -9.91 12.93 -16.90
CA SER A 5 -11.34 12.67 -16.94
C SER A 5 -11.59 11.18 -16.74
N GLY A 6 -12.48 10.84 -15.84
CA GLY A 6 -12.76 9.45 -15.55
C GLY A 6 -12.23 9.05 -14.20
N ASN A 7 -11.54 7.91 -14.13
CA ASN A 7 -10.93 7.47 -12.89
C ASN A 7 -9.40 7.45 -13.02
N PRO A 8 -8.69 7.69 -11.92
CA PRO A 8 -7.22 7.69 -11.91
C PRO A 8 -6.64 6.30 -12.15
N SER A 9 -5.50 6.24 -12.81
CA SER A 9 -4.80 4.99 -13.04
C SER A 9 -3.62 4.88 -12.09
N ALA A 10 -2.97 3.73 -12.11
CA ALA A 10 -1.80 3.48 -11.26
C ALA A 10 -0.58 4.19 -11.84
N ALA A 11 -0.58 5.51 -11.74
CA ALA A 11 0.51 6.32 -12.25
C ALA A 11 0.55 7.67 -11.53
N SER A 12 -0.61 8.24 -11.34
CA SER A 12 -0.73 9.54 -10.70
C SER A 12 -2.06 9.66 -9.96
N PHE A 13 -2.52 8.54 -9.42
CA PHE A 13 -3.81 8.49 -8.73
C PHE A 13 -3.81 9.39 -7.50
N SER A 14 -4.97 9.92 -7.17
CA SER A 14 -5.14 10.76 -6.00
C SER A 14 -6.43 10.38 -5.28
N TYR A 15 -6.32 10.11 -3.98
CA TYR A 15 -7.47 9.63 -3.22
C TYR A 15 -7.55 10.31 -1.84
N PRO A 16 -8.75 10.34 -1.25
CA PRO A 16 -8.98 10.97 0.04
C PRO A 16 -8.63 10.09 1.24
N ASP A 17 -7.80 10.63 2.13
CA ASP A 17 -7.52 10.05 3.43
C ASP A 17 -8.79 10.07 4.29
N ILE A 18 -8.79 9.32 5.40
CA ILE A 18 -9.95 9.16 6.26
C ILE A 18 -10.62 10.49 6.62
N ASN A 19 -9.83 11.55 6.75
CA ASN A 19 -10.33 12.87 7.13
C ASN A 19 -10.89 13.63 5.94
N GLY A 20 -10.77 13.05 4.76
CA GLY A 20 -11.09 13.76 3.54
C GLY A 20 -9.86 14.47 3.01
N LYS A 21 -8.70 13.88 3.30
CA LYS A 21 -7.42 14.49 3.01
C LYS A 21 -6.91 14.04 1.64
N THR A 22 -6.87 14.97 0.70
CA THR A 22 -6.45 14.65 -0.66
C THR A 22 -4.94 14.35 -0.72
N VAL A 23 -4.61 13.10 -1.02
CA VAL A 23 -3.22 12.68 -1.17
C VAL A 23 -3.05 12.02 -2.54
N SER A 24 -1.88 12.21 -3.15
CA SER A 24 -1.65 11.70 -4.49
C SER A 24 -0.46 10.75 -4.52
N LEU A 25 -0.10 10.30 -5.70
CA LEU A 25 1.07 9.46 -5.88
C LEU A 25 2.28 10.33 -6.23
N ALA A 26 2.05 11.64 -6.33
CA ALA A 26 3.13 12.57 -6.68
C ALA A 26 3.86 13.05 -5.44
N ASP A 27 3.12 13.22 -4.35
CA ASP A 27 3.71 13.61 -3.07
C ASP A 27 4.38 12.40 -2.41
N LEU A 28 3.93 11.22 -2.80
CA LEU A 28 4.53 9.98 -2.34
C LEU A 28 5.65 9.56 -3.28
N LYS A 29 5.74 10.26 -4.40
CA LYS A 29 6.69 9.94 -5.45
C LYS A 29 8.10 10.40 -5.07
N GLY A 30 9.09 9.57 -5.40
CA GLY A 30 10.46 9.87 -5.04
C GLY A 30 10.97 8.90 -3.99
N LYS A 31 10.11 7.97 -3.62
CA LYS A 31 10.44 6.97 -2.61
C LYS A 31 9.63 5.70 -2.88
N TYR A 32 10.17 4.52 -2.53
CA TYR A 32 9.50 3.23 -2.80
C TYR A 32 8.04 3.24 -2.35
N ILE A 33 7.19 2.56 -3.10
CA ILE A 33 5.76 2.54 -2.83
C ILE A 33 5.27 1.12 -2.60
N TYR A 34 4.67 0.87 -1.45
CA TYR A 34 4.01 -0.41 -1.19
C TYR A 34 2.53 -0.15 -0.97
N ILE A 35 1.70 -0.61 -1.89
CA ILE A 35 0.28 -0.35 -1.80
C ILE A 35 -0.46 -1.60 -1.36
N ASP A 36 -1.28 -1.45 -0.35
CA ASP A 36 -2.09 -2.54 0.16
C ASP A 36 -3.54 -2.13 0.11
N VAL A 37 -4.45 -3.08 0.13
CA VAL A 37 -5.87 -2.75 0.17
C VAL A 37 -6.43 -2.98 1.57
N TRP A 38 -6.81 -1.90 2.24
CA TRP A 38 -7.28 -1.98 3.61
C TRP A 38 -8.81 -1.89 3.65
N ALA A 39 -9.43 -2.79 4.39
CA ALA A 39 -10.88 -2.86 4.49
C ALA A 39 -11.31 -3.32 5.87
N THR A 40 -12.53 -2.97 6.28
CA THR A 40 -13.07 -3.46 7.54
C THR A 40 -14.00 -4.65 7.32
N TRP A 41 -14.55 -4.75 6.12
CA TRP A 41 -15.45 -5.83 5.77
C TRP A 41 -14.68 -7.07 5.33
N CYS A 42 -13.37 -6.91 5.19
CA CYS A 42 -12.52 -8.05 4.87
C CYS A 42 -11.98 -8.66 6.16
N GLY A 43 -12.54 -9.81 6.51
CA GLY A 43 -12.16 -10.51 7.73
C GLY A 43 -10.66 -10.78 7.85
N PRO A 44 -10.07 -11.56 6.92
CA PRO A 44 -8.65 -11.93 6.97
C PRO A 44 -7.73 -10.72 7.02
N CYS A 45 -8.14 -9.64 6.35
CA CYS A 45 -7.38 -8.40 6.31
C CYS A 45 -7.04 -7.92 7.73
N ARG A 46 -8.01 -8.05 8.63
CA ARG A 46 -7.86 -7.52 9.98
C ARG A 46 -6.75 -8.24 10.76
N GLY A 47 -6.40 -9.44 10.31
CA GLY A 47 -5.45 -10.26 11.03
C GLY A 47 -4.01 -9.87 10.79
N GLU A 48 -3.68 -9.55 9.54
CA GLU A 48 -2.29 -9.28 9.18
C GLU A 48 -1.98 -7.79 9.20
N LEU A 49 -3.01 -6.98 9.42
CA LEU A 49 -2.83 -5.54 9.56
C LEU A 49 -1.85 -5.19 10.69
N PRO A 50 -2.00 -5.79 11.90
CA PRO A 50 -1.03 -5.61 12.98
C PRO A 50 0.40 -5.88 12.52
N ALA A 51 0.57 -6.93 11.71
CA ALA A 51 1.90 -7.31 11.24
C ALA A 51 2.44 -6.27 10.25
N LEU A 52 1.53 -5.60 9.58
CA LEU A 52 1.88 -4.52 8.67
C LEU A 52 2.32 -3.30 9.47
N LYS A 53 1.71 -3.12 10.64
CA LYS A 53 2.10 -2.06 11.56
C LYS A 53 3.52 -2.33 12.04
N GLU A 54 3.74 -3.55 12.49
CA GLU A 54 5.06 -4.02 12.91
C GLU A 54 6.10 -3.77 11.83
N LEU A 55 5.70 -4.02 10.59
CA LEU A 55 6.56 -3.85 9.44
C LEU A 55 7.02 -2.41 9.30
N GLU A 56 6.09 -1.47 9.46
CA GLU A 56 6.40 -0.07 9.31
C GLU A 56 7.37 0.41 10.38
N GLU A 57 7.23 -0.11 11.59
CA GLU A 57 8.20 0.18 12.66
C GLU A 57 9.60 -0.16 12.18
N LYS A 58 9.75 -1.39 11.73
CA LYS A 58 11.02 -1.87 11.17
C LYS A 58 11.55 -0.97 10.05
N TYR A 59 10.64 -0.39 9.27
CA TYR A 59 11.06 0.41 8.12
C TYR A 59 10.76 1.89 8.32
N ALA A 60 10.53 2.29 9.56
CA ALA A 60 10.31 3.69 9.89
C ALA A 60 11.57 4.51 9.60
N GLY A 61 11.38 5.63 8.90
CA GLY A 61 12.50 6.48 8.56
C GLY A 61 13.41 5.84 7.54
N LYS A 62 12.82 5.24 6.51
CA LYS A 62 13.57 4.62 5.43
C LYS A 62 13.06 5.13 4.09
N ASP A 63 13.25 4.34 3.06
CA ASP A 63 12.74 4.70 1.74
C ASP A 63 11.61 3.76 1.36
N ILE A 64 10.49 3.90 2.05
CA ILE A 64 9.30 3.10 1.77
C ILE A 64 8.04 3.87 2.16
N HIS A 65 7.03 3.75 1.32
CA HIS A 65 5.72 4.31 1.61
C HIS A 65 4.70 3.20 1.75
N PHE A 66 4.21 2.99 2.96
CA PHE A 66 3.10 2.08 3.16
C PHE A 66 1.81 2.80 2.85
N VAL A 67 1.25 2.51 1.69
CA VAL A 67 0.04 3.17 1.22
C VAL A 67 -1.11 2.18 1.09
N SER A 68 -2.19 2.44 1.79
CA SER A 68 -3.34 1.56 1.77
C SER A 68 -4.52 2.20 1.04
N LEU A 69 -5.17 1.44 0.17
CA LEU A 69 -6.38 1.91 -0.53
C LEU A 69 -7.58 1.08 -0.11
N SER A 70 -8.72 1.73 0.09
CA SER A 70 -9.90 1.05 0.63
C SER A 70 -11.09 1.06 -0.33
N CYS A 71 -11.59 -0.14 -0.61
CA CYS A 71 -12.79 -0.31 -1.41
C CYS A 71 -14.04 -0.26 -0.53
N ASP A 72 -13.88 0.20 0.72
CA ASP A 72 -15.01 0.27 1.65
C ASP A 72 -15.95 1.38 1.24
N LYS A 73 -17.24 1.11 1.29
CA LYS A 73 -18.23 2.11 0.93
C LYS A 73 -18.81 2.73 2.19
N ASN A 74 -18.64 2.03 3.30
CA ASN A 74 -19.02 2.52 4.62
C ASN A 74 -17.95 3.45 5.14
N LYS A 75 -17.71 4.56 4.43
CA LYS A 75 -16.58 5.43 4.72
C LYS A 75 -16.52 5.83 6.20
N LYS A 76 -17.61 6.37 6.73
CA LYS A 76 -17.63 6.83 8.10
C LYS A 76 -17.36 5.68 9.08
N ALA A 77 -17.98 4.53 8.82
CA ALA A 77 -17.77 3.33 9.63
C ALA A 77 -16.32 2.88 9.51
N TRP A 78 -15.76 3.10 8.33
CA TRP A 78 -14.41 2.68 8.03
C TRP A 78 -13.38 3.63 8.66
N GLU A 79 -13.56 4.92 8.44
CA GLU A 79 -12.61 5.91 8.92
C GLU A 79 -12.49 5.86 10.44
N ASN A 80 -13.58 5.55 11.12
CA ASN A 80 -13.54 5.43 12.56
C ASN A 80 -12.96 4.08 12.97
N MET A 81 -13.17 3.05 12.14
CA MET A 81 -12.58 1.73 12.40
C MET A 81 -11.06 1.82 12.40
N VAL A 82 -10.48 2.46 11.39
CA VAL A 82 -9.03 2.65 11.37
C VAL A 82 -8.60 3.47 12.59
N THR A 83 -9.42 4.42 12.98
CA THR A 83 -9.17 5.20 14.20
C THR A 83 -9.15 4.29 15.44
N LYS A 84 -10.10 3.35 15.51
CA LYS A 84 -10.18 2.42 16.64
C LYS A 84 -9.05 1.39 16.59
N ASP A 85 -8.86 0.82 15.40
CA ASP A 85 -7.88 -0.23 15.19
C ASP A 85 -6.46 0.29 15.37
N GLN A 86 -6.28 1.59 15.17
CA GLN A 86 -4.99 2.25 15.22
C GLN A 86 -4.09 1.71 14.10
N LEU A 87 -4.38 2.13 12.89
CA LEU A 87 -3.57 1.77 11.73
C LEU A 87 -2.53 2.84 11.47
N LYS A 88 -1.73 2.64 10.44
CA LYS A 88 -0.57 3.50 10.19
C LYS A 88 -0.29 3.69 8.70
N GLY A 89 0.66 4.57 8.41
CA GLY A 89 1.05 4.83 7.04
C GLY A 89 0.09 5.76 6.33
N ILE A 90 0.27 5.89 5.03
CA ILE A 90 -0.62 6.71 4.22
C ILE A 90 -1.76 5.84 3.72
N GLN A 91 -2.95 6.10 4.20
CA GLN A 91 -4.08 5.27 3.89
C GLN A 91 -5.20 6.08 3.27
N LEU A 92 -5.43 5.84 1.99
CA LEU A 92 -6.42 6.55 1.23
C LEU A 92 -7.63 5.64 0.98
N HIS A 93 -8.74 6.22 0.58
CA HIS A 93 -9.98 5.49 0.50
C HIS A 93 -10.67 5.73 -0.83
N MET A 94 -10.96 4.63 -1.53
CA MET A 94 -11.63 4.68 -2.83
C MET A 94 -13.13 4.86 -2.64
N GLY A 95 -13.74 3.94 -1.91
CA GLY A 95 -15.13 4.09 -1.57
C GLY A 95 -16.06 3.26 -2.43
N THR A 96 -16.57 3.85 -3.48
CA THR A 96 -17.60 3.22 -4.28
C THR A 96 -17.09 2.77 -5.65
N ASP A 97 -15.78 2.84 -5.88
CA ASP A 97 -15.24 2.37 -7.14
C ASP A 97 -14.61 1.01 -6.96
N ARG A 98 -14.59 0.23 -8.03
CA ARG A 98 -13.88 -1.04 -8.04
C ARG A 98 -13.07 -1.17 -9.31
N THR A 99 -13.04 -0.09 -10.08
CA THR A 99 -12.39 -0.09 -11.37
C THR A 99 -10.88 -0.02 -11.18
N PHE A 100 -10.46 0.67 -10.13
CA PHE A 100 -9.05 0.82 -9.81
C PHE A 100 -8.49 -0.48 -9.22
N MET A 101 -9.28 -1.17 -8.41
CA MET A 101 -8.85 -2.45 -7.86
C MET A 101 -8.98 -3.54 -8.92
N ASP A 102 -9.90 -3.31 -9.86
CA ASP A 102 -10.05 -4.17 -11.03
C ASP A 102 -8.83 -4.02 -11.94
N ALA A 103 -8.22 -2.84 -11.92
CA ALA A 103 -7.04 -2.58 -12.72
C ALA A 103 -5.87 -3.47 -12.31
N TYR A 104 -5.95 -4.03 -11.10
CA TYR A 104 -4.92 -4.93 -10.62
C TYR A 104 -5.33 -6.38 -10.85
N LEU A 105 -6.56 -6.55 -11.33
CA LEU A 105 -7.12 -7.87 -11.63
C LEU A 105 -7.18 -8.75 -10.39
N ILE A 106 -7.07 -8.12 -9.21
CA ILE A 106 -6.94 -8.85 -7.97
C ILE A 106 -8.26 -9.49 -7.53
N ASN A 107 -9.35 -8.73 -7.61
CA ASN A 107 -10.69 -9.17 -7.17
C ASN A 107 -10.74 -9.36 -5.64
N GLY A 108 -9.94 -10.26 -5.12
CA GLY A 108 -9.96 -10.57 -3.71
C GLY A 108 -8.96 -9.74 -2.92
N ILE A 109 -9.48 -8.84 -2.11
CA ILE A 109 -8.64 -8.02 -1.23
C ILE A 109 -8.33 -8.76 0.06
N PRO A 110 -7.25 -8.39 0.77
CA PRO A 110 -6.36 -7.28 0.40
C PRO A 110 -5.44 -7.63 -0.78
N ARG A 111 -4.94 -6.60 -1.44
CA ARG A 111 -3.99 -6.75 -2.51
C ARG A 111 -2.67 -6.15 -2.06
N PHE A 112 -1.58 -6.82 -2.41
CA PHE A 112 -0.24 -6.39 -2.02
C PHE A 112 0.54 -6.02 -3.28
N ILE A 113 1.21 -4.87 -3.29
CA ILE A 113 1.93 -4.43 -4.48
C ILE A 113 3.19 -3.65 -4.12
N LEU A 114 4.15 -3.61 -5.03
CA LEU A 114 5.38 -2.85 -4.81
C LEU A 114 5.75 -2.08 -6.07
N LEU A 115 6.08 -0.80 -5.90
CA LEU A 115 6.48 0.06 -6.99
C LEU A 115 7.75 0.81 -6.61
N ASP A 116 8.55 1.15 -7.61
CA ASP A 116 9.78 1.88 -7.40
C ASP A 116 9.49 3.32 -7.04
N ARG A 117 10.49 4.00 -6.52
CA ARG A 117 10.43 5.40 -6.10
C ARG A 117 9.76 6.28 -7.15
N ASP A 118 9.99 5.95 -8.41
CA ASP A 118 9.46 6.73 -9.53
C ASP A 118 7.95 6.57 -9.65
N GLY A 119 7.39 5.68 -8.85
CA GLY A 119 6.01 5.32 -8.98
C GLY A 119 5.84 4.25 -10.02
N LYS A 120 6.94 3.52 -10.26
CA LYS A 120 6.95 2.54 -11.33
C LYS A 120 6.81 1.13 -10.80
N ILE A 121 5.65 0.53 -11.09
CA ILE A 121 5.33 -0.83 -10.66
C ILE A 121 6.52 -1.77 -10.79
N ILE A 122 6.99 -2.27 -9.65
CA ILE A 122 8.08 -3.25 -9.62
C ILE A 122 7.47 -4.63 -9.83
N SER A 123 6.34 -4.85 -9.18
CA SER A 123 5.58 -6.08 -9.32
C SER A 123 4.10 -5.76 -9.19
N ALA A 124 3.31 -6.17 -10.19
CA ALA A 124 1.88 -5.85 -10.23
C ALA A 124 1.14 -6.45 -9.04
N ASN A 125 1.63 -7.58 -8.58
CA ASN A 125 1.10 -8.20 -7.37
C ASN A 125 2.24 -8.74 -6.53
N MET A 126 2.41 -8.13 -5.37
CA MET A 126 3.47 -8.52 -4.45
C MET A 126 2.92 -9.54 -3.46
N THR A 127 3.43 -9.53 -2.24
CA THR A 127 3.01 -10.49 -1.24
C THR A 127 2.78 -9.80 0.10
N ARG A 128 1.77 -10.28 0.82
CA ARG A 128 1.43 -9.81 2.16
C ARG A 128 2.66 -9.58 3.05
N PRO A 129 2.51 -8.69 4.06
CA PRO A 129 3.56 -8.38 5.04
C PRO A 129 4.12 -9.62 5.74
N SER A 130 3.25 -10.59 5.98
CA SER A 130 3.63 -11.81 6.69
C SER A 130 4.43 -12.75 5.79
N ASP A 131 4.62 -12.36 4.54
CA ASP A 131 5.38 -13.17 3.59
C ASP A 131 6.86 -12.76 3.64
N PRO A 132 7.75 -13.73 3.88
CA PRO A 132 9.20 -13.49 4.00
C PRO A 132 9.81 -12.84 2.76
N LYS A 133 9.32 -13.23 1.58
CA LYS A 133 9.85 -12.74 0.31
C LYS A 133 9.67 -11.24 0.19
N THR A 134 8.59 -10.73 0.73
CA THR A 134 8.35 -9.30 0.72
C THR A 134 9.34 -8.61 1.66
N ALA A 135 9.40 -9.11 2.89
CA ALA A 135 10.30 -8.57 3.90
C ALA A 135 11.75 -8.53 3.43
N GLU A 136 12.24 -9.66 2.92
CA GLU A 136 13.62 -9.74 2.44
C GLU A 136 13.85 -8.73 1.32
N LYS A 137 12.88 -8.62 0.43
CA LYS A 137 13.00 -7.75 -0.71
C LYS A 137 13.05 -6.29 -0.28
N PHE A 138 12.33 -5.98 0.80
CA PHE A 138 12.38 -4.64 1.37
C PHE A 138 13.80 -4.28 1.76
N ASN A 139 14.45 -5.15 2.55
CA ASN A 139 15.84 -4.92 2.94
C ASN A 139 16.71 -4.78 1.69
N GLU A 140 16.61 -5.79 0.83
CA GLU A 140 17.35 -5.87 -0.42
C GLU A 140 17.21 -4.59 -1.26
N LEU A 141 15.99 -4.24 -1.66
CA LEU A 141 15.75 -3.13 -2.57
C LEU A 141 16.10 -1.80 -1.92
N LEU A 142 15.98 -1.72 -0.61
CA LEU A 142 16.39 -0.53 0.13
C LEU A 142 17.90 -0.49 0.25
N GLY A 143 18.51 -1.67 0.11
CA GLY A 143 19.94 -1.79 0.28
C GLY A 143 20.31 -1.81 1.74
N LEU A 144 19.35 -2.24 2.55
CA LEU A 144 19.49 -2.26 4.00
C LEU A 144 20.41 -3.39 4.40
N GLU A 145 20.35 -4.49 3.67
CA GLU A 145 21.21 -5.62 3.95
C GLU A 145 22.58 -5.41 3.35
N GLY A 146 23.47 -4.94 4.18
CA GLY A 146 24.86 -4.78 3.78
C GLY A 146 25.56 -6.12 3.74
N HIS A 147 25.11 -6.97 2.82
CA HIS A 147 25.53 -8.36 2.77
C HIS A 147 26.91 -8.53 2.12
N HIS A 148 27.79 -7.56 2.35
CA HIS A 148 29.14 -7.62 1.81
C HIS A 148 30.13 -7.03 2.82
N HIS A 149 31.28 -7.68 2.99
CA HIS A 149 32.31 -7.18 3.90
C HIS A 149 32.75 -5.79 3.46
N HIS A 150 32.49 -4.81 4.32
CA HIS A 150 32.66 -3.41 3.95
C HIS A 150 34.11 -2.95 4.06
N HIS A 151 34.86 -3.18 2.99
CA HIS A 151 36.11 -2.47 2.80
C HIS A 151 35.82 -1.34 1.81
N HIS A 152 34.60 -1.42 1.27
CA HIS A 152 34.02 -0.40 0.41
C HIS A 152 32.59 -0.83 0.07
N MET A 1 2.78 7.00 -19.54
CA MET A 1 1.52 6.31 -19.87
C MET A 1 0.34 7.04 -19.23
N SER A 2 -0.53 7.59 -20.07
CA SER A 2 -1.72 8.29 -19.60
C SER A 2 -2.57 8.66 -20.80
N LEU A 3 -3.61 7.89 -21.06
CA LEU A 3 -4.45 8.13 -22.21
C LEU A 3 -5.67 8.94 -21.84
N ARG A 4 -5.52 10.26 -21.81
CA ARG A 4 -6.62 11.15 -21.49
C ARG A 4 -7.61 11.23 -22.66
N SER A 5 -7.26 10.56 -23.75
CA SER A 5 -8.14 10.47 -24.90
C SER A 5 -9.01 9.23 -24.80
N GLY A 6 -8.76 8.41 -23.78
CA GLY A 6 -9.52 7.19 -23.59
C GLY A 6 -9.75 6.88 -22.14
N ASN A 7 -8.78 6.21 -21.53
CA ASN A 7 -8.88 5.82 -20.12
C ASN A 7 -7.59 6.13 -19.39
N PRO A 8 -7.68 6.52 -18.11
CA PRO A 8 -6.51 6.80 -17.28
C PRO A 8 -5.68 5.56 -17.03
N SER A 9 -4.41 5.77 -16.69
CA SER A 9 -3.50 4.68 -16.44
C SER A 9 -3.08 4.68 -14.97
N ALA A 10 -2.48 3.59 -14.55
CA ALA A 10 -1.99 3.48 -13.18
C ALA A 10 -0.69 4.25 -13.02
N ALA A 11 -0.80 5.57 -13.02
CA ALA A 11 0.34 6.44 -12.91
C ALA A 11 0.06 7.62 -12.00
N SER A 12 0.37 7.44 -10.72
CA SER A 12 0.18 8.50 -9.72
C SER A 12 -1.27 8.95 -9.61
N PHE A 13 -2.08 8.14 -8.95
CA PHE A 13 -3.49 8.47 -8.73
C PHE A 13 -3.64 9.39 -7.52
N SER A 14 -4.87 9.74 -7.19
CA SER A 14 -5.14 10.55 -6.00
C SER A 14 -6.43 10.08 -5.35
N TYR A 15 -6.40 9.92 -4.03
CA TYR A 15 -7.57 9.48 -3.28
C TYR A 15 -7.58 10.15 -1.91
N PRO A 16 -8.78 10.37 -1.35
CA PRO A 16 -8.92 10.97 -0.03
C PRO A 16 -8.62 9.98 1.08
N ASP A 17 -7.70 10.36 1.96
CA ASP A 17 -7.41 9.61 3.17
C ASP A 17 -8.65 9.55 4.04
N ILE A 18 -8.66 8.62 5.00
CA ILE A 18 -9.84 8.31 5.78
C ILE A 18 -10.34 9.53 6.57
N ASN A 19 -9.44 10.46 6.88
CA ASN A 19 -9.80 11.68 7.60
C ASN A 19 -10.38 12.72 6.64
N GLY A 20 -10.35 12.40 5.35
CA GLY A 20 -10.78 13.35 4.34
C GLY A 20 -9.61 14.14 3.81
N LYS A 21 -8.48 13.47 3.67
CA LYS A 21 -7.23 14.14 3.31
C LYS A 21 -6.84 13.79 1.88
N THR A 22 -6.90 14.77 0.99
CA THR A 22 -6.55 14.56 -0.41
C THR A 22 -5.05 14.35 -0.59
N VAL A 23 -4.67 13.12 -0.90
CA VAL A 23 -3.27 12.78 -1.14
C VAL A 23 -3.14 12.10 -2.50
N SER A 24 -1.99 12.21 -3.13
CA SER A 24 -1.78 11.59 -4.42
C SER A 24 -0.60 10.63 -4.39
N LEU A 25 -0.38 9.95 -5.50
CA LEU A 25 0.80 9.11 -5.64
C LEU A 25 1.89 9.90 -6.35
N ALA A 26 1.69 11.21 -6.39
CA ALA A 26 2.66 12.12 -6.98
C ALA A 26 3.50 12.78 -5.89
N ASP A 27 2.87 13.05 -4.76
CA ASP A 27 3.57 13.64 -3.61
C ASP A 27 4.32 12.56 -2.83
N LEU A 28 3.93 11.31 -3.07
CA LEU A 28 4.56 10.18 -2.39
C LEU A 28 5.74 9.63 -3.18
N LYS A 29 6.30 10.46 -4.04
CA LYS A 29 7.47 10.10 -4.82
C LYS A 29 8.72 10.00 -3.93
N GLY A 30 9.88 9.88 -4.57
CA GLY A 30 11.14 9.92 -3.86
C GLY A 30 11.59 8.55 -3.39
N LYS A 31 10.69 7.82 -2.77
CA LYS A 31 10.98 6.51 -2.24
C LYS A 31 9.98 5.49 -2.78
N TYR A 32 10.27 4.21 -2.58
CA TYR A 32 9.43 3.14 -3.12
C TYR A 32 8.05 3.17 -2.46
N ILE A 33 7.05 2.66 -3.16
CA ILE A 33 5.70 2.64 -2.65
C ILE A 33 5.18 1.20 -2.55
N TYR A 34 4.75 0.81 -1.37
CA TYR A 34 4.08 -0.47 -1.20
C TYR A 34 2.60 -0.24 -0.98
N ILE A 35 1.79 -0.71 -1.90
CA ILE A 35 0.35 -0.52 -1.83
C ILE A 35 -0.34 -1.79 -1.35
N ASP A 36 -0.97 -1.70 -0.20
CA ASP A 36 -1.78 -2.79 0.32
C ASP A 36 -3.24 -2.40 0.26
N VAL A 37 -4.13 -3.38 0.28
CA VAL A 37 -5.56 -3.07 0.38
C VAL A 37 -6.05 -3.28 1.81
N TRP A 38 -6.67 -2.25 2.36
CA TRP A 38 -7.19 -2.29 3.73
C TRP A 38 -8.71 -2.09 3.72
N ALA A 39 -9.42 -2.91 4.49
CA ALA A 39 -10.88 -2.80 4.55
C ALA A 39 -11.40 -3.17 5.94
N THR A 40 -12.65 -2.82 6.23
CA THR A 40 -13.28 -3.26 7.46
C THR A 40 -14.19 -4.47 7.21
N TRP A 41 -14.73 -4.55 6.01
CA TRP A 41 -15.64 -5.64 5.62
C TRP A 41 -14.85 -6.88 5.25
N CYS A 42 -13.56 -6.87 5.53
CA CYS A 42 -12.68 -7.97 5.18
C CYS A 42 -12.35 -8.81 6.40
N GLY A 43 -11.69 -9.93 6.17
CA GLY A 43 -11.26 -10.79 7.26
C GLY A 43 -9.77 -11.02 7.24
N PRO A 44 -9.25 -11.80 6.27
CA PRO A 44 -7.80 -12.07 6.14
C PRO A 44 -6.96 -10.80 6.08
N CYS A 45 -7.49 -9.77 5.43
CA CYS A 45 -6.80 -8.48 5.35
C CYS A 45 -6.54 -7.91 6.73
N ARG A 46 -7.46 -8.16 7.66
CA ARG A 46 -7.35 -7.61 9.01
C ARG A 46 -6.27 -8.33 9.81
N GLY A 47 -5.69 -9.37 9.22
CA GLY A 47 -4.60 -10.07 9.86
C GLY A 47 -3.27 -9.39 9.62
N GLU A 48 -3.21 -8.56 8.59
CA GLU A 48 -1.98 -7.88 8.21
C GLU A 48 -1.80 -6.62 9.04
N LEU A 49 -2.89 -6.18 9.65
CA LEU A 49 -2.89 -4.96 10.46
C LEU A 49 -1.69 -4.88 11.41
N PRO A 50 -1.44 -5.93 12.24
CA PRO A 50 -0.27 -5.97 13.11
C PRO A 50 1.04 -6.02 12.32
N ALA A 51 1.05 -6.75 11.21
CA ALA A 51 2.28 -7.00 10.48
C ALA A 51 2.67 -5.78 9.67
N LEU A 52 1.66 -5.01 9.28
CA LEU A 52 1.88 -3.78 8.54
C LEU A 52 2.65 -2.81 9.42
N LYS A 53 2.27 -2.75 10.69
CA LYS A 53 2.91 -1.86 11.64
C LYS A 53 4.33 -2.33 11.98
N GLU A 54 4.52 -3.64 12.12
CA GLU A 54 5.84 -4.22 12.28
C GLU A 54 6.78 -3.75 11.18
N LEU A 55 6.36 -3.92 9.94
CA LEU A 55 7.11 -3.46 8.79
C LEU A 55 7.28 -1.95 8.82
N GLU A 56 6.15 -1.27 8.97
CA GLU A 56 6.08 0.18 9.02
C GLU A 56 7.16 0.80 9.91
N GLU A 57 7.17 0.45 11.19
CA GLU A 57 8.08 1.08 12.13
C GLU A 57 9.52 0.65 11.87
N LYS A 58 9.68 -0.61 11.47
CA LYS A 58 11.00 -1.18 11.28
C LYS A 58 11.69 -0.56 10.06
N TYR A 59 10.91 -0.26 9.04
CA TYR A 59 11.45 0.31 7.81
C TYR A 59 11.03 1.77 7.63
N ALA A 60 10.43 2.33 8.69
CA ALA A 60 10.01 3.73 8.68
C ALA A 60 11.17 4.67 8.37
N GLY A 61 10.95 5.55 7.41
CA GLY A 61 11.92 6.57 7.08
C GLY A 61 13.04 6.09 6.20
N LYS A 62 13.06 4.80 5.90
CA LYS A 62 14.16 4.21 5.13
C LYS A 62 14.06 4.56 3.65
N ASP A 63 13.37 3.71 2.91
CA ASP A 63 13.27 3.87 1.47
C ASP A 63 11.86 3.57 0.96
N ILE A 64 10.93 3.36 1.88
CA ILE A 64 9.64 2.83 1.50
C ILE A 64 8.48 3.66 2.06
N HIS A 65 7.40 3.72 1.30
CA HIS A 65 6.13 4.30 1.74
C HIS A 65 5.10 3.18 1.85
N PHE A 66 4.48 3.05 3.00
CA PHE A 66 3.37 2.11 3.15
C PHE A 66 2.07 2.82 2.84
N VAL A 67 1.43 2.44 1.74
CA VAL A 67 0.23 3.11 1.28
C VAL A 67 -0.92 2.13 1.13
N SER A 68 -1.86 2.20 2.06
CA SER A 68 -3.02 1.34 2.05
C SER A 68 -4.14 1.97 1.21
N LEU A 69 -4.85 1.16 0.41
CA LEU A 69 -5.98 1.66 -0.38
C LEU A 69 -7.25 0.89 -0.02
N SER A 70 -8.29 1.62 0.37
CA SER A 70 -9.51 0.99 0.88
C SER A 70 -10.65 1.03 -0.14
N CYS A 71 -11.14 -0.15 -0.47
CA CYS A 71 -12.26 -0.32 -1.36
C CYS A 71 -13.59 -0.24 -0.62
N ASP A 72 -13.57 0.19 0.64
CA ASP A 72 -14.77 0.23 1.47
C ASP A 72 -15.72 1.30 0.97
N LYS A 73 -16.96 0.93 0.69
CA LYS A 73 -17.96 1.91 0.30
C LYS A 73 -18.43 2.69 1.53
N ASN A 74 -18.43 2.00 2.66
CA ASN A 74 -18.81 2.61 3.94
C ASN A 74 -17.69 3.47 4.48
N LYS A 75 -17.45 4.62 3.85
CA LYS A 75 -16.33 5.47 4.23
C LYS A 75 -16.41 5.86 5.70
N LYS A 76 -17.52 6.48 6.07
CA LYS A 76 -17.73 6.93 7.44
C LYS A 76 -17.48 5.80 8.44
N ALA A 77 -18.22 4.69 8.27
CA ALA A 77 -18.08 3.53 9.15
C ALA A 77 -16.64 3.08 9.25
N TRP A 78 -15.91 3.28 8.16
CA TRP A 78 -14.53 2.85 8.06
C TRP A 78 -13.62 3.80 8.83
N GLU A 79 -13.96 5.09 8.84
CA GLU A 79 -13.26 6.07 9.67
C GLU A 79 -13.19 5.60 11.11
N ASN A 80 -14.35 5.25 11.65
CA ASN A 80 -14.45 4.85 13.06
C ASN A 80 -13.65 3.57 13.30
N MET A 81 -13.73 2.63 12.38
CA MET A 81 -13.06 1.36 12.53
C MET A 81 -11.55 1.51 12.48
N VAL A 82 -11.03 2.21 11.49
CA VAL A 82 -9.58 2.39 11.37
C VAL A 82 -9.02 3.13 12.59
N THR A 83 -9.84 4.00 13.17
CA THR A 83 -9.44 4.73 14.36
C THR A 83 -9.47 3.81 15.58
N LYS A 84 -10.47 2.93 15.65
CA LYS A 84 -10.59 2.00 16.76
C LYS A 84 -9.56 0.90 16.63
N ASP A 85 -9.26 0.54 15.39
CA ASP A 85 -8.30 -0.51 15.08
C ASP A 85 -6.86 0.03 15.10
N GLN A 86 -6.73 1.30 15.48
CA GLN A 86 -5.42 1.93 15.73
C GLN A 86 -4.52 1.93 14.48
N LEU A 87 -5.12 1.93 13.31
CA LEU A 87 -4.36 1.87 12.07
C LEU A 87 -3.96 3.25 11.58
N LYS A 88 -2.70 3.60 11.77
CA LYS A 88 -2.16 4.82 11.20
C LYS A 88 -1.23 4.53 10.04
N GLY A 89 -0.47 5.53 9.61
CA GLY A 89 0.40 5.37 8.44
C GLY A 89 -0.13 6.16 7.27
N ILE A 90 0.29 5.80 6.07
CA ILE A 90 -0.24 6.44 4.87
C ILE A 90 -1.38 5.59 4.33
N GLN A 91 -2.59 6.12 4.39
CA GLN A 91 -3.75 5.33 4.04
C GLN A 91 -4.75 6.17 3.25
N LEU A 92 -5.08 5.68 2.06
CA LEU A 92 -6.02 6.35 1.20
C LEU A 92 -7.27 5.50 1.04
N HIS A 93 -8.38 6.15 0.78
CA HIS A 93 -9.65 5.47 0.66
C HIS A 93 -10.27 5.71 -0.72
N MET A 94 -10.61 4.62 -1.38
CA MET A 94 -11.23 4.66 -2.68
C MET A 94 -12.73 4.83 -2.56
N GLY A 95 -13.39 3.83 -1.99
CA GLY A 95 -14.84 3.88 -1.86
C GLY A 95 -15.54 2.93 -2.81
N THR A 96 -16.20 3.48 -3.80
CA THR A 96 -16.96 2.67 -4.74
C THR A 96 -16.34 2.71 -6.13
N ASP A 97 -15.14 3.24 -6.24
CA ASP A 97 -14.50 3.40 -7.54
C ASP A 97 -13.55 2.27 -7.82
N ARG A 98 -14.00 1.05 -7.55
CA ARG A 98 -13.13 -0.13 -7.62
C ARG A 98 -12.88 -0.56 -9.06
N THR A 99 -13.13 0.33 -10.01
CA THR A 99 -12.71 0.11 -11.37
C THR A 99 -11.18 -0.01 -11.39
N PHE A 100 -10.57 0.59 -10.37
CA PHE A 100 -9.13 0.51 -10.17
C PHE A 100 -8.74 -0.87 -9.63
N MET A 101 -9.66 -1.49 -8.87
CA MET A 101 -9.47 -2.88 -8.46
C MET A 101 -9.45 -3.76 -9.69
N ASP A 102 -10.50 -3.63 -10.49
CA ASP A 102 -10.65 -4.38 -11.73
C ASP A 102 -9.46 -4.16 -12.66
N ALA A 103 -8.91 -2.94 -12.62
CA ALA A 103 -7.74 -2.61 -13.43
C ALA A 103 -6.55 -3.50 -13.09
N TYR A 104 -6.37 -3.78 -11.81
CA TYR A 104 -5.29 -4.63 -11.34
C TYR A 104 -5.73 -6.08 -11.21
N LEU A 105 -6.97 -6.35 -11.61
CA LEU A 105 -7.57 -7.68 -11.47
C LEU A 105 -7.73 -8.06 -10.00
N ILE A 106 -7.75 -7.05 -9.14
CA ILE A 106 -7.99 -7.26 -7.71
C ILE A 106 -9.44 -7.66 -7.45
N ASN A 107 -9.63 -8.90 -7.02
CA ASN A 107 -10.96 -9.34 -6.60
C ASN A 107 -10.93 -9.60 -5.10
N GLY A 108 -10.21 -10.64 -4.70
CA GLY A 108 -10.09 -10.97 -3.30
C GLY A 108 -9.02 -10.14 -2.63
N ILE A 109 -9.45 -9.25 -1.74
CA ILE A 109 -8.53 -8.40 -1.00
C ILE A 109 -8.04 -9.12 0.26
N PRO A 110 -6.89 -8.72 0.82
CA PRO A 110 -6.09 -7.58 0.32
C PRO A 110 -5.21 -7.95 -0.86
N ARG A 111 -4.81 -6.93 -1.61
CA ARG A 111 -3.85 -7.10 -2.68
C ARG A 111 -2.54 -6.47 -2.27
N PHE A 112 -1.45 -7.03 -2.75
CA PHE A 112 -0.10 -6.62 -2.37
C PHE A 112 0.64 -6.14 -3.60
N ILE A 113 1.01 -4.87 -3.66
CA ILE A 113 1.68 -4.31 -4.83
C ILE A 113 2.87 -3.44 -4.43
N LEU A 114 3.93 -3.48 -5.22
CA LEU A 114 5.12 -2.68 -4.98
C LEU A 114 5.45 -1.83 -6.20
N LEU A 115 5.82 -0.59 -5.97
CA LEU A 115 6.12 0.34 -7.04
C LEU A 115 7.44 1.06 -6.77
N ASP A 116 8.09 1.50 -7.83
CA ASP A 116 9.34 2.24 -7.75
C ASP A 116 9.08 3.62 -7.16
N ARG A 117 10.16 4.29 -6.78
CA ARG A 117 10.14 5.61 -6.14
C ARG A 117 9.24 6.60 -6.88
N ASP A 118 9.09 6.42 -8.18
CA ASP A 118 8.27 7.31 -8.99
C ASP A 118 6.80 6.94 -8.91
N GLY A 119 6.50 5.94 -8.12
CA GLY A 119 5.17 5.41 -8.11
C GLY A 119 4.94 4.54 -9.32
N LYS A 120 6.02 3.94 -9.83
CA LYS A 120 5.91 3.10 -11.03
C LYS A 120 5.90 1.62 -10.67
N ILE A 121 4.76 0.98 -10.90
CA ILE A 121 4.54 -0.43 -10.58
C ILE A 121 5.75 -1.30 -10.94
N ILE A 122 6.33 -1.91 -9.91
CA ILE A 122 7.43 -2.84 -10.08
C ILE A 122 6.92 -4.27 -10.00
N SER A 123 6.06 -4.51 -9.03
CA SER A 123 5.46 -5.82 -8.85
C SER A 123 3.97 -5.68 -8.59
N ALA A 124 3.16 -6.18 -9.51
CA ALA A 124 1.71 -6.13 -9.38
C ALA A 124 1.22 -7.27 -8.49
N ASN A 125 2.10 -8.23 -8.23
CA ASN A 125 1.79 -9.35 -7.38
C ASN A 125 2.85 -9.52 -6.30
N MET A 126 2.71 -8.75 -5.23
CA MET A 126 3.62 -8.83 -4.10
C MET A 126 3.08 -9.78 -3.04
N THR A 127 3.66 -9.70 -1.85
CA THR A 127 3.23 -10.53 -0.76
C THR A 127 2.77 -9.66 0.41
N ARG A 128 1.71 -10.12 1.09
CA ARG A 128 1.16 -9.45 2.26
C ARG A 128 2.23 -9.11 3.31
N PRO A 129 1.96 -8.08 4.12
CA PRO A 129 2.86 -7.66 5.22
C PRO A 129 3.27 -8.80 6.14
N SER A 130 2.36 -9.74 6.40
CA SER A 130 2.66 -10.85 7.29
C SER A 130 3.60 -11.86 6.65
N ASP A 131 3.89 -11.68 5.37
CA ASP A 131 4.78 -12.55 4.64
C ASP A 131 6.21 -12.04 4.75
N PRO A 132 7.12 -12.86 5.29
CA PRO A 132 8.53 -12.48 5.49
C PRO A 132 9.24 -12.06 4.20
N LYS A 133 8.83 -12.66 3.08
CA LYS A 133 9.47 -12.38 1.79
C LYS A 133 9.23 -10.94 1.36
N THR A 134 8.21 -10.32 1.93
CA THR A 134 7.95 -8.92 1.70
C THR A 134 9.06 -8.09 2.34
N ALA A 135 9.34 -8.36 3.61
CA ALA A 135 10.44 -7.71 4.32
C ALA A 135 11.76 -8.02 3.64
N GLU A 136 11.90 -9.26 3.16
CA GLU A 136 13.09 -9.68 2.42
C GLU A 136 13.35 -8.78 1.22
N LYS A 137 12.28 -8.42 0.51
CA LYS A 137 12.41 -7.56 -0.66
C LYS A 137 12.73 -6.13 -0.24
N PHE A 138 12.33 -5.74 0.96
CA PHE A 138 12.71 -4.41 1.47
C PHE A 138 14.22 -4.40 1.69
N ASN A 139 14.74 -5.48 2.26
CA ASN A 139 16.18 -5.66 2.40
C ASN A 139 16.83 -5.60 1.02
N GLU A 140 16.24 -6.31 0.08
CA GLU A 140 16.65 -6.29 -1.32
C GLU A 140 16.76 -4.86 -1.85
N LEU A 141 15.70 -4.07 -1.65
CA LEU A 141 15.65 -2.68 -2.14
C LEU A 141 16.80 -1.85 -1.57
N LEU A 142 17.05 -2.00 -0.28
CA LEU A 142 18.12 -1.28 0.40
C LEU A 142 19.49 -1.84 0.01
N GLY A 143 19.50 -2.98 -0.65
CA GLY A 143 20.74 -3.62 -1.06
C GLY A 143 21.33 -4.41 0.08
N LEU A 144 20.49 -4.74 1.04
CA LEU A 144 20.89 -5.48 2.22
C LEU A 144 20.75 -6.98 1.97
N GLU A 145 20.77 -7.35 0.71
CA GLU A 145 20.70 -8.75 0.33
C GLU A 145 21.85 -9.54 0.93
N GLY A 146 21.56 -10.79 1.26
CA GLY A 146 22.47 -11.56 2.07
C GLY A 146 22.04 -11.51 3.52
N HIS A 147 21.20 -10.52 3.82
CA HIS A 147 20.53 -10.38 5.12
C HIS A 147 21.50 -9.86 6.19
N HIS A 148 22.44 -10.70 6.57
CA HIS A 148 23.47 -10.30 7.53
C HIS A 148 24.79 -11.00 7.20
N HIS A 149 24.86 -11.57 6.01
CA HIS A 149 26.10 -12.20 5.52
C HIS A 149 25.97 -12.55 4.04
N HIS A 150 25.20 -13.60 3.73
CA HIS A 150 25.02 -14.07 2.35
C HIS A 150 24.16 -15.33 2.37
N HIS A 151 23.25 -15.44 1.42
CA HIS A 151 22.46 -16.68 1.28
C HIS A 151 23.06 -17.55 0.19
N HIS A 152 24.09 -17.02 -0.43
CA HIS A 152 24.86 -17.71 -1.46
C HIS A 152 25.96 -16.78 -1.94
N MET A 1 2.40 12.45 -21.47
CA MET A 1 1.15 11.94 -20.87
C MET A 1 0.22 11.42 -21.94
N SER A 2 -0.26 10.21 -21.78
CA SER A 2 -1.16 9.59 -22.74
C SER A 2 -2.60 9.60 -22.23
N LEU A 3 -2.83 8.83 -21.16
CA LEU A 3 -4.14 8.78 -20.54
C LEU A 3 -4.39 10.06 -19.76
N ARG A 4 -5.64 10.50 -19.75
CA ARG A 4 -6.02 11.76 -19.10
C ARG A 4 -7.53 11.91 -19.07
N SER A 5 -8.18 11.60 -20.19
CA SER A 5 -9.62 11.68 -20.29
C SER A 5 -10.27 10.44 -19.68
N GLY A 6 -10.76 10.57 -18.46
CA GLY A 6 -11.42 9.46 -17.81
C GLY A 6 -10.95 9.29 -16.38
N ASN A 7 -10.12 8.28 -16.16
CA ASN A 7 -9.57 8.01 -14.83
C ASN A 7 -8.05 7.91 -14.89
N PRO A 8 -7.37 8.35 -13.84
CA PRO A 8 -5.92 8.25 -13.74
C PRO A 8 -5.47 6.88 -13.26
N SER A 9 -5.18 6.00 -14.20
CA SER A 9 -4.77 4.64 -13.87
C SER A 9 -3.27 4.60 -13.61
N ALA A 10 -2.91 4.67 -12.31
CA ALA A 10 -1.52 4.56 -11.85
C ALA A 10 -0.71 5.83 -12.13
N ALA A 11 -0.96 6.42 -13.29
CA ALA A 11 -0.23 7.60 -13.73
C ALA A 11 -0.71 8.83 -12.98
N SER A 12 -0.16 9.00 -11.79
CA SER A 12 -0.40 10.18 -10.96
C SER A 12 -1.85 10.21 -10.44
N PHE A 13 -2.31 9.05 -9.99
CA PHE A 13 -3.66 8.95 -9.42
C PHE A 13 -3.74 9.70 -8.09
N SER A 14 -4.96 9.99 -7.67
CA SER A 14 -5.18 10.69 -6.40
C SER A 14 -6.30 10.02 -5.61
N TYR A 15 -6.03 9.72 -4.35
CA TYR A 15 -7.03 9.10 -3.48
C TYR A 15 -6.97 9.69 -2.07
N PRO A 16 -8.14 9.89 -1.45
CA PRO A 16 -8.22 10.50 -0.12
C PRO A 16 -7.81 9.56 1.01
N ASP A 17 -6.86 10.03 1.81
CA ASP A 17 -6.48 9.35 3.05
C ASP A 17 -7.61 9.50 4.05
N ILE A 18 -7.61 8.61 5.05
CA ILE A 18 -8.67 8.54 6.07
C ILE A 18 -9.06 9.92 6.60
N ASN A 19 -8.05 10.74 6.89
CA ASN A 19 -8.26 12.07 7.48
C ASN A 19 -9.00 13.00 6.51
N GLY A 20 -9.09 12.58 5.26
CA GLY A 20 -9.70 13.40 4.24
C GLY A 20 -8.66 14.16 3.45
N LYS A 21 -7.49 13.55 3.30
CA LYS A 21 -6.39 14.23 2.62
C LYS A 21 -6.18 13.62 1.24
N THR A 22 -6.29 14.45 0.21
CA THR A 22 -6.04 14.01 -1.15
C THR A 22 -4.58 13.57 -1.30
N VAL A 23 -4.36 12.27 -1.25
CA VAL A 23 -3.02 11.70 -1.42
C VAL A 23 -2.88 11.19 -2.83
N SER A 24 -2.01 11.82 -3.59
CA SER A 24 -1.79 11.44 -4.95
C SER A 24 -0.46 10.71 -5.09
N LEU A 25 -0.17 10.23 -6.28
CA LEU A 25 1.08 9.54 -6.56
C LEU A 25 2.28 10.38 -6.12
N ALA A 26 2.20 11.69 -6.32
CA ALA A 26 3.31 12.59 -6.01
C ALA A 26 3.25 13.11 -4.57
N ASP A 27 2.37 12.54 -3.75
CA ASP A 27 2.21 12.97 -2.37
C ASP A 27 3.19 12.21 -1.47
N LEU A 28 3.55 11.01 -1.90
CA LEU A 28 4.44 10.14 -1.14
C LEU A 28 5.52 9.56 -2.06
N LYS A 29 5.62 10.18 -3.22
CA LYS A 29 6.53 9.76 -4.26
C LYS A 29 7.99 9.94 -3.85
N GLY A 30 8.85 9.09 -4.38
CA GLY A 30 10.27 9.16 -4.04
C GLY A 30 10.70 7.93 -3.27
N LYS A 31 9.72 7.23 -2.72
CA LYS A 31 9.95 6.01 -1.97
C LYS A 31 9.28 4.84 -2.67
N TYR A 32 9.79 3.63 -2.45
CA TYR A 32 9.18 2.44 -3.03
C TYR A 32 7.80 2.22 -2.44
N ILE A 33 6.80 2.20 -3.29
CA ILE A 33 5.43 2.09 -2.84
C ILE A 33 4.97 0.65 -2.83
N TYR A 34 4.67 0.13 -1.65
CA TYR A 34 4.09 -1.19 -1.56
C TYR A 34 2.62 -1.06 -1.18
N ILE A 35 1.74 -1.41 -2.11
CA ILE A 35 0.31 -1.20 -1.93
C ILE A 35 -0.39 -2.46 -1.45
N ASP A 36 -1.22 -2.28 -0.43
CA ASP A 36 -2.06 -3.35 0.08
C ASP A 36 -3.51 -2.90 0.02
N VAL A 37 -4.43 -3.85 0.06
CA VAL A 37 -5.85 -3.49 0.14
C VAL A 37 -6.38 -3.71 1.55
N TRP A 38 -7.12 -2.72 2.07
CA TRP A 38 -7.66 -2.78 3.42
C TRP A 38 -9.16 -2.53 3.38
N ALA A 39 -9.90 -3.31 4.15
CA ALA A 39 -11.36 -3.13 4.24
C ALA A 39 -11.86 -3.46 5.64
N THR A 40 -13.08 -3.04 5.96
CA THR A 40 -13.68 -3.45 7.23
C THR A 40 -14.26 -4.85 7.09
N TRP A 41 -14.59 -5.22 5.85
CA TRP A 41 -15.11 -6.54 5.53
C TRP A 41 -13.99 -7.45 5.04
N CYS A 42 -12.76 -7.08 5.35
CA CYS A 42 -11.60 -7.83 4.91
C CYS A 42 -11.38 -9.07 5.75
N GLY A 43 -11.86 -9.03 7.00
CA GLY A 43 -11.74 -10.16 7.90
C GLY A 43 -10.31 -10.49 8.28
N PRO A 44 -9.78 -11.64 7.82
CA PRO A 44 -8.42 -12.10 8.16
C PRO A 44 -7.34 -11.07 7.84
N CYS A 45 -7.60 -10.22 6.85
CA CYS A 45 -6.68 -9.15 6.48
C CYS A 45 -6.31 -8.29 7.69
N ARG A 46 -7.24 -8.17 8.64
CA ARG A 46 -7.02 -7.37 9.85
C ARG A 46 -5.79 -7.84 10.63
N GLY A 47 -5.39 -9.08 10.43
CA GLY A 47 -4.27 -9.62 11.16
C GLY A 47 -2.93 -9.02 10.74
N GLU A 48 -2.88 -8.51 9.52
CA GLU A 48 -1.64 -7.96 8.98
C GLU A 48 -1.60 -6.45 9.09
N LEU A 49 -2.76 -5.83 9.28
CA LEU A 49 -2.86 -4.38 9.38
C LEU A 49 -2.00 -3.80 10.52
N PRO A 50 -2.00 -4.42 11.72
CA PRO A 50 -1.06 -4.02 12.76
C PRO A 50 0.38 -4.18 12.28
N ALA A 51 0.64 -5.24 11.51
CA ALA A 51 1.99 -5.52 11.06
C ALA A 51 2.39 -4.52 9.98
N LEU A 52 1.38 -3.89 9.39
CA LEU A 52 1.58 -2.82 8.43
C LEU A 52 2.24 -1.65 9.13
N LYS A 53 1.82 -1.40 10.38
CA LYS A 53 2.50 -0.42 11.20
C LYS A 53 3.95 -0.82 11.35
N GLU A 54 4.13 -2.01 11.94
CA GLU A 54 5.46 -2.56 12.19
C GLU A 54 6.36 -2.41 10.98
N LEU A 55 5.81 -2.67 9.81
CA LEU A 55 6.51 -2.48 8.56
C LEU A 55 6.90 -1.02 8.36
N GLU A 56 5.92 -0.15 8.37
CA GLU A 56 6.12 1.26 8.08
C GLU A 56 6.99 1.93 9.15
N GLU A 57 6.86 1.53 10.41
CA GLU A 57 7.67 2.12 11.47
C GLU A 57 9.08 1.51 11.50
N LYS A 58 9.19 0.24 11.08
CA LYS A 58 10.49 -0.38 10.87
C LYS A 58 11.23 0.37 9.77
N TYR A 59 10.50 0.65 8.70
CA TYR A 59 11.06 1.29 7.53
C TYR A 59 10.77 2.78 7.51
N ALA A 60 10.35 3.30 8.66
CA ALA A 60 10.22 4.74 8.85
C ALA A 60 11.56 5.42 8.59
N GLY A 61 11.54 6.40 7.72
CA GLY A 61 12.76 7.11 7.39
C GLY A 61 13.55 6.41 6.30
N LYS A 62 13.10 5.23 5.91
CA LYS A 62 13.77 4.49 4.86
C LYS A 62 13.21 4.88 3.51
N ASP A 63 13.34 4.00 2.55
CA ASP A 63 12.91 4.30 1.18
C ASP A 63 11.70 3.48 0.75
N ILE A 64 10.86 3.11 1.70
CA ILE A 64 9.66 2.33 1.39
C ILE A 64 8.42 2.93 2.07
N HIS A 65 7.27 2.82 1.40
CA HIS A 65 5.99 3.15 1.99
C HIS A 65 5.06 1.96 1.87
N PHE A 66 4.21 1.77 2.86
CA PHE A 66 3.17 0.77 2.78
C PHE A 66 1.82 1.46 2.66
N VAL A 67 1.26 1.42 1.46
CA VAL A 67 0.08 2.21 1.13
C VAL A 67 -1.13 1.32 0.89
N SER A 68 -2.10 1.44 1.77
CA SER A 68 -3.31 0.66 1.70
C SER A 68 -4.35 1.36 0.81
N LEU A 69 -5.22 0.58 0.17
CA LEU A 69 -6.32 1.14 -0.63
C LEU A 69 -7.62 0.40 -0.31
N SER A 70 -8.61 1.15 0.14
CA SER A 70 -9.85 0.55 0.61
C SER A 70 -10.99 0.72 -0.37
N CYS A 71 -11.54 -0.40 -0.81
CA CYS A 71 -12.69 -0.42 -1.70
C CYS A 71 -14.00 -0.35 -0.90
N ASP A 72 -13.91 -0.01 0.38
CA ASP A 72 -15.11 0.07 1.23
C ASP A 72 -15.95 1.25 0.81
N LYS A 73 -17.15 1.00 0.30
CA LYS A 73 -17.99 2.10 -0.13
C LYS A 73 -18.44 2.91 1.08
N ASN A 74 -18.53 2.27 2.23
CA ASN A 74 -18.77 2.98 3.47
C ASN A 74 -17.49 3.63 3.93
N LYS A 75 -17.48 4.95 3.99
CA LYS A 75 -16.36 5.64 4.58
C LYS A 75 -16.48 5.66 6.10
N LYS A 76 -17.51 6.34 6.58
CA LYS A 76 -17.70 6.62 8.01
C LYS A 76 -17.42 5.41 8.91
N ALA A 77 -18.14 4.29 8.67
CA ALA A 77 -17.99 3.11 9.51
C ALA A 77 -16.57 2.58 9.49
N TRP A 78 -15.90 2.83 8.38
CA TRP A 78 -14.58 2.27 8.16
C TRP A 78 -13.53 3.10 8.87
N GLU A 79 -13.66 4.42 8.77
CA GLU A 79 -12.83 5.34 9.55
C GLU A 79 -12.82 4.94 11.02
N ASN A 80 -14.00 4.61 11.55
CA ASN A 80 -14.14 4.19 12.94
C ASN A 80 -13.25 3.01 13.23
N MET A 81 -13.40 1.95 12.43
CA MET A 81 -12.67 0.71 12.68
C MET A 81 -11.17 0.89 12.54
N VAL A 82 -10.72 1.55 11.48
CA VAL A 82 -9.28 1.72 11.26
C VAL A 82 -8.65 2.55 12.37
N THR A 83 -9.43 3.43 12.98
CA THR A 83 -8.94 4.25 14.07
C THR A 83 -8.99 3.46 15.39
N LYS A 84 -10.01 2.61 15.53
CA LYS A 84 -10.20 1.85 16.75
C LYS A 84 -9.23 0.66 16.81
N ASP A 85 -9.12 -0.02 15.69
CA ASP A 85 -8.30 -1.23 15.59
C ASP A 85 -6.82 -0.88 15.49
N GLN A 86 -6.52 0.42 15.49
CA GLN A 86 -5.15 0.94 15.50
C GLN A 86 -4.39 0.58 14.22
N LEU A 87 -5.13 0.26 13.17
CA LEU A 87 -4.53 -0.13 11.90
C LEU A 87 -3.96 1.11 11.19
N LYS A 88 -2.72 1.46 11.49
CA LYS A 88 -2.13 2.66 10.94
C LYS A 88 -1.19 2.38 9.78
N GLY A 89 -0.58 3.44 9.28
CA GLY A 89 0.21 3.37 8.06
C GLY A 89 -0.34 4.34 7.05
N ILE A 90 0.21 4.37 5.85
CA ILE A 90 -0.34 5.22 4.80
C ILE A 90 -1.50 4.49 4.14
N GLN A 91 -2.70 5.00 4.32
CA GLN A 91 -3.88 4.25 3.95
C GLN A 91 -4.92 5.12 3.26
N LEU A 92 -5.10 4.88 1.97
CA LEU A 92 -6.03 5.65 1.15
C LEU A 92 -7.35 4.91 1.02
N HIS A 93 -8.42 5.66 1.03
CA HIS A 93 -9.75 5.08 0.93
C HIS A 93 -10.38 5.43 -0.41
N MET A 94 -10.64 4.40 -1.20
CA MET A 94 -11.23 4.54 -2.52
C MET A 94 -12.74 4.72 -2.40
N GLY A 95 -13.43 3.70 -1.88
CA GLY A 95 -14.84 3.81 -1.60
C GLY A 95 -15.72 3.82 -2.84
N THR A 96 -15.79 4.98 -3.49
CA THR A 96 -16.66 5.16 -4.63
C THR A 96 -15.97 4.79 -5.93
N ASP A 97 -14.68 5.06 -5.99
CA ASP A 97 -13.95 5.03 -7.25
C ASP A 97 -13.33 3.66 -7.48
N ARG A 98 -14.18 2.65 -7.46
CA ARG A 98 -13.75 1.25 -7.51
C ARG A 98 -13.18 0.85 -8.88
N THR A 99 -12.97 1.83 -9.74
CA THR A 99 -12.44 1.59 -11.07
C THR A 99 -10.94 1.22 -11.02
N PHE A 100 -10.29 1.57 -9.92
CA PHE A 100 -8.86 1.31 -9.78
C PHE A 100 -8.62 -0.14 -9.40
N MET A 101 -9.41 -0.66 -8.46
CA MET A 101 -9.32 -2.07 -8.10
C MET A 101 -9.83 -2.92 -9.26
N ASP A 102 -10.69 -2.30 -10.07
CA ASP A 102 -11.19 -2.91 -11.30
C ASP A 102 -10.05 -3.08 -12.30
N ALA A 103 -9.32 -1.99 -12.54
CA ALA A 103 -8.26 -1.96 -13.55
C ALA A 103 -7.12 -2.92 -13.21
N TYR A 104 -7.04 -3.31 -11.94
CA TYR A 104 -5.97 -4.21 -11.50
C TYR A 104 -6.51 -5.59 -11.18
N LEU A 105 -7.80 -5.79 -11.40
CA LEU A 105 -8.45 -7.06 -11.13
C LEU A 105 -8.30 -7.44 -9.66
N ILE A 106 -8.15 -6.42 -8.81
CA ILE A 106 -8.02 -6.60 -7.38
C ILE A 106 -9.25 -7.28 -6.78
N ASN A 107 -9.11 -8.56 -6.53
CA ASN A 107 -10.14 -9.32 -5.84
C ASN A 107 -9.48 -10.17 -4.77
N GLY A 108 -10.21 -10.41 -3.69
CA GLY A 108 -9.64 -11.13 -2.57
C GLY A 108 -8.70 -10.26 -1.76
N ILE A 109 -9.26 -9.51 -0.83
CA ILE A 109 -8.46 -8.67 0.06
C ILE A 109 -7.67 -9.56 1.02
N PRO A 110 -6.40 -9.23 1.30
CA PRO A 110 -5.72 -8.06 0.75
C PRO A 110 -4.93 -8.34 -0.53
N ARG A 111 -4.98 -7.39 -1.46
CA ARG A 111 -4.16 -7.44 -2.66
C ARG A 111 -2.79 -6.87 -2.34
N PHE A 112 -1.77 -7.45 -2.95
CA PHE A 112 -0.38 -7.08 -2.70
C PHE A 112 0.28 -6.56 -3.99
N ILE A 113 0.69 -5.30 -3.99
CA ILE A 113 1.29 -4.67 -5.17
C ILE A 113 2.59 -3.95 -4.78
N LEU A 114 3.52 -3.89 -5.73
CA LEU A 114 4.80 -3.21 -5.51
C LEU A 114 5.08 -2.21 -6.64
N LEU A 115 5.57 -1.03 -6.28
CA LEU A 115 5.91 0.01 -7.26
C LEU A 115 7.27 0.63 -6.93
N ASP A 116 7.92 1.12 -7.97
CA ASP A 116 9.18 1.83 -7.89
C ASP A 116 8.99 3.19 -7.23
N ARG A 117 10.10 3.76 -6.74
CA ARG A 117 10.11 5.05 -6.03
C ARG A 117 9.34 6.11 -6.82
N ASP A 118 9.49 6.03 -8.13
CA ASP A 118 8.89 6.97 -9.06
C ASP A 118 7.38 6.86 -9.08
N GLY A 119 6.89 5.78 -8.49
CA GLY A 119 5.49 5.47 -8.58
C GLY A 119 5.23 4.52 -9.73
N LYS A 120 6.26 3.77 -10.12
CA LYS A 120 6.16 2.92 -11.30
C LYS A 120 6.00 1.47 -10.91
N ILE A 121 4.78 0.95 -11.08
CA ILE A 121 4.45 -0.44 -10.74
C ILE A 121 5.54 -1.41 -11.16
N ILE A 122 6.14 -2.06 -10.16
CA ILE A 122 7.16 -3.06 -10.39
C ILE A 122 6.49 -4.42 -10.54
N SER A 123 5.45 -4.65 -9.74
CA SER A 123 4.71 -5.90 -9.77
C SER A 123 3.25 -5.64 -9.42
N ALA A 124 2.34 -6.10 -10.28
CA ALA A 124 0.91 -5.95 -10.05
C ALA A 124 0.44 -6.92 -8.97
N ASN A 125 1.29 -7.90 -8.68
CA ASN A 125 1.08 -8.83 -7.59
C ASN A 125 2.43 -9.25 -7.05
N MET A 126 2.63 -9.11 -5.76
CA MET A 126 3.91 -9.44 -5.15
C MET A 126 3.84 -10.71 -4.31
N THR A 127 3.47 -10.57 -3.04
CA THR A 127 3.47 -11.68 -2.09
C THR A 127 2.27 -11.59 -1.17
N ARG A 128 2.39 -10.72 -0.18
CA ARG A 128 1.35 -10.44 0.78
C ARG A 128 1.78 -9.25 1.63
N PRO A 129 0.85 -8.34 1.97
CA PRO A 129 1.14 -7.15 2.76
C PRO A 129 2.15 -7.38 3.88
N SER A 130 1.90 -8.39 4.71
CA SER A 130 2.78 -8.67 5.84
C SER A 130 3.59 -9.94 5.63
N ASP A 131 3.83 -10.32 4.38
CA ASP A 131 4.66 -11.49 4.12
C ASP A 131 6.13 -11.15 4.40
N PRO A 132 6.75 -11.88 5.35
CA PRO A 132 8.12 -11.60 5.82
C PRO A 132 9.15 -11.58 4.70
N LYS A 133 8.95 -12.40 3.67
CA LYS A 133 9.90 -12.50 2.56
C LYS A 133 10.08 -11.13 1.93
N THR A 134 8.96 -10.47 1.68
CA THR A 134 8.95 -9.16 1.07
C THR A 134 9.67 -8.14 1.93
N ALA A 135 9.34 -8.13 3.21
CA ALA A 135 9.84 -7.13 4.13
C ALA A 135 11.36 -7.15 4.20
N GLU A 136 11.90 -8.33 4.41
CA GLU A 136 13.32 -8.47 4.60
C GLU A 136 14.03 -8.35 3.26
N LYS A 137 13.30 -8.63 2.20
CA LYS A 137 13.82 -8.37 0.87
C LYS A 137 13.99 -6.86 0.68
N PHE A 138 13.04 -6.08 1.20
CA PHE A 138 13.18 -4.63 1.22
C PHE A 138 14.46 -4.24 1.92
N ASN A 139 14.83 -4.99 2.97
CA ASN A 139 16.12 -4.79 3.63
C ASN A 139 17.25 -4.78 2.61
N GLU A 140 17.39 -5.88 1.87
CA GLU A 140 18.47 -5.97 0.87
C GLU A 140 18.31 -4.91 -0.21
N LEU A 141 17.07 -4.61 -0.57
CA LEU A 141 16.79 -3.58 -1.58
C LEU A 141 17.31 -2.21 -1.11
N LEU A 142 17.35 -2.03 0.21
CA LEU A 142 17.85 -0.79 0.79
C LEU A 142 19.34 -0.91 1.12
N GLY A 143 19.82 -2.15 1.17
CA GLY A 143 21.22 -2.40 1.51
C GLY A 143 21.39 -2.75 2.97
N LEU A 144 20.31 -3.22 3.58
CA LEU A 144 20.29 -3.52 5.00
C LEU A 144 20.72 -4.96 5.27
N GLU A 145 20.38 -5.88 4.37
CA GLU A 145 20.75 -7.29 4.57
C GLU A 145 22.25 -7.46 4.53
N GLY A 146 22.81 -7.73 5.69
CA GLY A 146 24.24 -7.91 5.81
C GLY A 146 24.67 -9.32 5.48
N HIS A 147 24.50 -9.70 4.22
CA HIS A 147 24.90 -11.03 3.77
C HIS A 147 26.41 -11.17 3.80
N HIS A 148 26.91 -11.90 4.79
CA HIS A 148 28.35 -12.09 4.95
C HIS A 148 28.68 -13.58 5.03
N HIS A 149 29.42 -14.07 4.06
CA HIS A 149 29.85 -15.46 4.05
C HIS A 149 31.11 -15.62 3.20
N HIS A 150 32.26 -15.50 3.84
CA HIS A 150 33.53 -15.67 3.14
C HIS A 150 34.58 -16.31 4.05
N HIS A 151 34.15 -16.71 5.24
CA HIS A 151 35.06 -17.38 6.17
C HIS A 151 35.13 -18.86 5.83
N HIS A 152 34.01 -19.38 5.36
CA HIS A 152 33.91 -20.76 4.91
C HIS A 152 32.56 -20.97 4.25
N MET A 1 -5.93 5.48 -21.86
CA MET A 1 -4.57 6.08 -21.73
C MET A 1 -4.67 7.39 -20.97
N SER A 2 -3.59 7.77 -20.31
CA SER A 2 -3.57 9.01 -19.55
C SER A 2 -3.03 10.15 -20.41
N LEU A 3 -3.71 11.28 -20.35
CA LEU A 3 -3.31 12.44 -21.13
C LEU A 3 -3.34 13.69 -20.26
N ARG A 4 -2.84 14.80 -20.79
CA ARG A 4 -2.73 16.03 -20.02
C ARG A 4 -4.02 16.86 -20.16
N SER A 5 -5.08 16.18 -20.56
CA SER A 5 -6.38 16.82 -20.73
C SER A 5 -7.49 15.83 -20.41
N GLY A 6 -7.18 14.85 -19.56
CA GLY A 6 -8.14 13.83 -19.24
C GLY A 6 -7.81 13.12 -17.94
N ASN A 7 -8.20 11.86 -17.84
CA ASN A 7 -8.04 11.09 -16.62
C ASN A 7 -6.63 10.51 -16.49
N PRO A 8 -6.17 10.33 -15.24
CA PRO A 8 -4.89 9.69 -14.94
C PRO A 8 -4.98 8.16 -15.00
N SER A 9 -4.09 7.48 -14.29
CA SER A 9 -4.08 6.03 -14.27
C SER A 9 -3.57 5.51 -12.94
N ALA A 10 -3.34 4.21 -12.87
CA ALA A 10 -2.87 3.57 -11.64
C ALA A 10 -1.39 3.84 -11.39
N ALA A 11 -0.79 4.68 -12.24
CA ALA A 11 0.60 5.05 -12.08
C ALA A 11 0.72 6.29 -11.21
N SER A 12 -0.38 7.03 -11.12
CA SER A 12 -0.46 8.24 -10.31
C SER A 12 -1.92 8.59 -10.03
N PHE A 13 -2.44 8.08 -8.94
CA PHE A 13 -3.84 8.32 -8.56
C PHE A 13 -3.91 9.35 -7.45
N SER A 14 -5.12 9.69 -7.04
CA SER A 14 -5.35 10.60 -5.93
C SER A 14 -6.54 10.14 -5.11
N TYR A 15 -6.31 9.85 -3.84
CA TYR A 15 -7.38 9.39 -2.95
C TYR A 15 -7.33 10.11 -1.62
N PRO A 16 -8.46 10.19 -0.92
CA PRO A 16 -8.51 10.79 0.41
C PRO A 16 -8.10 9.82 1.51
N ASP A 17 -7.11 10.24 2.29
CA ASP A 17 -6.74 9.57 3.54
C ASP A 17 -7.92 9.61 4.50
N ILE A 18 -7.89 8.76 5.52
CA ILE A 18 -8.98 8.63 6.48
C ILE A 18 -9.55 9.99 6.91
N ASN A 19 -8.64 10.93 7.20
CA ASN A 19 -9.01 12.22 7.74
C ASN A 19 -9.56 13.16 6.66
N GLY A 20 -9.78 12.62 5.47
CA GLY A 20 -10.21 13.44 4.36
C GLY A 20 -9.02 14.12 3.72
N LYS A 21 -7.86 13.51 3.87
CA LYS A 21 -6.61 14.10 3.42
C LYS A 21 -6.32 13.69 1.99
N THR A 22 -6.46 14.62 1.07
CA THR A 22 -6.22 14.36 -0.34
C THR A 22 -4.73 14.10 -0.59
N VAL A 23 -4.40 12.85 -0.87
CA VAL A 23 -3.03 12.44 -1.13
C VAL A 23 -2.95 11.77 -2.50
N SER A 24 -1.97 12.16 -3.31
CA SER A 24 -1.81 11.54 -4.61
C SER A 24 -0.64 10.57 -4.59
N LEU A 25 -0.48 9.81 -5.65
CA LEU A 25 0.64 8.91 -5.78
C LEU A 25 1.79 9.61 -6.49
N ALA A 26 1.66 10.93 -6.62
CA ALA A 26 2.64 11.72 -7.35
C ALA A 26 3.52 12.44 -6.35
N ASP A 27 2.94 12.65 -5.17
CA ASP A 27 3.61 13.27 -4.06
C ASP A 27 4.67 12.35 -3.48
N LEU A 28 4.64 11.10 -3.91
CA LEU A 28 5.45 10.06 -3.31
C LEU A 28 6.57 9.60 -4.24
N LYS A 29 6.68 10.23 -5.40
CA LYS A 29 7.75 9.88 -6.35
C LYS A 29 9.12 10.13 -5.75
N GLY A 30 10.09 9.34 -6.19
CA GLY A 30 11.44 9.48 -5.69
C GLY A 30 11.74 8.47 -4.61
N LYS A 31 10.81 7.56 -4.37
CA LYS A 31 10.98 6.53 -3.36
C LYS A 31 10.00 5.39 -3.61
N TYR A 32 10.40 4.16 -3.26
CA TYR A 32 9.60 2.97 -3.57
C TYR A 32 8.18 3.07 -3.00
N ILE A 33 7.25 2.44 -3.70
CA ILE A 33 5.83 2.49 -3.33
C ILE A 33 5.30 1.10 -3.01
N TYR A 34 4.54 0.99 -1.93
CA TYR A 34 3.84 -0.25 -1.62
C TYR A 34 2.35 0.02 -1.49
N ILE A 35 1.59 -0.51 -2.44
CA ILE A 35 0.14 -0.34 -2.43
C ILE A 35 -0.53 -1.58 -1.88
N ASP A 36 -1.23 -1.44 -0.78
CA ASP A 36 -1.97 -2.55 -0.20
C ASP A 36 -3.44 -2.21 -0.20
N VAL A 37 -4.29 -3.21 -0.15
CA VAL A 37 -5.70 -2.95 -0.04
C VAL A 37 -6.19 -3.29 1.37
N TRP A 38 -6.58 -2.27 2.10
CA TRP A 38 -6.96 -2.44 3.48
C TRP A 38 -8.46 -2.22 3.60
N ALA A 39 -9.12 -3.10 4.32
CA ALA A 39 -10.57 -3.02 4.46
C ALA A 39 -11.00 -3.52 5.83
N THR A 40 -12.23 -3.24 6.20
CA THR A 40 -12.79 -3.79 7.43
C THR A 40 -13.43 -5.14 7.16
N TRP A 41 -13.85 -5.33 5.91
CA TRP A 41 -14.48 -6.58 5.49
C TRP A 41 -13.47 -7.54 4.89
N CYS A 42 -12.20 -7.19 4.99
CA CYS A 42 -11.13 -8.08 4.53
C CYS A 42 -10.74 -9.01 5.67
N GLY A 43 -10.32 -10.22 5.32
CA GLY A 43 -9.93 -11.17 6.35
C GLY A 43 -8.44 -11.12 6.64
N PRO A 44 -7.58 -11.50 5.68
CA PRO A 44 -6.12 -11.59 5.90
C PRO A 44 -5.52 -10.28 6.41
N CYS A 45 -5.79 -9.19 5.72
CA CYS A 45 -5.20 -7.90 6.06
C CYS A 45 -5.64 -7.47 7.45
N ARG A 46 -6.92 -7.70 7.76
CA ARG A 46 -7.48 -7.36 9.05
C ARG A 46 -6.94 -8.27 10.16
N GLY A 47 -6.57 -9.49 9.80
CA GLY A 47 -6.06 -10.43 10.77
C GLY A 47 -4.61 -10.17 11.08
N GLU A 48 -3.84 -9.80 10.07
CA GLU A 48 -2.41 -9.55 10.23
C GLU A 48 -2.15 -8.08 10.59
N LEU A 49 -3.20 -7.33 10.90
CA LEU A 49 -3.07 -5.91 11.25
C LEU A 49 -1.94 -5.67 12.25
N PRO A 50 -1.92 -6.39 13.40
CA PRO A 50 -0.85 -6.23 14.40
C PRO A 50 0.55 -6.37 13.80
N ALA A 51 0.69 -7.36 12.92
CA ALA A 51 1.99 -7.65 12.32
C ALA A 51 2.27 -6.69 11.19
N LEU A 52 1.21 -6.18 10.59
CA LEU A 52 1.30 -5.18 9.54
C LEU A 52 1.84 -3.89 10.15
N LYS A 53 1.31 -3.53 11.32
CA LYS A 53 1.77 -2.35 12.05
C LYS A 53 3.25 -2.44 12.33
N GLU A 54 3.67 -3.60 12.85
CA GLU A 54 5.06 -3.90 13.09
C GLU A 54 5.92 -3.51 11.90
N LEU A 55 5.62 -4.09 10.75
CA LEU A 55 6.31 -3.78 9.51
C LEU A 55 6.17 -2.30 9.15
N GLU A 56 4.93 -1.86 9.15
CA GLU A 56 4.55 -0.48 8.82
C GLU A 56 5.46 0.55 9.48
N GLU A 57 5.52 0.55 10.81
CA GLU A 57 6.25 1.58 11.53
C GLU A 57 7.75 1.28 11.60
N LYS A 58 8.11 0.00 11.59
CA LYS A 58 9.51 -0.38 11.62
C LYS A 58 10.19 -0.01 10.31
N TYR A 59 9.45 -0.15 9.22
CA TYR A 59 9.98 0.15 7.90
C TYR A 59 9.54 1.53 7.43
N ALA A 60 8.77 2.23 8.25
CA ALA A 60 8.50 3.63 8.01
C ALA A 60 9.79 4.42 8.10
N GLY A 61 9.93 5.42 7.24
CA GLY A 61 11.13 6.24 7.26
C GLY A 61 12.27 5.62 6.46
N LYS A 62 11.97 4.58 5.71
CA LYS A 62 12.95 3.99 4.81
C LYS A 62 12.69 4.46 3.40
N ASP A 63 13.22 3.73 2.43
CA ASP A 63 13.03 4.10 1.04
C ASP A 63 11.78 3.42 0.48
N ILE A 64 10.68 3.60 1.18
CA ILE A 64 9.41 2.98 0.81
C ILE A 64 8.25 3.83 1.31
N HIS A 65 7.10 3.69 0.66
CA HIS A 65 5.89 4.35 1.09
C HIS A 65 4.77 3.33 1.27
N PHE A 66 4.33 3.15 2.51
CA PHE A 66 3.17 2.31 2.76
C PHE A 66 1.90 3.09 2.40
N VAL A 67 1.32 2.75 1.27
CA VAL A 67 0.12 3.42 0.80
C VAL A 67 -1.01 2.42 0.63
N SER A 68 -1.94 2.44 1.55
CA SER A 68 -3.03 1.50 1.53
C SER A 68 -4.29 2.13 0.92
N LEU A 69 -5.07 1.34 0.20
CA LEU A 69 -6.33 1.84 -0.38
C LEU A 69 -7.53 0.99 0.07
N SER A 70 -8.53 1.66 0.66
CA SER A 70 -9.72 0.97 1.15
C SER A 70 -10.86 1.01 0.16
N CYS A 71 -11.30 -0.16 -0.26
CA CYS A 71 -12.46 -0.26 -1.14
C CYS A 71 -13.73 -0.47 -0.30
N ASP A 72 -13.70 0.07 0.91
CA ASP A 72 -14.84 -0.01 1.81
C ASP A 72 -15.85 1.09 1.48
N LYS A 73 -17.02 0.69 1.00
CA LYS A 73 -18.06 1.65 0.66
C LYS A 73 -18.61 2.32 1.91
N ASN A 74 -18.56 1.61 3.03
CA ASN A 74 -19.05 2.13 4.29
C ASN A 74 -17.95 2.90 4.98
N LYS A 75 -17.68 4.11 4.48
CA LYS A 75 -16.58 4.92 5.00
C LYS A 75 -16.66 5.14 6.50
N LYS A 76 -17.71 5.83 6.94
CA LYS A 76 -17.87 6.15 8.36
C LYS A 76 -17.56 4.95 9.26
N ALA A 77 -18.15 3.79 8.97
CA ALA A 77 -17.92 2.58 9.77
C ALA A 77 -16.43 2.24 9.77
N TRP A 78 -15.85 2.37 8.61
CA TRP A 78 -14.45 2.07 8.41
C TRP A 78 -13.56 3.02 9.20
N GLU A 79 -13.82 4.33 9.07
CA GLU A 79 -13.11 5.34 9.83
C GLU A 79 -13.04 4.98 11.32
N ASN A 80 -14.15 4.53 11.90
CA ASN A 80 -14.16 4.19 13.31
C ASN A 80 -13.15 3.08 13.59
N MET A 81 -13.16 2.03 12.78
CA MET A 81 -12.27 0.91 13.02
C MET A 81 -10.79 1.31 12.93
N VAL A 82 -10.42 2.04 11.87
CA VAL A 82 -9.01 2.41 11.70
C VAL A 82 -8.53 3.32 12.83
N THR A 83 -9.44 4.12 13.41
CA THR A 83 -9.08 4.95 14.53
C THR A 83 -9.07 4.17 15.84
N LYS A 84 -9.77 3.04 15.89
CA LYS A 84 -9.79 2.21 17.09
C LYS A 84 -8.59 1.27 17.11
N ASP A 85 -8.27 0.76 15.93
CA ASP A 85 -7.13 -0.14 15.77
C ASP A 85 -5.83 0.65 15.72
N GLN A 86 -5.94 1.92 15.34
CA GLN A 86 -4.82 2.84 15.28
C GLN A 86 -3.82 2.46 14.21
N LEU A 87 -4.18 2.74 12.97
CA LEU A 87 -3.28 2.57 11.84
C LEU A 87 -2.75 3.93 11.40
N LYS A 88 -1.44 4.03 11.19
CA LYS A 88 -0.82 5.31 10.87
C LYS A 88 0.16 5.18 9.71
N GLY A 89 0.41 6.31 9.06
CA GLY A 89 1.22 6.32 7.86
C GLY A 89 0.46 6.98 6.73
N ILE A 90 0.45 6.35 5.57
CA ILE A 90 -0.38 6.84 4.47
C ILE A 90 -1.49 5.84 4.22
N GLN A 91 -2.71 6.21 4.57
CA GLN A 91 -3.83 5.30 4.45
C GLN A 91 -4.97 5.98 3.71
N LEU A 92 -5.15 5.63 2.46
CA LEU A 92 -6.14 6.28 1.61
C LEU A 92 -7.37 5.39 1.45
N HIS A 93 -8.50 6.02 1.25
CA HIS A 93 -9.76 5.31 1.14
C HIS A 93 -10.41 5.60 -0.22
N MET A 94 -10.61 4.54 -0.98
CA MET A 94 -11.28 4.61 -2.26
C MET A 94 -12.77 4.87 -2.07
N GLY A 95 -13.48 3.82 -1.67
CA GLY A 95 -14.92 3.89 -1.55
C GLY A 95 -15.57 2.67 -2.15
N THR A 96 -15.96 2.78 -3.40
CA THR A 96 -16.57 1.65 -4.08
C THR A 96 -16.26 1.75 -5.58
N ASP A 97 -15.17 2.43 -5.87
CA ASP A 97 -14.75 2.65 -7.24
C ASP A 97 -14.01 1.42 -7.75
N ARG A 98 -14.75 0.35 -8.01
CA ARG A 98 -14.13 -0.93 -8.36
C ARG A 98 -13.49 -0.86 -9.74
N THR A 99 -13.78 0.21 -10.46
CA THR A 99 -13.17 0.46 -11.75
C THR A 99 -11.65 0.52 -11.60
N PHE A 100 -11.20 1.09 -10.48
CA PHE A 100 -9.78 1.19 -10.20
C PHE A 100 -9.26 -0.11 -9.60
N MET A 101 -10.16 -0.87 -8.97
CA MET A 101 -9.83 -2.19 -8.45
C MET A 101 -9.34 -3.07 -9.58
N ASP A 102 -10.13 -3.14 -10.65
CA ASP A 102 -9.81 -3.98 -11.78
C ASP A 102 -8.72 -3.34 -12.64
N ALA A 103 -8.59 -2.01 -12.54
CA ALA A 103 -7.54 -1.30 -13.26
C ALA A 103 -6.16 -1.71 -12.77
N TYR A 104 -6.09 -2.15 -11.52
CA TYR A 104 -4.86 -2.68 -10.94
C TYR A 104 -4.85 -4.20 -11.04
N LEU A 105 -5.96 -4.76 -11.52
CA LEU A 105 -6.18 -6.20 -11.52
C LEU A 105 -6.11 -6.75 -10.10
N ILE A 106 -6.54 -5.93 -9.14
CA ILE A 106 -6.52 -6.28 -7.74
C ILE A 106 -7.95 -6.38 -7.19
N ASN A 107 -8.87 -6.79 -8.06
CA ASN A 107 -10.28 -6.91 -7.72
C ASN A 107 -10.49 -7.84 -6.51
N GLY A 108 -9.60 -8.81 -6.35
CA GLY A 108 -9.64 -9.65 -5.17
C GLY A 108 -8.80 -9.08 -4.05
N ILE A 109 -9.46 -8.60 -3.00
CA ILE A 109 -8.77 -7.97 -1.88
C ILE A 109 -8.66 -8.94 -0.71
N PRO A 110 -7.64 -8.76 0.15
CA PRO A 110 -6.65 -7.69 0.04
C PRO A 110 -5.61 -7.99 -1.03
N ARG A 111 -5.04 -6.95 -1.62
CA ARG A 111 -4.06 -7.12 -2.67
C ARG A 111 -2.77 -6.39 -2.33
N PHE A 112 -1.67 -7.07 -2.61
CA PHE A 112 -0.33 -6.60 -2.31
C PHE A 112 0.37 -6.15 -3.59
N ILE A 113 0.68 -4.86 -3.68
CA ILE A 113 1.32 -4.30 -4.86
C ILE A 113 2.62 -3.59 -4.48
N LEU A 114 3.62 -3.72 -5.34
CA LEU A 114 4.89 -3.05 -5.12
C LEU A 114 5.29 -2.29 -6.38
N LEU A 115 5.76 -1.05 -6.21
CA LEU A 115 6.10 -0.20 -7.33
C LEU A 115 7.47 0.45 -7.11
N ASP A 116 8.13 0.77 -8.21
CA ASP A 116 9.42 1.45 -8.18
C ASP A 116 9.25 2.87 -7.69
N ARG A 117 10.38 3.50 -7.35
CA ARG A 117 10.44 4.85 -6.78
C ARG A 117 9.63 5.86 -7.60
N ASP A 118 9.47 5.60 -8.88
CA ASP A 118 8.73 6.50 -9.77
C ASP A 118 7.24 6.24 -9.69
N GLY A 119 6.86 5.28 -8.88
CA GLY A 119 5.50 4.81 -8.88
C GLY A 119 5.28 3.84 -10.01
N LYS A 120 6.37 3.23 -10.47
CA LYS A 120 6.28 2.30 -11.59
C LYS A 120 6.01 0.88 -11.11
N ILE A 121 4.78 0.43 -11.33
CA ILE A 121 4.36 -0.92 -10.93
C ILE A 121 5.40 -1.96 -11.25
N ILE A 122 5.90 -2.58 -10.20
CA ILE A 122 6.86 -3.65 -10.30
C ILE A 122 6.15 -4.98 -10.19
N SER A 123 5.33 -5.11 -9.15
CA SER A 123 4.56 -6.30 -8.92
C SER A 123 3.10 -5.95 -8.69
N ALA A 124 2.23 -6.37 -9.61
CA ALA A 124 0.79 -6.21 -9.43
C ALA A 124 0.31 -7.11 -8.29
N ASN A 125 1.13 -8.10 -8.00
CA ASN A 125 0.95 -8.95 -6.84
C ASN A 125 2.32 -9.26 -6.26
N MET A 126 2.51 -8.91 -5.00
CA MET A 126 3.80 -9.09 -4.35
C MET A 126 3.87 -10.42 -3.63
N THR A 127 3.29 -10.49 -2.43
CA THR A 127 3.29 -11.71 -1.65
C THR A 127 2.11 -11.72 -0.68
N ARG A 128 2.12 -10.76 0.24
CA ARG A 128 1.10 -10.67 1.28
C ARG A 128 1.41 -9.45 2.15
N PRO A 129 0.36 -8.73 2.61
CA PRO A 129 0.51 -7.51 3.43
C PRO A 129 1.57 -7.66 4.52
N SER A 130 1.50 -8.74 5.28
CA SER A 130 2.43 -8.94 6.38
C SER A 130 3.36 -10.12 6.11
N ASP A 131 3.66 -10.39 4.84
CA ASP A 131 4.54 -11.50 4.51
C ASP A 131 6.00 -11.06 4.58
N PRO A 132 6.85 -11.91 5.18
CA PRO A 132 8.29 -11.66 5.27
C PRO A 132 8.92 -11.25 3.94
N LYS A 133 8.47 -11.86 2.84
CA LYS A 133 9.03 -11.59 1.51
C LYS A 133 8.97 -10.11 1.16
N THR A 134 7.89 -9.45 1.58
CA THR A 134 7.73 -8.03 1.36
C THR A 134 8.82 -7.26 2.13
N ALA A 135 8.94 -7.58 3.42
CA ALA A 135 9.95 -6.99 4.29
C ALA A 135 11.37 -7.31 3.81
N GLU A 136 11.57 -8.56 3.38
CA GLU A 136 12.83 -9.01 2.82
C GLU A 136 13.27 -8.10 1.69
N LYS A 137 12.36 -7.91 0.76
CA LYS A 137 12.55 -7.00 -0.36
C LYS A 137 13.06 -5.63 0.13
N PHE A 138 12.43 -5.09 1.17
CA PHE A 138 12.86 -3.80 1.73
C PHE A 138 14.27 -3.91 2.29
N ASN A 139 14.46 -4.90 3.16
CA ASN A 139 15.76 -5.14 3.78
C ASN A 139 16.86 -5.22 2.74
N GLU A 140 16.62 -6.04 1.72
CA GLU A 140 17.54 -6.22 0.60
C GLU A 140 17.99 -4.88 0.03
N LEU A 141 17.04 -4.03 -0.36
CA LEU A 141 17.39 -2.77 -1.03
C LEU A 141 18.08 -1.80 -0.06
N LEU A 142 17.92 -2.03 1.23
CA LEU A 142 18.64 -1.26 2.24
C LEU A 142 20.05 -1.83 2.45
N GLY A 143 20.25 -3.06 1.99
CA GLY A 143 21.53 -3.72 2.16
C GLY A 143 21.55 -4.58 3.41
N LEU A 144 20.38 -4.73 4.02
CA LEU A 144 20.24 -5.51 5.23
C LEU A 144 19.92 -6.96 4.90
N GLU A 145 18.90 -7.15 4.06
CA GLU A 145 18.43 -8.46 3.60
C GLU A 145 17.99 -9.35 4.75
N GLY A 146 18.98 -9.88 5.42
CA GLY A 146 18.80 -10.89 6.43
C GLY A 146 19.97 -11.85 6.40
N HIS A 147 21.10 -11.35 5.89
CA HIS A 147 22.31 -12.15 5.73
C HIS A 147 22.77 -12.73 7.07
N HIS A 148 22.78 -14.05 7.14
CA HIS A 148 23.18 -14.75 8.34
C HIS A 148 24.60 -15.28 8.18
N HIS A 149 25.21 -14.97 7.05
CA HIS A 149 26.56 -15.42 6.75
C HIS A 149 27.43 -14.29 6.21
N HIS A 150 28.68 -14.30 6.63
CA HIS A 150 29.71 -13.41 6.11
C HIS A 150 29.42 -11.94 6.45
N HIS A 151 28.86 -11.21 5.48
CA HIS A 151 28.68 -9.77 5.59
C HIS A 151 28.21 -9.21 4.25
N HIS A 152 27.36 -8.19 4.31
CA HIS A 152 27.00 -7.41 3.14
C HIS A 152 27.58 -6.01 3.30
N MET A 1 -9.56 6.47 -19.47
CA MET A 1 -9.45 7.89 -19.06
C MET A 1 -8.00 8.31 -18.99
N SER A 2 -7.75 9.58 -19.30
CA SER A 2 -6.43 10.19 -19.17
C SER A 2 -5.41 9.63 -20.16
N LEU A 3 -4.91 8.43 -19.91
CA LEU A 3 -3.92 7.83 -20.80
C LEU A 3 -4.61 7.15 -21.98
N ARG A 4 -4.44 7.76 -23.15
CA ARG A 4 -5.03 7.28 -24.40
C ARG A 4 -6.54 7.48 -24.38
N SER A 5 -7.23 6.92 -25.36
CA SER A 5 -8.68 6.94 -25.39
C SER A 5 -9.20 5.52 -25.17
N GLY A 6 -9.50 5.19 -23.92
CA GLY A 6 -9.97 3.87 -23.60
C GLY A 6 -9.96 3.58 -22.11
N ASN A 7 -9.50 2.39 -21.74
CA ASN A 7 -9.55 1.94 -20.36
C ASN A 7 -8.55 2.70 -19.48
N PRO A 8 -8.90 2.87 -18.19
CA PRO A 8 -8.03 3.49 -17.20
C PRO A 8 -6.92 2.54 -16.77
N SER A 9 -5.90 3.08 -16.10
CA SER A 9 -4.78 2.28 -15.61
C SER A 9 -4.11 2.97 -14.44
N ALA A 10 -3.13 2.30 -13.85
CA ALA A 10 -2.38 2.84 -12.73
C ALA A 10 -1.36 3.87 -13.21
N ALA A 11 -1.86 5.04 -13.54
CA ALA A 11 -1.03 6.13 -14.02
C ALA A 11 -1.48 7.45 -13.40
N SER A 12 -0.76 7.86 -12.37
CA SER A 12 -1.04 9.10 -11.65
C SER A 12 -2.40 9.06 -10.96
N PHE A 13 -2.43 8.42 -9.80
CA PHE A 13 -3.64 8.33 -9.01
C PHE A 13 -3.65 9.42 -7.94
N SER A 14 -4.84 9.80 -7.49
CA SER A 14 -4.99 10.78 -6.45
C SER A 14 -6.15 10.41 -5.53
N TYR A 15 -5.83 10.06 -4.29
CA TYR A 15 -6.84 9.60 -3.34
C TYR A 15 -6.65 10.24 -1.97
N PRO A 16 -7.75 10.44 -1.23
CA PRO A 16 -7.71 11.04 0.10
C PRO A 16 -7.45 10.02 1.21
N ASP A 17 -6.50 10.36 2.07
CA ASP A 17 -6.26 9.63 3.30
C ASP A 17 -7.44 9.85 4.23
N ILE A 18 -7.67 8.89 5.14
CA ILE A 18 -8.78 8.96 6.11
C ILE A 18 -8.76 10.28 6.87
N ASN A 19 -7.57 10.81 7.12
CA ASN A 19 -7.41 12.08 7.82
C ASN A 19 -7.74 13.26 6.90
N GLY A 20 -8.07 12.94 5.66
CA GLY A 20 -8.40 13.96 4.68
C GLY A 20 -7.18 14.50 3.99
N LYS A 21 -6.25 13.62 3.63
CA LYS A 21 -5.02 14.06 2.97
C LYS A 21 -5.02 13.68 1.49
N THR A 22 -4.86 14.67 0.63
CA THR A 22 -4.68 14.41 -0.78
C THR A 22 -3.36 13.69 -1.02
N VAL A 23 -3.44 12.40 -1.34
CA VAL A 23 -2.26 11.61 -1.64
C VAL A 23 -2.29 11.14 -3.08
N SER A 24 -1.32 11.57 -3.85
CA SER A 24 -1.26 11.23 -5.25
C SER A 24 0.07 10.55 -5.57
N LEU A 25 0.27 10.15 -6.83
CA LEU A 25 1.49 9.48 -7.23
C LEU A 25 2.73 10.31 -6.90
N ALA A 26 2.65 11.61 -7.14
CA ALA A 26 3.77 12.51 -6.90
C ALA A 26 3.86 12.94 -5.43
N ASP A 27 3.17 12.22 -4.56
CA ASP A 27 3.21 12.50 -3.13
C ASP A 27 4.13 11.47 -2.48
N LEU A 28 4.37 10.41 -3.24
CA LEU A 28 5.21 9.33 -2.79
C LEU A 28 6.44 9.20 -3.69
N LYS A 29 6.34 9.75 -4.90
CA LYS A 29 7.36 9.61 -5.91
C LYS A 29 8.68 10.22 -5.46
N GLY A 30 9.75 9.45 -5.63
CA GLY A 30 11.06 9.84 -5.13
C GLY A 30 11.59 8.81 -4.15
N LYS A 31 10.72 7.88 -3.81
CA LYS A 31 11.05 6.82 -2.86
C LYS A 31 10.13 5.63 -3.13
N TYR A 32 10.56 4.42 -2.76
CA TYR A 32 9.79 3.21 -3.10
C TYR A 32 8.38 3.26 -2.51
N ILE A 33 7.44 2.67 -3.22
CA ILE A 33 6.04 2.72 -2.82
C ILE A 33 5.47 1.31 -2.70
N TYR A 34 4.74 1.07 -1.63
CA TYR A 34 4.03 -0.18 -1.47
C TYR A 34 2.55 0.10 -1.31
N ILE A 35 1.72 -0.59 -2.08
CA ILE A 35 0.28 -0.40 -2.00
C ILE A 35 -0.40 -1.67 -1.50
N ASP A 36 -0.92 -1.57 -0.29
CA ASP A 36 -1.69 -2.67 0.29
C ASP A 36 -3.15 -2.25 0.37
N VAL A 37 -4.06 -3.19 0.47
CA VAL A 37 -5.46 -2.86 0.63
C VAL A 37 -5.91 -3.05 2.06
N TRP A 38 -6.50 -2.01 2.63
CA TRP A 38 -7.02 -2.08 4.00
C TRP A 38 -8.55 -1.97 3.96
N ALA A 39 -9.23 -2.88 4.64
CA ALA A 39 -10.70 -2.89 4.66
C ALA A 39 -11.22 -3.46 5.98
N THR A 40 -12.51 -3.29 6.23
CA THR A 40 -13.12 -3.91 7.40
C THR A 40 -14.05 -5.06 6.99
N TRP A 41 -14.71 -4.94 5.82
CA TRP A 41 -15.57 -6.02 5.36
C TRP A 41 -14.76 -7.20 4.85
N CYS A 42 -13.45 -6.99 4.72
CA CYS A 42 -12.55 -8.02 4.24
C CYS A 42 -12.53 -9.21 5.20
N GLY A 43 -12.18 -8.96 6.46
CA GLY A 43 -12.05 -10.04 7.41
C GLY A 43 -10.61 -10.34 7.77
N PRO A 44 -9.90 -11.18 6.97
CA PRO A 44 -8.50 -11.52 7.21
C PRO A 44 -7.60 -10.30 7.35
N CYS A 45 -7.99 -9.21 6.68
CA CYS A 45 -7.26 -7.95 6.78
C CYS A 45 -7.10 -7.51 8.23
N ARG A 46 -8.04 -7.90 9.09
CA ARG A 46 -7.97 -7.54 10.49
C ARG A 46 -7.07 -8.51 11.26
N GLY A 47 -6.96 -9.73 10.75
CA GLY A 47 -6.14 -10.73 11.40
C GLY A 47 -4.67 -10.55 11.08
N GLU A 48 -4.40 -10.15 9.86
CA GLU A 48 -3.04 -9.89 9.41
C GLU A 48 -2.67 -8.44 9.67
N LEU A 49 -3.53 -7.74 10.40
CA LEU A 49 -3.35 -6.35 10.69
C LEU A 49 -2.17 -6.10 11.62
N PRO A 50 -2.02 -6.88 12.72
CA PRO A 50 -0.82 -6.83 13.55
C PRO A 50 0.43 -7.11 12.73
N ALA A 51 0.25 -7.79 11.60
CA ALA A 51 1.37 -8.13 10.73
C ALA A 51 1.67 -6.96 9.82
N LEU A 52 0.60 -6.24 9.49
CA LEU A 52 0.69 -5.07 8.65
C LEU A 52 1.39 -3.96 9.44
N LYS A 53 0.93 -3.76 10.67
CA LYS A 53 1.51 -2.75 11.54
C LYS A 53 2.99 -3.02 11.78
N GLU A 54 3.31 -4.26 12.13
CA GLU A 54 4.70 -4.69 12.30
C GLU A 54 5.58 -4.22 11.15
N LEU A 55 5.20 -4.58 9.95
CA LEU A 55 5.99 -4.22 8.77
C LEU A 55 5.96 -2.71 8.52
N GLU A 56 4.76 -2.14 8.56
CA GLU A 56 4.56 -0.74 8.26
C GLU A 56 5.35 0.16 9.22
N GLU A 57 5.14 -0.03 10.51
CA GLU A 57 5.75 0.83 11.51
C GLU A 57 7.26 0.61 11.59
N LYS A 58 7.69 -0.61 11.31
CA LYS A 58 9.11 -0.95 11.34
C LYS A 58 9.84 -0.27 10.19
N TYR A 59 9.22 -0.27 9.01
CA TYR A 59 9.85 0.28 7.82
C TYR A 59 9.33 1.67 7.52
N ALA A 60 8.54 2.22 8.43
CA ALA A 60 8.09 3.60 8.33
C ALA A 60 9.28 4.54 8.44
N GLY A 61 9.31 5.54 7.59
CA GLY A 61 10.39 6.50 7.62
C GLY A 61 11.63 6.01 6.88
N LYS A 62 11.54 4.82 6.30
CA LYS A 62 12.63 4.29 5.51
C LYS A 62 12.46 4.72 4.07
N ASP A 63 13.01 3.93 3.15
CA ASP A 63 12.88 4.24 1.73
C ASP A 63 11.71 3.47 1.13
N ILE A 64 10.58 3.51 1.83
CA ILE A 64 9.38 2.86 1.36
C ILE A 64 8.16 3.55 1.96
N HIS A 65 7.16 3.80 1.14
CA HIS A 65 5.91 4.38 1.59
C HIS A 65 4.84 3.32 1.66
N PHE A 66 4.37 3.01 2.85
CA PHE A 66 3.23 2.11 3.00
C PHE A 66 1.94 2.88 2.71
N VAL A 67 1.38 2.64 1.54
CA VAL A 67 0.18 3.32 1.12
C VAL A 67 -0.95 2.32 0.93
N SER A 68 -1.85 2.30 1.88
CA SER A 68 -2.98 1.40 1.83
C SER A 68 -4.15 2.04 1.07
N LEU A 69 -4.91 1.23 0.36
CA LEU A 69 -6.09 1.69 -0.35
C LEU A 69 -7.30 0.89 0.08
N SER A 70 -8.35 1.58 0.50
CA SER A 70 -9.51 0.91 1.06
C SER A 70 -10.67 0.88 0.08
N CYS A 71 -10.94 -0.31 -0.41
CA CYS A 71 -12.14 -0.57 -1.18
C CYS A 71 -13.33 -0.80 -0.24
N ASP A 72 -13.27 -0.25 0.98
CA ASP A 72 -14.35 -0.45 1.92
C ASP A 72 -15.57 0.34 1.51
N LYS A 73 -16.69 -0.33 1.45
CA LYS A 73 -17.92 0.31 1.02
C LYS A 73 -18.63 0.95 2.20
N ASN A 74 -18.17 0.64 3.42
CA ASN A 74 -18.82 1.14 4.60
C ASN A 74 -17.98 2.24 5.19
N LYS A 75 -17.76 3.29 4.41
CA LYS A 75 -16.80 4.33 4.77
C LYS A 75 -16.94 4.78 6.21
N LYS A 76 -18.16 5.15 6.60
CA LYS A 76 -18.42 5.61 7.95
C LYS A 76 -17.81 4.64 8.97
N ALA A 77 -18.17 3.36 8.85
CA ALA A 77 -17.68 2.33 9.75
C ALA A 77 -16.18 2.23 9.67
N TRP A 78 -15.67 2.35 8.45
CA TRP A 78 -14.26 2.27 8.20
C TRP A 78 -13.47 3.37 8.92
N GLU A 79 -13.79 4.64 8.64
CA GLU A 79 -13.05 5.77 9.21
C GLU A 79 -12.92 5.68 10.73
N ASN A 80 -14.02 5.42 11.42
CA ASN A 80 -13.93 5.38 12.88
C ASN A 80 -13.17 4.14 13.34
N MET A 81 -13.23 3.06 12.56
CA MET A 81 -12.49 1.84 12.90
C MET A 81 -10.99 2.06 12.77
N VAL A 82 -10.53 2.64 11.67
CA VAL A 82 -9.09 2.90 11.51
C VAL A 82 -8.58 3.78 12.65
N THR A 83 -9.41 4.74 13.04
CA THR A 83 -9.08 5.63 14.16
C THR A 83 -9.05 4.84 15.48
N LYS A 84 -9.90 3.84 15.58
CA LYS A 84 -10.02 3.05 16.80
C LYS A 84 -8.91 1.99 16.88
N ASP A 85 -8.76 1.24 15.80
CA ASP A 85 -7.84 0.10 15.77
C ASP A 85 -6.41 0.54 15.45
N GLN A 86 -6.21 1.86 15.40
CA GLN A 86 -4.88 2.47 15.30
C GLN A 86 -4.17 2.12 13.98
N LEU A 87 -4.90 2.13 12.87
CA LEU A 87 -4.29 1.90 11.58
C LEU A 87 -3.68 3.19 11.03
N LYS A 88 -2.48 3.53 11.48
CA LYS A 88 -1.82 4.74 11.03
C LYS A 88 -0.86 4.46 9.87
N GLY A 89 -0.33 5.53 9.29
CA GLY A 89 0.53 5.40 8.12
C GLY A 89 0.03 6.30 7.00
N ILE A 90 0.07 5.81 5.77
CA ILE A 90 -0.61 6.49 4.68
C ILE A 90 -1.78 5.61 4.24
N GLN A 91 -2.98 6.06 4.53
CA GLN A 91 -4.14 5.20 4.41
C GLN A 91 -5.23 5.87 3.56
N LEU A 92 -5.32 5.49 2.30
CA LEU A 92 -6.27 6.10 1.38
C LEU A 92 -7.52 5.25 1.27
N HIS A 93 -8.67 5.90 1.20
CA HIS A 93 -9.93 5.17 1.06
C HIS A 93 -10.59 5.48 -0.29
N MET A 94 -10.79 4.44 -1.09
CA MET A 94 -11.47 4.55 -2.36
C MET A 94 -12.97 4.63 -2.15
N GLY A 95 -13.49 3.62 -1.47
CA GLY A 95 -14.90 3.58 -1.22
C GLY A 95 -15.57 2.46 -1.97
N THR A 96 -16.49 2.82 -2.83
CA THR A 96 -17.29 1.84 -3.54
C THR A 96 -16.91 1.82 -5.03
N ASP A 97 -15.72 2.30 -5.37
CA ASP A 97 -15.31 2.31 -6.77
C ASP A 97 -14.58 1.02 -7.09
N ARG A 98 -14.93 0.40 -8.21
CA ARG A 98 -14.23 -0.80 -8.63
C ARG A 98 -13.46 -0.55 -9.91
N THR A 99 -13.46 0.70 -10.35
CA THR A 99 -12.78 1.07 -11.57
C THR A 99 -11.27 0.99 -11.39
N PHE A 100 -10.78 1.42 -10.23
CA PHE A 100 -9.36 1.46 -9.97
C PHE A 100 -8.83 0.09 -9.55
N MET A 101 -9.67 -0.71 -8.88
CA MET A 101 -9.25 -2.04 -8.48
C MET A 101 -9.24 -2.95 -9.70
N ASP A 102 -9.98 -2.55 -10.72
CA ASP A 102 -9.96 -3.20 -12.03
C ASP A 102 -8.61 -2.99 -12.69
N ALA A 103 -8.12 -1.75 -12.60
CA ALA A 103 -6.86 -1.38 -13.24
C ALA A 103 -5.68 -2.13 -12.64
N TYR A 104 -5.88 -2.71 -11.46
CA TYR A 104 -4.84 -3.49 -10.80
C TYR A 104 -5.16 -4.99 -10.83
N LEU A 105 -6.32 -5.32 -11.39
CA LEU A 105 -6.79 -6.70 -11.43
C LEU A 105 -6.85 -7.30 -10.03
N ILE A 106 -7.24 -6.48 -9.06
CA ILE A 106 -7.37 -6.92 -7.68
C ILE A 106 -8.39 -8.05 -7.57
N ASN A 107 -7.88 -9.26 -7.35
CA ASN A 107 -8.72 -10.44 -7.19
C ASN A 107 -9.40 -10.41 -5.84
N GLY A 108 -8.58 -10.53 -4.81
CA GLY A 108 -9.08 -10.50 -3.45
C GLY A 108 -8.22 -9.62 -2.58
N ILE A 109 -8.85 -8.96 -1.63
CA ILE A 109 -8.14 -8.08 -0.72
C ILE A 109 -7.90 -8.78 0.62
N PRO A 110 -6.86 -8.39 1.38
CA PRO A 110 -5.93 -7.32 1.00
C PRO A 110 -5.03 -7.67 -0.18
N ARG A 111 -4.96 -6.75 -1.15
CA ARG A 111 -4.06 -6.89 -2.29
C ARG A 111 -2.66 -6.43 -1.89
N PHE A 112 -1.67 -6.87 -2.66
CA PHE A 112 -0.28 -6.58 -2.39
C PHE A 112 0.40 -6.06 -3.65
N ILE A 113 0.82 -4.80 -3.64
CA ILE A 113 1.41 -4.16 -4.81
C ILE A 113 2.68 -3.40 -4.45
N LEU A 114 3.66 -3.44 -5.34
CA LEU A 114 4.91 -2.73 -5.13
C LEU A 114 5.23 -1.84 -6.32
N LEU A 115 5.74 -0.65 -6.07
CA LEU A 115 6.12 0.28 -7.12
C LEU A 115 7.50 0.85 -6.84
N ASP A 116 8.20 1.17 -7.92
CA ASP A 116 9.53 1.76 -7.86
C ASP A 116 9.46 3.18 -7.34
N ARG A 117 10.63 3.71 -6.94
CA ARG A 117 10.75 5.06 -6.39
C ARG A 117 10.04 6.11 -7.24
N ASP A 118 10.10 5.96 -8.56
CA ASP A 118 9.47 6.93 -9.47
C ASP A 118 7.98 6.68 -9.60
N GLY A 119 7.45 5.81 -8.76
CA GLY A 119 6.05 5.45 -8.84
C GLY A 119 5.81 4.45 -9.95
N LYS A 120 6.82 3.65 -10.25
CA LYS A 120 6.73 2.72 -11.37
C LYS A 120 6.38 1.32 -10.89
N ILE A 121 5.13 0.94 -11.09
CA ILE A 121 4.63 -0.38 -10.65
C ILE A 121 5.63 -1.49 -10.97
N ILE A 122 6.21 -2.04 -9.91
CA ILE A 122 7.16 -3.13 -10.03
C ILE A 122 6.41 -4.45 -10.10
N SER A 123 5.38 -4.57 -9.27
CA SER A 123 4.57 -5.76 -9.22
C SER A 123 3.15 -5.43 -8.83
N ALA A 124 2.22 -5.67 -9.75
CA ALA A 124 0.80 -5.49 -9.46
C ALA A 124 0.31 -6.56 -8.48
N ASN A 125 1.12 -7.60 -8.33
CA ASN A 125 0.87 -8.64 -7.35
C ASN A 125 2.19 -9.06 -6.68
N MET A 126 2.41 -8.58 -5.47
CA MET A 126 3.61 -8.92 -4.72
C MET A 126 3.25 -9.89 -3.58
N THR A 127 3.76 -9.62 -2.39
CA THR A 127 3.45 -10.41 -1.23
C THR A 127 2.88 -9.54 -0.12
N ARG A 128 1.85 -10.02 0.55
CA ARG A 128 1.26 -9.30 1.67
C ARG A 128 2.23 -9.26 2.84
N PRO A 129 2.22 -8.18 3.66
CA PRO A 129 3.06 -8.03 4.86
C PRO A 129 3.15 -9.29 5.72
N SER A 130 2.14 -10.14 5.64
CA SER A 130 2.10 -11.40 6.38
C SER A 130 3.31 -12.29 6.05
N ASP A 131 3.86 -12.11 4.85
CA ASP A 131 5.03 -12.88 4.41
C ASP A 131 6.30 -12.06 4.61
N PRO A 132 7.28 -12.61 5.35
CA PRO A 132 8.55 -11.91 5.65
C PRO A 132 9.37 -11.54 4.41
N LYS A 133 9.07 -12.17 3.28
CA LYS A 133 9.78 -11.88 2.03
C LYS A 133 9.63 -10.41 1.67
N THR A 134 8.57 -9.80 2.17
CA THR A 134 8.35 -8.38 1.99
C THR A 134 9.52 -7.58 2.56
N ALA A 135 9.77 -7.76 3.84
CA ALA A 135 10.82 -7.05 4.56
C ALA A 135 12.18 -7.28 3.90
N GLU A 136 12.45 -8.54 3.60
CA GLU A 136 13.71 -8.94 2.98
C GLU A 136 13.92 -8.20 1.66
N LYS A 137 12.85 -8.04 0.90
CA LYS A 137 12.93 -7.37 -0.38
C LYS A 137 13.09 -5.86 -0.20
N PHE A 138 12.47 -5.31 0.85
CA PHE A 138 12.61 -3.88 1.12
C PHE A 138 14.06 -3.56 1.46
N ASN A 139 14.68 -4.46 2.24
CA ASN A 139 16.09 -4.34 2.56
C ASN A 139 16.91 -4.32 1.27
N GLU A 140 16.58 -5.23 0.36
CA GLU A 140 17.24 -5.30 -0.93
C GLU A 140 17.04 -4.01 -1.73
N LEU A 141 15.79 -3.54 -1.78
CA LEU A 141 15.43 -2.32 -2.50
C LEU A 141 16.24 -1.11 -2.02
N LEU A 142 16.35 -0.97 -0.71
CA LEU A 142 17.09 0.14 -0.11
C LEU A 142 18.58 0.00 -0.39
N GLY A 143 19.01 -1.23 -0.66
CA GLY A 143 20.41 -1.49 -0.87
C GLY A 143 21.09 -1.95 0.40
N LEU A 144 20.30 -2.50 1.31
CA LEU A 144 20.82 -3.07 2.53
C LEU A 144 21.31 -4.46 2.23
N GLU A 145 20.38 -5.36 1.94
CA GLU A 145 20.72 -6.70 1.49
C GLU A 145 21.28 -6.66 0.09
N GLY A 146 20.94 -5.60 -0.59
CA GLY A 146 21.61 -5.25 -1.83
C GLY A 146 23.01 -4.75 -1.53
N HIS A 147 23.85 -5.64 -0.99
CA HIS A 147 25.19 -5.29 -0.53
C HIS A 147 26.14 -5.09 -1.72
N HIS A 148 25.68 -4.37 -2.74
CA HIS A 148 26.44 -4.23 -3.99
C HIS A 148 27.56 -3.20 -3.88
N HIS A 149 28.35 -3.30 -2.82
CA HIS A 149 29.52 -2.43 -2.63
C HIS A 149 30.42 -2.96 -1.53
N HIS A 150 31.58 -2.32 -1.35
CA HIS A 150 32.53 -2.64 -0.29
C HIS A 150 33.15 -4.02 -0.50
N HIS A 151 33.14 -4.50 -1.73
CA HIS A 151 33.76 -5.78 -2.06
C HIS A 151 33.88 -5.93 -3.57
N HIS A 152 34.30 -7.09 -4.02
CA HIS A 152 34.44 -7.36 -5.44
C HIS A 152 33.26 -8.19 -5.93
N MET A 1 0.72 7.22 -28.19
CA MET A 1 1.29 5.97 -27.62
C MET A 1 0.85 5.78 -26.17
N SER A 2 -0.08 6.62 -25.73
CA SER A 2 -0.56 6.55 -24.36
C SER A 2 -1.96 7.13 -24.26
N LEU A 3 -2.54 7.11 -23.07
CA LEU A 3 -3.86 7.70 -22.85
C LEU A 3 -3.74 9.22 -22.89
N ARG A 4 -4.07 9.79 -24.04
CA ARG A 4 -3.92 11.22 -24.27
C ARG A 4 -4.81 12.03 -23.32
N SER A 5 -6.00 11.51 -23.06
CA SER A 5 -6.93 12.18 -22.17
C SER A 5 -7.09 11.39 -20.88
N GLY A 6 -6.43 11.87 -19.83
CA GLY A 6 -6.55 11.23 -18.53
C GLY A 6 -5.25 10.57 -18.08
N ASN A 7 -4.56 9.95 -19.03
CA ASN A 7 -3.32 9.20 -18.75
C ASN A 7 -3.63 7.95 -17.94
N PRO A 8 -2.70 6.97 -17.90
CA PRO A 8 -2.86 5.78 -17.08
C PRO A 8 -3.08 6.13 -15.62
N SER A 9 -4.29 5.88 -15.15
CA SER A 9 -4.70 6.31 -13.81
C SER A 9 -3.99 5.53 -12.71
N ALA A 10 -3.25 4.54 -13.13
CA ALA A 10 -2.48 3.71 -12.22
C ALA A 10 -1.21 4.44 -11.81
N ALA A 11 -0.93 5.53 -12.51
CA ALA A 11 0.27 6.32 -12.26
C ALA A 11 -0.09 7.79 -12.07
N SER A 12 -1.38 8.05 -11.89
CA SER A 12 -1.86 9.42 -11.71
C SER A 12 -3.01 9.46 -10.70
N PHE A 13 -3.12 8.40 -9.91
CA PHE A 13 -4.21 8.29 -8.95
C PHE A 13 -3.99 9.22 -7.76
N SER A 14 -5.09 9.68 -7.18
CA SER A 14 -5.06 10.52 -6.00
C SER A 14 -6.21 10.14 -5.08
N TYR A 15 -5.88 9.68 -3.89
CA TYR A 15 -6.91 9.22 -2.95
C TYR A 15 -6.74 9.87 -1.59
N PRO A 16 -7.86 10.14 -0.90
CA PRO A 16 -7.84 10.78 0.40
C PRO A 16 -7.42 9.85 1.54
N ASP A 17 -6.40 10.29 2.27
CA ASP A 17 -6.01 9.67 3.54
C ASP A 17 -7.15 9.86 4.53
N ILE A 18 -7.18 9.01 5.55
CA ILE A 18 -8.29 8.98 6.50
C ILE A 18 -8.60 10.39 7.04
N ASN A 19 -7.54 11.16 7.30
CA ASN A 19 -7.66 12.48 7.91
C ASN A 19 -8.18 13.51 6.91
N GLY A 20 -8.51 13.06 5.71
CA GLY A 20 -8.94 13.96 4.67
C GLY A 20 -7.76 14.60 3.97
N LYS A 21 -6.71 13.82 3.78
CA LYS A 21 -5.50 14.32 3.16
C LYS A 21 -5.31 13.71 1.79
N THR A 22 -5.25 14.55 0.78
CA THR A 22 -5.14 14.07 -0.59
C THR A 22 -3.76 13.46 -0.85
N VAL A 23 -3.70 12.14 -0.84
CA VAL A 23 -2.47 11.42 -1.16
C VAL A 23 -2.46 11.10 -2.65
N SER A 24 -1.60 11.76 -3.38
CA SER A 24 -1.53 11.56 -4.81
C SER A 24 -0.29 10.77 -5.17
N LEU A 25 -0.15 10.45 -6.44
CA LEU A 25 1.05 9.76 -6.93
C LEU A 25 2.29 10.60 -6.62
N ALA A 26 2.14 11.92 -6.65
CA ALA A 26 3.25 12.83 -6.40
C ALA A 26 3.62 12.89 -4.92
N ASP A 27 2.64 12.60 -4.06
CA ASP A 27 2.85 12.62 -2.60
C ASP A 27 3.77 11.48 -2.18
N LEU A 28 3.68 10.38 -2.90
CA LEU A 28 4.47 9.20 -2.60
C LEU A 28 5.68 9.10 -3.52
N LYS A 29 5.71 9.96 -4.52
CA LYS A 29 6.70 9.92 -5.57
C LYS A 29 8.07 10.34 -5.04
N GLY A 30 9.10 9.62 -5.46
CA GLY A 30 10.44 9.89 -4.98
C GLY A 30 10.91 8.79 -4.06
N LYS A 31 10.03 7.84 -3.80
CA LYS A 31 10.35 6.71 -2.92
C LYS A 31 9.47 5.52 -3.29
N TYR A 32 9.98 4.31 -3.07
CA TYR A 32 9.26 3.09 -3.47
C TYR A 32 7.90 2.99 -2.78
N ILE A 33 6.96 2.38 -3.47
CA ILE A 33 5.59 2.29 -2.99
C ILE A 33 5.14 0.84 -2.91
N TYR A 34 4.63 0.45 -1.76
CA TYR A 34 4.03 -0.86 -1.58
C TYR A 34 2.56 -0.69 -1.21
N ILE A 35 1.68 -1.04 -2.12
CA ILE A 35 0.25 -0.82 -1.93
C ILE A 35 -0.42 -2.08 -1.42
N ASP A 36 -1.12 -1.94 -0.31
CA ASP A 36 -1.94 -3.00 0.23
C ASP A 36 -3.40 -2.58 0.13
N VAL A 37 -4.30 -3.54 0.18
CA VAL A 37 -5.72 -3.21 0.23
C VAL A 37 -6.29 -3.44 1.65
N TRP A 38 -7.01 -2.43 2.16
CA TRP A 38 -7.59 -2.53 3.51
C TRP A 38 -9.10 -2.28 3.47
N ALA A 39 -9.85 -3.13 4.17
CA ALA A 39 -11.32 -2.99 4.24
C ALA A 39 -11.84 -3.48 5.59
N THR A 40 -13.05 -3.09 5.97
CA THR A 40 -13.62 -3.52 7.25
C THR A 40 -14.57 -4.69 7.08
N TRP A 41 -14.91 -4.99 5.83
CA TRP A 41 -15.87 -6.05 5.53
C TRP A 41 -15.09 -7.29 5.16
N CYS A 42 -13.82 -7.23 5.49
CA CYS A 42 -12.89 -8.27 5.20
C CYS A 42 -12.24 -8.74 6.50
N GLY A 43 -12.12 -10.05 6.65
CA GLY A 43 -11.56 -10.61 7.86
C GLY A 43 -10.11 -11.06 7.72
N PRO A 44 -9.76 -11.86 6.68
CA PRO A 44 -8.40 -12.40 6.51
C PRO A 44 -7.32 -11.32 6.54
N CYS A 45 -7.67 -10.15 6.01
CA CYS A 45 -6.74 -9.02 5.98
C CYS A 45 -6.29 -8.64 7.38
N ARG A 46 -7.19 -8.80 8.36
CA ARG A 46 -6.94 -8.37 9.73
C ARG A 46 -5.93 -9.28 10.42
N GLY A 47 -5.58 -10.37 9.77
CA GLY A 47 -4.57 -11.26 10.33
C GLY A 47 -3.18 -10.70 10.20
N GLU A 48 -2.93 -9.96 9.13
CA GLU A 48 -1.61 -9.41 8.87
C GLU A 48 -1.59 -7.89 8.97
N LEU A 49 -2.75 -7.29 9.24
CA LEU A 49 -2.83 -5.84 9.42
C LEU A 49 -1.86 -5.32 10.50
N PRO A 50 -1.82 -5.93 11.70
CA PRO A 50 -0.87 -5.55 12.74
C PRO A 50 0.56 -5.54 12.24
N ALA A 51 0.92 -6.58 11.50
CA ALA A 51 2.29 -6.72 10.98
C ALA A 51 2.54 -5.74 9.84
N LEU A 52 1.47 -5.45 9.11
CA LEU A 52 1.51 -4.54 7.98
C LEU A 52 1.87 -3.14 8.45
N LYS A 53 1.11 -2.64 9.43
CA LYS A 53 1.36 -1.32 9.97
C LYS A 53 2.76 -1.25 10.58
N GLU A 54 3.15 -2.33 11.25
CA GLU A 54 4.45 -2.38 11.91
C GLU A 54 5.58 -2.43 10.90
N LEU A 55 5.30 -2.99 9.72
CA LEU A 55 6.24 -2.94 8.61
C LEU A 55 6.53 -1.49 8.26
N GLU A 56 5.47 -0.70 8.15
CA GLU A 56 5.60 0.71 7.87
C GLU A 56 6.31 1.41 9.02
N GLU A 57 5.91 1.09 10.25
CA GLU A 57 6.52 1.70 11.43
C GLU A 57 8.03 1.39 11.50
N LYS A 58 8.42 0.31 10.83
CA LYS A 58 9.83 -0.07 10.75
C LYS A 58 10.55 0.66 9.62
N TYR A 59 9.89 0.81 8.48
CA TYR A 59 10.53 1.37 7.28
C TYR A 59 9.99 2.76 6.94
N ALA A 60 9.37 3.40 7.93
CA ALA A 60 8.75 4.71 7.74
C ALA A 60 9.75 5.73 7.23
N GLY A 61 9.49 6.25 6.05
CA GLY A 61 10.32 7.31 5.49
C GLY A 61 11.66 6.81 4.98
N LYS A 62 11.93 5.52 5.16
CA LYS A 62 13.21 4.95 4.74
C LYS A 62 13.34 4.97 3.23
N ASP A 63 12.72 4.01 2.59
CA ASP A 63 12.59 4.05 1.13
C ASP A 63 11.42 3.19 0.68
N ILE A 64 10.41 3.07 1.54
CA ILE A 64 9.21 2.32 1.22
C ILE A 64 8.00 3.02 1.79
N HIS A 65 6.95 3.15 0.98
CA HIS A 65 5.68 3.66 1.46
C HIS A 65 4.68 2.51 1.54
N PHE A 66 4.21 2.19 2.72
CA PHE A 66 3.17 1.19 2.86
C PHE A 66 1.82 1.88 2.73
N VAL A 67 1.22 1.72 1.56
CA VAL A 67 0.03 2.48 1.20
C VAL A 67 -1.19 1.61 1.14
N SER A 68 -2.09 1.81 2.09
CA SER A 68 -3.31 1.03 2.16
C SER A 68 -4.42 1.70 1.33
N LEU A 69 -5.00 0.94 0.42
CA LEU A 69 -6.09 1.42 -0.44
C LEU A 69 -7.38 0.70 -0.12
N SER A 70 -8.41 1.44 0.28
CA SER A 70 -9.65 0.84 0.73
C SER A 70 -10.78 1.02 -0.26
N CYS A 71 -11.28 -0.07 -0.79
CA CYS A 71 -12.44 -0.06 -1.65
C CYS A 71 -13.73 -0.13 -0.81
N ASP A 72 -13.63 0.26 0.47
CA ASP A 72 -14.78 0.24 1.36
C ASP A 72 -15.80 1.26 0.90
N LYS A 73 -17.05 0.86 0.79
CA LYS A 73 -18.08 1.76 0.31
C LYS A 73 -18.57 2.66 1.44
N ASN A 74 -18.25 2.32 2.67
CA ASN A 74 -18.75 3.08 3.81
C ASN A 74 -17.60 3.84 4.42
N LYS A 75 -17.30 5.00 3.86
CA LYS A 75 -16.11 5.74 4.27
C LYS A 75 -16.12 6.02 5.76
N LYS A 76 -17.14 6.75 6.21
CA LYS A 76 -17.29 7.10 7.62
C LYS A 76 -17.09 5.88 8.52
N ALA A 77 -17.68 4.75 8.13
CA ALA A 77 -17.60 3.53 8.93
C ALA A 77 -16.17 3.05 8.99
N TRP A 78 -15.48 3.18 7.87
CA TRP A 78 -14.11 2.75 7.74
C TRP A 78 -13.17 3.63 8.56
N GLU A 79 -13.31 4.95 8.45
CA GLU A 79 -12.49 5.90 9.23
C GLU A 79 -12.48 5.52 10.71
N ASN A 80 -13.66 5.38 11.31
CA ASN A 80 -13.71 5.10 12.73
C ASN A 80 -13.27 3.67 13.03
N MET A 81 -13.38 2.80 12.04
CA MET A 81 -12.91 1.44 12.18
C MET A 81 -11.40 1.37 12.24
N VAL A 82 -10.71 2.05 11.31
CA VAL A 82 -9.25 2.06 11.36
C VAL A 82 -8.76 2.74 12.64
N THR A 83 -9.58 3.62 13.19
CA THR A 83 -9.31 4.19 14.51
C THR A 83 -9.33 3.09 15.58
N LYS A 84 -10.23 2.13 15.42
CA LYS A 84 -10.38 1.00 16.34
C LYS A 84 -9.36 -0.10 16.01
N ASP A 85 -9.26 -0.39 14.71
CA ASP A 85 -8.35 -1.40 14.18
C ASP A 85 -6.89 -0.98 14.41
N GLN A 86 -6.69 0.34 14.57
CA GLN A 86 -5.39 0.93 14.84
C GLN A 86 -4.38 0.58 13.75
N LEU A 87 -4.67 1.01 12.53
CA LEU A 87 -3.82 0.72 11.39
C LEU A 87 -2.94 1.93 11.07
N LYS A 88 -1.64 1.76 11.27
CA LYS A 88 -0.67 2.81 10.98
C LYS A 88 -0.24 2.74 9.50
N GLY A 89 0.62 3.64 9.10
CA GLY A 89 1.12 3.64 7.73
C GLY A 89 0.51 4.72 6.88
N ILE A 90 0.87 4.76 5.61
CA ILE A 90 0.28 5.70 4.68
C ILE A 90 -0.98 5.08 4.09
N GLN A 91 -2.11 5.66 4.41
CA GLN A 91 -3.37 5.03 4.08
C GLN A 91 -4.33 5.99 3.38
N LEU A 92 -5.05 5.47 2.42
CA LEU A 92 -6.02 6.27 1.69
C LEU A 92 -7.24 5.42 1.32
N HIS A 93 -8.36 6.08 1.10
CA HIS A 93 -9.61 5.39 0.85
C HIS A 93 -10.15 5.71 -0.54
N MET A 94 -10.65 4.68 -1.19
CA MET A 94 -11.26 4.78 -2.51
C MET A 94 -12.78 4.85 -2.37
N GLY A 95 -13.40 3.69 -2.11
CA GLY A 95 -14.83 3.63 -1.92
C GLY A 95 -15.60 3.62 -3.23
N THR A 96 -15.86 4.79 -3.77
CA THR A 96 -16.70 4.93 -4.94
C THR A 96 -15.93 4.67 -6.23
N ASP A 97 -14.62 4.88 -6.18
CA ASP A 97 -13.79 4.81 -7.38
C ASP A 97 -13.30 3.38 -7.61
N ARG A 98 -14.19 2.42 -7.34
CA ARG A 98 -13.80 1.01 -7.33
C ARG A 98 -13.37 0.52 -8.72
N THR A 99 -13.63 1.31 -9.75
CA THR A 99 -13.23 0.95 -11.11
C THR A 99 -11.71 0.77 -11.19
N PHE A 100 -11.00 1.35 -10.21
CA PHE A 100 -9.54 1.26 -10.16
C PHE A 100 -9.11 -0.07 -9.55
N MET A 101 -9.89 -0.60 -8.62
CA MET A 101 -9.58 -1.89 -8.02
C MET A 101 -9.94 -3.00 -8.99
N ASP A 102 -10.97 -2.75 -9.80
CA ASP A 102 -11.31 -3.62 -10.92
C ASP A 102 -10.16 -3.71 -11.90
N ALA A 103 -9.49 -2.57 -12.12
CA ALA A 103 -8.37 -2.50 -13.06
C ALA A 103 -7.21 -3.39 -12.61
N TYR A 104 -7.15 -3.67 -11.31
CA TYR A 104 -6.11 -4.53 -10.77
C TYR A 104 -6.62 -5.94 -10.53
N LEU A 105 -7.92 -6.14 -10.74
CA LEU A 105 -8.57 -7.42 -10.50
C LEU A 105 -8.43 -7.82 -9.02
N ILE A 106 -8.41 -6.83 -8.14
CA ILE A 106 -8.34 -7.06 -6.71
C ILE A 106 -9.61 -7.74 -6.20
N ASN A 107 -9.61 -9.07 -6.22
CA ASN A 107 -10.72 -9.85 -5.68
C ASN A 107 -10.40 -10.32 -4.28
N GLY A 108 -9.13 -10.21 -3.90
CA GLY A 108 -8.71 -10.69 -2.61
C GLY A 108 -8.06 -9.60 -1.80
N ILE A 109 -8.70 -9.24 -0.69
CA ILE A 109 -8.13 -8.29 0.25
C ILE A 109 -7.45 -9.05 1.39
N PRO A 110 -6.20 -8.69 1.74
CA PRO A 110 -5.48 -7.59 1.11
C PRO A 110 -4.80 -7.99 -0.19
N ARG A 111 -4.65 -7.02 -1.08
CA ARG A 111 -3.91 -7.23 -2.31
C ARG A 111 -2.54 -6.59 -2.15
N PHE A 112 -1.53 -7.27 -2.66
CA PHE A 112 -0.13 -6.85 -2.51
C PHE A 112 0.38 -6.27 -3.82
N ILE A 113 0.78 -5.00 -3.81
CA ILE A 113 1.27 -4.33 -5.02
C ILE A 113 2.55 -3.56 -4.73
N LEU A 114 3.43 -3.47 -5.74
CA LEU A 114 4.69 -2.75 -5.60
C LEU A 114 4.90 -1.80 -6.78
N LEU A 115 5.41 -0.60 -6.49
CA LEU A 115 5.70 0.39 -7.52
C LEU A 115 7.07 1.03 -7.25
N ASP A 116 7.69 1.52 -8.31
CA ASP A 116 8.99 2.19 -8.21
C ASP A 116 8.82 3.60 -7.68
N ARG A 117 9.94 4.19 -7.23
CA ARG A 117 9.99 5.55 -6.71
C ARG A 117 9.34 6.54 -7.67
N ASP A 118 9.41 6.26 -8.96
CA ASP A 118 8.80 7.11 -9.97
C ASP A 118 7.30 7.13 -9.82
N GLY A 119 6.77 6.15 -9.10
CA GLY A 119 5.35 5.96 -9.01
C GLY A 119 4.90 4.97 -10.04
N LYS A 120 5.81 4.09 -10.46
CA LYS A 120 5.51 3.19 -11.58
C LYS A 120 5.43 1.74 -11.12
N ILE A 121 4.24 1.16 -11.28
CA ILE A 121 3.97 -0.24 -10.91
C ILE A 121 5.09 -1.18 -11.37
N ILE A 122 5.71 -1.83 -10.41
CA ILE A 122 6.74 -2.83 -10.67
C ILE A 122 6.12 -4.21 -10.60
N SER A 123 5.25 -4.40 -9.61
CA SER A 123 4.56 -5.66 -9.43
C SER A 123 3.09 -5.43 -9.10
N ALA A 124 2.21 -5.87 -9.99
CA ALA A 124 0.77 -5.74 -9.77
C ALA A 124 0.29 -6.74 -8.73
N ASN A 125 1.12 -7.74 -8.45
CA ASN A 125 0.83 -8.72 -7.43
C ASN A 125 2.13 -9.17 -6.77
N MET A 126 2.40 -8.63 -5.60
CA MET A 126 3.63 -8.95 -4.88
C MET A 126 3.36 -9.96 -3.77
N THR A 127 3.97 -9.76 -2.61
CA THR A 127 3.86 -10.70 -1.51
C THR A 127 3.36 -10.00 -0.24
N ARG A 128 2.31 -10.55 0.34
CA ARG A 128 1.70 -10.05 1.58
C ARG A 128 2.71 -9.84 2.71
N PRO A 129 2.39 -8.91 3.64
CA PRO A 129 3.22 -8.63 4.83
C PRO A 129 3.51 -9.87 5.69
N SER A 130 2.60 -10.84 5.65
CA SER A 130 2.80 -12.10 6.37
C SER A 130 4.02 -12.85 5.86
N ASP A 131 4.44 -12.53 4.64
CA ASP A 131 5.61 -13.16 4.05
C ASP A 131 6.88 -12.43 4.47
N PRO A 132 7.81 -13.16 5.11
CA PRO A 132 9.08 -12.61 5.57
C PRO A 132 9.96 -12.11 4.42
N LYS A 133 9.83 -12.74 3.26
CA LYS A 133 10.67 -12.40 2.11
C LYS A 133 10.43 -10.95 1.70
N THR A 134 9.19 -10.53 1.80
CA THR A 134 8.82 -9.15 1.52
C THR A 134 9.53 -8.21 2.49
N ALA A 135 9.37 -8.49 3.78
CA ALA A 135 10.04 -7.71 4.83
C ALA A 135 11.55 -7.67 4.61
N GLU A 136 12.12 -8.84 4.32
CA GLU A 136 13.54 -8.95 4.01
C GLU A 136 13.90 -8.02 2.88
N LYS A 137 13.20 -8.19 1.78
CA LYS A 137 13.37 -7.39 0.57
C LYS A 137 13.54 -5.89 0.90
N PHE A 138 12.71 -5.40 1.82
CA PHE A 138 12.78 -3.99 2.21
C PHE A 138 14.13 -3.66 2.86
N ASN A 139 14.44 -4.33 3.97
CA ASN A 139 15.64 -3.99 4.73
C ASN A 139 16.89 -4.39 3.95
N GLU A 140 16.75 -5.34 3.05
CA GLU A 140 17.82 -5.73 2.15
C GLU A 140 18.24 -4.54 1.28
N LEU A 141 17.25 -3.92 0.64
CA LEU A 141 17.51 -2.80 -0.26
C LEU A 141 18.07 -1.60 0.50
N LEU A 142 17.70 -1.48 1.76
CA LEU A 142 18.21 -0.40 2.61
C LEU A 142 19.58 -0.74 3.18
N GLY A 143 19.96 -2.01 3.12
CA GLY A 143 21.22 -2.45 3.68
C GLY A 143 21.15 -2.49 5.19
N LEU A 144 20.00 -2.87 5.70
CA LEU A 144 19.70 -2.84 7.11
C LEU A 144 19.71 -4.26 7.69
N GLU A 145 20.20 -5.20 6.91
CA GLU A 145 20.26 -6.59 7.31
C GLU A 145 21.67 -7.00 7.71
N GLY A 146 22.62 -6.40 7.04
CA GLY A 146 24.02 -6.61 7.36
C GLY A 146 24.70 -7.60 6.43
N HIS A 147 24.00 -8.04 5.39
CA HIS A 147 24.56 -9.05 4.48
C HIS A 147 25.20 -8.36 3.28
N HIS A 148 26.15 -7.48 3.56
CA HIS A 148 26.78 -6.64 2.52
C HIS A 148 27.74 -7.45 1.65
N HIS A 149 27.19 -8.41 0.93
CA HIS A 149 27.91 -9.22 -0.07
C HIS A 149 29.20 -9.83 0.49
N HIS A 150 29.07 -11.00 1.09
CA HIS A 150 30.22 -11.73 1.60
C HIS A 150 31.15 -12.12 0.44
N HIS A 151 32.31 -11.47 0.38
CA HIS A 151 33.28 -11.75 -0.67
C HIS A 151 34.61 -12.20 -0.07
N HIS A 152 34.57 -12.53 1.21
CA HIS A 152 35.74 -13.01 1.94
C HIS A 152 35.30 -13.45 3.33
N MET A 1 8.40 6.77 -16.77
CA MET A 1 7.01 7.17 -17.03
C MET A 1 6.05 6.05 -16.65
N SER A 2 5.22 6.30 -15.65
CA SER A 2 4.33 5.30 -15.10
C SER A 2 3.39 4.71 -16.16
N LEU A 3 2.75 5.59 -16.92
CA LEU A 3 1.78 5.16 -17.93
C LEU A 3 2.47 4.72 -19.22
N ARG A 4 3.80 4.86 -19.25
CA ARG A 4 4.62 4.64 -20.46
C ARG A 4 3.91 5.12 -21.74
N SER A 5 3.37 4.19 -22.50
CA SER A 5 2.66 4.51 -23.73
C SER A 5 1.35 3.73 -23.80
N GLY A 6 0.89 3.24 -22.65
CA GLY A 6 -0.32 2.45 -22.62
C GLY A 6 -0.24 1.32 -21.61
N ASN A 7 -0.32 1.66 -20.34
CA ASN A 7 -0.29 0.68 -19.27
C ASN A 7 -0.98 1.25 -18.04
N PRO A 8 -1.71 0.43 -17.28
CA PRO A 8 -2.48 0.88 -16.11
C PRO A 8 -1.59 1.52 -15.05
N SER A 9 -0.73 0.71 -14.42
CA SER A 9 0.24 1.19 -13.47
C SER A 9 -0.42 1.92 -12.30
N ALA A 10 0.38 2.69 -11.60
CA ALA A 10 -0.13 3.61 -10.61
C ALA A 10 -0.46 4.92 -11.31
N ALA A 11 -1.60 4.92 -11.99
CA ALA A 11 -2.02 6.02 -12.85
C ALA A 11 -2.38 7.30 -12.10
N SER A 12 -1.41 7.84 -11.36
CA SER A 12 -1.52 9.16 -10.73
C SER A 12 -2.78 9.31 -9.87
N PHE A 13 -3.21 8.22 -9.24
CA PHE A 13 -4.39 8.25 -8.38
C PHE A 13 -4.19 9.23 -7.23
N SER A 14 -5.27 9.85 -6.80
CA SER A 14 -5.22 10.81 -5.71
C SER A 14 -6.43 10.63 -4.80
N TYR A 15 -6.17 10.29 -3.55
CA TYR A 15 -7.24 10.01 -2.60
C TYR A 15 -6.90 10.63 -1.24
N PRO A 16 -7.92 10.93 -0.41
CA PRO A 16 -7.69 11.43 0.93
C PRO A 16 -7.40 10.31 1.92
N ASP A 17 -6.28 10.45 2.61
CA ASP A 17 -5.92 9.57 3.71
C ASP A 17 -6.96 9.69 4.80
N ILE A 18 -7.12 8.63 5.59
CA ILE A 18 -8.12 8.58 6.66
C ILE A 18 -7.89 9.71 7.68
N ASN A 19 -6.64 10.17 7.78
CA ASN A 19 -6.32 11.29 8.66
C ASN A 19 -6.70 12.61 7.99
N GLY A 20 -7.20 12.51 6.77
CA GLY A 20 -7.63 13.67 6.01
C GLY A 20 -6.50 14.29 5.23
N LYS A 21 -5.66 13.46 4.64
CA LYS A 21 -4.53 13.97 3.86
C LYS A 21 -4.68 13.64 2.38
N THR A 22 -4.79 14.65 1.54
CA THR A 22 -4.83 14.45 0.11
C THR A 22 -3.49 13.87 -0.36
N VAL A 23 -3.51 12.61 -0.75
CA VAL A 23 -2.30 11.94 -1.21
C VAL A 23 -2.49 11.46 -2.64
N SER A 24 -1.59 11.87 -3.51
CA SER A 24 -1.61 11.44 -4.88
C SER A 24 -0.40 10.56 -5.17
N LEU A 25 -0.32 10.04 -6.38
CA LEU A 25 0.83 9.24 -6.77
C LEU A 25 2.10 10.07 -6.70
N ALA A 26 1.96 11.38 -6.92
CA ALA A 26 3.10 12.29 -6.88
C ALA A 26 3.59 12.52 -5.45
N ASP A 27 2.69 12.32 -4.49
CA ASP A 27 3.02 12.45 -3.06
C ASP A 27 3.87 11.25 -2.63
N LEU A 28 3.77 10.18 -3.39
CA LEU A 28 4.50 8.95 -3.11
C LEU A 28 5.66 8.79 -4.07
N LYS A 29 5.58 9.48 -5.20
CA LYS A 29 6.53 9.35 -6.28
C LYS A 29 7.87 9.97 -5.91
N GLY A 30 8.94 9.41 -6.46
CA GLY A 30 10.28 9.86 -6.10
C GLY A 30 10.83 9.04 -4.96
N LYS A 31 10.13 7.96 -4.64
CA LYS A 31 10.51 7.06 -3.58
C LYS A 31 9.76 5.75 -3.79
N TYR A 32 10.27 4.65 -3.24
CA TYR A 32 9.60 3.36 -3.44
C TYR A 32 8.23 3.34 -2.75
N ILE A 33 7.26 2.68 -3.36
CA ILE A 33 5.91 2.62 -2.80
C ILE A 33 5.46 1.16 -2.67
N TYR A 34 4.67 0.88 -1.64
CA TYR A 34 4.05 -0.42 -1.47
C TYR A 34 2.56 -0.23 -1.21
N ILE A 35 1.72 -0.81 -2.06
CA ILE A 35 0.29 -0.58 -2.01
C ILE A 35 -0.47 -1.83 -1.54
N ASP A 36 -1.03 -1.74 -0.34
CA ASP A 36 -1.96 -2.76 0.14
C ASP A 36 -3.38 -2.26 -0.07
N VAL A 37 -4.32 -3.18 -0.11
CA VAL A 37 -5.73 -2.80 -0.10
C VAL A 37 -6.32 -3.04 1.28
N TRP A 38 -6.67 -1.97 1.97
CA TRP A 38 -7.19 -2.09 3.33
C TRP A 38 -8.70 -1.89 3.30
N ALA A 39 -9.42 -2.78 3.97
CA ALA A 39 -10.88 -2.71 3.99
C ALA A 39 -11.42 -3.23 5.31
N THR A 40 -12.72 -3.13 5.49
CA THR A 40 -13.37 -3.75 6.62
C THR A 40 -14.13 -5.01 6.18
N TRP A 41 -14.61 -5.00 4.93
CA TRP A 41 -15.39 -6.11 4.40
C TRP A 41 -14.48 -7.20 3.82
N CYS A 42 -13.18 -7.05 4.02
CA CYS A 42 -12.22 -8.02 3.49
C CYS A 42 -12.01 -9.18 4.47
N GLY A 43 -12.67 -9.11 5.62
CA GLY A 43 -12.70 -10.22 6.57
C GLY A 43 -11.34 -10.58 7.17
N PRO A 44 -10.75 -11.73 6.77
CA PRO A 44 -9.49 -12.27 7.34
C PRO A 44 -8.36 -11.26 7.39
N CYS A 45 -8.47 -10.24 6.54
CA CYS A 45 -7.49 -9.16 6.47
C CYS A 45 -7.23 -8.49 7.83
N ARG A 46 -8.10 -8.73 8.80
CA ARG A 46 -7.95 -8.14 10.11
C ARG A 46 -6.77 -8.78 10.84
N GLY A 47 -6.20 -9.82 10.24
CA GLY A 47 -5.11 -10.54 10.84
C GLY A 47 -3.75 -9.89 10.57
N GLU A 48 -3.66 -9.10 9.50
CA GLU A 48 -2.40 -8.45 9.15
C GLU A 48 -2.24 -7.17 9.94
N LEU A 49 -3.26 -6.82 10.72
CA LEU A 49 -3.20 -5.64 11.59
C LEU A 49 -1.87 -5.53 12.35
N PRO A 50 -1.46 -6.57 13.10
CA PRO A 50 -0.14 -6.57 13.77
C PRO A 50 1.01 -6.42 12.77
N ALA A 51 0.91 -7.12 11.65
CA ALA A 51 2.01 -7.16 10.69
C ALA A 51 2.15 -5.80 10.00
N LEU A 52 1.07 -5.05 10.03
CA LEU A 52 1.03 -3.72 9.45
C LEU A 52 1.88 -2.80 10.29
N LYS A 53 1.56 -2.75 11.60
CA LYS A 53 2.34 -1.98 12.56
C LYS A 53 3.81 -2.34 12.49
N GLU A 54 4.10 -3.59 12.80
CA GLU A 54 5.47 -4.07 12.93
C GLU A 54 6.34 -3.75 11.72
N LEU A 55 5.79 -3.87 10.51
CA LEU A 55 6.52 -3.47 9.33
C LEU A 55 6.73 -1.96 9.31
N GLU A 56 5.67 -1.24 9.62
CA GLU A 56 5.71 0.22 9.72
C GLU A 56 6.76 0.68 10.74
N GLU A 57 6.83 0.01 11.89
CA GLU A 57 7.86 0.30 12.89
C GLU A 57 9.23 0.26 12.23
N LYS A 58 9.48 -0.86 11.55
CA LYS A 58 10.73 -1.09 10.83
C LYS A 58 11.06 0.05 9.85
N TYR A 59 10.15 0.30 8.93
CA TYR A 59 10.46 1.14 7.79
C TYR A 59 9.80 2.51 7.88
N ALA A 60 9.46 2.92 9.10
CA ALA A 60 8.95 4.26 9.34
C ALA A 60 9.99 5.30 8.97
N GLY A 61 9.63 6.18 8.04
CA GLY A 61 10.53 7.25 7.65
C GLY A 61 11.71 6.78 6.83
N LYS A 62 11.50 5.74 6.02
CA LYS A 62 12.54 5.27 5.13
C LYS A 62 12.19 5.61 3.69
N ASP A 63 12.89 4.97 2.77
CA ASP A 63 12.64 5.19 1.34
C ASP A 63 11.58 4.23 0.85
N ILE A 64 10.44 4.25 1.52
CA ILE A 64 9.35 3.36 1.21
C ILE A 64 8.03 3.95 1.71
N HIS A 65 7.05 3.99 0.85
CA HIS A 65 5.73 4.46 1.25
C HIS A 65 4.81 3.27 1.41
N PHE A 66 4.49 2.93 2.65
CA PHE A 66 3.46 1.94 2.89
C PHE A 66 2.11 2.59 2.74
N VAL A 67 1.46 2.32 1.61
CA VAL A 67 0.20 2.97 1.29
C VAL A 67 -0.88 1.93 1.06
N SER A 68 -1.97 2.08 1.77
CA SER A 68 -3.10 1.18 1.60
C SER A 68 -4.29 1.95 1.03
N LEU A 69 -4.96 1.40 0.03
CA LEU A 69 -6.14 2.04 -0.53
C LEU A 69 -7.39 1.24 -0.18
N SER A 70 -8.42 1.92 0.29
CA SER A 70 -9.64 1.26 0.72
C SER A 70 -10.76 1.44 -0.28
N CYS A 71 -11.22 0.33 -0.84
CA CYS A 71 -12.29 0.34 -1.81
C CYS A 71 -13.65 0.26 -1.12
N ASP A 72 -13.67 0.52 0.18
CA ASP A 72 -14.90 0.48 0.95
C ASP A 72 -15.76 1.67 0.58
N LYS A 73 -17.05 1.46 0.38
CA LYS A 73 -17.93 2.58 0.08
C LYS A 73 -18.47 3.17 1.36
N ASN A 74 -18.60 2.31 2.36
CA ASN A 74 -18.98 2.73 3.71
C ASN A 74 -17.82 3.45 4.39
N LYS A 75 -17.50 4.64 3.89
CA LYS A 75 -16.36 5.39 4.42
C LYS A 75 -16.40 5.53 5.93
N LYS A 76 -17.40 6.23 6.43
CA LYS A 76 -17.50 6.49 7.87
C LYS A 76 -17.33 5.21 8.67
N ALA A 77 -18.08 4.17 8.28
CA ALA A 77 -18.00 2.86 8.94
C ALA A 77 -16.56 2.39 9.00
N TRP A 78 -15.88 2.56 7.90
CA TRP A 78 -14.51 2.16 7.76
C TRP A 78 -13.60 3.01 8.65
N GLU A 79 -13.73 4.34 8.56
CA GLU A 79 -12.97 5.25 9.41
C GLU A 79 -13.02 4.81 10.89
N ASN A 80 -14.21 4.48 11.41
CA ASN A 80 -14.34 4.09 12.81
C ASN A 80 -13.50 2.86 13.11
N MET A 81 -13.63 1.82 12.29
CA MET A 81 -12.92 0.57 12.55
C MET A 81 -11.42 0.75 12.61
N VAL A 82 -10.84 1.43 11.63
CA VAL A 82 -9.39 1.60 11.61
C VAL A 82 -8.93 2.48 12.77
N THR A 83 -9.82 3.35 13.24
CA THR A 83 -9.53 4.16 14.40
C THR A 83 -9.57 3.29 15.66
N LYS A 84 -10.50 2.33 15.69
CA LYS A 84 -10.61 1.40 16.81
C LYS A 84 -9.44 0.43 16.79
N ASP A 85 -9.10 -0.02 15.59
CA ASP A 85 -8.04 -1.01 15.41
C ASP A 85 -6.66 -0.35 15.36
N GLN A 86 -6.63 0.98 15.46
CA GLN A 86 -5.39 1.75 15.61
C GLN A 86 -4.45 1.58 14.41
N LEU A 87 -5.00 1.23 13.26
CA LEU A 87 -4.20 1.08 12.06
C LEU A 87 -3.78 2.44 11.52
N LYS A 88 -2.48 2.69 11.49
CA LYS A 88 -1.96 3.94 10.95
C LYS A 88 -1.03 3.68 9.76
N GLY A 89 -0.31 4.71 9.35
CA GLY A 89 0.52 4.63 8.15
C GLY A 89 -0.03 5.53 7.08
N ILE A 90 0.38 5.33 5.83
CA ILE A 90 -0.22 6.07 4.72
C ILE A 90 -1.37 5.25 4.16
N GLN A 91 -2.57 5.73 4.34
CA GLN A 91 -3.74 4.94 4.06
C GLN A 91 -4.87 5.77 3.47
N LEU A 92 -5.04 5.64 2.17
CA LEU A 92 -6.02 6.43 1.44
C LEU A 92 -7.31 5.66 1.27
N HIS A 93 -8.39 6.38 1.18
CA HIS A 93 -9.69 5.77 0.98
C HIS A 93 -10.24 6.15 -0.39
N MET A 94 -10.64 5.14 -1.13
CA MET A 94 -11.19 5.28 -2.45
C MET A 94 -12.67 5.67 -2.38
N GLY A 95 -13.53 4.68 -2.22
CA GLY A 95 -14.95 4.94 -2.17
C GLY A 95 -15.73 4.03 -3.09
N THR A 96 -15.81 4.39 -4.36
CA THR A 96 -16.53 3.57 -5.33
C THR A 96 -15.73 3.48 -6.64
N ASP A 97 -14.54 4.06 -6.61
CA ASP A 97 -13.71 4.22 -7.79
C ASP A 97 -12.85 2.98 -8.00
N ARG A 98 -13.50 1.82 -8.04
CA ARG A 98 -12.81 0.53 -8.09
C ARG A 98 -11.99 0.35 -9.35
N THR A 99 -12.17 1.27 -10.27
CA THR A 99 -11.46 1.29 -11.55
C THR A 99 -10.00 0.85 -11.41
N PHE A 100 -9.38 1.17 -10.28
CA PHE A 100 -7.99 0.81 -10.03
C PHE A 100 -7.84 -0.64 -9.56
N MET A 101 -8.74 -1.12 -8.71
CA MET A 101 -8.61 -2.49 -8.18
C MET A 101 -9.08 -3.48 -9.23
N ASP A 102 -10.08 -3.08 -10.00
CA ASP A 102 -10.59 -3.89 -11.09
C ASP A 102 -9.63 -3.84 -12.28
N ALA A 103 -8.80 -2.79 -12.33
CA ALA A 103 -7.76 -2.71 -13.36
C ALA A 103 -6.74 -3.82 -13.20
N TYR A 104 -6.55 -4.25 -11.96
CA TYR A 104 -5.63 -5.35 -11.66
C TYR A 104 -6.39 -6.67 -11.53
N LEU A 105 -7.70 -6.58 -11.77
CA LEU A 105 -8.58 -7.76 -11.84
C LEU A 105 -8.72 -8.50 -10.51
N ILE A 106 -8.14 -7.98 -9.45
CA ILE A 106 -8.21 -8.65 -8.17
C ILE A 106 -9.32 -8.08 -7.29
N ASN A 107 -10.51 -8.65 -7.43
CA ASN A 107 -11.65 -8.26 -6.60
C ASN A 107 -11.50 -8.91 -5.22
N GLY A 108 -10.57 -9.86 -5.13
CA GLY A 108 -10.29 -10.50 -3.87
C GLY A 108 -9.24 -9.77 -3.08
N ILE A 109 -9.69 -8.97 -2.13
CA ILE A 109 -8.78 -8.20 -1.28
C ILE A 109 -8.70 -8.82 0.11
N PRO A 110 -7.67 -8.49 0.92
CA PRO A 110 -6.62 -7.52 0.57
C PRO A 110 -5.67 -8.02 -0.52
N ARG A 111 -5.26 -7.11 -1.38
CA ARG A 111 -4.31 -7.42 -2.43
C ARG A 111 -3.04 -6.61 -2.21
N PHE A 112 -1.89 -7.26 -2.37
CA PHE A 112 -0.60 -6.64 -2.12
C PHE A 112 0.11 -6.32 -3.43
N ILE A 113 0.34 -5.04 -3.66
CA ILE A 113 1.07 -4.56 -4.84
C ILE A 113 2.17 -3.63 -4.36
N LEU A 114 3.14 -3.34 -5.21
CA LEU A 114 4.15 -2.34 -4.87
C LEU A 114 4.81 -1.80 -6.13
N LEU A 115 5.33 -0.58 -6.03
CA LEU A 115 5.86 0.11 -7.19
C LEU A 115 7.17 0.85 -6.90
N ASP A 116 7.95 0.95 -7.96
CA ASP A 116 9.21 1.66 -8.00
C ASP A 116 8.97 3.16 -7.90
N ARG A 117 10.03 3.90 -7.60
CA ARG A 117 9.99 5.34 -7.35
C ARG A 117 9.23 6.12 -8.42
N ASP A 118 9.21 5.59 -9.64
CA ASP A 118 8.57 6.28 -10.76
C ASP A 118 7.05 6.03 -10.76
N GLY A 119 6.60 5.19 -9.88
CA GLY A 119 5.22 4.75 -9.92
C GLY A 119 5.11 3.52 -10.79
N LYS A 120 6.25 2.89 -11.03
CA LYS A 120 6.34 1.73 -11.92
C LYS A 120 6.12 0.44 -11.16
N ILE A 121 5.54 -0.51 -11.81
CA ILE A 121 5.17 -1.77 -11.14
C ILE A 121 6.42 -2.57 -10.75
N ILE A 122 6.46 -3.01 -9.49
CA ILE A 122 7.49 -3.94 -9.04
C ILE A 122 6.91 -5.35 -9.00
N SER A 123 5.82 -5.52 -8.26
CA SER A 123 5.12 -6.79 -8.24
C SER A 123 3.62 -6.56 -8.35
N ALA A 124 2.96 -7.45 -9.07
CA ALA A 124 1.52 -7.43 -9.19
C ALA A 124 0.93 -8.65 -8.51
N ASN A 125 1.69 -9.18 -7.56
CA ASN A 125 1.27 -10.36 -6.80
C ASN A 125 2.10 -10.47 -5.53
N MET A 126 2.38 -9.32 -4.91
CA MET A 126 3.22 -9.25 -3.71
C MET A 126 2.48 -9.82 -2.49
N THR A 127 3.03 -9.61 -1.29
CA THR A 127 2.49 -10.20 -0.07
C THR A 127 3.01 -9.44 1.15
N ARG A 128 2.12 -8.87 1.96
CA ARG A 128 2.57 -8.16 3.15
C ARG A 128 2.69 -9.04 4.35
N PRO A 129 1.56 -9.65 4.84
CA PRO A 129 1.40 -10.15 6.21
C PRO A 129 2.66 -10.79 6.77
N SER A 130 3.58 -9.93 7.20
CA SER A 130 4.87 -10.34 7.76
C SER A 130 5.61 -11.26 6.80
N ASP A 131 5.32 -11.09 5.51
CA ASP A 131 5.92 -11.92 4.46
C ASP A 131 7.39 -11.57 4.28
N PRO A 132 8.27 -12.57 4.41
CA PRO A 132 9.71 -12.36 4.29
C PRO A 132 10.14 -11.90 2.90
N LYS A 133 9.49 -12.42 1.87
CA LYS A 133 9.86 -12.10 0.50
C LYS A 133 9.85 -10.59 0.30
N THR A 134 8.76 -9.98 0.70
CA THR A 134 8.54 -8.56 0.48
C THR A 134 9.32 -7.72 1.49
N ALA A 135 9.44 -8.22 2.72
CA ALA A 135 10.19 -7.52 3.76
C ALA A 135 11.66 -7.40 3.36
N GLU A 136 12.17 -8.48 2.78
CA GLU A 136 13.53 -8.51 2.27
C GLU A 136 13.70 -7.55 1.12
N LYS A 137 12.71 -7.51 0.24
CA LYS A 137 12.73 -6.56 -0.87
C LYS A 137 12.87 -5.13 -0.34
N PHE A 138 12.17 -4.81 0.74
CA PHE A 138 12.25 -3.48 1.35
C PHE A 138 13.69 -3.15 1.72
N ASN A 139 14.27 -3.97 2.60
CA ASN A 139 15.61 -3.66 3.13
C ASN A 139 16.68 -3.79 2.06
N GLU A 140 16.45 -4.64 1.07
CA GLU A 140 17.38 -4.80 -0.03
C GLU A 140 17.52 -3.50 -0.84
N LEU A 141 16.42 -3.03 -1.41
CA LEU A 141 16.45 -1.85 -2.28
C LEU A 141 16.74 -0.59 -1.48
N LEU A 142 16.51 -0.65 -0.18
CA LEU A 142 16.84 0.44 0.71
C LEU A 142 18.31 0.40 1.07
N GLY A 143 18.91 -0.79 0.92
CA GLY A 143 20.28 -1.00 1.30
C GLY A 143 20.41 -1.05 2.82
N LEU A 144 19.32 -1.47 3.43
CA LEU A 144 19.18 -1.49 4.88
C LEU A 144 19.18 -2.93 5.36
N GLU A 145 19.85 -3.77 4.57
CA GLU A 145 19.86 -5.22 4.78
C GLU A 145 20.31 -5.63 6.18
N GLY A 146 21.57 -5.46 6.42
CA GLY A 146 22.21 -6.07 7.56
C GLY A 146 22.50 -7.52 7.24
N HIS A 147 21.46 -8.36 7.38
CA HIS A 147 21.44 -9.75 6.88
C HIS A 147 22.46 -10.68 7.54
N HIS A 148 23.74 -10.37 7.43
CA HIS A 148 24.81 -11.29 7.81
C HIS A 148 24.91 -11.48 9.32
N HIS A 149 23.98 -12.25 9.87
CA HIS A 149 23.98 -12.66 11.28
C HIS A 149 24.07 -11.45 12.23
N HIS A 150 22.95 -10.75 12.39
CA HIS A 150 22.89 -9.62 13.32
C HIS A 150 21.57 -9.64 14.09
N HIS A 151 21.60 -10.32 15.24
CA HIS A 151 20.47 -10.37 16.18
C HIS A 151 20.80 -11.39 17.27
N HIS A 152 21.42 -12.47 16.84
CA HIS A 152 21.86 -13.55 17.72
C HIS A 152 22.37 -14.67 16.83
N MET A 1 -3.15 11.30 -12.91
CA MET A 1 -3.08 10.13 -13.82
C MET A 1 -2.92 10.60 -15.26
N SER A 2 -2.14 9.88 -16.03
CA SER A 2 -1.90 10.22 -17.43
C SER A 2 -1.85 8.93 -18.24
N LEU A 3 -2.11 9.05 -19.54
CA LEU A 3 -2.15 7.89 -20.42
C LEU A 3 -1.47 8.21 -21.73
N ARG A 4 -1.08 7.18 -22.46
CA ARG A 4 -0.56 7.33 -23.80
C ARG A 4 -1.50 6.63 -24.79
N SER A 5 -2.30 5.72 -24.26
CA SER A 5 -3.28 4.99 -25.04
C SER A 5 -4.15 4.16 -24.10
N GLY A 6 -5.36 3.86 -24.53
CA GLY A 6 -6.26 3.06 -23.72
C GLY A 6 -6.88 3.84 -22.57
N ASN A 7 -6.23 3.78 -21.42
CA ASN A 7 -6.76 4.43 -20.22
C ASN A 7 -5.62 4.77 -19.26
N PRO A 8 -5.80 5.83 -18.45
CA PRO A 8 -4.81 6.22 -17.44
C PRO A 8 -4.82 5.28 -16.25
N SER A 9 -3.80 4.45 -16.15
CA SER A 9 -3.71 3.46 -15.08
C SER A 9 -2.69 3.89 -14.03
N ALA A 10 -3.22 4.36 -12.89
CA ALA A 10 -2.42 4.80 -11.75
C ALA A 10 -1.68 6.09 -12.05
N ALA A 11 -0.61 5.96 -12.84
CA ALA A 11 0.29 7.07 -13.24
C ALA A 11 0.07 8.36 -12.45
N SER A 12 0.54 8.36 -11.20
CA SER A 12 0.33 9.48 -10.29
C SER A 12 -1.15 9.71 -10.01
N PHE A 13 -1.68 8.95 -9.05
CA PHE A 13 -3.07 9.07 -8.64
C PHE A 13 -3.18 9.90 -7.36
N SER A 14 -4.41 10.16 -6.93
CA SER A 14 -4.64 10.93 -5.70
C SER A 14 -5.85 10.38 -4.95
N TYR A 15 -5.64 9.99 -3.69
CA TYR A 15 -6.72 9.47 -2.86
C TYR A 15 -6.68 10.10 -1.47
N PRO A 16 -7.85 10.23 -0.83
CA PRO A 16 -7.95 10.80 0.51
C PRO A 16 -7.60 9.80 1.60
N ASP A 17 -6.64 10.17 2.44
CA ASP A 17 -6.31 9.42 3.65
C ASP A 17 -7.43 9.58 4.66
N ILE A 18 -7.50 8.68 5.63
CA ILE A 18 -8.58 8.67 6.61
C ILE A 18 -8.77 10.06 7.25
N ASN A 19 -7.67 10.77 7.45
CA ASN A 19 -7.69 12.08 8.10
C ASN A 19 -8.19 13.16 7.14
N GLY A 20 -8.73 12.74 6.01
CA GLY A 20 -9.14 13.68 4.98
C GLY A 20 -7.94 14.30 4.33
N LYS A 21 -6.87 13.53 4.25
CA LYS A 21 -5.60 14.03 3.77
C LYS A 21 -5.35 13.55 2.35
N THR A 22 -5.42 14.47 1.40
CA THR A 22 -5.17 14.15 0.00
C THR A 22 -3.72 13.72 -0.20
N VAL A 23 -3.51 12.44 -0.42
CA VAL A 23 -2.19 11.88 -0.65
C VAL A 23 -2.10 11.38 -2.08
N SER A 24 -1.08 11.81 -2.80
CA SER A 24 -0.99 11.51 -4.22
C SER A 24 0.30 10.78 -4.56
N LEU A 25 0.32 10.19 -5.75
CA LEU A 25 1.52 9.54 -6.25
C LEU A 25 2.42 10.58 -6.92
N ALA A 26 2.36 11.78 -6.38
CA ALA A 26 3.23 12.87 -6.80
C ALA A 26 4.10 13.32 -5.63
N ASP A 27 3.49 13.40 -4.45
CA ASP A 27 4.22 13.69 -3.22
C ASP A 27 4.93 12.43 -2.73
N LEU A 28 4.32 11.28 -3.00
CA LEU A 28 4.93 10.00 -2.68
C LEU A 28 5.97 9.63 -3.75
N LYS A 29 5.86 10.29 -4.89
CA LYS A 29 6.68 10.02 -6.03
C LYS A 29 8.12 10.48 -5.80
N GLY A 30 9.06 9.61 -6.09
CA GLY A 30 10.46 9.88 -5.81
C GLY A 30 11.01 8.89 -4.81
N LYS A 31 10.11 8.10 -4.25
CA LYS A 31 10.45 7.08 -3.26
C LYS A 31 9.56 5.86 -3.49
N TYR A 32 10.08 4.66 -3.21
CA TYR A 32 9.35 3.41 -3.50
C TYR A 32 7.96 3.39 -2.89
N ILE A 33 7.02 2.78 -3.61
CA ILE A 33 5.62 2.76 -3.21
C ILE A 33 5.11 1.33 -3.01
N TYR A 34 4.41 1.10 -1.92
CA TYR A 34 3.74 -0.17 -1.70
C TYR A 34 2.25 0.07 -1.54
N ILE A 35 1.45 -0.51 -2.42
CA ILE A 35 0.01 -0.35 -2.36
C ILE A 35 -0.62 -1.58 -1.72
N ASP A 36 -1.43 -1.36 -0.69
CA ASP A 36 -2.06 -2.45 0.02
C ASP A 36 -3.55 -2.19 0.16
N VAL A 37 -4.37 -3.12 -0.29
CA VAL A 37 -5.81 -2.94 -0.21
C VAL A 37 -6.32 -3.30 1.18
N TRP A 38 -6.96 -2.35 1.84
CA TRP A 38 -7.43 -2.55 3.21
C TRP A 38 -8.95 -2.33 3.27
N ALA A 39 -9.65 -3.24 3.94
CA ALA A 39 -11.10 -3.19 4.03
C ALA A 39 -11.61 -3.76 5.35
N THR A 40 -12.82 -3.38 5.74
CA THR A 40 -13.45 -3.93 6.93
C THR A 40 -14.36 -5.10 6.56
N TRP A 41 -14.86 -5.09 5.32
CA TRP A 41 -15.78 -6.10 4.84
C TRP A 41 -15.03 -7.30 4.27
N CYS A 42 -13.73 -7.35 4.53
CA CYS A 42 -12.93 -8.49 4.12
C CYS A 42 -12.99 -9.59 5.16
N GLY A 43 -12.55 -9.28 6.38
CA GLY A 43 -12.55 -10.26 7.45
C GLY A 43 -11.15 -10.69 7.85
N PRO A 44 -10.62 -11.77 7.22
CA PRO A 44 -9.29 -12.30 7.54
C PRO A 44 -8.18 -11.25 7.46
N CYS A 45 -8.38 -10.25 6.61
CA CYS A 45 -7.42 -9.15 6.45
C CYS A 45 -7.06 -8.52 7.79
N ARG A 46 -8.00 -8.55 8.73
CA ARG A 46 -7.79 -7.91 10.03
C ARG A 46 -6.68 -8.59 10.82
N GLY A 47 -6.50 -9.89 10.61
CA GLY A 47 -5.51 -10.63 11.36
C GLY A 47 -4.10 -10.24 11.00
N GLU A 48 -3.91 -9.75 9.79
CA GLU A 48 -2.59 -9.40 9.30
C GLU A 48 -2.31 -7.92 9.52
N LEU A 49 -3.34 -7.17 9.87
CA LEU A 49 -3.22 -5.72 10.08
C LEU A 49 -2.06 -5.39 11.01
N PRO A 50 -1.94 -6.06 12.19
CA PRO A 50 -0.81 -5.82 13.11
C PRO A 50 0.53 -5.93 12.41
N ALA A 51 0.68 -6.86 11.47
CA ALA A 51 1.96 -7.08 10.81
C ALA A 51 2.25 -5.97 9.80
N LEU A 52 1.18 -5.37 9.32
CA LEU A 52 1.26 -4.32 8.31
C LEU A 52 1.66 -3.02 8.99
N LYS A 53 0.96 -2.73 10.08
CA LYS A 53 1.25 -1.56 10.90
C LYS A 53 2.72 -1.54 11.26
N GLU A 54 3.14 -2.63 11.86
CA GLU A 54 4.45 -2.73 12.46
C GLU A 54 5.56 -2.85 11.42
N LEU A 55 5.22 -3.31 10.22
CA LEU A 55 6.22 -3.38 9.15
C LEU A 55 6.50 -1.97 8.63
N GLU A 56 5.48 -1.12 8.64
CA GLU A 56 5.66 0.27 8.25
C GLU A 56 6.50 0.98 9.30
N GLU A 57 6.29 0.63 10.56
CA GLU A 57 7.12 1.18 11.65
C GLU A 57 8.60 0.95 11.37
N LYS A 58 8.94 -0.30 11.11
CA LYS A 58 10.32 -0.67 10.78
C LYS A 58 10.82 0.14 9.58
N TYR A 59 9.93 0.42 8.63
CA TYR A 59 10.31 1.11 7.42
C TYR A 59 9.91 2.58 7.40
N ALA A 60 9.52 3.09 8.55
CA ALA A 60 9.19 4.49 8.69
C ALA A 60 10.42 5.35 8.47
N GLY A 61 10.33 6.27 7.52
CA GLY A 61 11.42 7.17 7.24
C GLY A 61 12.46 6.56 6.31
N LYS A 62 12.17 5.38 5.77
CA LYS A 62 13.08 4.75 4.83
C LYS A 62 12.77 5.19 3.41
N ASP A 63 13.10 4.35 2.46
CA ASP A 63 12.78 4.65 1.07
C ASP A 63 11.63 3.77 0.61
N ILE A 64 10.48 3.94 1.25
CA ILE A 64 9.28 3.22 0.89
C ILE A 64 8.07 3.99 1.39
N HIS A 65 6.90 3.67 0.87
CA HIS A 65 5.66 4.25 1.35
C HIS A 65 4.59 3.17 1.43
N PHE A 66 4.12 2.85 2.63
CA PHE A 66 2.98 1.96 2.76
C PHE A 66 1.71 2.76 2.51
N VAL A 67 1.16 2.57 1.33
CA VAL A 67 -0.03 3.31 0.91
C VAL A 67 -1.18 2.34 0.72
N SER A 68 -2.10 2.34 1.65
CA SER A 68 -3.22 1.44 1.60
C SER A 68 -4.37 2.06 0.81
N LEU A 69 -5.15 1.24 0.13
CA LEU A 69 -6.30 1.72 -0.62
C LEU A 69 -7.57 0.96 -0.21
N SER A 70 -8.55 1.70 0.28
CA SER A 70 -9.77 1.09 0.82
C SER A 70 -10.92 1.16 -0.17
N CYS A 71 -11.41 0.00 -0.54
CA CYS A 71 -12.53 -0.09 -1.44
C CYS A 71 -13.86 -0.13 -0.66
N ASP A 72 -13.80 0.23 0.62
CA ASP A 72 -14.99 0.19 1.47
C ASP A 72 -15.99 1.23 1.03
N LYS A 73 -17.21 0.79 0.81
CA LYS A 73 -18.31 1.70 0.49
C LYS A 73 -18.81 2.35 1.77
N ASN A 74 -18.72 1.61 2.86
CA ASN A 74 -19.11 2.10 4.17
C ASN A 74 -18.00 2.95 4.77
N LYS A 75 -17.76 4.11 4.18
CA LYS A 75 -16.63 4.95 4.58
C LYS A 75 -16.72 5.32 6.05
N LYS A 76 -17.87 5.81 6.48
CA LYS A 76 -18.07 6.18 7.88
C LYS A 76 -17.68 5.03 8.81
N ALA A 77 -18.30 3.87 8.57
CA ALA A 77 -18.00 2.65 9.32
C ALA A 77 -16.51 2.37 9.31
N TRP A 78 -15.90 2.69 8.19
CA TRP A 78 -14.53 2.35 7.96
C TRP A 78 -13.59 3.24 8.77
N GLU A 79 -13.77 4.56 8.67
CA GLU A 79 -12.97 5.51 9.45
C GLU A 79 -12.94 5.10 10.91
N ASN A 80 -14.09 4.67 11.43
CA ASN A 80 -14.20 4.20 12.80
C ASN A 80 -13.23 3.06 13.07
N MET A 81 -13.29 2.02 12.23
CA MET A 81 -12.47 0.84 12.45
C MET A 81 -10.98 1.14 12.40
N VAL A 82 -10.53 1.86 11.38
CA VAL A 82 -9.10 2.16 11.26
C VAL A 82 -8.61 2.98 12.47
N THR A 83 -9.46 3.84 12.99
CA THR A 83 -9.12 4.62 14.18
C THR A 83 -9.15 3.73 15.42
N LYS A 84 -10.00 2.71 15.40
CA LYS A 84 -10.16 1.81 16.53
C LYS A 84 -9.06 0.76 16.56
N ASP A 85 -8.76 0.24 15.39
CA ASP A 85 -7.78 -0.85 15.24
C ASP A 85 -6.36 -0.29 15.34
N GLN A 86 -6.24 1.02 15.11
CA GLN A 86 -4.95 1.71 15.16
C GLN A 86 -4.01 1.20 14.09
N LEU A 87 -4.21 1.68 12.87
CA LEU A 87 -3.38 1.29 11.74
C LEU A 87 -2.28 2.33 11.50
N LYS A 88 -1.09 1.85 11.15
CA LYS A 88 0.04 2.73 10.87
C LYS A 88 0.13 2.98 9.37
N GLY A 89 1.06 3.86 8.99
CA GLY A 89 1.31 4.08 7.58
C GLY A 89 0.40 5.11 6.95
N ILE A 90 0.38 5.14 5.62
CA ILE A 90 -0.48 6.05 4.87
C ILE A 90 -1.68 5.29 4.33
N GLN A 91 -2.86 5.60 4.82
CA GLN A 91 -4.03 4.81 4.54
C GLN A 91 -5.07 5.61 3.77
N LEU A 92 -5.18 5.33 2.48
CA LEU A 92 -6.09 6.08 1.60
C LEU A 92 -7.38 5.30 1.37
N HIS A 93 -8.48 6.02 1.20
CA HIS A 93 -9.76 5.41 0.95
C HIS A 93 -10.29 5.75 -0.44
N MET A 94 -10.65 4.72 -1.18
CA MET A 94 -11.26 4.86 -2.50
C MET A 94 -12.72 5.25 -2.37
N GLY A 95 -13.55 4.29 -1.99
CA GLY A 95 -14.97 4.56 -1.84
C GLY A 95 -15.71 4.58 -3.16
N THR A 96 -16.42 3.48 -3.44
CA THR A 96 -17.36 3.39 -4.57
C THR A 96 -16.74 3.61 -5.95
N ASP A 97 -15.41 3.52 -6.05
CA ASP A 97 -14.76 3.61 -7.36
C ASP A 97 -13.90 2.38 -7.60
N ARG A 98 -14.53 1.22 -7.47
CA ARG A 98 -13.81 -0.06 -7.47
C ARG A 98 -13.39 -0.48 -8.88
N THR A 99 -13.62 0.39 -9.85
CA THR A 99 -13.21 0.13 -11.22
C THR A 99 -11.69 -0.04 -11.31
N PHE A 100 -10.98 0.64 -10.41
CA PHE A 100 -9.53 0.59 -10.38
C PHE A 100 -9.04 -0.75 -9.83
N MET A 101 -9.89 -1.40 -9.03
CA MET A 101 -9.59 -2.74 -8.53
C MET A 101 -9.49 -3.68 -9.72
N ASP A 102 -10.53 -3.63 -10.55
CA ASP A 102 -10.62 -4.50 -11.72
C ASP A 102 -9.48 -4.25 -12.70
N ALA A 103 -8.91 -3.05 -12.67
CA ALA A 103 -7.79 -2.72 -13.53
C ALA A 103 -6.56 -3.54 -13.15
N TYR A 104 -6.47 -3.91 -11.88
CA TYR A 104 -5.35 -4.72 -11.38
C TYR A 104 -5.78 -6.13 -11.05
N LEU A 105 -7.00 -6.49 -11.46
CA LEU A 105 -7.59 -7.79 -11.16
C LEU A 105 -7.81 -7.98 -9.66
N ILE A 106 -7.75 -6.88 -8.93
CA ILE A 106 -8.04 -6.89 -7.50
C ILE A 106 -9.51 -7.20 -7.26
N ASN A 107 -9.78 -8.36 -6.68
CA ASN A 107 -11.14 -8.75 -6.33
C ASN A 107 -11.20 -9.09 -4.86
N GLY A 108 -10.33 -10.00 -4.45
CA GLY A 108 -10.26 -10.39 -3.06
C GLY A 108 -9.26 -9.58 -2.29
N ILE A 109 -9.75 -8.80 -1.34
CA ILE A 109 -8.90 -8.03 -0.45
C ILE A 109 -8.32 -8.96 0.62
N PRO A 110 -7.05 -8.77 1.04
CA PRO A 110 -6.16 -7.70 0.57
C PRO A 110 -5.39 -8.05 -0.70
N ARG A 111 -4.74 -7.04 -1.25
CA ARG A 111 -3.94 -7.21 -2.47
C ARG A 111 -2.60 -6.50 -2.28
N PHE A 112 -1.52 -7.18 -2.63
CA PHE A 112 -0.17 -6.67 -2.44
C PHE A 112 0.40 -6.12 -3.74
N ILE A 113 0.69 -4.82 -3.78
CA ILE A 113 1.25 -4.20 -4.98
C ILE A 113 2.50 -3.39 -4.65
N LEU A 114 3.49 -3.43 -5.53
CA LEU A 114 4.74 -2.69 -5.32
C LEU A 114 5.10 -1.89 -6.57
N LEU A 115 5.59 -0.67 -6.37
CA LEU A 115 5.96 0.20 -7.48
C LEU A 115 7.31 0.88 -7.19
N ASP A 116 7.98 1.27 -8.25
CA ASP A 116 9.24 1.99 -8.18
C ASP A 116 9.00 3.42 -7.72
N ARG A 117 10.08 4.07 -7.29
CA ARG A 117 10.06 5.44 -6.77
C ARG A 117 9.27 6.37 -7.68
N ASP A 118 9.44 6.19 -8.99
CA ASP A 118 8.80 7.04 -9.98
C ASP A 118 7.29 6.87 -9.95
N GLY A 119 6.85 5.78 -9.38
CA GLY A 119 5.47 5.40 -9.48
C GLY A 119 5.31 4.26 -10.45
N LYS A 120 6.42 3.60 -10.77
CA LYS A 120 6.40 2.57 -11.81
C LYS A 120 6.00 1.22 -11.24
N ILE A 121 4.78 0.78 -11.56
CA ILE A 121 4.29 -0.52 -11.11
C ILE A 121 5.32 -1.62 -11.37
N ILE A 122 5.89 -2.15 -10.30
CA ILE A 122 6.90 -3.19 -10.39
C ILE A 122 6.24 -4.57 -10.25
N SER A 123 5.44 -4.70 -9.22
CA SER A 123 4.79 -5.97 -8.93
C SER A 123 3.28 -5.76 -8.81
N ALA A 124 2.53 -6.35 -9.73
CA ALA A 124 1.07 -6.29 -9.68
C ALA A 124 0.55 -7.18 -8.55
N ASN A 125 1.42 -8.06 -8.08
CA ASN A 125 1.13 -8.89 -6.92
C ASN A 125 2.44 -9.21 -6.20
N MET A 126 2.69 -8.49 -5.11
CA MET A 126 3.91 -8.68 -4.34
C MET A 126 3.68 -9.71 -3.23
N THR A 127 3.97 -9.36 -1.99
CA THR A 127 3.74 -10.26 -0.88
C THR A 127 3.20 -9.49 0.32
N ARG A 128 2.14 -10.04 0.90
CA ARG A 128 1.53 -9.50 2.12
C ARG A 128 2.59 -9.30 3.21
N PRO A 129 2.51 -8.16 3.94
CA PRO A 129 3.37 -7.89 5.11
C PRO A 129 3.44 -9.04 6.10
N SER A 130 2.45 -9.92 6.07
CA SER A 130 2.42 -11.10 6.92
C SER A 130 3.62 -12.00 6.63
N ASP A 131 4.11 -11.96 5.40
CA ASP A 131 5.25 -12.76 5.01
C ASP A 131 6.52 -11.92 5.02
N PRO A 132 7.49 -12.27 5.88
CA PRO A 132 8.76 -11.56 5.99
C PRO A 132 9.55 -11.47 4.68
N LYS A 133 9.27 -12.38 3.72
CA LYS A 133 10.02 -12.40 2.45
C LYS A 133 10.11 -11.00 1.86
N THR A 134 8.96 -10.39 1.67
CA THR A 134 8.86 -9.10 1.02
C THR A 134 9.55 -8.02 1.85
N ALA A 135 9.37 -8.08 3.16
CA ALA A 135 9.91 -7.08 4.05
C ALA A 135 11.43 -7.11 4.03
N GLU A 136 11.99 -8.30 4.15
CA GLU A 136 13.42 -8.44 4.22
C GLU A 136 14.03 -8.28 2.84
N LYS A 137 13.21 -8.51 1.83
CA LYS A 137 13.55 -8.18 0.46
C LYS A 137 13.84 -6.68 0.36
N PHE A 138 13.06 -5.87 1.09
CA PHE A 138 13.28 -4.42 1.12
C PHE A 138 14.60 -4.10 1.81
N ASN A 139 14.91 -4.82 2.91
CA ASN A 139 16.21 -4.65 3.58
C ASN A 139 17.33 -4.66 2.56
N GLU A 140 17.34 -5.72 1.76
CA GLU A 140 18.32 -5.91 0.70
C GLU A 140 18.37 -4.70 -0.23
N LEU A 141 17.20 -4.27 -0.68
CA LEU A 141 17.09 -3.17 -1.63
C LEU A 141 17.73 -1.88 -1.11
N LEU A 142 17.73 -1.72 0.21
CA LEU A 142 18.32 -0.52 0.82
C LEU A 142 19.69 -0.82 1.40
N GLY A 143 20.10 -2.08 1.38
CA GLY A 143 21.37 -2.47 1.97
C GLY A 143 21.29 -2.44 3.49
N LEU A 144 20.08 -2.67 3.98
CA LEU A 144 19.78 -2.54 5.39
C LEU A 144 20.32 -3.72 6.18
N GLU A 145 20.35 -4.88 5.54
CA GLU A 145 20.88 -6.07 6.19
C GLU A 145 22.37 -6.15 6.01
N GLY A 146 22.82 -5.60 4.90
CA GLY A 146 24.21 -5.66 4.49
C GLY A 146 25.11 -4.71 5.24
N HIS A 147 24.76 -4.40 6.47
CA HIS A 147 25.59 -3.55 7.33
C HIS A 147 26.79 -4.35 7.85
N HIS A 148 27.61 -4.82 6.94
CA HIS A 148 28.75 -5.67 7.28
C HIS A 148 29.98 -4.79 7.49
N HIS A 149 30.31 -4.52 8.75
CA HIS A 149 31.42 -3.63 9.08
C HIS A 149 32.75 -4.19 8.58
N HIS A 150 33.61 -3.30 8.10
CA HIS A 150 34.94 -3.68 7.64
C HIS A 150 35.98 -2.80 8.30
N HIS A 151 36.85 -3.42 9.11
CA HIS A 151 37.87 -2.71 9.88
C HIS A 151 37.27 -1.86 10.98
N HIS A 152 37.37 -2.37 12.21
CA HIS A 152 36.89 -1.67 13.39
C HIS A 152 37.37 -2.39 14.63
N MET A 1 -6.55 12.06 -22.02
CA MET A 1 -7.03 10.79 -21.42
C MET A 1 -6.17 10.43 -20.23
N SER A 2 -6.76 9.74 -19.27
CA SER A 2 -6.02 9.27 -18.11
C SER A 2 -5.21 8.03 -18.48
N LEU A 3 -4.18 8.25 -19.30
CA LEU A 3 -3.39 7.17 -19.91
C LEU A 3 -4.21 6.43 -20.95
N ARG A 4 -5.33 5.87 -20.52
CA ARG A 4 -6.25 5.19 -21.41
C ARG A 4 -7.59 5.91 -21.41
N SER A 5 -8.55 5.39 -22.18
CA SER A 5 -9.89 5.97 -22.23
C SER A 5 -10.70 5.54 -21.00
N GLY A 6 -10.13 4.61 -20.25
CA GLY A 6 -10.76 4.14 -19.03
C GLY A 6 -9.76 3.36 -18.21
N ASN A 7 -9.84 3.49 -16.89
CA ASN A 7 -8.90 2.84 -15.96
C ASN A 7 -7.49 3.39 -16.17
N PRO A 8 -7.00 4.17 -15.20
CA PRO A 8 -5.69 4.82 -15.29
C PRO A 8 -4.54 3.83 -15.23
N SER A 9 -4.28 3.31 -14.02
CA SER A 9 -3.17 2.39 -13.79
C SER A 9 -1.81 3.08 -13.96
N ALA A 10 -1.09 3.23 -12.84
CA ALA A 10 0.25 3.84 -12.83
C ALA A 10 0.22 5.35 -13.06
N ALA A 11 -0.60 5.80 -13.99
CA ALA A 11 -0.65 7.20 -14.38
C ALA A 11 -1.38 8.07 -13.34
N SER A 12 -0.75 8.21 -12.18
CA SER A 12 -1.20 9.14 -11.13
C SER A 12 -2.58 8.78 -10.58
N PHE A 13 -2.60 8.18 -9.39
CA PHE A 13 -3.85 7.91 -8.70
C PHE A 13 -4.02 8.88 -7.54
N SER A 14 -5.19 9.51 -7.46
CA SER A 14 -5.45 10.50 -6.43
C SER A 14 -6.68 10.09 -5.61
N TYR A 15 -6.45 9.74 -4.35
CA TYR A 15 -7.51 9.25 -3.49
C TYR A 15 -7.44 9.91 -2.12
N PRO A 16 -8.59 10.05 -1.43
CA PRO A 16 -8.64 10.65 -0.10
C PRO A 16 -8.14 9.71 0.98
N ASP A 17 -7.18 10.20 1.75
CA ASP A 17 -6.70 9.50 2.94
C ASP A 17 -7.79 9.56 4.01
N ILE A 18 -7.72 8.64 4.98
CA ILE A 18 -8.72 8.54 6.05
C ILE A 18 -8.89 9.86 6.80
N ASN A 19 -7.84 10.69 6.80
CA ASN A 19 -7.91 12.01 7.42
C ASN A 19 -8.76 12.96 6.57
N GLY A 20 -9.31 12.43 5.49
CA GLY A 20 -10.14 13.21 4.59
C GLY A 20 -9.28 14.14 3.76
N LYS A 21 -8.11 13.66 3.39
CA LYS A 21 -7.15 14.50 2.69
C LYS A 21 -6.84 13.90 1.32
N THR A 22 -6.84 14.72 0.30
CA THR A 22 -6.61 14.25 -1.05
C THR A 22 -5.12 14.04 -1.30
N VAL A 23 -4.71 12.78 -1.37
CA VAL A 23 -3.31 12.43 -1.60
C VAL A 23 -3.16 11.86 -3.01
N SER A 24 -2.07 12.19 -3.68
CA SER A 24 -1.86 11.76 -5.04
C SER A 24 -0.58 10.92 -5.15
N LEU A 25 -0.21 10.57 -6.38
CA LEU A 25 0.98 9.77 -6.61
C LEU A 25 2.25 10.62 -6.52
N ALA A 26 2.12 11.91 -6.81
CA ALA A 26 3.30 12.77 -6.97
C ALA A 26 3.82 13.31 -5.65
N ASP A 27 2.95 13.51 -4.67
CA ASP A 27 3.36 14.11 -3.39
C ASP A 27 4.00 13.07 -2.49
N LEU A 28 3.80 11.82 -2.82
CA LEU A 28 4.39 10.71 -2.08
C LEU A 28 5.31 9.93 -2.99
N LYS A 29 5.75 10.59 -4.04
CA LYS A 29 6.62 10.00 -5.04
C LYS A 29 8.08 10.30 -4.71
N GLY A 30 8.99 9.56 -5.32
CA GLY A 30 10.41 9.81 -5.09
C GLY A 30 11.07 8.64 -4.39
N LYS A 31 10.31 7.97 -3.55
CA LYS A 31 10.79 6.76 -2.90
C LYS A 31 9.93 5.58 -3.29
N TYR A 32 10.41 4.37 -3.02
CA TYR A 32 9.69 3.16 -3.40
C TYR A 32 8.33 3.12 -2.72
N ILE A 33 7.35 2.51 -3.36
CA ILE A 33 6.00 2.50 -2.86
C ILE A 33 5.48 1.07 -2.71
N TYR A 34 4.89 0.77 -1.57
CA TYR A 34 4.23 -0.49 -1.37
C TYR A 34 2.75 -0.24 -1.12
N ILE A 35 1.90 -0.81 -1.96
CA ILE A 35 0.47 -0.61 -1.83
C ILE A 35 -0.20 -1.85 -1.27
N ASP A 36 -0.83 -1.69 -0.13
CA ASP A 36 -1.64 -2.73 0.45
C ASP A 36 -3.11 -2.35 0.29
N VAL A 37 -3.98 -3.31 0.31
CA VAL A 37 -5.40 -3.02 0.29
C VAL A 37 -6.03 -3.35 1.63
N TRP A 38 -6.44 -2.32 2.33
CA TRP A 38 -7.01 -2.46 3.66
C TRP A 38 -8.54 -2.44 3.57
N ALA A 39 -9.18 -3.39 4.24
CA ALA A 39 -10.63 -3.51 4.21
C ALA A 39 -11.15 -4.03 5.53
N THR A 40 -12.41 -3.72 5.85
CA THR A 40 -13.04 -4.28 7.04
C THR A 40 -13.96 -5.45 6.66
N TRP A 41 -14.48 -5.42 5.44
CA TRP A 41 -15.43 -6.45 4.99
C TRP A 41 -14.71 -7.71 4.51
N CYS A 42 -13.42 -7.79 4.79
CA CYS A 42 -12.65 -8.99 4.49
C CYS A 42 -12.66 -9.92 5.70
N GLY A 43 -12.12 -9.44 6.81
CA GLY A 43 -12.05 -10.25 8.01
C GLY A 43 -10.64 -10.66 8.37
N PRO A 44 -10.12 -11.75 7.76
CA PRO A 44 -8.75 -12.24 8.02
C PRO A 44 -7.69 -11.17 7.82
N CYS A 45 -8.00 -10.20 6.96
CA CYS A 45 -7.11 -9.07 6.71
C CYS A 45 -6.68 -8.40 8.00
N ARG A 46 -7.60 -8.36 8.97
CA ARG A 46 -7.35 -7.66 10.22
C ARG A 46 -6.27 -8.37 11.04
N GLY A 47 -5.92 -9.57 10.64
CA GLY A 47 -4.84 -10.28 11.29
C GLY A 47 -3.49 -9.82 10.77
N GLU A 48 -3.50 -9.20 9.60
CA GLU A 48 -2.27 -8.72 8.98
C GLU A 48 -2.10 -7.23 9.24
N LEU A 49 -3.16 -6.57 9.71
CA LEU A 49 -3.09 -5.18 10.14
C LEU A 49 -1.95 -4.97 11.15
N PRO A 50 -1.84 -5.81 12.21
CA PRO A 50 -0.68 -5.77 13.10
C PRO A 50 0.63 -5.96 12.35
N ALA A 51 0.62 -6.80 11.31
CA ALA A 51 1.82 -7.08 10.54
C ALA A 51 2.19 -5.88 9.67
N LEU A 52 1.18 -5.07 9.34
CA LEU A 52 1.39 -3.83 8.64
C LEU A 52 2.14 -2.85 9.53
N LYS A 53 1.86 -2.92 10.84
CA LYS A 53 2.58 -2.11 11.81
C LYS A 53 4.01 -2.61 11.94
N GLU A 54 4.17 -3.92 11.92
CA GLU A 54 5.49 -4.54 11.89
C GLU A 54 6.32 -3.92 10.77
N LEU A 55 5.74 -3.88 9.58
CA LEU A 55 6.35 -3.23 8.43
C LEU A 55 6.55 -1.74 8.69
N GLU A 56 5.45 -1.09 9.07
CA GLU A 56 5.40 0.33 9.38
C GLU A 56 6.59 0.79 10.22
N GLU A 57 6.74 0.21 11.40
CA GLU A 57 7.74 0.67 12.35
C GLU A 57 9.14 0.18 11.99
N LYS A 58 9.20 -0.98 11.35
CA LYS A 58 10.48 -1.55 10.91
C LYS A 58 11.08 -0.72 9.77
N TYR A 59 10.22 -0.08 8.99
CA TYR A 59 10.67 0.67 7.83
C TYR A 59 10.26 2.13 7.90
N ALA A 60 9.82 2.57 9.08
CA ALA A 60 9.55 3.98 9.32
C ALA A 60 10.82 4.80 9.11
N GLY A 61 10.69 5.87 8.35
CA GLY A 61 11.83 6.73 8.07
C GLY A 61 12.84 6.06 7.17
N LYS A 62 12.35 5.45 6.10
CA LYS A 62 13.22 4.86 5.09
C LYS A 62 12.87 5.40 3.73
N ASP A 63 13.36 4.72 2.70
CA ASP A 63 13.11 5.11 1.32
C ASP A 63 11.96 4.31 0.72
N ILE A 64 10.90 4.17 1.52
CA ILE A 64 9.75 3.39 1.13
C ILE A 64 8.48 4.06 1.68
N HIS A 65 7.38 3.89 0.97
CA HIS A 65 6.11 4.42 1.39
C HIS A 65 5.07 3.32 1.47
N PHE A 66 4.50 3.13 2.64
CA PHE A 66 3.41 2.19 2.79
C PHE A 66 2.09 2.90 2.52
N VAL A 67 1.46 2.54 1.41
CA VAL A 67 0.25 3.18 0.96
C VAL A 67 -0.90 2.18 0.92
N SER A 68 -1.83 2.34 1.83
CA SER A 68 -2.99 1.48 1.89
C SER A 68 -4.10 2.03 0.99
N LEU A 69 -4.85 1.16 0.36
CA LEU A 69 -6.01 1.57 -0.44
C LEU A 69 -7.21 0.70 -0.08
N SER A 70 -8.30 1.33 0.33
CA SER A 70 -9.45 0.59 0.82
C SER A 70 -10.61 0.64 -0.16
N CYS A 71 -11.01 -0.53 -0.62
CA CYS A 71 -12.15 -0.65 -1.52
C CYS A 71 -13.45 -0.77 -0.73
N ASP A 72 -13.41 -0.37 0.53
CA ASP A 72 -14.60 -0.42 1.39
C ASP A 72 -15.59 0.63 0.94
N LYS A 73 -16.79 0.19 0.60
CA LYS A 73 -17.82 1.10 0.15
C LYS A 73 -18.42 1.84 1.34
N ASN A 74 -18.34 1.22 2.51
CA ASN A 74 -18.74 1.85 3.76
C ASN A 74 -17.66 2.80 4.24
N LYS A 75 -17.81 4.08 3.93
CA LYS A 75 -16.75 5.04 4.23
C LYS A 75 -16.62 5.31 5.72
N LYS A 76 -17.65 5.92 6.30
CA LYS A 76 -17.56 6.35 7.69
C LYS A 76 -17.28 5.19 8.61
N ALA A 77 -17.96 4.07 8.37
CA ALA A 77 -17.76 2.85 9.15
C ALA A 77 -16.29 2.46 9.22
N TRP A 78 -15.61 2.64 8.10
CA TRP A 78 -14.25 2.19 7.97
C TRP A 78 -13.29 3.14 8.66
N GLU A 79 -13.50 4.44 8.48
CA GLU A 79 -12.72 5.46 9.15
C GLU A 79 -12.68 5.19 10.66
N ASN A 80 -13.83 4.80 11.20
CA ASN A 80 -13.94 4.46 12.61
C ASN A 80 -12.99 3.33 12.97
N MET A 81 -13.10 2.23 12.22
CA MET A 81 -12.34 1.04 12.55
C MET A 81 -10.84 1.28 12.48
N VAL A 82 -10.35 1.93 11.42
CA VAL A 82 -8.92 2.20 11.33
C VAL A 82 -8.45 3.08 12.48
N THR A 83 -9.32 3.98 12.95
CA THR A 83 -8.99 4.80 14.11
C THR A 83 -8.81 3.92 15.34
N LYS A 84 -9.66 2.90 15.48
CA LYS A 84 -9.61 2.00 16.63
C LYS A 84 -8.53 0.93 16.44
N ASP A 85 -8.29 0.55 15.19
CA ASP A 85 -7.26 -0.44 14.84
C ASP A 85 -5.86 0.17 14.92
N GLN A 86 -5.82 1.49 15.11
CA GLN A 86 -4.58 2.21 15.40
C GLN A 86 -3.59 2.22 14.24
N LEU A 87 -4.06 1.92 13.04
CA LEU A 87 -3.18 1.89 11.86
C LEU A 87 -2.62 3.28 11.57
N LYS A 88 -1.37 3.32 11.12
CA LYS A 88 -0.73 4.56 10.72
C LYS A 88 -0.23 4.50 9.29
N GLY A 89 0.60 5.46 8.90
CA GLY A 89 1.11 5.50 7.56
C GLY A 89 0.25 6.35 6.64
N ILE A 90 0.32 6.11 5.35
CA ILE A 90 -0.53 6.79 4.40
C ILE A 90 -1.58 5.82 3.89
N GLN A 91 -2.83 6.12 4.15
CA GLN A 91 -3.89 5.16 3.91
C GLN A 91 -5.09 5.80 3.23
N LEU A 92 -5.19 5.56 1.94
CA LEU A 92 -6.21 6.15 1.10
C LEU A 92 -7.44 5.25 1.04
N HIS A 93 -8.60 5.86 1.04
CA HIS A 93 -9.85 5.12 0.96
C HIS A 93 -10.54 5.37 -0.37
N MET A 94 -10.67 4.30 -1.14
CA MET A 94 -11.29 4.34 -2.46
C MET A 94 -12.79 4.58 -2.37
N GLY A 95 -13.46 3.79 -1.56
CA GLY A 95 -14.88 3.99 -1.32
C GLY A 95 -15.75 3.50 -2.45
N THR A 96 -15.96 4.35 -3.44
CA THR A 96 -16.85 4.02 -4.54
C THR A 96 -16.11 4.06 -5.87
N ASP A 97 -14.85 4.48 -5.85
CA ASP A 97 -14.10 4.59 -7.10
C ASP A 97 -13.22 3.36 -7.27
N ARG A 98 -13.85 2.24 -7.59
CA ARG A 98 -13.15 0.98 -7.69
C ARG A 98 -12.48 0.82 -9.05
N THR A 99 -12.07 1.95 -9.62
CA THR A 99 -11.40 1.95 -10.93
C THR A 99 -10.06 1.24 -10.85
N PHE A 100 -9.31 1.53 -9.78
CA PHE A 100 -8.03 0.88 -9.54
C PHE A 100 -8.24 -0.57 -9.14
N MET A 101 -9.30 -0.80 -8.38
CA MET A 101 -9.71 -2.16 -8.02
C MET A 101 -9.93 -2.99 -9.27
N ASP A 102 -10.62 -2.39 -10.23
CA ASP A 102 -10.91 -3.03 -11.50
C ASP A 102 -9.65 -3.20 -12.33
N ALA A 103 -8.89 -2.12 -12.46
CA ALA A 103 -7.75 -2.10 -13.37
C ALA A 103 -6.61 -2.99 -12.90
N TYR A 104 -6.59 -3.30 -11.62
CA TYR A 104 -5.53 -4.12 -11.05
C TYR A 104 -6.04 -5.50 -10.66
N LEU A 105 -7.31 -5.76 -10.93
CA LEU A 105 -7.95 -7.03 -10.58
C LEU A 105 -7.89 -7.27 -9.07
N ILE A 106 -7.84 -6.17 -8.31
CA ILE A 106 -7.92 -6.24 -6.85
C ILE A 106 -9.29 -6.71 -6.40
N ASN A 107 -9.52 -8.02 -6.49
CA ASN A 107 -10.75 -8.62 -5.99
C ASN A 107 -10.44 -9.43 -4.75
N GLY A 108 -9.39 -10.22 -4.83
CA GLY A 108 -8.92 -10.96 -3.68
C GLY A 108 -8.14 -10.07 -2.74
N ILE A 109 -8.84 -9.50 -1.78
CA ILE A 109 -8.24 -8.59 -0.81
C ILE A 109 -8.03 -9.29 0.54
N PRO A 110 -7.01 -8.87 1.33
CA PRO A 110 -6.10 -7.77 0.96
C PRO A 110 -5.18 -8.10 -0.21
N ARG A 111 -4.75 -7.06 -0.92
CA ARG A 111 -3.91 -7.20 -2.10
C ARG A 111 -2.54 -6.61 -1.82
N PHE A 112 -1.52 -7.24 -2.38
CA PHE A 112 -0.14 -6.84 -2.19
C PHE A 112 0.47 -6.32 -3.49
N ILE A 113 0.81 -5.04 -3.52
CA ILE A 113 1.37 -4.41 -4.71
C ILE A 113 2.67 -3.67 -4.39
N LEU A 114 3.63 -3.74 -5.29
CA LEU A 114 4.91 -3.06 -5.12
C LEU A 114 5.21 -2.18 -6.32
N LEU A 115 5.69 -0.96 -6.06
CA LEU A 115 5.98 -0.01 -7.12
C LEU A 115 7.31 0.68 -6.87
N ASP A 116 7.89 1.18 -7.95
CA ASP A 116 9.15 1.91 -7.92
C ASP A 116 8.94 3.35 -7.46
N ARG A 117 10.05 4.04 -7.17
CA ARG A 117 10.08 5.44 -6.70
C ARG A 117 9.17 6.35 -7.51
N ASP A 118 9.15 6.16 -8.83
CA ASP A 118 8.33 7.01 -9.71
C ASP A 118 6.88 6.61 -9.67
N GLY A 119 6.54 5.66 -8.81
CA GLY A 119 5.22 5.11 -8.79
C GLY A 119 5.07 4.07 -9.88
N LYS A 120 6.19 3.45 -10.25
CA LYS A 120 6.18 2.53 -11.37
C LYS A 120 5.98 1.10 -10.90
N ILE A 121 4.77 0.60 -11.09
CA ILE A 121 4.39 -0.75 -10.67
C ILE A 121 5.47 -1.77 -11.02
N ILE A 122 6.10 -2.32 -10.00
CA ILE A 122 7.08 -3.36 -10.15
C ILE A 122 6.39 -4.71 -10.11
N SER A 123 5.42 -4.83 -9.23
CA SER A 123 4.64 -6.05 -9.09
C SER A 123 3.18 -5.71 -8.79
N ALA A 124 2.28 -6.10 -9.69
CA ALA A 124 0.84 -5.93 -9.47
C ALA A 124 0.39 -6.85 -8.36
N ASN A 125 1.11 -7.94 -8.21
CA ASN A 125 0.94 -8.85 -7.08
C ASN A 125 2.30 -9.26 -6.57
N MET A 126 2.66 -8.75 -5.40
CA MET A 126 3.99 -8.98 -4.86
C MET A 126 4.08 -10.33 -4.15
N THR A 127 3.75 -10.35 -2.86
CA THR A 127 3.84 -11.57 -2.08
C THR A 127 2.62 -11.74 -1.17
N ARG A 128 2.56 -10.97 -0.09
CA ARG A 128 1.48 -11.06 0.87
C ARG A 128 1.76 -10.08 2.01
N PRO A 129 0.73 -9.37 2.50
CA PRO A 129 0.89 -8.35 3.56
C PRO A 129 1.71 -8.82 4.75
N SER A 130 1.43 -10.03 5.23
CA SER A 130 2.15 -10.56 6.39
C SER A 130 3.13 -11.66 5.97
N ASP A 131 3.60 -11.59 4.73
CA ASP A 131 4.58 -12.55 4.24
C ASP A 131 5.99 -12.02 4.47
N PRO A 132 6.90 -12.85 4.99
CA PRO A 132 8.28 -12.46 5.28
C PRO A 132 9.02 -11.93 4.06
N LYS A 133 8.83 -12.59 2.92
CA LYS A 133 9.56 -12.27 1.69
C LYS A 133 9.28 -10.83 1.26
N THR A 134 8.11 -10.35 1.63
CA THR A 134 7.75 -8.96 1.41
C THR A 134 8.71 -8.05 2.16
N ALA A 135 8.79 -8.28 3.47
CA ALA A 135 9.69 -7.54 4.35
C ALA A 135 11.15 -7.71 3.94
N GLU A 136 11.53 -8.94 3.61
CA GLU A 136 12.89 -9.25 3.19
C GLU A 136 13.30 -8.36 2.04
N LYS A 137 12.47 -8.36 1.02
CA LYS A 137 12.70 -7.58 -0.18
C LYS A 137 12.93 -6.10 0.14
N PHE A 138 12.10 -5.58 1.03
CA PHE A 138 12.25 -4.18 1.47
C PHE A 138 13.67 -3.89 1.97
N ASN A 139 14.09 -4.60 3.02
CA ASN A 139 15.39 -4.32 3.62
C ASN A 139 16.52 -4.79 2.72
N GLU A 140 16.20 -5.65 1.77
CA GLU A 140 17.14 -6.03 0.73
C GLU A 140 17.60 -4.81 -0.07
N LEU A 141 16.62 -4.10 -0.64
CA LEU A 141 16.92 -2.94 -1.49
C LEU A 141 17.42 -1.77 -0.64
N LEU A 142 17.12 -1.82 0.65
CA LEU A 142 17.64 -0.82 1.57
C LEU A 142 19.08 -1.17 1.98
N GLY A 143 19.46 -2.42 1.76
CA GLY A 143 20.78 -2.87 2.13
C GLY A 143 20.91 -3.03 3.63
N LEU A 144 19.85 -3.55 4.23
CA LEU A 144 19.72 -3.64 5.66
C LEU A 144 19.63 -5.10 6.10
N GLU A 145 20.09 -6.01 5.23
CA GLU A 145 20.06 -7.43 5.54
C GLU A 145 21.33 -7.84 6.24
N GLY A 146 22.40 -7.16 5.89
CA GLY A 146 23.70 -7.42 6.47
C GLY A 146 23.75 -7.11 7.95
N HIS A 147 23.64 -8.15 8.76
CA HIS A 147 23.63 -7.99 10.21
C HIS A 147 24.91 -8.54 10.81
N HIS A 148 25.37 -7.88 11.89
CA HIS A 148 26.66 -8.17 12.55
C HIS A 148 27.82 -7.85 11.62
N HIS A 149 28.79 -7.10 12.13
CA HIS A 149 29.91 -6.65 11.30
C HIS A 149 30.80 -7.81 10.91
N HIS A 150 31.50 -7.66 9.79
CA HIS A 150 32.40 -8.70 9.29
C HIS A 150 33.57 -8.07 8.56
N HIS A 151 34.78 -8.34 9.02
CA HIS A 151 35.97 -7.80 8.38
C HIS A 151 36.66 -8.87 7.55
N HIS A 152 36.11 -9.10 6.36
CA HIS A 152 36.62 -10.12 5.45
C HIS A 152 35.80 -10.07 4.16
N MET A 1 -1.18 11.13 -25.03
CA MET A 1 -1.78 10.39 -23.90
C MET A 1 -0.72 9.66 -23.10
N SER A 2 0.12 8.88 -23.81
CA SER A 2 1.13 8.04 -23.17
C SER A 2 0.45 7.01 -22.27
N LEU A 3 1.23 6.38 -21.39
CA LEU A 3 0.69 5.46 -20.36
C LEU A 3 -0.12 4.32 -20.98
N ARG A 4 0.54 3.20 -21.20
CA ARG A 4 -0.10 2.05 -21.83
C ARG A 4 0.54 0.75 -21.39
N SER A 5 0.15 -0.36 -22.03
CA SER A 5 0.62 -1.69 -21.64
C SER A 5 0.21 -1.99 -20.20
N GLY A 6 -0.94 -1.44 -19.81
CA GLY A 6 -1.44 -1.62 -18.47
C GLY A 6 -2.67 -0.76 -18.23
N ASN A 7 -2.46 0.40 -17.62
CA ASN A 7 -3.56 1.32 -17.35
C ASN A 7 -3.01 2.74 -17.24
N PRO A 8 -3.76 3.73 -17.73
CA PRO A 8 -3.34 5.14 -17.71
C PRO A 8 -3.37 5.74 -16.31
N SER A 9 -4.19 5.18 -15.44
CA SER A 9 -4.32 5.70 -14.08
C SER A 9 -3.33 5.01 -13.14
N ALA A 10 -2.35 4.35 -13.73
CA ALA A 10 -1.30 3.68 -12.97
C ALA A 10 -0.15 4.63 -12.70
N ALA A 11 -0.46 5.91 -12.62
CA ALA A 11 0.53 6.95 -12.46
C ALA A 11 -0.09 8.22 -11.91
N SER A 12 0.36 8.60 -10.73
CA SER A 12 0.00 9.88 -10.12
C SER A 12 -1.49 9.96 -9.75
N PHE A 13 -2.05 8.83 -9.31
CA PHE A 13 -3.43 8.81 -8.83
C PHE A 13 -3.55 9.64 -7.55
N SER A 14 -4.77 9.99 -7.17
CA SER A 14 -4.98 10.78 -5.96
C SER A 14 -6.23 10.32 -5.23
N TYR A 15 -6.09 10.03 -3.94
CA TYR A 15 -7.20 9.60 -3.11
C TYR A 15 -7.07 10.21 -1.71
N PRO A 16 -8.16 10.30 -0.95
CA PRO A 16 -8.15 10.89 0.39
C PRO A 16 -7.80 9.90 1.50
N ASP A 17 -6.91 10.32 2.41
CA ASP A 17 -6.62 9.57 3.63
C ASP A 17 -7.81 9.62 4.58
N ILE A 18 -7.76 8.79 5.61
CA ILE A 18 -8.76 8.74 6.70
C ILE A 18 -9.21 10.14 7.13
N ASN A 19 -8.25 11.06 7.21
CA ASN A 19 -8.52 12.42 7.69
C ASN A 19 -9.37 13.19 6.69
N GLY A 20 -9.66 12.58 5.56
CA GLY A 20 -10.36 13.25 4.50
C GLY A 20 -9.42 14.13 3.72
N LYS A 21 -8.17 13.69 3.60
CA LYS A 21 -7.13 14.50 2.99
C LYS A 21 -6.72 13.91 1.65
N THR A 22 -6.74 14.74 0.62
CA THR A 22 -6.48 14.27 -0.73
C THR A 22 -4.99 14.24 -1.01
N VAL A 23 -4.45 13.03 -1.06
CA VAL A 23 -3.03 12.82 -1.34
C VAL A 23 -2.86 12.14 -2.68
N SER A 24 -1.80 12.50 -3.39
CA SER A 24 -1.54 11.92 -4.69
C SER A 24 -0.28 11.07 -4.68
N LEU A 25 -0.14 10.22 -5.69
CA LEU A 25 1.03 9.37 -5.82
C LEU A 25 2.28 10.21 -6.11
N ALA A 26 2.07 11.45 -6.53
CA ALA A 26 3.17 12.35 -6.84
C ALA A 26 3.82 12.87 -5.56
N ASP A 27 3.09 12.76 -4.45
CA ASP A 27 3.63 13.11 -3.14
C ASP A 27 4.56 12.01 -2.64
N LEU A 28 4.15 10.78 -2.91
CA LEU A 28 4.90 9.61 -2.50
C LEU A 28 5.97 9.28 -3.53
N LYS A 29 5.92 10.01 -4.63
CA LYS A 29 6.83 9.83 -5.74
C LYS A 29 8.21 10.38 -5.39
N GLY A 30 9.21 9.56 -5.62
CA GLY A 30 10.56 9.88 -5.23
C GLY A 30 11.16 8.76 -4.44
N LYS A 31 10.31 8.05 -3.71
CA LYS A 31 10.72 6.86 -2.97
C LYS A 31 9.91 5.66 -3.41
N TYR A 32 10.24 4.48 -2.90
CA TYR A 32 9.52 3.26 -3.26
C TYR A 32 8.11 3.29 -2.66
N ILE A 33 7.17 2.63 -3.31
CA ILE A 33 5.81 2.58 -2.82
C ILE A 33 5.35 1.14 -2.65
N TYR A 34 4.72 0.85 -1.53
CA TYR A 34 4.07 -0.44 -1.32
C TYR A 34 2.59 -0.22 -1.10
N ILE A 35 1.78 -0.69 -2.02
CA ILE A 35 0.34 -0.50 -1.94
C ILE A 35 -0.35 -1.77 -1.47
N ASP A 36 -0.94 -1.69 -0.29
CA ASP A 36 -1.73 -2.77 0.24
C ASP A 36 -3.20 -2.36 0.26
N VAL A 37 -4.09 -3.32 0.29
CA VAL A 37 -5.51 -3.02 0.35
C VAL A 37 -6.03 -3.22 1.77
N TRP A 38 -6.74 -2.23 2.27
CA TRP A 38 -7.28 -2.30 3.63
C TRP A 38 -8.79 -2.13 3.58
N ALA A 39 -9.50 -2.98 4.31
CA ALA A 39 -10.96 -2.92 4.35
C ALA A 39 -11.48 -3.29 5.73
N THR A 40 -12.72 -2.94 6.04
CA THR A 40 -13.32 -3.35 7.30
C THR A 40 -13.98 -4.72 7.15
N TRP A 41 -14.29 -5.06 5.91
CA TRP A 41 -14.85 -6.37 5.59
C TRP A 41 -13.75 -7.30 5.13
N CYS A 42 -12.51 -6.93 5.43
CA CYS A 42 -11.34 -7.69 5.00
C CYS A 42 -11.17 -8.94 5.85
N GLY A 43 -11.80 -8.95 7.02
CA GLY A 43 -11.79 -10.10 7.93
C GLY A 43 -10.42 -10.71 8.16
N PRO A 44 -10.08 -11.80 7.44
CA PRO A 44 -8.76 -12.46 7.55
C PRO A 44 -7.58 -11.50 7.40
N CYS A 45 -7.79 -10.40 6.70
CA CYS A 45 -6.76 -9.36 6.60
C CYS A 45 -6.54 -8.70 7.95
N ARG A 46 -7.65 -8.47 8.64
CA ARG A 46 -7.64 -7.73 9.88
C ARG A 46 -6.93 -8.50 11.00
N GLY A 47 -6.85 -9.81 10.86
CA GLY A 47 -6.19 -10.63 11.86
C GLY A 47 -4.72 -10.30 11.98
N GLU A 48 -4.15 -9.79 10.89
CA GLU A 48 -2.76 -9.44 10.87
C GLU A 48 -2.55 -7.92 10.82
N LEU A 49 -3.53 -7.17 11.30
CA LEU A 49 -3.35 -5.74 11.49
C LEU A 49 -2.19 -5.46 12.45
N PRO A 50 -2.08 -6.22 13.57
CA PRO A 50 -0.88 -6.18 14.42
C PRO A 50 0.41 -6.40 13.62
N ALA A 51 0.35 -7.30 12.64
CA ALA A 51 1.50 -7.61 11.81
C ALA A 51 1.75 -6.48 10.81
N LEU A 52 0.69 -5.77 10.46
CA LEU A 52 0.79 -4.59 9.62
C LEU A 52 1.54 -3.51 10.40
N LYS A 53 1.19 -3.35 11.68
CA LYS A 53 1.87 -2.39 12.56
C LYS A 53 3.35 -2.78 12.70
N GLU A 54 3.60 -4.07 12.85
CA GLU A 54 4.95 -4.61 12.87
C GLU A 54 5.76 -4.07 11.70
N LEU A 55 5.27 -4.31 10.50
CA LEU A 55 5.92 -3.85 9.29
C LEU A 55 5.96 -2.32 9.25
N GLU A 56 4.84 -1.71 9.60
CA GLU A 56 4.66 -0.27 9.63
C GLU A 56 5.80 0.42 10.38
N GLU A 57 5.95 0.09 11.65
CA GLU A 57 6.88 0.77 12.54
C GLU A 57 8.33 0.40 12.22
N LYS A 58 8.54 -0.84 11.83
CA LYS A 58 9.88 -1.31 11.50
C LYS A 58 10.41 -0.67 10.23
N TYR A 59 9.53 -0.48 9.26
CA TYR A 59 9.94 0.04 7.97
C TYR A 59 9.47 1.49 7.77
N ALA A 60 9.00 2.10 8.84
CA ALA A 60 8.71 3.53 8.83
C ALA A 60 10.03 4.30 8.80
N GLY A 61 10.00 5.49 8.19
CA GLY A 61 11.19 6.32 8.13
C GLY A 61 12.26 5.73 7.24
N LYS A 62 11.85 5.14 6.13
CA LYS A 62 12.79 4.61 5.15
C LYS A 62 12.59 5.31 3.81
N ASP A 63 13.13 4.71 2.78
CA ASP A 63 13.00 5.23 1.43
C ASP A 63 11.79 4.61 0.73
N ILE A 64 10.73 4.40 1.51
CA ILE A 64 9.54 3.71 1.03
C ILE A 64 8.29 4.34 1.61
N HIS A 65 7.14 3.98 1.05
CA HIS A 65 5.86 4.46 1.55
C HIS A 65 4.86 3.32 1.60
N PHE A 66 4.37 3.02 2.80
CA PHE A 66 3.25 2.09 2.93
C PHE A 66 1.96 2.82 2.61
N VAL A 67 1.28 2.36 1.57
CA VAL A 67 0.08 3.03 1.10
C VAL A 67 -1.08 2.05 1.00
N SER A 68 -1.98 2.14 1.96
CA SER A 68 -3.15 1.30 1.98
C SER A 68 -4.29 1.95 1.20
N LEU A 69 -4.91 1.20 0.28
CA LEU A 69 -6.07 1.72 -0.45
C LEU A 69 -7.31 0.91 -0.10
N SER A 70 -8.40 1.59 0.21
CA SER A 70 -9.61 0.95 0.68
C SER A 70 -10.75 1.05 -0.32
N CYS A 71 -11.24 -0.09 -0.76
CA CYS A 71 -12.37 -0.16 -1.68
C CYS A 71 -13.69 -0.20 -0.90
N ASP A 72 -13.65 0.19 0.37
CA ASP A 72 -14.84 0.19 1.21
C ASP A 72 -15.79 1.29 0.79
N LYS A 73 -17.07 0.98 0.71
CA LYS A 73 -18.08 1.97 0.37
C LYS A 73 -18.39 2.83 1.58
N ASN A 74 -18.43 2.20 2.75
CA ASN A 74 -18.72 2.88 4.00
C ASN A 74 -17.50 3.63 4.51
N LYS A 75 -17.27 4.83 4.00
CA LYS A 75 -16.09 5.59 4.38
C LYS A 75 -16.12 5.96 5.84
N LYS A 76 -17.23 6.55 6.28
CA LYS A 76 -17.34 7.06 7.63
C LYS A 76 -17.14 5.92 8.62
N ALA A 77 -17.87 4.83 8.41
CA ALA A 77 -17.76 3.64 9.27
C ALA A 77 -16.33 3.12 9.29
N TRP A 78 -15.69 3.19 8.14
CA TRP A 78 -14.38 2.63 7.97
C TRP A 78 -13.30 3.50 8.61
N GLU A 79 -13.40 4.81 8.42
CA GLU A 79 -12.44 5.73 8.99
C GLU A 79 -12.45 5.62 10.53
N ASN A 80 -13.62 5.23 11.08
CA ASN A 80 -13.71 4.92 12.50
C ASN A 80 -12.83 3.73 12.84
N MET A 81 -13.02 2.63 12.11
CA MET A 81 -12.30 1.39 12.38
C MET A 81 -10.80 1.59 12.36
N VAL A 82 -10.28 2.25 11.34
CA VAL A 82 -8.85 2.51 11.25
C VAL A 82 -8.37 3.35 12.44
N THR A 83 -9.23 4.25 12.90
CA THR A 83 -8.93 5.03 14.09
C THR A 83 -8.85 4.12 15.32
N LYS A 84 -9.78 3.18 15.42
CA LYS A 84 -9.88 2.29 16.57
C LYS A 84 -8.80 1.20 16.50
N ASP A 85 -8.55 0.71 15.30
CA ASP A 85 -7.58 -0.36 15.08
C ASP A 85 -6.14 0.17 15.00
N GLN A 86 -6.02 1.50 15.13
CA GLN A 86 -4.73 2.16 15.28
C GLN A 86 -3.84 2.06 14.04
N LEU A 87 -4.39 1.61 12.91
CA LEU A 87 -3.63 1.51 11.67
C LEU A 87 -3.20 2.90 11.19
N LYS A 88 -1.91 3.09 10.95
CA LYS A 88 -1.41 4.38 10.51
C LYS A 88 -0.65 4.28 9.19
N GLY A 89 0.15 5.29 8.89
CA GLY A 89 0.88 5.32 7.64
C GLY A 89 0.14 6.14 6.60
N ILE A 90 0.42 5.87 5.32
CA ILE A 90 -0.31 6.51 4.25
C ILE A 90 -1.46 5.61 3.84
N GLN A 91 -2.66 6.09 4.02
CA GLN A 91 -3.83 5.23 3.90
C GLN A 91 -4.99 5.95 3.23
N LEU A 92 -5.09 5.75 1.93
CA LEU A 92 -6.08 6.40 1.13
C LEU A 92 -7.32 5.51 0.98
N HIS A 93 -8.44 6.14 0.69
CA HIS A 93 -9.70 5.44 0.57
C HIS A 93 -10.31 5.71 -0.80
N MET A 94 -10.65 4.63 -1.49
CA MET A 94 -11.20 4.69 -2.82
C MET A 94 -12.70 4.98 -2.77
N GLY A 95 -13.46 4.04 -2.23
CA GLY A 95 -14.90 4.22 -2.14
C GLY A 95 -15.65 3.37 -3.13
N THR A 96 -15.96 3.94 -4.28
CA THR A 96 -16.76 3.24 -5.28
C THR A 96 -15.98 3.04 -6.57
N ASP A 97 -14.74 3.49 -6.59
CA ASP A 97 -13.94 3.46 -7.82
C ASP A 97 -13.27 2.10 -8.00
N ARG A 98 -14.04 1.05 -7.71
CA ARG A 98 -13.51 -0.33 -7.67
C ARG A 98 -13.03 -0.80 -9.04
N THR A 99 -13.26 0.00 -10.07
CA THR A 99 -12.79 -0.32 -11.40
C THR A 99 -11.26 -0.17 -11.47
N PHE A 100 -10.71 0.57 -10.51
CA PHE A 100 -9.27 0.70 -10.37
C PHE A 100 -8.68 -0.58 -9.80
N MET A 101 -9.42 -1.19 -8.87
CA MET A 101 -9.06 -2.50 -8.34
C MET A 101 -9.12 -3.51 -9.47
N ASP A 102 -10.17 -3.39 -10.26
CA ASP A 102 -10.42 -4.25 -11.42
C ASP A 102 -9.25 -4.15 -12.41
N ALA A 103 -8.83 -2.92 -12.71
CA ALA A 103 -7.77 -2.68 -13.68
C ALA A 103 -6.42 -3.19 -13.16
N TYR A 104 -6.36 -3.50 -11.88
CA TYR A 104 -5.15 -3.99 -11.26
C TYR A 104 -5.24 -5.49 -10.98
N LEU A 105 -6.32 -6.11 -11.47
CA LEU A 105 -6.56 -7.53 -11.28
C LEU A 105 -6.72 -7.86 -9.79
N ILE A 106 -7.14 -6.87 -9.02
CA ILE A 106 -7.44 -7.07 -7.61
C ILE A 106 -8.87 -7.60 -7.46
N ASN A 107 -9.01 -8.91 -7.56
CA ASN A 107 -10.31 -9.54 -7.38
C ASN A 107 -10.57 -9.78 -5.90
N GLY A 108 -9.61 -10.40 -5.25
CA GLY A 108 -9.73 -10.69 -3.84
C GLY A 108 -8.83 -9.82 -3.02
N ILE A 109 -9.39 -9.22 -1.98
CA ILE A 109 -8.62 -8.38 -1.08
C ILE A 109 -8.25 -9.15 0.18
N PRO A 110 -7.15 -8.76 0.86
CA PRO A 110 -6.32 -7.63 0.47
C PRO A 110 -5.29 -8.01 -0.60
N ARG A 111 -4.95 -7.04 -1.44
CA ARG A 111 -3.95 -7.23 -2.47
C ARG A 111 -2.64 -6.56 -2.06
N PHE A 112 -1.54 -7.08 -2.56
CA PHE A 112 -0.23 -6.57 -2.23
C PHE A 112 0.46 -6.09 -3.51
N ILE A 113 0.95 -4.86 -3.51
CA ILE A 113 1.54 -4.26 -4.71
C ILE A 113 2.81 -3.49 -4.35
N LEU A 114 3.79 -3.51 -5.25
CA LEU A 114 5.04 -2.79 -5.05
C LEU A 114 5.34 -1.93 -6.28
N LEU A 115 5.83 -0.72 -6.05
CA LEU A 115 6.11 0.23 -7.14
C LEU A 115 7.50 0.86 -6.92
N ASP A 116 8.08 1.38 -8.00
CA ASP A 116 9.37 2.05 -7.93
C ASP A 116 9.20 3.51 -7.56
N ARG A 117 10.33 4.18 -7.38
CA ARG A 117 10.39 5.56 -6.89
C ARG A 117 9.62 6.52 -7.78
N ASP A 118 9.49 6.19 -9.05
CA ASP A 118 8.78 7.06 -9.98
C ASP A 118 7.28 6.91 -9.76
N GLY A 119 6.93 5.96 -8.92
CA GLY A 119 5.56 5.63 -8.70
C GLY A 119 5.11 4.58 -9.66
N LYS A 120 6.06 3.80 -10.18
CA LYS A 120 5.73 2.85 -11.24
C LYS A 120 5.63 1.42 -10.72
N ILE A 121 4.44 0.85 -10.85
CA ILE A 121 4.18 -0.53 -10.43
C ILE A 121 5.27 -1.49 -10.91
N ILE A 122 5.99 -2.05 -9.96
CA ILE A 122 7.02 -3.04 -10.23
C ILE A 122 6.43 -4.44 -10.14
N SER A 123 5.62 -4.66 -9.10
CA SER A 123 4.94 -5.91 -8.90
C SER A 123 3.45 -5.67 -8.70
N ALA A 124 2.64 -6.15 -9.64
CA ALA A 124 1.18 -6.02 -9.55
C ALA A 124 0.62 -6.93 -8.47
N ASN A 125 1.41 -7.92 -8.08
CA ASN A 125 1.04 -8.81 -6.99
C ASN A 125 2.27 -9.15 -6.17
N MET A 126 2.42 -8.47 -5.05
CA MET A 126 3.53 -8.70 -4.14
C MET A 126 3.07 -9.71 -3.07
N THR A 127 3.62 -9.63 -1.88
CA THR A 127 3.32 -10.61 -0.86
C THR A 127 3.00 -9.97 0.49
N ARG A 128 1.90 -10.43 1.06
CA ARG A 128 1.47 -10.16 2.44
C ARG A 128 2.64 -9.95 3.42
N PRO A 129 2.50 -8.96 4.32
CA PRO A 129 3.51 -8.63 5.36
C PRO A 129 4.18 -9.83 6.03
N SER A 130 3.40 -10.87 6.32
CA SER A 130 3.91 -12.03 7.05
C SER A 130 4.84 -12.89 6.19
N ASP A 131 4.95 -12.56 4.92
CA ASP A 131 5.82 -13.27 4.01
C ASP A 131 7.25 -12.72 4.08
N PRO A 132 8.25 -13.60 4.24
CA PRO A 132 9.65 -13.20 4.33
C PRO A 132 10.20 -12.66 3.01
N LYS A 133 9.57 -13.03 1.90
CA LYS A 133 10.06 -12.65 0.58
C LYS A 133 9.79 -11.17 0.31
N THR A 134 8.67 -10.68 0.80
CA THR A 134 8.35 -9.28 0.68
C THR A 134 9.27 -8.48 1.60
N ALA A 135 9.50 -9.01 2.80
CA ALA A 135 10.37 -8.38 3.78
C ALA A 135 11.80 -8.27 3.26
N GLU A 136 12.34 -9.37 2.75
CA GLU A 136 13.71 -9.38 2.22
C GLU A 136 13.83 -8.35 1.09
N LYS A 137 12.77 -8.25 0.29
CA LYS A 137 12.79 -7.35 -0.84
C LYS A 137 12.84 -5.90 -0.38
N PHE A 138 12.10 -5.56 0.67
CA PHE A 138 12.14 -4.21 1.25
C PHE A 138 13.57 -3.84 1.60
N ASN A 139 14.22 -4.71 2.35
CA ASN A 139 15.60 -4.51 2.76
C ASN A 139 16.49 -4.38 1.53
N GLU A 140 16.35 -5.36 0.63
CA GLU A 140 17.11 -5.41 -0.61
C GLU A 140 17.02 -4.11 -1.41
N LEU A 141 15.81 -3.66 -1.73
CA LEU A 141 15.63 -2.48 -2.57
C LEU A 141 16.06 -1.21 -1.85
N LEU A 142 16.09 -1.28 -0.52
CA LEU A 142 16.57 -0.17 0.29
C LEU A 142 18.10 -0.18 0.28
N GLY A 143 18.66 -1.32 -0.08
CA GLY A 143 20.11 -1.47 -0.10
C GLY A 143 20.62 -1.91 1.25
N LEU A 144 19.70 -2.41 2.07
CA LEU A 144 20.02 -2.87 3.40
C LEU A 144 20.62 -4.26 3.34
N GLU A 145 20.07 -5.10 2.47
CA GLU A 145 20.56 -6.45 2.29
C GLU A 145 21.45 -6.57 1.07
N GLY A 146 21.80 -7.81 0.75
CA GLY A 146 22.69 -8.06 -0.37
C GLY A 146 23.85 -8.92 0.04
N HIS A 147 23.56 -10.16 0.45
CA HIS A 147 24.57 -11.06 0.99
C HIS A 147 25.44 -11.64 -0.12
N HIS A 148 26.18 -10.78 -0.79
CA HIS A 148 27.16 -11.20 -1.78
C HIS A 148 28.45 -10.39 -1.55
N HIS A 149 28.44 -9.63 -0.47
CA HIS A 149 29.59 -8.81 -0.10
C HIS A 149 30.31 -9.47 1.07
N HIS A 150 31.39 -8.86 1.56
CA HIS A 150 32.15 -9.44 2.66
C HIS A 150 31.99 -8.61 3.94
N HIS A 151 31.16 -7.57 3.86
CA HIS A 151 30.79 -6.77 5.02
C HIS A 151 29.42 -6.17 4.79
N HIS A 152 29.35 -5.33 3.77
CA HIS A 152 28.09 -4.77 3.31
C HIS A 152 28.33 -4.18 1.93
N MET A 1 -0.36 2.61 -16.76
CA MET A 1 -1.28 2.20 -17.85
C MET A 1 -1.42 3.33 -18.87
N SER A 2 -2.06 3.03 -19.99
CA SER A 2 -2.31 4.03 -21.01
C SER A 2 -3.57 4.81 -20.67
N LEU A 3 -3.43 6.12 -20.51
CA LEU A 3 -4.57 6.97 -20.15
C LEU A 3 -5.47 7.21 -21.37
N ARG A 4 -6.22 6.18 -21.73
CA ARG A 4 -7.17 6.30 -22.83
C ARG A 4 -8.59 6.29 -22.31
N SER A 5 -8.77 5.73 -21.12
CA SER A 5 -10.07 5.62 -20.49
C SER A 5 -10.50 6.94 -19.85
N GLY A 6 -9.51 7.76 -19.49
CA GLY A 6 -9.80 9.02 -18.85
C GLY A 6 -9.88 8.86 -17.34
N ASN A 7 -9.82 7.62 -16.89
CA ASN A 7 -9.86 7.32 -15.45
C ASN A 7 -8.44 7.15 -14.92
N PRO A 8 -8.24 7.36 -13.61
CA PRO A 8 -6.92 7.29 -12.97
C PRO A 8 -6.14 6.02 -13.35
N SER A 9 -6.76 4.86 -13.11
CA SER A 9 -6.18 3.58 -13.48
C SER A 9 -4.85 3.34 -12.76
N ALA A 10 -4.16 2.30 -13.15
CA ALA A 10 -2.82 2.03 -12.64
C ALA A 10 -1.81 2.92 -13.34
N ALA A 11 -1.89 4.22 -13.08
CA ALA A 11 -1.02 5.19 -13.70
C ALA A 11 -0.87 6.42 -12.83
N SER A 12 -1.94 6.78 -12.14
CA SER A 12 -1.96 7.90 -11.24
C SER A 12 -3.25 7.86 -10.44
N PHE A 13 -3.23 8.42 -9.24
CA PHE A 13 -4.40 8.45 -8.40
C PHE A 13 -4.35 9.62 -7.43
N SER A 14 -5.52 10.08 -7.03
CA SER A 14 -5.65 11.04 -5.94
C SER A 14 -6.89 10.72 -5.14
N TYR A 15 -6.73 10.17 -3.95
CA TYR A 15 -7.86 9.71 -3.15
C TYR A 15 -7.80 10.29 -1.74
N PRO A 16 -8.96 10.41 -1.07
CA PRO A 16 -9.03 10.98 0.28
C PRO A 16 -8.68 9.98 1.40
N ASP A 17 -7.73 10.38 2.22
CA ASP A 17 -7.37 9.66 3.45
C ASP A 17 -8.50 9.81 4.47
N ILE A 18 -8.49 8.96 5.49
CA ILE A 18 -9.51 8.93 6.54
C ILE A 18 -9.89 10.33 7.04
N ASN A 19 -8.87 11.16 7.27
CA ASN A 19 -9.06 12.49 7.84
C ASN A 19 -9.57 13.48 6.80
N GLY A 20 -9.85 12.99 5.60
CA GLY A 20 -10.23 13.86 4.52
C GLY A 20 -9.00 14.44 3.85
N LYS A 21 -7.93 13.66 3.83
CA LYS A 21 -6.65 14.14 3.33
C LYS A 21 -6.36 13.57 1.94
N THR A 22 -6.49 14.40 0.93
CA THR A 22 -6.24 13.95 -0.44
C THR A 22 -4.76 13.65 -0.66
N VAL A 23 -4.47 12.39 -0.97
CA VAL A 23 -3.12 11.97 -1.27
C VAL A 23 -3.05 11.45 -2.71
N SER A 24 -1.93 11.71 -3.38
CA SER A 24 -1.81 11.36 -4.77
C SER A 24 -0.60 10.44 -4.99
N LEU A 25 -0.30 10.16 -6.25
CA LEU A 25 0.85 9.33 -6.58
C LEU A 25 2.12 10.17 -6.66
N ALA A 26 1.96 11.48 -6.84
CA ALA A 26 3.09 12.36 -7.10
C ALA A 26 3.85 12.67 -5.82
N ASP A 27 3.12 12.79 -4.72
CA ASP A 27 3.73 13.09 -3.42
C ASP A 27 4.35 11.84 -2.82
N LEU A 28 4.04 10.70 -3.42
CA LEU A 28 4.61 9.43 -3.00
C LEU A 28 5.87 9.12 -3.80
N LYS A 29 6.12 9.90 -4.83
CA LYS A 29 7.28 9.70 -5.69
C LYS A 29 8.57 10.17 -5.02
N GLY A 30 9.67 9.56 -5.43
CA GLY A 30 10.95 9.89 -4.84
C GLY A 30 11.39 8.85 -3.84
N LYS A 31 10.53 7.87 -3.60
CA LYS A 31 10.78 6.81 -2.65
C LYS A 31 9.91 5.61 -3.00
N TYR A 32 10.41 4.39 -2.77
CA TYR A 32 9.67 3.18 -3.12
C TYR A 32 8.28 3.17 -2.50
N ILE A 33 7.33 2.54 -3.17
CA ILE A 33 5.95 2.54 -2.73
C ILE A 33 5.42 1.11 -2.58
N TYR A 34 4.67 0.87 -1.52
CA TYR A 34 4.01 -0.41 -1.33
C TYR A 34 2.53 -0.18 -1.08
N ILE A 35 1.69 -0.80 -1.90
CA ILE A 35 0.26 -0.60 -1.78
C ILE A 35 -0.44 -1.84 -1.26
N ASP A 36 -1.15 -1.67 -0.16
CA ASP A 36 -1.98 -2.72 0.39
C ASP A 36 -3.43 -2.28 0.34
N VAL A 37 -4.35 -3.22 0.39
CA VAL A 37 -5.77 -2.84 0.42
C VAL A 37 -6.35 -3.03 1.82
N TRP A 38 -6.76 -1.93 2.43
CA TRP A 38 -7.35 -1.96 3.76
C TRP A 38 -8.88 -1.94 3.62
N ALA A 39 -9.57 -2.83 4.34
CA ALA A 39 -11.02 -2.98 4.19
C ALA A 39 -11.71 -3.37 5.49
N THR A 40 -12.98 -2.99 5.61
CA THR A 40 -13.80 -3.34 6.77
C THR A 40 -14.39 -4.74 6.59
N TRP A 41 -14.94 -4.96 5.41
CA TRP A 41 -15.73 -6.15 5.10
C TRP A 41 -14.83 -7.35 4.73
N CYS A 42 -13.57 -7.30 5.11
CA CYS A 42 -12.66 -8.38 4.79
C CYS A 42 -12.71 -9.44 5.88
N GLY A 43 -12.29 -9.07 7.08
CA GLY A 43 -12.28 -10.02 8.19
C GLY A 43 -10.87 -10.43 8.56
N PRO A 44 -10.27 -11.42 7.87
CA PRO A 44 -8.88 -11.87 8.10
C PRO A 44 -7.88 -10.72 8.06
N CYS A 45 -8.25 -9.64 7.37
CA CYS A 45 -7.41 -8.44 7.27
C CYS A 45 -6.97 -7.96 8.65
N ARG A 46 -7.82 -8.16 9.64
CA ARG A 46 -7.58 -7.66 10.99
C ARG A 46 -6.48 -8.47 11.67
N GLY A 47 -6.15 -9.62 11.10
CA GLY A 47 -5.05 -10.41 11.61
C GLY A 47 -3.73 -9.94 11.02
N GLU A 48 -3.81 -9.33 9.85
CA GLU A 48 -2.62 -8.83 9.17
C GLU A 48 -2.30 -7.43 9.63
N LEU A 49 -3.30 -6.75 10.19
CA LEU A 49 -3.13 -5.38 10.67
C LEU A 49 -1.93 -5.26 11.62
N PRO A 50 -1.84 -6.14 12.66
CA PRO A 50 -0.66 -6.18 13.53
C PRO A 50 0.62 -6.45 12.75
N ALA A 51 0.53 -7.26 11.71
CA ALA A 51 1.72 -7.63 10.95
C ALA A 51 2.15 -6.47 10.06
N LEU A 52 1.16 -5.70 9.62
CA LEU A 52 1.41 -4.51 8.81
C LEU A 52 2.10 -3.46 9.68
N LYS A 53 1.66 -3.35 10.93
CA LYS A 53 2.28 -2.45 11.89
C LYS A 53 3.74 -2.82 12.10
N GLU A 54 4.00 -4.10 12.24
CA GLU A 54 5.36 -4.61 12.31
C GLU A 54 6.20 -4.05 11.16
N LEU A 55 5.66 -4.13 9.96
CA LEU A 55 6.35 -3.61 8.79
C LEU A 55 6.51 -2.09 8.83
N GLU A 56 5.40 -1.40 9.05
CA GLU A 56 5.39 0.07 8.99
C GLU A 56 6.39 0.67 9.98
N GLU A 57 6.38 0.19 11.21
CA GLU A 57 7.18 0.77 12.27
C GLU A 57 8.63 0.27 12.19
N LYS A 58 8.81 -0.90 11.60
CA LYS A 58 10.15 -1.47 11.43
C LYS A 58 10.88 -0.76 10.29
N TYR A 59 10.12 -0.38 9.27
CA TYR A 59 10.71 0.24 8.09
C TYR A 59 10.38 1.73 8.02
N ALA A 60 9.79 2.26 9.08
CA ALA A 60 9.62 3.69 9.22
C ALA A 60 10.98 4.39 9.22
N GLY A 61 11.25 5.14 8.17
CA GLY A 61 12.54 5.80 8.05
C GLY A 61 13.36 5.21 6.93
N LYS A 62 12.89 4.11 6.36
CA LYS A 62 13.56 3.50 5.22
C LYS A 62 13.10 4.16 3.94
N ASP A 63 13.25 3.45 2.84
CA ASP A 63 12.78 3.95 1.56
C ASP A 63 11.55 3.19 1.12
N ILE A 64 10.42 3.47 1.75
CA ILE A 64 9.17 2.85 1.40
C ILE A 64 7.98 3.70 1.84
N HIS A 65 6.94 3.70 1.03
CA HIS A 65 5.67 4.32 1.39
C HIS A 65 4.62 3.24 1.58
N PHE A 66 4.22 3.00 2.83
CA PHE A 66 3.12 2.09 3.09
C PHE A 66 1.81 2.79 2.77
N VAL A 67 1.20 2.36 1.67
CA VAL A 67 0.01 3.01 1.14
C VAL A 67 -1.16 2.04 1.09
N SER A 68 -2.08 2.20 2.02
CA SER A 68 -3.27 1.38 2.06
C SER A 68 -4.40 2.04 1.27
N LEU A 69 -5.05 1.28 0.39
CA LEU A 69 -6.17 1.79 -0.39
C LEU A 69 -7.41 0.96 -0.12
N SER A 70 -8.53 1.62 0.14
CA SER A 70 -9.74 0.94 0.56
C SER A 70 -10.85 1.03 -0.48
N CYS A 71 -11.29 -0.13 -0.96
CA CYS A 71 -12.42 -0.22 -1.88
C CYS A 71 -13.76 -0.18 -1.14
N ASP A 72 -13.72 0.14 0.15
CA ASP A 72 -14.92 0.10 0.99
C ASP A 72 -15.92 1.14 0.57
N LYS A 73 -17.18 0.73 0.45
CA LYS A 73 -18.25 1.66 0.16
C LYS A 73 -18.61 2.45 1.42
N ASN A 74 -18.44 1.83 2.56
CA ASN A 74 -18.73 2.46 3.84
C ASN A 74 -17.55 3.28 4.27
N LYS A 75 -17.62 4.59 4.17
CA LYS A 75 -16.51 5.39 4.61
C LYS A 75 -16.50 5.53 6.13
N LYS A 76 -17.59 6.03 6.67
CA LYS A 76 -17.67 6.30 8.11
C LYS A 76 -17.38 5.06 8.95
N ALA A 77 -18.04 3.94 8.65
CA ALA A 77 -17.84 2.72 9.44
C ALA A 77 -16.39 2.29 9.37
N TRP A 78 -15.78 2.54 8.23
CA TRP A 78 -14.40 2.14 8.01
C TRP A 78 -13.44 3.14 8.65
N GLU A 79 -13.71 4.42 8.49
CA GLU A 79 -12.86 5.47 9.02
C GLU A 79 -12.86 5.41 10.57
N ASN A 80 -13.99 5.08 11.17
CA ASN A 80 -14.04 4.97 12.62
C ASN A 80 -13.43 3.66 13.09
N MET A 81 -13.49 2.63 12.24
CA MET A 81 -12.81 1.36 12.54
C MET A 81 -11.31 1.54 12.52
N VAL A 82 -10.77 2.14 11.45
CA VAL A 82 -9.32 2.33 11.38
C VAL A 82 -8.83 3.19 12.54
N THR A 83 -9.68 4.10 12.99
CA THR A 83 -9.39 4.89 14.18
C THR A 83 -9.39 4.01 15.44
N LYS A 84 -10.35 3.10 15.51
CA LYS A 84 -10.48 2.18 16.63
C LYS A 84 -9.34 1.16 16.63
N ASP A 85 -9.10 0.60 15.46
CA ASP A 85 -8.04 -0.39 15.25
C ASP A 85 -6.66 0.26 15.28
N GLN A 86 -6.65 1.60 15.29
CA GLN A 86 -5.45 2.41 15.53
C GLN A 86 -4.35 2.18 14.49
N LEU A 87 -4.74 1.92 13.26
CA LEU A 87 -3.78 1.74 12.17
C LEU A 87 -3.07 3.06 11.86
N LYS A 88 -1.84 2.96 11.37
CA LYS A 88 -1.07 4.13 10.99
C LYS A 88 -0.61 4.04 9.53
N GLY A 89 0.39 4.84 9.18
CA GLY A 89 0.89 4.84 7.82
C GLY A 89 0.11 5.79 6.94
N ILE A 90 0.12 5.53 5.63
CA ILE A 90 -0.67 6.32 4.70
C ILE A 90 -1.81 5.48 4.18
N GLN A 91 -3.03 5.82 4.56
CA GLN A 91 -4.18 5.03 4.20
C GLN A 91 -5.26 5.90 3.57
N LEU A 92 -5.48 5.70 2.28
CA LEU A 92 -6.47 6.45 1.53
C LEU A 92 -7.65 5.57 1.18
N HIS A 93 -8.82 6.16 1.15
CA HIS A 93 -10.05 5.43 0.93
C HIS A 93 -10.63 5.77 -0.44
N MET A 94 -10.75 4.74 -1.26
CA MET A 94 -11.23 4.88 -2.63
C MET A 94 -12.75 4.86 -2.67
N GLY A 95 -13.35 3.82 -2.13
CA GLY A 95 -14.79 3.76 -2.05
C GLY A 95 -15.44 3.20 -3.29
N THR A 96 -15.76 4.08 -4.22
CA THR A 96 -16.51 3.70 -5.41
C THR A 96 -15.62 3.61 -6.64
N ASP A 97 -14.47 4.25 -6.59
CA ASP A 97 -13.69 4.50 -7.80
C ASP A 97 -12.67 3.40 -8.01
N ARG A 98 -13.14 2.16 -8.04
CA ARG A 98 -12.26 1.00 -8.07
C ARG A 98 -11.74 0.70 -9.46
N THR A 99 -11.41 1.73 -10.22
CA THR A 99 -10.71 1.52 -11.47
C THR A 99 -9.36 0.84 -11.18
N PHE A 100 -8.95 0.91 -9.93
CA PHE A 100 -7.77 0.23 -9.44
C PHE A 100 -8.01 -1.28 -9.33
N MET A 101 -9.21 -1.68 -8.92
CA MET A 101 -9.54 -3.10 -8.82
C MET A 101 -9.48 -3.74 -10.19
N ASP A 102 -10.11 -3.10 -11.15
CA ASP A 102 -10.08 -3.57 -12.54
C ASP A 102 -8.67 -3.54 -13.10
N ALA A 103 -7.91 -2.52 -12.73
CA ALA A 103 -6.56 -2.31 -13.27
C ALA A 103 -5.56 -3.34 -12.76
N TYR A 104 -5.56 -3.56 -11.45
CA TYR A 104 -4.57 -4.43 -10.83
C TYR A 104 -5.10 -5.83 -10.61
N LEU A 105 -6.34 -6.07 -11.00
CA LEU A 105 -7.03 -7.33 -10.72
C LEU A 105 -7.22 -7.49 -9.21
N ILE A 106 -7.28 -6.35 -8.52
CA ILE A 106 -7.62 -6.31 -7.11
C ILE A 106 -8.96 -7.00 -6.86
N ASN A 107 -8.92 -8.16 -6.24
CA ASN A 107 -10.14 -8.89 -5.91
C ASN A 107 -9.99 -9.50 -4.53
N GLY A 108 -9.06 -10.45 -4.41
CA GLY A 108 -8.75 -11.02 -3.12
C GLY A 108 -7.98 -10.03 -2.27
N ILE A 109 -8.69 -9.38 -1.35
CA ILE A 109 -8.07 -8.39 -0.49
C ILE A 109 -7.92 -8.92 0.94
N PRO A 110 -6.94 -8.41 1.71
CA PRO A 110 -6.03 -7.33 1.28
C PRO A 110 -5.09 -7.75 0.14
N ARG A 111 -4.91 -6.86 -0.81
CA ARG A 111 -4.03 -7.10 -1.94
C ARG A 111 -2.66 -6.49 -1.65
N PHE A 112 -1.64 -7.11 -2.22
CA PHE A 112 -0.23 -6.76 -1.99
C PHE A 112 0.41 -6.26 -3.28
N ILE A 113 0.79 -4.98 -3.32
CA ILE A 113 1.41 -4.38 -4.50
C ILE A 113 2.71 -3.66 -4.15
N LEU A 114 3.67 -3.73 -5.05
CA LEU A 114 4.94 -3.03 -4.86
C LEU A 114 5.26 -2.20 -6.10
N LEU A 115 5.68 -0.95 -5.90
CA LEU A 115 5.99 -0.05 -7.01
C LEU A 115 7.29 0.70 -6.74
N ASP A 116 7.94 1.07 -7.82
CA ASP A 116 9.20 1.80 -7.79
C ASP A 116 8.97 3.22 -7.32
N ARG A 117 10.07 3.87 -6.95
CA ARG A 117 10.09 5.20 -6.34
C ARG A 117 9.29 6.25 -7.13
N ASP A 118 9.06 5.99 -8.40
CA ASP A 118 8.40 6.94 -9.28
C ASP A 118 6.91 6.60 -9.38
N GLY A 119 6.51 5.57 -8.66
CA GLY A 119 5.18 5.04 -8.80
C GLY A 119 5.14 3.99 -9.89
N LYS A 120 6.32 3.50 -10.25
CA LYS A 120 6.43 2.55 -11.35
C LYS A 120 6.17 1.13 -10.86
N ILE A 121 4.99 0.62 -11.14
CA ILE A 121 4.57 -0.70 -10.68
C ILE A 121 5.65 -1.75 -10.91
N ILE A 122 6.15 -2.31 -9.81
CA ILE A 122 7.16 -3.34 -9.87
C ILE A 122 6.47 -4.71 -9.93
N SER A 123 5.39 -4.83 -9.17
CA SER A 123 4.58 -6.04 -9.17
C SER A 123 3.15 -5.70 -8.74
N ALA A 124 2.19 -6.07 -9.57
CA ALA A 124 0.78 -5.84 -9.26
C ALA A 124 0.32 -6.79 -8.16
N ASN A 125 1.09 -7.85 -7.97
CA ASN A 125 0.84 -8.81 -6.92
C ASN A 125 2.14 -9.30 -6.31
N MET A 126 2.28 -9.10 -5.01
CA MET A 126 3.44 -9.62 -4.29
C MET A 126 3.08 -10.96 -3.64
N THR A 127 3.13 -11.01 -2.32
CA THR A 127 2.82 -12.24 -1.59
C THR A 127 1.86 -11.95 -0.44
N ARG A 128 2.20 -10.96 0.37
CA ARG A 128 1.41 -10.59 1.53
C ARG A 128 1.89 -9.22 2.02
N PRO A 129 1.00 -8.42 2.64
CA PRO A 129 1.40 -7.13 3.23
C PRO A 129 2.39 -7.29 4.39
N SER A 130 2.87 -8.50 4.62
CA SER A 130 3.78 -8.77 5.70
C SER A 130 4.59 -10.06 5.47
N ASP A 131 4.69 -10.49 4.21
CA ASP A 131 5.43 -11.69 3.89
C ASP A 131 6.94 -11.41 3.94
N PRO A 132 7.74 -12.45 4.23
CA PRO A 132 9.20 -12.30 4.41
C PRO A 132 9.95 -11.88 3.14
N LYS A 133 9.42 -12.22 1.97
CA LYS A 133 10.11 -11.92 0.72
C LYS A 133 9.93 -10.47 0.33
N THR A 134 8.80 -9.90 0.72
CA THR A 134 8.60 -8.47 0.55
C THR A 134 9.48 -7.71 1.54
N ALA A 135 9.59 -8.24 2.76
CA ALA A 135 10.49 -7.68 3.77
C ALA A 135 11.95 -7.73 3.31
N GLU A 136 12.41 -8.89 2.84
CA GLU A 136 13.79 -9.04 2.36
C GLU A 136 14.01 -8.14 1.15
N LYS A 137 12.94 -7.89 0.40
CA LYS A 137 12.99 -7.00 -0.73
C LYS A 137 13.39 -5.61 -0.29
N PHE A 138 12.75 -5.12 0.76
CA PHE A 138 13.09 -3.81 1.33
C PHE A 138 14.57 -3.75 1.67
N ASN A 139 15.06 -4.80 2.32
CA ASN A 139 16.48 -4.89 2.65
C ASN A 139 17.31 -4.79 1.38
N GLU A 140 16.93 -5.56 0.37
CA GLU A 140 17.61 -5.56 -0.92
C GLU A 140 17.60 -4.18 -1.56
N LEU A 141 16.45 -3.52 -1.51
CA LEU A 141 16.28 -2.19 -2.11
C LEU A 141 17.28 -1.19 -1.56
N LEU A 142 17.46 -1.20 -0.25
CA LEU A 142 18.40 -0.27 0.38
C LEU A 142 19.82 -0.79 0.30
N GLY A 143 19.97 -2.06 -0.03
CA GLY A 143 21.27 -2.67 -0.13
C GLY A 143 21.75 -3.24 1.18
N LEU A 144 20.78 -3.48 2.07
CA LEU A 144 21.06 -4.03 3.39
C LEU A 144 21.21 -5.55 3.29
N GLU A 145 20.58 -6.12 2.26
CA GLU A 145 20.69 -7.53 1.99
C GLU A 145 22.13 -7.97 1.82
N GLY A 146 22.43 -9.17 2.26
CA GLY A 146 23.79 -9.66 2.17
C GLY A 146 23.86 -11.17 2.26
N HIS A 147 24.85 -11.68 2.97
CA HIS A 147 25.02 -13.11 3.15
C HIS A 147 24.09 -13.62 4.25
N HIS A 148 22.79 -13.50 4.02
CA HIS A 148 21.79 -13.88 5.02
C HIS A 148 21.67 -15.40 5.10
N HIS A 149 22.22 -16.09 4.11
CA HIS A 149 22.32 -17.55 4.14
C HIS A 149 23.25 -18.03 3.04
N HIS A 150 22.72 -18.14 1.82
CA HIS A 150 23.49 -18.59 0.67
C HIS A 150 22.87 -18.05 -0.61
N HIS A 151 23.68 -17.46 -1.47
CA HIS A 151 23.20 -17.08 -2.80
C HIS A 151 23.57 -18.17 -3.78
N HIS A 152 24.58 -18.95 -3.40
CA HIS A 152 25.03 -20.11 -4.14
C HIS A 152 26.11 -20.81 -3.32
N MET A 1 -4.61 4.21 -20.47
CA MET A 1 -3.24 4.10 -21.03
C MET A 1 -2.75 5.46 -21.49
N SER A 2 -1.52 5.82 -21.08
CA SER A 2 -0.95 7.13 -21.40
C SER A 2 -1.82 8.24 -20.82
N LEU A 3 -1.59 9.47 -21.25
CA LEU A 3 -2.43 10.57 -20.82
C LEU A 3 -2.75 11.50 -21.99
N ARG A 4 -4.03 11.85 -22.10
CA ARG A 4 -4.56 12.70 -23.15
C ARG A 4 -6.08 12.66 -23.07
N SER A 5 -6.58 11.44 -22.93
CA SER A 5 -8.00 11.20 -22.73
C SER A 5 -8.14 9.94 -21.87
N GLY A 6 -9.13 9.94 -20.99
CA GLY A 6 -9.29 8.82 -20.09
C GLY A 6 -8.38 8.94 -18.89
N ASN A 7 -7.39 8.06 -18.80
CA ASN A 7 -6.45 8.06 -17.68
C ASN A 7 -5.26 7.16 -17.95
N PRO A 8 -4.15 7.38 -17.22
CA PRO A 8 -3.00 6.48 -17.25
C PRO A 8 -3.34 5.15 -16.57
N SER A 9 -2.78 4.06 -17.07
CA SER A 9 -3.10 2.74 -16.53
C SER A 9 -2.44 2.54 -15.18
N ALA A 10 -3.15 2.96 -14.12
CA ALA A 10 -2.70 2.83 -12.73
C ALA A 10 -1.41 3.61 -12.48
N ALA A 11 -1.03 4.46 -13.42
CA ALA A 11 0.22 5.19 -13.34
C ALA A 11 0.05 6.52 -12.63
N SER A 12 -1.19 6.87 -12.32
CA SER A 12 -1.50 8.12 -11.63
C SER A 12 -2.85 8.03 -10.94
N PHE A 13 -2.88 8.39 -9.65
CA PHE A 13 -4.13 8.42 -8.90
C PHE A 13 -3.99 9.36 -7.70
N SER A 14 -5.13 9.82 -7.18
CA SER A 14 -5.16 10.68 -6.01
C SER A 14 -6.35 10.32 -5.12
N TYR A 15 -6.09 10.03 -3.86
CA TYR A 15 -7.15 9.63 -2.94
C TYR A 15 -6.94 10.27 -1.57
N PRO A 16 -8.03 10.45 -0.80
CA PRO A 16 -7.96 11.05 0.53
C PRO A 16 -7.63 10.03 1.61
N ASP A 17 -6.61 10.36 2.40
CA ASP A 17 -6.30 9.62 3.62
C ASP A 17 -7.42 9.85 4.61
N ILE A 18 -7.61 8.91 5.54
CA ILE A 18 -8.71 8.98 6.51
C ILE A 18 -8.74 10.34 7.23
N ASN A 19 -7.56 10.91 7.45
CA ASN A 19 -7.43 12.19 8.14
C ASN A 19 -7.98 13.33 7.28
N GLY A 20 -8.27 13.01 6.03
CA GLY A 20 -8.79 13.99 5.10
C GLY A 20 -7.68 14.64 4.31
N LYS A 21 -6.66 13.86 3.95
CA LYS A 21 -5.54 14.39 3.20
C LYS A 21 -5.57 13.94 1.77
N THR A 22 -5.61 14.89 0.84
CA THR A 22 -5.51 14.57 -0.57
C THR A 22 -4.11 14.03 -0.88
N VAL A 23 -4.00 12.72 -0.97
CA VAL A 23 -2.73 12.07 -1.23
C VAL A 23 -2.70 11.53 -2.65
N SER A 24 -1.83 12.07 -3.46
CA SER A 24 -1.70 11.64 -4.82
C SER A 24 -0.54 10.68 -4.95
N LEU A 25 -0.40 10.05 -6.11
CA LEU A 25 0.72 9.16 -6.35
C LEU A 25 2.03 9.93 -6.38
N ALA A 26 1.95 11.23 -6.65
CA ALA A 26 3.11 12.10 -6.65
C ALA A 26 3.46 12.48 -5.21
N ASP A 27 2.44 12.57 -4.37
CA ASP A 27 2.60 12.87 -2.94
C ASP A 27 3.32 11.71 -2.25
N LEU A 28 3.24 10.54 -2.88
CA LEU A 28 3.86 9.34 -2.34
C LEU A 28 5.12 8.96 -3.11
N LYS A 29 5.50 9.77 -4.07
CA LYS A 29 6.66 9.48 -4.90
C LYS A 29 7.96 9.72 -4.16
N GLY A 30 9.03 9.13 -4.68
CA GLY A 30 10.35 9.28 -4.09
C GLY A 30 10.85 7.96 -3.55
N LYS A 31 9.96 7.22 -2.91
CA LYS A 31 10.30 5.92 -2.39
C LYS A 31 9.32 4.89 -2.92
N TYR A 32 9.66 3.63 -2.78
CA TYR A 32 8.78 2.55 -3.21
C TYR A 32 7.50 2.58 -2.39
N ILE A 33 6.37 2.45 -3.06
CA ILE A 33 5.09 2.45 -2.38
C ILE A 33 4.59 1.02 -2.28
N TYR A 34 4.14 0.63 -1.10
CA TYR A 34 3.53 -0.68 -0.94
C TYR A 34 2.06 -0.52 -0.61
N ILE A 35 1.21 -0.83 -1.57
CA ILE A 35 -0.23 -0.64 -1.41
C ILE A 35 -0.88 -1.89 -0.87
N ASP A 36 -1.51 -1.76 0.29
CA ASP A 36 -2.23 -2.86 0.90
C ASP A 36 -3.70 -2.49 1.01
N VAL A 37 -4.57 -3.33 0.49
CA VAL A 37 -5.98 -2.99 0.47
C VAL A 37 -6.64 -3.25 1.81
N TRP A 38 -7.04 -2.16 2.46
CA TRP A 38 -7.71 -2.22 3.75
C TRP A 38 -9.21 -2.05 3.56
N ALA A 39 -10.00 -2.88 4.20
CA ALA A 39 -11.46 -2.80 4.07
C ALA A 39 -12.12 -3.19 5.38
N THR A 40 -13.42 -2.98 5.49
CA THR A 40 -14.14 -3.37 6.70
C THR A 40 -14.68 -4.80 6.55
N TRP A 41 -14.39 -5.40 5.42
CA TRP A 41 -14.85 -6.75 5.13
C TRP A 41 -13.68 -7.65 4.74
N CYS A 42 -12.45 -7.25 5.07
CA CYS A 42 -11.29 -8.09 4.81
C CYS A 42 -10.78 -8.67 6.13
N GLY A 43 -10.99 -9.97 6.29
CA GLY A 43 -10.67 -10.64 7.54
C GLY A 43 -9.18 -10.83 7.79
N PRO A 44 -8.47 -11.60 6.92
CA PRO A 44 -7.06 -12.01 7.16
C PRO A 44 -6.14 -10.85 7.47
N CYS A 45 -6.43 -9.69 6.88
CA CYS A 45 -5.60 -8.50 7.05
C CYS A 45 -5.45 -8.13 8.52
N ARG A 46 -6.48 -8.41 9.32
CA ARG A 46 -6.50 -7.96 10.71
C ARG A 46 -5.39 -8.55 11.55
N GLY A 47 -5.16 -9.85 11.39
CA GLY A 47 -4.20 -10.55 12.22
C GLY A 47 -2.77 -10.14 11.96
N GLU A 48 -2.56 -9.35 10.92
CA GLU A 48 -1.22 -8.93 10.53
C GLU A 48 -1.08 -7.42 10.59
N LEU A 49 -2.14 -6.74 11.04
CA LEU A 49 -2.10 -5.29 11.21
C LEU A 49 -0.92 -4.85 12.09
N PRO A 50 -0.70 -5.52 13.26
CA PRO A 50 0.48 -5.28 14.07
C PRO A 50 1.77 -5.37 13.25
N ALA A 51 1.86 -6.39 12.41
CA ALA A 51 3.07 -6.63 11.62
C ALA A 51 3.25 -5.56 10.56
N LEU A 52 2.13 -5.06 10.05
CA LEU A 52 2.13 -4.05 9.00
C LEU A 52 2.78 -2.77 9.51
N LYS A 53 2.33 -2.28 10.66
CA LYS A 53 2.85 -1.03 11.19
C LYS A 53 4.28 -1.21 11.68
N GLU A 54 4.60 -2.42 12.15
CA GLU A 54 5.96 -2.73 12.59
C GLU A 54 6.93 -2.74 11.41
N LEU A 55 6.45 -3.25 10.28
CA LEU A 55 7.27 -3.26 9.07
C LEU A 55 7.56 -1.83 8.63
N GLU A 56 6.56 -0.98 8.75
CA GLU A 56 6.71 0.42 8.41
C GLU A 56 7.72 1.08 9.35
N GLU A 57 7.57 0.84 10.66
CA GLU A 57 8.50 1.41 11.65
C GLU A 57 9.95 1.11 11.26
N LYS A 58 10.17 -0.10 10.76
CA LYS A 58 11.50 -0.54 10.39
C LYS A 58 12.01 0.14 9.11
N TYR A 59 11.17 0.25 8.10
CA TYR A 59 11.61 0.73 6.79
C TYR A 59 11.23 2.18 6.53
N ALA A 60 10.53 2.78 7.47
CA ALA A 60 10.10 4.17 7.35
C ALA A 60 11.28 5.11 7.17
N GLY A 61 11.25 5.86 6.07
CA GLY A 61 12.25 6.87 5.84
C GLY A 61 13.34 6.44 4.89
N LYS A 62 13.51 5.13 4.73
CA LYS A 62 14.59 4.61 3.91
C LYS A 62 14.25 4.69 2.42
N ASP A 63 13.78 3.59 1.85
CA ASP A 63 13.56 3.49 0.41
C ASP A 63 12.11 3.22 0.08
N ILE A 64 11.28 3.04 1.11
CA ILE A 64 9.92 2.57 0.91
C ILE A 64 8.96 3.22 1.90
N HIS A 65 7.68 3.12 1.61
CA HIS A 65 6.62 3.52 2.54
C HIS A 65 5.32 2.79 2.20
N PHE A 66 4.59 2.39 3.23
CA PHE A 66 3.40 1.57 3.05
C PHE A 66 2.15 2.44 3.00
N VAL A 67 1.32 2.18 2.00
CA VAL A 67 0.10 2.94 1.80
C VAL A 67 -1.08 2.01 1.58
N SER A 68 -2.06 2.08 2.47
CA SER A 68 -3.23 1.24 2.37
C SER A 68 -4.30 1.91 1.51
N LEU A 69 -4.94 1.13 0.64
CA LEU A 69 -6.01 1.66 -0.20
C LEU A 69 -7.29 0.87 0.03
N SER A 70 -8.39 1.56 0.30
CA SER A 70 -9.62 0.90 0.69
C SER A 70 -10.68 0.99 -0.39
N CYS A 71 -11.04 -0.15 -0.94
CA CYS A 71 -12.11 -0.22 -1.93
C CYS A 71 -13.49 -0.33 -1.27
N ASP A 72 -13.62 0.10 0.00
CA ASP A 72 -14.92 0.05 0.67
C ASP A 72 -15.83 1.11 0.08
N LYS A 73 -17.11 0.79 -0.02
CA LYS A 73 -18.06 1.70 -0.61
C LYS A 73 -18.79 2.51 0.47
N ASN A 74 -18.71 2.08 1.71
CA ASN A 74 -19.42 2.76 2.79
C ASN A 74 -18.44 3.59 3.60
N LYS A 75 -18.09 4.76 3.08
CA LYS A 75 -17.05 5.57 3.71
C LYS A 75 -17.28 5.80 5.18
N LYS A 76 -18.37 6.47 5.51
CA LYS A 76 -18.68 6.78 6.89
C LYS A 76 -18.52 5.55 7.77
N ALA A 77 -19.14 4.45 7.37
CA ALA A 77 -19.05 3.19 8.12
C ALA A 77 -17.60 2.74 8.25
N TRP A 78 -16.87 2.86 7.16
CA TRP A 78 -15.48 2.47 7.14
C TRP A 78 -14.62 3.32 8.05
N GLU A 79 -14.71 4.66 7.93
CA GLU A 79 -13.94 5.55 8.80
C GLU A 79 -14.08 5.16 10.28
N ASN A 80 -15.29 4.77 10.67
CA ASN A 80 -15.53 4.30 12.04
C ASN A 80 -14.69 3.07 12.35
N MET A 81 -14.75 2.08 11.47
CA MET A 81 -14.07 0.82 11.71
C MET A 81 -12.56 0.99 11.78
N VAL A 82 -11.99 1.86 10.97
CA VAL A 82 -10.55 2.06 11.02
C VAL A 82 -10.13 2.75 12.32
N THR A 83 -10.95 3.68 12.81
CA THR A 83 -10.62 4.33 14.07
C THR A 83 -10.98 3.43 15.26
N LYS A 84 -11.88 2.47 15.01
CA LYS A 84 -12.26 1.51 16.04
C LYS A 84 -11.22 0.39 16.14
N ASP A 85 -10.94 -0.23 15.01
CA ASP A 85 -10.02 -1.36 14.93
C ASP A 85 -8.57 -0.87 15.00
N GLN A 86 -8.40 0.42 14.69
CA GLN A 86 -7.10 1.11 14.75
C GLN A 86 -6.12 0.55 13.74
N LEU A 87 -6.30 0.96 12.49
CA LEU A 87 -5.37 0.64 11.42
C LEU A 87 -4.51 1.86 11.12
N LYS A 88 -3.21 1.76 11.30
CA LYS A 88 -2.33 2.89 11.09
C LYS A 88 -1.56 2.81 9.78
N GLY A 89 -0.75 3.83 9.52
CA GLY A 89 -0.02 3.95 8.28
C GLY A 89 -0.63 5.01 7.38
N ILE A 90 -0.04 5.22 6.21
CA ILE A 90 -0.64 6.11 5.22
C ILE A 90 -1.79 5.37 4.55
N GLN A 91 -2.99 5.87 4.72
CA GLN A 91 -4.16 5.08 4.39
C GLN A 91 -5.22 5.88 3.64
N LEU A 92 -5.35 5.60 2.35
CA LEU A 92 -6.28 6.29 1.48
C LEU A 92 -7.53 5.44 1.29
N HIS A 93 -8.67 6.09 1.20
CA HIS A 93 -9.92 5.36 0.99
C HIS A 93 -10.55 5.72 -0.35
N MET A 94 -10.91 4.68 -1.07
CA MET A 94 -11.54 4.75 -2.37
C MET A 94 -12.99 4.33 -2.23
N GLY A 95 -13.84 5.31 -1.98
CA GLY A 95 -15.24 5.04 -1.68
C GLY A 95 -15.99 4.42 -2.82
N THR A 96 -16.15 5.17 -3.91
CA THR A 96 -16.89 4.69 -5.06
C THR A 96 -16.00 4.68 -6.29
N ASP A 97 -14.73 4.95 -6.08
CA ASP A 97 -13.80 5.17 -7.17
C ASP A 97 -13.14 3.86 -7.58
N ARG A 98 -13.69 2.74 -7.10
CA ARG A 98 -13.04 1.44 -7.26
C ARG A 98 -13.09 0.92 -8.70
N THR A 99 -13.42 1.78 -9.65
CA THR A 99 -13.27 1.44 -11.05
C THR A 99 -11.78 1.40 -11.40
N PHE A 100 -10.98 2.08 -10.58
CA PHE A 100 -9.53 2.06 -10.69
C PHE A 100 -9.00 0.78 -10.04
N MET A 101 -9.79 0.24 -9.13
CA MET A 101 -9.48 -1.04 -8.49
C MET A 101 -9.39 -2.14 -9.54
N ASP A 102 -10.28 -2.07 -10.53
CA ASP A 102 -10.32 -3.03 -11.62
C ASP A 102 -9.06 -2.97 -12.47
N ALA A 103 -8.35 -1.84 -12.41
CA ALA A 103 -7.10 -1.69 -13.16
C ALA A 103 -6.02 -2.62 -12.63
N TYR A 104 -6.23 -3.18 -11.44
CA TYR A 104 -5.30 -4.16 -10.89
C TYR A 104 -5.76 -5.57 -11.20
N LEU A 105 -7.02 -5.68 -11.65
CA LEU A 105 -7.63 -6.96 -12.08
C LEU A 105 -7.92 -7.90 -10.90
N ILE A 106 -7.20 -7.73 -9.80
CA ILE A 106 -7.34 -8.62 -8.67
C ILE A 106 -8.25 -8.01 -7.61
N ASN A 107 -9.53 -8.36 -7.69
CA ASN A 107 -10.52 -7.82 -6.76
C ASN A 107 -10.52 -8.60 -5.44
N GLY A 108 -9.67 -9.62 -5.37
CA GLY A 108 -9.55 -10.40 -4.16
C GLY A 108 -8.66 -9.72 -3.13
N ILE A 109 -9.28 -9.04 -2.18
CA ILE A 109 -8.52 -8.29 -1.17
C ILE A 109 -8.52 -9.02 0.17
N PRO A 110 -7.58 -8.68 1.08
CA PRO A 110 -6.56 -7.64 0.86
C PRO A 110 -5.60 -7.98 -0.28
N ARG A 111 -5.34 -7.01 -1.14
CA ARG A 111 -4.34 -7.17 -2.17
C ARG A 111 -3.06 -6.45 -1.79
N PHE A 112 -1.94 -7.08 -2.12
CA PHE A 112 -0.63 -6.59 -1.73
C PHE A 112 0.12 -6.17 -2.98
N ILE A 113 0.39 -4.88 -3.11
CA ILE A 113 0.97 -4.34 -4.32
C ILE A 113 2.26 -3.59 -4.04
N LEU A 114 3.23 -3.80 -4.89
CA LEU A 114 4.50 -3.09 -4.81
C LEU A 114 4.64 -2.17 -6.01
N LEU A 115 5.04 -0.93 -5.78
CA LEU A 115 5.21 0.04 -6.86
C LEU A 115 6.56 0.72 -6.73
N ASP A 116 7.13 1.07 -7.87
CA ASP A 116 8.40 1.80 -7.92
C ASP A 116 8.21 3.19 -7.34
N ARG A 117 9.33 3.83 -7.05
CA ARG A 117 9.37 5.15 -6.41
C ARG A 117 8.54 6.19 -7.15
N ASP A 118 8.29 5.93 -8.43
CA ASP A 118 7.54 6.85 -9.28
C ASP A 118 6.05 6.53 -9.18
N GLY A 119 5.72 5.61 -8.29
CA GLY A 119 4.38 5.13 -8.19
C GLY A 119 4.06 4.17 -9.32
N LYS A 120 5.10 3.55 -9.86
CA LYS A 120 4.90 2.68 -11.01
C LYS A 120 4.87 1.23 -10.59
N ILE A 121 3.67 0.66 -10.62
CA ILE A 121 3.40 -0.73 -10.22
C ILE A 121 4.50 -1.69 -10.67
N ILE A 122 5.17 -2.26 -9.68
CA ILE A 122 6.16 -3.30 -9.91
C ILE A 122 5.45 -4.65 -9.96
N SER A 123 4.49 -4.83 -9.05
CA SER A 123 3.70 -6.06 -8.98
C SER A 123 2.34 -5.79 -8.36
N ALA A 124 1.28 -6.09 -9.11
CA ALA A 124 -0.09 -5.93 -8.61
C ALA A 124 -0.46 -7.09 -7.69
N ASN A 125 0.31 -8.15 -7.78
CA ASN A 125 0.16 -9.30 -6.89
C ASN A 125 1.52 -9.61 -6.30
N MET A 126 1.75 -9.16 -5.07
CA MET A 126 3.07 -9.32 -4.47
C MET A 126 3.08 -10.48 -3.48
N THR A 127 2.91 -10.18 -2.19
CA THR A 127 3.05 -11.19 -1.15
C THR A 127 2.21 -10.85 0.07
N ARG A 128 2.68 -9.86 0.83
CA ARG A 128 2.11 -9.48 2.12
C ARG A 128 3.18 -8.75 2.93
N PRO A 129 2.85 -7.63 3.60
CA PRO A 129 3.77 -6.97 4.53
C PRO A 129 4.40 -7.94 5.53
N SER A 130 3.59 -8.82 6.09
CA SER A 130 4.05 -9.77 7.10
C SER A 130 4.80 -10.96 6.48
N ASP A 131 4.97 -10.93 5.17
CA ASP A 131 5.71 -11.98 4.48
C ASP A 131 7.19 -11.61 4.44
N PRO A 132 8.06 -12.49 4.97
CA PRO A 132 9.51 -12.23 5.08
C PRO A 132 10.16 -11.88 3.74
N LYS A 133 9.72 -12.52 2.65
CA LYS A 133 10.35 -12.34 1.34
C LYS A 133 10.26 -10.88 0.89
N THR A 134 9.18 -10.24 1.28
CA THR A 134 8.99 -8.84 0.97
C THR A 134 10.01 -8.00 1.73
N ALA A 135 10.06 -8.21 3.05
CA ALA A 135 10.96 -7.48 3.93
C ALA A 135 12.42 -7.72 3.55
N GLU A 136 12.78 -8.98 3.34
CA GLU A 136 14.16 -9.34 3.02
C GLU A 136 14.56 -8.72 1.69
N LYS A 137 13.60 -8.55 0.79
CA LYS A 137 13.86 -7.93 -0.49
C LYS A 137 14.27 -6.47 -0.30
N PHE A 138 13.54 -5.75 0.56
CA PHE A 138 13.82 -4.34 0.83
C PHE A 138 15.23 -4.17 1.39
N ASN A 139 15.50 -4.84 2.51
CA ASN A 139 16.77 -4.69 3.20
C ASN A 139 17.94 -5.27 2.38
N GLU A 140 17.62 -6.11 1.42
CA GLU A 140 18.63 -6.59 0.49
C GLU A 140 19.12 -5.44 -0.38
N LEU A 141 18.17 -4.70 -0.95
CA LEU A 141 18.48 -3.57 -1.82
C LEU A 141 19.25 -2.50 -1.04
N LEU A 142 18.92 -2.38 0.24
CA LEU A 142 19.59 -1.41 1.11
C LEU A 142 20.93 -1.94 1.59
N GLY A 143 21.08 -3.26 1.60
CA GLY A 143 22.27 -3.87 2.16
C GLY A 143 22.23 -3.80 3.68
N LEU A 144 21.06 -4.07 4.22
CA LEU A 144 20.77 -3.84 5.62
C LEU A 144 20.35 -5.14 6.32
N GLU A 145 20.69 -6.28 5.73
CA GLU A 145 20.31 -7.56 6.33
C GLU A 145 21.28 -7.93 7.45
N GLY A 146 21.07 -9.09 8.05
CA GLY A 146 21.92 -9.55 9.14
C GLY A 146 23.25 -10.09 8.65
N HIS A 147 23.64 -9.70 7.45
CA HIS A 147 24.91 -10.13 6.86
C HIS A 147 26.10 -9.59 7.66
N HIS A 148 27.15 -10.41 7.74
CA HIS A 148 28.40 -10.05 8.42
C HIS A 148 28.14 -9.75 9.90
N HIS A 149 27.26 -10.52 10.50
CA HIS A 149 26.95 -10.37 11.91
C HIS A 149 26.85 -11.74 12.57
N HIS A 150 26.91 -11.76 13.89
CA HIS A 150 26.81 -13.02 14.62
C HIS A 150 25.36 -13.48 14.61
N HIS A 151 25.13 -14.62 13.99
CA HIS A 151 23.76 -15.11 13.79
C HIS A 151 23.25 -15.85 15.00
N HIS A 152 21.94 -15.77 15.21
CA HIS A 152 21.28 -16.50 16.27
C HIS A 152 19.98 -17.09 15.73
N MET A 1 0.80 17.10 -18.72
CA MET A 1 0.95 16.14 -17.60
C MET A 1 0.52 14.74 -18.01
N SER A 2 -0.05 14.60 -19.20
CA SER A 2 -0.54 13.31 -19.66
C SER A 2 0.60 12.47 -20.22
N LEU A 3 1.28 11.74 -19.34
CA LEU A 3 2.36 10.86 -19.74
C LEU A 3 1.81 9.67 -20.52
N ARG A 4 0.65 9.16 -20.10
CA ARG A 4 -0.11 8.12 -20.82
C ARG A 4 0.59 6.75 -20.80
N SER A 5 1.92 6.74 -20.63
CA SER A 5 2.70 5.50 -20.64
C SER A 5 2.06 4.42 -19.77
N GLY A 6 2.02 4.64 -18.47
CA GLY A 6 1.39 3.69 -17.58
C GLY A 6 -0.05 4.05 -17.31
N ASN A 7 -0.74 4.57 -18.33
CA ASN A 7 -2.15 4.98 -18.21
C ASN A 7 -2.28 6.24 -17.35
N PRO A 8 -3.47 6.88 -17.32
CA PRO A 8 -3.72 8.00 -16.40
C PRO A 8 -3.62 7.56 -14.95
N SER A 9 -4.45 6.62 -14.55
CA SER A 9 -4.42 6.06 -13.22
C SER A 9 -3.20 5.15 -13.08
N ALA A 10 -2.82 4.88 -11.84
CA ALA A 10 -1.64 4.06 -11.51
C ALA A 10 -0.35 4.84 -11.76
N ALA A 11 -0.23 5.43 -12.94
CA ALA A 11 0.92 6.26 -13.28
C ALA A 11 0.88 7.56 -12.50
N SER A 12 -0.32 8.00 -12.19
CA SER A 12 -0.54 9.19 -11.39
C SER A 12 -1.97 9.23 -10.88
N PHE A 13 -2.23 8.53 -9.79
CA PHE A 13 -3.57 8.49 -9.22
C PHE A 13 -3.66 9.43 -8.02
N SER A 14 -4.88 9.73 -7.61
CA SER A 14 -5.11 10.58 -6.45
C SER A 14 -6.31 10.07 -5.66
N TYR A 15 -6.12 9.84 -4.36
CA TYR A 15 -7.17 9.32 -3.51
C TYR A 15 -7.13 9.97 -2.13
N PRO A 16 -8.30 10.20 -1.52
CA PRO A 16 -8.39 10.83 -0.20
C PRO A 16 -8.05 9.87 0.94
N ASP A 17 -7.11 10.28 1.77
CA ASP A 17 -6.79 9.57 3.01
C ASP A 17 -7.98 9.64 3.94
N ILE A 18 -8.05 8.71 4.90
CA ILE A 18 -9.24 8.52 5.74
C ILE A 18 -9.65 9.81 6.45
N ASN A 19 -8.70 10.71 6.70
CA ASN A 19 -9.00 11.94 7.42
C ASN A 19 -9.63 12.96 6.48
N GLY A 20 -9.56 12.67 5.19
CA GLY A 20 -10.08 13.57 4.19
C GLY A 20 -8.98 14.32 3.48
N LYS A 21 -7.81 13.69 3.32
CA LYS A 21 -6.70 14.35 2.64
C LYS A 21 -6.56 13.82 1.21
N THR A 22 -6.78 14.68 0.23
CA THR A 22 -6.56 14.30 -1.16
C THR A 22 -5.08 14.02 -1.40
N VAL A 23 -4.72 12.74 -1.41
CA VAL A 23 -3.34 12.33 -1.59
C VAL A 23 -3.12 11.83 -3.01
N SER A 24 -2.24 12.49 -3.74
CA SER A 24 -1.91 12.06 -5.07
C SER A 24 -0.63 11.24 -5.04
N LEU A 25 -0.28 10.62 -6.16
CA LEU A 25 0.93 9.81 -6.24
C LEU A 25 2.18 10.67 -6.01
N ALA A 26 2.07 11.97 -6.30
CA ALA A 26 3.20 12.88 -6.15
C ALA A 26 3.44 13.21 -4.68
N ASP A 27 2.40 13.09 -3.87
CA ASP A 27 2.47 13.37 -2.43
C ASP A 27 3.38 12.35 -1.74
N LEU A 28 3.50 11.18 -2.36
CA LEU A 28 4.27 10.09 -1.79
C LEU A 28 5.35 9.63 -2.76
N LYS A 29 5.63 10.45 -3.74
CA LYS A 29 6.57 10.11 -4.80
C LYS A 29 8.00 10.41 -4.35
N GLY A 30 8.96 9.75 -4.98
CA GLY A 30 10.35 9.98 -4.64
C GLY A 30 10.99 8.74 -4.04
N LYS A 31 10.20 8.00 -3.29
CA LYS A 31 10.65 6.76 -2.68
C LYS A 31 9.80 5.59 -3.14
N TYR A 32 10.23 4.37 -2.83
CA TYR A 32 9.50 3.17 -3.19
C TYR A 32 8.16 3.13 -2.45
N ILE A 33 7.19 2.43 -3.01
CA ILE A 33 5.85 2.39 -2.43
C ILE A 33 5.36 0.95 -2.26
N TYR A 34 4.68 0.70 -1.16
CA TYR A 34 4.04 -0.59 -0.92
C TYR A 34 2.57 -0.35 -0.62
N ILE A 35 1.71 -0.75 -1.53
CA ILE A 35 0.28 -0.51 -1.39
C ILE A 35 -0.42 -1.74 -0.85
N ASP A 36 -1.23 -1.54 0.18
CA ASP A 36 -2.05 -2.59 0.74
C ASP A 36 -3.52 -2.23 0.56
N VAL A 37 -4.37 -3.24 0.43
CA VAL A 37 -5.80 -2.99 0.38
C VAL A 37 -6.44 -3.31 1.71
N TRP A 38 -7.25 -2.38 2.20
CA TRP A 38 -7.84 -2.48 3.53
C TRP A 38 -9.33 -2.16 3.46
N ALA A 39 -10.16 -2.95 4.13
CA ALA A 39 -11.60 -2.72 4.14
C ALA A 39 -12.21 -3.13 5.47
N THR A 40 -13.41 -2.63 5.76
CA THR A 40 -14.11 -2.99 6.99
C THR A 40 -14.90 -4.28 6.80
N TRP A 41 -14.91 -4.80 5.59
CA TRP A 41 -15.67 -5.99 5.27
C TRP A 41 -14.77 -7.15 4.85
N CYS A 42 -13.48 -7.04 5.16
CA CYS A 42 -12.54 -8.10 4.86
C CYS A 42 -11.87 -8.62 6.12
N GLY A 43 -12.42 -9.70 6.66
CA GLY A 43 -11.88 -10.29 7.87
C GLY A 43 -10.46 -10.83 7.72
N PRO A 44 -10.18 -11.67 6.69
CA PRO A 44 -8.84 -12.25 6.49
C PRO A 44 -7.75 -11.19 6.41
N CYS A 45 -8.06 -10.07 5.77
CA CYS A 45 -7.12 -8.95 5.68
C CYS A 45 -6.75 -8.45 7.07
N ARG A 46 -7.73 -8.39 7.94
CA ARG A 46 -7.58 -7.86 9.27
C ARG A 46 -6.77 -8.81 10.16
N GLY A 47 -6.43 -9.97 9.61
CA GLY A 47 -5.66 -10.96 10.36
C GLY A 47 -4.26 -10.48 10.67
N GLU A 48 -3.55 -9.97 9.66
CA GLU A 48 -2.16 -9.56 9.85
C GLU A 48 -1.98 -8.07 9.66
N LEU A 49 -3.07 -7.32 9.72
CA LEU A 49 -3.02 -5.86 9.66
C LEU A 49 -2.04 -5.26 10.67
N PRO A 50 -2.11 -5.64 11.97
CA PRO A 50 -1.16 -5.16 12.98
C PRO A 50 0.29 -5.45 12.59
N ALA A 51 0.50 -6.60 11.95
CA ALA A 51 1.85 -7.01 11.55
C ALA A 51 2.36 -6.16 10.38
N LEU A 52 1.42 -5.59 9.64
CA LEU A 52 1.77 -4.70 8.52
C LEU A 52 2.36 -3.41 9.07
N LYS A 53 1.72 -2.87 10.11
CA LYS A 53 2.19 -1.65 10.76
C LYS A 53 3.49 -1.92 11.51
N GLU A 54 3.56 -3.08 12.15
CA GLU A 54 4.80 -3.59 12.69
C GLU A 54 5.93 -3.50 11.66
N LEU A 55 5.65 -3.99 10.46
CA LEU A 55 6.59 -3.91 9.35
C LEU A 55 6.92 -2.46 9.04
N GLU A 56 5.90 -1.61 9.10
CA GLU A 56 6.05 -0.18 8.86
C GLU A 56 7.06 0.43 9.83
N GLU A 57 6.91 0.13 11.11
CA GLU A 57 7.82 0.65 12.13
C GLU A 57 9.26 0.20 11.88
N LYS A 58 9.41 -1.02 11.40
CA LYS A 58 10.73 -1.56 11.07
C LYS A 58 11.37 -0.73 9.95
N TYR A 59 10.57 -0.42 8.94
CA TYR A 59 11.06 0.26 7.75
C TYR A 59 10.71 1.74 7.78
N ALA A 60 10.34 2.23 8.95
CA ALA A 60 10.13 3.66 9.15
C ALA A 60 11.45 4.41 8.96
N GLY A 61 11.38 5.52 8.24
CA GLY A 61 12.57 6.32 8.02
C GLY A 61 13.46 5.78 6.92
N LYS A 62 12.96 4.78 6.18
CA LYS A 62 13.71 4.23 5.07
C LYS A 62 13.30 4.89 3.77
N ASP A 63 13.41 4.15 2.69
CA ASP A 63 13.02 4.66 1.38
C ASP A 63 11.80 3.91 0.89
N ILE A 64 10.69 4.07 1.59
CA ILE A 64 9.48 3.33 1.30
C ILE A 64 8.25 4.08 1.81
N HIS A 65 7.10 3.80 1.22
CA HIS A 65 5.84 4.37 1.67
C HIS A 65 4.78 3.28 1.71
N PHE A 66 4.28 2.97 2.90
CA PHE A 66 3.15 2.07 3.02
C PHE A 66 1.87 2.84 2.74
N VAL A 67 1.15 2.43 1.70
CA VAL A 67 -0.02 3.14 1.24
C VAL A 67 -1.21 2.21 1.11
N SER A 68 -2.19 2.39 1.98
CA SER A 68 -3.38 1.57 1.96
C SER A 68 -4.42 2.17 1.01
N LEU A 69 -5.22 1.33 0.34
CA LEU A 69 -6.36 1.79 -0.45
C LEU A 69 -7.61 0.99 -0.11
N SER A 70 -8.66 1.68 0.31
CA SER A 70 -9.87 1.02 0.75
C SER A 70 -11.03 1.22 -0.22
N CYS A 71 -11.46 0.13 -0.83
CA CYS A 71 -12.60 0.14 -1.71
C CYS A 71 -13.92 0.14 -0.93
N ASP A 72 -13.86 0.52 0.35
CA ASP A 72 -15.04 0.63 1.20
C ASP A 72 -16.00 1.68 0.64
N LYS A 73 -17.29 1.51 0.92
CA LYS A 73 -18.31 2.42 0.41
C LYS A 73 -18.87 3.29 1.54
N ASN A 74 -18.73 2.84 2.78
CA ASN A 74 -19.24 3.58 3.92
C ASN A 74 -18.08 4.31 4.58
N LYS A 75 -17.54 5.30 3.88
CA LYS A 75 -16.29 5.93 4.26
C LYS A 75 -16.24 6.31 5.73
N LYS A 76 -17.25 7.03 6.18
CA LYS A 76 -17.31 7.48 7.56
C LYS A 76 -17.15 6.31 8.51
N ALA A 77 -17.92 5.25 8.28
CA ALA A 77 -17.88 4.06 9.13
C ALA A 77 -16.47 3.47 9.15
N TRP A 78 -15.82 3.53 8.00
CA TRP A 78 -14.50 2.99 7.85
C TRP A 78 -13.49 3.83 8.66
N GLU A 79 -13.73 5.14 8.70
CA GLU A 79 -12.95 6.05 9.54
C GLU A 79 -12.88 5.54 10.98
N ASN A 80 -14.04 5.19 11.51
CA ASN A 80 -14.12 4.78 12.91
C ASN A 80 -13.36 3.50 13.16
N MET A 81 -13.48 2.52 12.27
CA MET A 81 -12.80 1.25 12.48
C MET A 81 -11.29 1.40 12.42
N VAL A 82 -10.78 2.09 11.41
CA VAL A 82 -9.33 2.26 11.29
C VAL A 82 -8.78 3.04 12.48
N THR A 83 -9.58 3.95 13.02
CA THR A 83 -9.19 4.72 14.17
C THR A 83 -9.15 3.84 15.43
N LYS A 84 -10.14 2.97 15.56
CA LYS A 84 -10.26 2.13 16.76
C LYS A 84 -9.33 0.92 16.68
N ASP A 85 -9.12 0.41 15.48
CA ASP A 85 -8.26 -0.75 15.26
C ASP A 85 -6.79 -0.33 15.23
N GLN A 86 -6.59 0.98 15.33
CA GLN A 86 -5.26 1.58 15.46
C GLN A 86 -4.39 1.44 14.22
N LEU A 87 -5.00 1.13 13.09
CA LEU A 87 -4.28 1.10 11.82
C LEU A 87 -3.83 2.50 11.43
N LYS A 88 -2.55 2.79 11.61
CA LYS A 88 -2.00 4.07 11.20
C LYS A 88 -1.10 3.91 9.98
N GLY A 89 -0.51 5.00 9.52
CA GLY A 89 0.32 4.97 8.33
C GLY A 89 -0.21 5.93 7.29
N ILE A 90 0.06 5.66 6.02
CA ILE A 90 -0.56 6.42 4.94
C ILE A 90 -1.64 5.56 4.32
N GLN A 91 -2.87 6.00 4.42
CA GLN A 91 -3.98 5.12 4.14
C GLN A 91 -5.12 5.84 3.41
N LEU A 92 -5.15 5.61 2.11
CA LEU A 92 -6.11 6.26 1.24
C LEU A 92 -7.36 5.41 1.12
N HIS A 93 -8.48 6.07 0.93
CA HIS A 93 -9.74 5.38 0.75
C HIS A 93 -10.34 5.77 -0.59
N MET A 94 -10.80 4.77 -1.31
CA MET A 94 -11.31 4.93 -2.64
C MET A 94 -12.73 5.48 -2.60
N GLY A 95 -13.72 4.61 -2.43
CA GLY A 95 -15.09 5.07 -2.37
C GLY A 95 -16.00 4.39 -3.37
N THR A 96 -15.82 3.08 -3.52
CA THR A 96 -16.60 2.28 -4.46
C THR A 96 -16.09 2.44 -5.90
N ASP A 97 -15.07 3.26 -6.08
CA ASP A 97 -14.47 3.48 -7.40
C ASP A 97 -13.55 2.31 -7.74
N ARG A 98 -13.95 1.13 -7.31
CA ARG A 98 -13.08 -0.04 -7.30
C ARG A 98 -12.91 -0.66 -8.69
N THR A 99 -13.19 0.11 -9.72
CA THR A 99 -12.87 -0.29 -11.08
C THR A 99 -11.35 -0.25 -11.26
N PHE A 100 -10.70 0.57 -10.44
CA PHE A 100 -9.24 0.65 -10.41
C PHE A 100 -8.68 -0.56 -9.69
N MET A 101 -9.51 -1.16 -8.84
CA MET A 101 -9.16 -2.39 -8.15
C MET A 101 -9.01 -3.52 -9.16
N ASP A 102 -9.82 -3.45 -10.22
CA ASP A 102 -9.75 -4.42 -11.32
C ASP A 102 -8.48 -4.23 -12.14
N ALA A 103 -7.91 -3.03 -12.08
CA ALA A 103 -6.70 -2.72 -12.83
C ALA A 103 -5.49 -3.43 -12.24
N TYR A 104 -5.64 -3.94 -11.03
CA TYR A 104 -4.61 -4.74 -10.40
C TYR A 104 -4.91 -6.21 -10.61
N LEU A 105 -6.07 -6.45 -11.24
CA LEU A 105 -6.58 -7.79 -11.58
C LEU A 105 -6.59 -8.77 -10.41
N ILE A 106 -6.43 -8.26 -9.20
CA ILE A 106 -6.58 -9.07 -8.00
C ILE A 106 -7.70 -8.50 -7.15
N ASN A 107 -8.89 -9.04 -7.32
CA ASN A 107 -10.09 -8.50 -6.68
C ASN A 107 -10.27 -9.04 -5.26
N GLY A 108 -9.21 -9.54 -4.68
CA GLY A 108 -9.28 -10.10 -3.34
C GLY A 108 -8.49 -9.28 -2.34
N ILE A 109 -9.16 -8.82 -1.30
CA ILE A 109 -8.50 -8.08 -0.23
C ILE A 109 -7.97 -9.06 0.82
N PRO A 110 -6.74 -8.84 1.32
CA PRO A 110 -5.91 -7.72 0.94
C PRO A 110 -5.01 -8.00 -0.26
N ARG A 111 -4.83 -6.98 -1.09
CA ARG A 111 -3.88 -7.08 -2.18
C ARG A 111 -2.59 -6.38 -1.77
N PHE A 112 -1.49 -7.05 -2.03
CA PHE A 112 -0.16 -6.53 -1.71
C PHE A 112 0.47 -6.03 -2.99
N ILE A 113 0.90 -4.77 -3.01
CA ILE A 113 1.42 -4.17 -4.23
C ILE A 113 2.72 -3.42 -3.95
N LEU A 114 3.61 -3.42 -4.92
CA LEU A 114 4.89 -2.73 -4.81
C LEU A 114 5.09 -1.81 -6.00
N LEU A 115 5.56 -0.60 -5.75
CA LEU A 115 5.81 0.39 -6.79
C LEU A 115 7.17 1.04 -6.58
N ASP A 116 7.76 1.53 -7.65
CA ASP A 116 9.07 2.18 -7.58
C ASP A 116 8.94 3.64 -7.21
N ARG A 117 10.11 4.28 -7.08
CA ARG A 117 10.25 5.66 -6.62
C ARG A 117 9.48 6.66 -7.48
N ASP A 118 9.16 6.26 -8.70
CA ASP A 118 8.42 7.13 -9.61
C ASP A 118 6.94 6.97 -9.35
N GLY A 119 6.64 6.14 -8.36
CA GLY A 119 5.28 5.77 -8.10
C GLY A 119 4.81 4.75 -9.10
N LYS A 120 5.75 3.99 -9.68
CA LYS A 120 5.37 3.10 -10.77
C LYS A 120 5.40 1.64 -10.37
N ILE A 121 4.24 1.00 -10.49
CA ILE A 121 4.07 -0.41 -10.13
C ILE A 121 5.23 -1.30 -10.59
N ILE A 122 5.87 -1.88 -9.60
CA ILE A 122 6.93 -2.85 -9.82
C ILE A 122 6.32 -4.25 -9.82
N SER A 123 5.34 -4.44 -8.94
CA SER A 123 4.63 -5.71 -8.81
C SER A 123 3.18 -5.48 -8.44
N ALA A 124 2.28 -5.86 -9.33
CA ALA A 124 0.85 -5.84 -9.03
C ALA A 124 0.54 -6.92 -8.00
N ASN A 125 1.31 -7.99 -8.05
CA ASN A 125 1.19 -9.07 -7.09
C ASN A 125 2.43 -9.09 -6.20
N MET A 126 2.30 -8.46 -5.05
CA MET A 126 3.35 -8.41 -4.06
C MET A 126 2.94 -9.35 -2.91
N THR A 127 3.73 -9.40 -1.84
CA THR A 127 3.50 -10.36 -0.78
C THR A 127 3.15 -9.69 0.54
N ARG A 128 2.18 -10.29 1.22
CA ARG A 128 1.80 -9.94 2.60
C ARG A 128 3.00 -9.64 3.51
N PRO A 129 2.80 -8.71 4.46
CA PRO A 129 3.85 -8.29 5.40
C PRO A 129 4.35 -9.42 6.29
N SER A 130 3.46 -10.36 6.62
CA SER A 130 3.83 -11.47 7.48
C SER A 130 4.69 -12.50 6.74
N ASP A 131 4.94 -12.25 5.46
CA ASP A 131 5.81 -13.11 4.67
C ASP A 131 7.24 -12.59 4.72
N PRO A 132 8.22 -13.45 5.05
CA PRO A 132 9.61 -13.06 5.20
C PRO A 132 10.28 -12.64 3.89
N LYS A 133 9.78 -13.16 2.78
CA LYS A 133 10.36 -12.85 1.47
C LYS A 133 10.06 -11.42 1.10
N THR A 134 8.95 -10.92 1.60
CA THR A 134 8.58 -9.52 1.41
C THR A 134 9.66 -8.62 1.99
N ALA A 135 10.02 -8.90 3.25
CA ALA A 135 11.09 -8.19 3.93
C ALA A 135 12.40 -8.25 3.15
N GLU A 136 12.72 -9.45 2.64
CA GLU A 136 13.92 -9.64 1.83
C GLU A 136 13.94 -8.67 0.66
N LYS A 137 12.83 -8.63 -0.05
CA LYS A 137 12.70 -7.75 -1.21
C LYS A 137 12.99 -6.30 -0.84
N PHE A 138 12.50 -5.88 0.32
CA PHE A 138 12.73 -4.51 0.78
C PHE A 138 14.22 -4.25 0.97
N ASN A 139 14.84 -5.01 1.87
CA ASN A 139 16.22 -4.76 2.26
C ASN A 139 17.19 -5.08 1.13
N GLU A 140 16.74 -5.86 0.16
CA GLU A 140 17.57 -6.14 -1.00
C GLU A 140 17.59 -4.94 -1.94
N LEU A 141 16.40 -4.43 -2.28
CA LEU A 141 16.28 -3.31 -3.22
C LEU A 141 16.88 -2.04 -2.63
N LEU A 142 16.87 -1.94 -1.31
CA LEU A 142 17.46 -0.79 -0.63
C LEU A 142 18.95 -1.01 -0.41
N GLY A 143 19.39 -2.27 -0.53
CA GLY A 143 20.77 -2.60 -0.26
C GLY A 143 21.06 -2.53 1.23
N LEU A 144 20.02 -2.81 2.00
CA LEU A 144 20.05 -2.68 3.44
C LEU A 144 20.38 -4.02 4.10
N GLU A 145 20.71 -5.00 3.26
CA GLU A 145 21.03 -6.34 3.73
C GLU A 145 22.28 -6.36 4.59
N GLY A 146 22.39 -7.40 5.41
CA GLY A 146 23.59 -7.66 6.17
C GLY A 146 24.40 -8.79 5.57
N HIS A 147 24.02 -9.16 4.35
CA HIS A 147 24.65 -10.27 3.62
C HIS A 147 26.15 -10.04 3.47
N HIS A 148 26.51 -8.92 2.86
CA HIS A 148 27.92 -8.62 2.58
C HIS A 148 28.54 -7.85 3.74
N HIS A 149 27.72 -7.51 4.72
CA HIS A 149 28.16 -6.73 5.88
C HIS A 149 26.96 -6.50 6.79
N HIS A 150 26.97 -7.11 7.97
CA HIS A 150 25.89 -6.93 8.94
C HIS A 150 25.56 -5.45 9.10
N HIS A 151 24.37 -5.08 8.65
CA HIS A 151 24.05 -3.68 8.42
C HIS A 151 23.76 -2.92 9.71
N HIS A 152 24.52 -1.85 9.91
CA HIS A 152 24.32 -0.90 10.98
C HIS A 152 25.46 0.09 10.92
N MET A 1 7.08 6.91 -22.29
CA MET A 1 6.27 8.10 -21.95
C MET A 1 4.98 7.69 -21.24
N SER A 2 4.54 8.51 -20.31
CA SER A 2 3.31 8.23 -19.57
C SER A 2 2.10 8.82 -20.29
N LEU A 3 2.36 9.57 -21.36
CA LEU A 3 1.30 10.20 -22.12
C LEU A 3 0.70 9.25 -23.14
N ARG A 4 -0.28 8.47 -22.71
CA ARG A 4 -1.04 7.61 -23.61
C ARG A 4 -2.53 7.78 -23.32
N SER A 5 -2.83 8.80 -22.54
CA SER A 5 -4.19 9.12 -22.13
C SER A 5 -4.24 10.59 -21.76
N GLY A 6 -5.28 11.02 -21.05
CA GLY A 6 -5.33 12.40 -20.60
C GLY A 6 -4.28 12.66 -19.54
N ASN A 7 -4.51 12.17 -18.35
CA ASN A 7 -3.51 12.20 -17.30
C ASN A 7 -3.02 10.79 -17.03
N PRO A 8 -1.79 10.65 -16.48
CA PRO A 8 -1.21 9.33 -16.20
C PRO A 8 -2.08 8.51 -15.24
N SER A 9 -2.86 7.61 -15.81
CA SER A 9 -3.77 6.80 -15.04
C SER A 9 -3.01 5.64 -14.41
N ALA A 10 -3.37 5.32 -13.16
CA ALA A 10 -2.73 4.27 -12.37
C ALA A 10 -1.36 4.71 -11.87
N ALA A 11 -0.62 5.41 -12.72
CA ALA A 11 0.70 5.93 -12.37
C ALA A 11 0.60 7.12 -11.44
N SER A 12 -0.61 7.65 -11.29
CA SER A 12 -0.87 8.72 -10.35
C SER A 12 -2.35 8.80 -10.01
N PHE A 13 -2.74 8.12 -8.94
CA PHE A 13 -4.10 8.19 -8.44
C PHE A 13 -4.16 9.21 -7.29
N SER A 14 -5.36 9.70 -6.98
CA SER A 14 -5.52 10.69 -5.92
C SER A 14 -6.71 10.33 -5.03
N TYR A 15 -6.42 10.03 -3.75
CA TYR A 15 -7.47 9.63 -2.82
C TYR A 15 -7.26 10.27 -1.44
N PRO A 16 -8.32 10.34 -0.61
CA PRO A 16 -8.24 10.89 0.75
C PRO A 16 -7.77 9.87 1.79
N ASP A 17 -6.83 10.31 2.62
CA ASP A 17 -6.33 9.53 3.75
C ASP A 17 -7.31 9.64 4.91
N ILE A 18 -7.23 8.69 5.85
CA ILE A 18 -8.13 8.64 7.02
C ILE A 18 -8.27 10.00 7.70
N ASN A 19 -7.18 10.75 7.77
CA ASN A 19 -7.17 12.05 8.43
C ASN A 19 -7.94 13.08 7.60
N GLY A 20 -8.23 12.73 6.36
CA GLY A 20 -8.85 13.64 5.43
C GLY A 20 -7.82 14.33 4.57
N LYS A 21 -6.76 13.60 4.26
CA LYS A 21 -5.65 14.18 3.50
C LYS A 21 -5.64 13.68 2.06
N THR A 22 -5.54 14.60 1.13
CA THR A 22 -5.51 14.24 -0.27
C THR A 22 -4.12 13.78 -0.66
N VAL A 23 -3.93 12.47 -0.70
CA VAL A 23 -2.65 11.91 -1.08
C VAL A 23 -2.76 11.27 -2.46
N SER A 24 -1.79 11.55 -3.28
CA SER A 24 -1.74 10.98 -4.61
C SER A 24 -0.44 10.23 -4.79
N LEU A 25 -0.34 9.42 -5.83
CA LEU A 25 0.89 8.66 -6.07
C LEU A 25 2.03 9.61 -6.42
N ALA A 26 1.68 10.81 -6.89
CA ALA A 26 2.66 11.84 -7.17
C ALA A 26 2.88 12.74 -5.96
N ASP A 27 2.18 12.43 -4.87
CA ASP A 27 2.30 13.20 -3.64
C ASP A 27 3.36 12.57 -2.75
N LEU A 28 3.46 11.25 -2.82
CA LEU A 28 4.49 10.50 -2.10
C LEU A 28 5.57 10.03 -3.05
N LYS A 29 5.53 10.53 -4.26
CA LYS A 29 6.44 10.15 -5.30
C LYS A 29 7.87 10.58 -4.97
N GLY A 30 8.83 9.79 -5.42
CA GLY A 30 10.23 10.06 -5.12
C GLY A 30 10.86 8.90 -4.39
N LYS A 31 10.02 8.11 -3.75
CA LYS A 31 10.47 6.91 -3.04
C LYS A 31 9.64 5.73 -3.49
N TYR A 32 10.09 4.52 -3.14
CA TYR A 32 9.37 3.30 -3.53
C TYR A 32 8.02 3.23 -2.82
N ILE A 33 7.02 2.70 -3.50
CA ILE A 33 5.68 2.65 -2.95
C ILE A 33 5.22 1.20 -2.78
N TYR A 34 4.74 0.88 -1.58
CA TYR A 34 4.12 -0.42 -1.35
C TYR A 34 2.62 -0.21 -1.13
N ILE A 35 1.82 -0.84 -1.96
CA ILE A 35 0.37 -0.70 -1.85
C ILE A 35 -0.25 -1.98 -1.30
N ASP A 36 -1.07 -1.82 -0.27
CA ASP A 36 -1.78 -2.96 0.31
C ASP A 36 -3.24 -2.57 0.50
N VAL A 37 -4.14 -3.50 0.26
CA VAL A 37 -5.56 -3.19 0.34
C VAL A 37 -6.10 -3.42 1.76
N TRP A 38 -6.48 -2.34 2.41
CA TRP A 38 -7.04 -2.41 3.76
C TRP A 38 -8.56 -2.24 3.68
N ALA A 39 -9.30 -3.10 4.38
CA ALA A 39 -10.77 -3.10 4.29
C ALA A 39 -11.40 -3.52 5.60
N THR A 40 -12.70 -3.26 5.75
CA THR A 40 -13.45 -3.77 6.89
C THR A 40 -14.25 -5.03 6.51
N TRP A 41 -14.70 -5.07 5.26
CA TRP A 41 -15.49 -6.20 4.76
C TRP A 41 -14.58 -7.34 4.32
N CYS A 42 -13.36 -7.34 4.84
CA CYS A 42 -12.36 -8.31 4.46
C CYS A 42 -12.47 -9.58 5.33
N GLY A 43 -12.10 -9.45 6.59
CA GLY A 43 -12.06 -10.59 7.48
C GLY A 43 -10.64 -10.96 7.86
N PRO A 44 -10.01 -11.89 7.11
CA PRO A 44 -8.64 -12.37 7.38
C PRO A 44 -7.63 -11.24 7.43
N CYS A 45 -7.90 -10.18 6.69
CA CYS A 45 -7.04 -9.00 6.65
C CYS A 45 -6.79 -8.45 8.05
N ARG A 46 -7.79 -8.56 8.93
CA ARG A 46 -7.68 -7.99 10.27
C ARG A 46 -6.64 -8.75 11.10
N GLY A 47 -6.29 -9.95 10.65
CA GLY A 47 -5.27 -10.72 11.33
C GLY A 47 -3.87 -10.30 10.92
N GLU A 48 -3.77 -9.68 9.74
CA GLU A 48 -2.49 -9.22 9.24
C GLU A 48 -2.37 -7.71 9.36
N LEU A 49 -3.45 -7.05 9.79
CA LEU A 49 -3.41 -5.61 10.06
C LEU A 49 -2.29 -5.27 11.05
N PRO A 50 -2.15 -6.01 12.18
CA PRO A 50 -1.01 -5.87 13.07
C PRO A 50 0.31 -6.04 12.32
N ALA A 51 0.38 -7.01 11.42
CA ALA A 51 1.62 -7.30 10.71
C ALA A 51 1.97 -6.17 9.75
N LEU A 52 0.93 -5.53 9.24
CA LEU A 52 1.09 -4.42 8.29
C LEU A 52 1.72 -3.23 8.99
N LYS A 53 1.19 -2.88 10.16
CA LYS A 53 1.72 -1.74 10.91
C LYS A 53 3.12 -2.05 11.42
N GLU A 54 3.38 -3.32 11.73
CA GLU A 54 4.72 -3.73 12.15
C GLU A 54 5.74 -3.43 11.07
N LEU A 55 5.41 -3.80 9.84
CA LEU A 55 6.23 -3.49 8.69
C LEU A 55 6.37 -1.99 8.51
N GLU A 56 5.22 -1.34 8.45
CA GLU A 56 5.12 0.10 8.28
C GLU A 56 6.11 0.85 9.18
N GLU A 57 5.98 0.67 10.49
CA GLU A 57 6.76 1.44 11.43
C GLU A 57 8.23 1.02 11.44
N LYS A 58 8.48 -0.27 11.24
CA LYS A 58 9.84 -0.79 11.24
C LYS A 58 10.62 -0.27 10.05
N TYR A 59 9.96 -0.20 8.90
CA TYR A 59 10.61 0.21 7.68
C TYR A 59 10.23 1.64 7.29
N ALA A 60 9.56 2.34 8.19
CA ALA A 60 9.30 3.76 8.02
C ALA A 60 10.59 4.56 8.07
N GLY A 61 10.58 5.74 7.48
CA GLY A 61 11.74 6.60 7.51
C GLY A 61 12.82 6.17 6.53
N LYS A 62 12.48 5.21 5.68
CA LYS A 62 13.40 4.76 4.65
C LYS A 62 13.09 5.41 3.33
N ASP A 63 13.58 4.82 2.27
CA ASP A 63 13.35 5.32 0.91
C ASP A 63 12.11 4.67 0.31
N ILE A 64 11.13 4.40 1.17
CA ILE A 64 9.91 3.72 0.77
C ILE A 64 8.72 4.32 1.53
N HIS A 65 7.52 4.01 1.06
CA HIS A 65 6.30 4.44 1.74
C HIS A 65 5.31 3.27 1.77
N PHE A 66 4.65 3.08 2.90
CA PHE A 66 3.59 2.09 2.99
C PHE A 66 2.24 2.76 2.75
N VAL A 67 1.64 2.45 1.62
CA VAL A 67 0.40 3.07 1.21
C VAL A 67 -0.72 2.04 1.11
N SER A 68 -1.61 2.07 2.06
CA SER A 68 -2.75 1.18 2.05
C SER A 68 -3.91 1.81 1.28
N LEU A 69 -4.55 1.06 0.40
CA LEU A 69 -5.71 1.55 -0.34
C LEU A 69 -6.95 0.73 0.00
N SER A 70 -8.05 1.40 0.24
CA SER A 70 -9.28 0.73 0.66
C SER A 70 -10.37 0.87 -0.40
N CYS A 71 -10.84 -0.27 -0.89
CA CYS A 71 -11.92 -0.29 -1.87
C CYS A 71 -13.28 -0.34 -1.16
N ASP A 72 -13.29 -0.03 0.13
CA ASP A 72 -14.53 -0.01 0.91
C ASP A 72 -15.43 1.12 0.43
N LYS A 73 -16.69 0.83 0.21
CA LYS A 73 -17.63 1.86 -0.20
C LYS A 73 -18.03 2.71 1.00
N ASN A 74 -18.11 2.07 2.16
CA ASN A 74 -18.40 2.76 3.41
C ASN A 74 -17.18 3.53 3.88
N LYS A 75 -17.17 4.83 3.67
CA LYS A 75 -16.02 5.64 4.06
C LYS A 75 -16.02 5.91 5.55
N LYS A 76 -17.12 6.47 6.04
CA LYS A 76 -17.21 6.89 7.43
C LYS A 76 -17.04 5.69 8.35
N ALA A 77 -17.77 4.62 8.06
CA ALA A 77 -17.69 3.39 8.84
C ALA A 77 -16.26 2.84 8.84
N TRP A 78 -15.58 3.00 7.72
CA TRP A 78 -14.24 2.48 7.58
C TRP A 78 -13.23 3.37 8.30
N GLU A 79 -13.30 4.68 8.09
CA GLU A 79 -12.34 5.60 8.66
C GLU A 79 -12.41 5.58 10.19
N ASN A 80 -13.59 5.35 10.74
CA ASN A 80 -13.70 5.26 12.20
C ASN A 80 -13.27 3.89 12.70
N MET A 81 -13.40 2.85 11.87
CA MET A 81 -12.87 1.54 12.24
C MET A 81 -11.36 1.56 12.33
N VAL A 82 -10.68 2.11 11.32
CA VAL A 82 -9.23 2.21 11.37
C VAL A 82 -8.79 3.02 12.59
N THR A 83 -9.54 4.06 12.91
CA THR A 83 -9.29 4.84 14.12
C THR A 83 -9.46 3.99 15.38
N LYS A 84 -10.50 3.15 15.38
CA LYS A 84 -10.81 2.30 16.53
C LYS A 84 -9.78 1.16 16.63
N ASP A 85 -9.51 0.55 15.49
CA ASP A 85 -8.59 -0.58 15.39
C ASP A 85 -7.13 -0.15 15.58
N GLN A 86 -6.91 1.16 15.57
CA GLN A 86 -5.60 1.75 15.87
C GLN A 86 -4.57 1.42 14.80
N LEU A 87 -4.94 1.64 13.55
CA LEU A 87 -4.01 1.42 12.44
C LEU A 87 -3.53 2.78 11.93
N LYS A 88 -2.23 2.94 11.76
CA LYS A 88 -1.67 4.20 11.30
C LYS A 88 -0.61 3.99 10.22
N GLY A 89 -0.26 5.06 9.54
CA GLY A 89 0.67 5.01 8.44
C GLY A 89 0.21 5.92 7.32
N ILE A 90 0.40 5.49 6.09
CA ILE A 90 -0.20 6.18 4.95
C ILE A 90 -1.31 5.31 4.39
N GLN A 91 -2.54 5.78 4.52
CA GLN A 91 -3.68 4.93 4.23
C GLN A 91 -4.80 5.70 3.53
N LEU A 92 -4.92 5.47 2.23
CA LEU A 92 -5.89 6.16 1.40
C LEU A 92 -7.11 5.28 1.17
N HIS A 93 -8.19 5.91 0.73
CA HIS A 93 -9.45 5.23 0.57
C HIS A 93 -10.06 5.53 -0.80
N MET A 94 -10.29 4.46 -1.55
CA MET A 94 -10.85 4.52 -2.88
C MET A 94 -12.33 4.87 -2.84
N GLY A 95 -13.11 4.02 -2.19
CA GLY A 95 -14.53 4.28 -2.05
C GLY A 95 -15.36 3.60 -3.13
N THR A 96 -15.78 4.37 -4.12
CA THR A 96 -16.65 3.85 -5.17
C THR A 96 -15.94 3.74 -6.51
N ASP A 97 -14.61 3.78 -6.50
CA ASP A 97 -13.84 3.71 -7.73
C ASP A 97 -13.27 2.31 -7.91
N ARG A 98 -14.13 1.31 -7.74
CA ARG A 98 -13.69 -0.08 -7.77
C ARG A 98 -13.25 -0.51 -9.17
N THR A 99 -13.45 0.36 -10.15
CA THR A 99 -12.94 0.12 -11.49
C THR A 99 -11.41 0.11 -11.47
N PHE A 100 -10.84 0.89 -10.56
CA PHE A 100 -9.39 0.91 -10.38
C PHE A 100 -8.95 -0.36 -9.68
N MET A 101 -9.80 -0.81 -8.75
CA MET A 101 -9.63 -2.11 -8.09
C MET A 101 -9.63 -3.23 -9.13
N ASP A 102 -10.59 -3.15 -10.04
CA ASP A 102 -10.73 -4.15 -11.10
C ASP A 102 -9.56 -4.08 -12.07
N ALA A 103 -9.04 -2.88 -12.31
CA ALA A 103 -7.93 -2.69 -13.23
C ALA A 103 -6.69 -3.45 -12.74
N TYR A 104 -6.48 -3.45 -11.44
CA TYR A 104 -5.35 -4.14 -10.84
C TYR A 104 -5.67 -5.60 -10.54
N LEU A 105 -6.95 -5.96 -10.71
CA LEU A 105 -7.42 -7.32 -10.46
C LEU A 105 -7.21 -7.71 -9.00
N ILE A 106 -7.26 -6.72 -8.11
CA ILE A 106 -7.10 -6.96 -6.69
C ILE A 106 -8.37 -7.54 -6.08
N ASN A 107 -8.59 -8.82 -6.30
CA ASN A 107 -9.79 -9.50 -5.82
C ASN A 107 -9.60 -10.05 -4.42
N GLY A 108 -8.55 -10.84 -4.22
CA GLY A 108 -8.32 -11.47 -2.93
C GLY A 108 -7.64 -10.54 -1.94
N ILE A 109 -8.34 -9.46 -1.60
CA ILE A 109 -7.80 -8.48 -0.67
C ILE A 109 -7.77 -9.06 0.75
N PRO A 110 -6.78 -8.65 1.57
CA PRO A 110 -5.75 -7.67 1.21
C PRO A 110 -4.87 -8.12 0.06
N ARG A 111 -4.62 -7.21 -0.87
CA ARG A 111 -3.83 -7.50 -2.05
C ARG A 111 -2.53 -6.73 -2.01
N PHE A 112 -1.47 -7.39 -2.46
CA PHE A 112 -0.12 -6.88 -2.39
C PHE A 112 0.34 -6.24 -3.70
N ILE A 113 0.79 -4.98 -3.63
CA ILE A 113 1.28 -4.26 -4.82
C ILE A 113 2.58 -3.51 -4.50
N LEU A 114 3.45 -3.37 -5.49
CA LEU A 114 4.72 -2.67 -5.31
C LEU A 114 5.01 -1.77 -6.53
N LEU A 115 5.49 -0.55 -6.30
CA LEU A 115 5.77 0.39 -7.38
C LEU A 115 7.11 1.08 -7.18
N ASP A 116 7.67 1.53 -8.30
CA ASP A 116 8.94 2.24 -8.34
C ASP A 116 8.79 3.66 -7.85
N ARG A 117 9.92 4.26 -7.51
CA ARG A 117 10.00 5.63 -6.95
C ARG A 117 9.21 6.65 -7.77
N ASP A 118 9.14 6.43 -9.08
CA ASP A 118 8.45 7.35 -9.99
C ASP A 118 6.96 7.14 -9.92
N GLY A 119 6.55 6.13 -9.18
CA GLY A 119 5.17 5.70 -9.18
C GLY A 119 4.95 4.65 -10.24
N LYS A 120 6.03 3.98 -10.66
CA LYS A 120 5.92 3.00 -11.73
C LYS A 120 5.54 1.64 -11.18
N ILE A 121 4.30 1.25 -11.38
CA ILE A 121 3.83 -0.06 -10.92
C ILE A 121 4.81 -1.16 -11.32
N ILE A 122 5.50 -1.70 -10.32
CA ILE A 122 6.50 -2.72 -10.55
C ILE A 122 5.83 -4.08 -10.62
N SER A 123 5.01 -4.35 -9.62
CA SER A 123 4.32 -5.62 -9.54
C SER A 123 2.87 -5.38 -9.13
N ALA A 124 1.93 -5.90 -9.91
CA ALA A 124 0.52 -5.80 -9.59
C ALA A 124 0.18 -6.76 -8.45
N ASN A 125 1.06 -7.72 -8.25
CA ASN A 125 0.96 -8.65 -7.14
C ASN A 125 2.35 -8.92 -6.56
N MET A 126 2.52 -8.56 -5.29
CA MET A 126 3.78 -8.77 -4.59
C MET A 126 3.61 -9.84 -3.52
N THR A 127 3.77 -9.46 -2.26
CA THR A 127 3.60 -10.38 -1.13
C THR A 127 3.01 -9.64 0.07
N ARG A 128 2.09 -10.30 0.77
CA ARG A 128 1.45 -9.71 1.96
C ARG A 128 2.44 -9.43 3.09
N PRO A 129 2.01 -8.56 4.03
CA PRO A 129 2.73 -8.32 5.28
C PRO A 129 3.10 -9.60 6.02
N SER A 130 2.29 -10.64 5.88
CA SER A 130 2.54 -11.90 6.56
C SER A 130 3.68 -12.67 5.89
N ASP A 131 3.91 -12.44 4.60
CA ASP A 131 5.00 -13.13 3.92
C ASP A 131 6.34 -12.44 4.18
N PRO A 132 7.35 -13.21 4.63
CA PRO A 132 8.68 -12.68 4.95
C PRO A 132 9.40 -12.05 3.76
N LYS A 133 9.04 -12.46 2.54
CA LYS A 133 9.70 -11.95 1.34
C LYS A 133 9.50 -10.46 1.22
N THR A 134 8.33 -9.99 1.64
CA THR A 134 8.04 -8.58 1.64
C THR A 134 9.05 -7.83 2.51
N ALA A 135 9.20 -8.31 3.75
CA ALA A 135 10.11 -7.71 4.71
C ALA A 135 11.56 -7.75 4.22
N GLU A 136 11.99 -8.90 3.72
CA GLU A 136 13.38 -9.04 3.31
C GLU A 136 13.65 -8.28 2.02
N LYS A 137 12.60 -8.05 1.24
CA LYS A 137 12.69 -7.26 0.03
C LYS A 137 13.03 -5.82 0.38
N PHE A 138 12.37 -5.31 1.41
CA PHE A 138 12.68 -3.98 1.93
C PHE A 138 14.15 -3.92 2.31
N ASN A 139 14.60 -4.91 3.09
CA ASN A 139 16.00 -5.01 3.47
C ASN A 139 16.88 -5.01 2.24
N GLU A 140 16.49 -5.82 1.26
CA GLU A 140 17.21 -5.93 0.00
C GLU A 140 17.42 -4.56 -0.65
N LEU A 141 16.33 -3.79 -0.75
CA LEU A 141 16.35 -2.49 -1.39
C LEU A 141 17.37 -1.56 -0.73
N LEU A 142 17.36 -1.51 0.59
CA LEU A 142 18.27 -0.63 1.33
C LEU A 142 19.61 -1.31 1.56
N GLY A 143 19.73 -2.57 1.14
CA GLY A 143 20.97 -3.30 1.27
C GLY A 143 21.22 -3.75 2.69
N LEU A 144 20.13 -3.90 3.43
CA LEU A 144 20.16 -4.22 4.84
C LEU A 144 20.26 -5.73 5.07
N GLU A 145 20.37 -6.49 3.99
CA GLU A 145 20.50 -7.94 4.09
C GLU A 145 21.84 -8.34 4.66
N GLY A 146 21.95 -9.59 5.07
CA GLY A 146 23.19 -10.10 5.60
C GLY A 146 23.41 -11.55 5.21
N HIS A 147 23.94 -11.76 4.02
CA HIS A 147 24.19 -13.10 3.52
C HIS A 147 25.69 -13.35 3.44
N HIS A 148 26.21 -14.23 4.28
CA HIS A 148 27.63 -14.55 4.27
C HIS A 148 27.87 -15.83 3.49
N HIS A 149 29.12 -16.03 3.08
CA HIS A 149 29.50 -17.21 2.31
C HIS A 149 30.23 -18.19 3.21
N HIS A 150 30.61 -19.34 2.67
CA HIS A 150 31.32 -20.34 3.43
C HIS A 150 32.61 -20.72 2.72
N HIS A 151 33.71 -20.77 3.46
CA HIS A 151 35.02 -21.08 2.90
C HIS A 151 35.04 -22.47 2.29
N HIS A 152 35.33 -22.53 1.00
CA HIS A 152 35.47 -23.80 0.29
C HIS A 152 36.63 -23.69 -0.70
N MET A 1 2.63 7.50 -24.37
CA MET A 1 4.07 7.65 -24.66
C MET A 1 4.89 6.66 -23.83
N SER A 2 4.95 6.87 -22.52
CA SER A 2 5.72 6.01 -21.66
C SER A 2 4.83 5.19 -20.73
N LEU A 3 4.50 3.97 -21.16
CA LEU A 3 3.73 3.03 -20.35
C LEU A 3 3.79 1.65 -21.01
N ARG A 4 4.66 0.79 -20.51
CA ARG A 4 4.91 -0.51 -21.13
C ARG A 4 3.74 -1.49 -20.91
N SER A 5 2.69 -1.01 -20.26
CA SER A 5 1.54 -1.85 -19.99
C SER A 5 0.37 -1.48 -20.89
N GLY A 6 0.61 -0.57 -21.82
CA GLY A 6 -0.42 -0.15 -22.75
C GLY A 6 -1.36 0.89 -22.17
N ASN A 7 -2.16 0.47 -21.19
CA ASN A 7 -3.07 1.39 -20.52
C ASN A 7 -2.34 2.04 -19.34
N PRO A 8 -2.83 3.19 -18.87
CA PRO A 8 -2.22 3.86 -17.73
C PRO A 8 -2.56 3.17 -16.41
N SER A 9 -1.73 2.22 -16.05
CA SER A 9 -1.90 1.48 -14.81
C SER A 9 -1.45 2.32 -13.63
N ALA A 10 -2.43 3.00 -13.02
CA ALA A 10 -2.20 3.91 -11.89
C ALA A 10 -1.45 5.15 -12.35
N ALA A 11 -0.15 4.96 -12.58
CA ALA A 11 0.78 6.02 -13.00
C ALA A 11 0.90 7.13 -11.97
N SER A 12 -0.18 7.87 -11.81
CA SER A 12 -0.25 8.96 -10.86
C SER A 12 -1.71 9.23 -10.50
N PHE A 13 -2.07 8.91 -9.27
CA PHE A 13 -3.45 9.05 -8.81
C PHE A 13 -3.51 9.91 -7.55
N SER A 14 -4.71 10.18 -7.08
CA SER A 14 -4.92 10.94 -5.86
C SER A 14 -6.10 10.36 -5.07
N TYR A 15 -5.85 9.97 -3.82
CA TYR A 15 -6.88 9.37 -2.98
C TYR A 15 -6.94 10.01 -1.60
N PRO A 16 -8.15 10.10 -1.03
CA PRO A 16 -8.35 10.68 0.30
C PRO A 16 -8.06 9.72 1.45
N ASP A 17 -7.24 10.19 2.38
CA ASP A 17 -7.00 9.52 3.66
C ASP A 17 -8.24 9.67 4.52
N ILE A 18 -8.34 8.81 5.54
CA ILE A 18 -9.52 8.72 6.42
C ILE A 18 -10.00 10.09 6.91
N ASN A 19 -9.06 10.98 7.20
CA ASN A 19 -9.37 12.30 7.76
C ASN A 19 -9.91 13.24 6.68
N GLY A 20 -9.77 12.84 5.43
CA GLY A 20 -10.13 13.70 4.31
C GLY A 20 -8.91 14.31 3.67
N LYS A 21 -7.77 13.65 3.86
CA LYS A 21 -6.50 14.18 3.36
C LYS A 21 -6.24 13.68 1.94
N THR A 22 -5.76 14.57 1.10
CA THR A 22 -5.52 14.22 -0.29
C THR A 22 -4.10 13.71 -0.47
N VAL A 23 -3.96 12.40 -0.53
CA VAL A 23 -2.67 11.78 -0.74
C VAL A 23 -2.57 11.28 -2.16
N SER A 24 -1.69 11.88 -2.93
CA SER A 24 -1.54 11.53 -4.33
C SER A 24 -0.25 10.73 -4.52
N LEU A 25 -0.07 10.22 -5.73
CA LEU A 25 1.12 9.45 -6.07
C LEU A 25 2.37 10.28 -5.85
N ALA A 26 2.33 11.54 -6.31
CA ALA A 26 3.49 12.43 -6.19
C ALA A 26 3.69 12.87 -4.75
N ASP A 27 2.66 12.71 -3.94
CA ASP A 27 2.72 13.11 -2.53
C ASP A 27 3.57 12.12 -1.74
N LEU A 28 3.61 10.88 -2.21
CA LEU A 28 4.39 9.83 -1.57
C LEU A 28 5.57 9.40 -2.45
N LYS A 29 5.67 10.01 -3.63
CA LYS A 29 6.66 9.63 -4.62
C LYS A 29 8.07 9.94 -4.15
N GLY A 30 9.00 9.09 -4.56
CA GLY A 30 10.39 9.23 -4.14
C GLY A 30 10.83 8.05 -3.32
N LYS A 31 9.85 7.33 -2.78
CA LYS A 31 10.13 6.15 -1.98
C LYS A 31 9.34 4.95 -2.52
N TYR A 32 9.90 3.74 -2.36
CA TYR A 32 9.23 2.53 -2.83
C TYR A 32 7.90 2.33 -2.13
N ILE A 33 6.83 2.30 -2.91
CA ILE A 33 5.50 2.24 -2.34
C ILE A 33 4.96 0.82 -2.39
N TYR A 34 4.73 0.23 -1.23
CA TYR A 34 4.04 -1.05 -1.13
C TYR A 34 2.56 -0.77 -0.94
N ILE A 35 1.74 -1.25 -1.86
CA ILE A 35 0.31 -1.04 -1.79
C ILE A 35 -0.41 -2.31 -1.41
N ASP A 36 -1.15 -2.25 -0.33
CA ASP A 36 -2.00 -3.36 0.10
C ASP A 36 -3.43 -2.88 0.12
N VAL A 37 -4.39 -3.78 0.07
CA VAL A 37 -5.79 -3.36 0.11
C VAL A 37 -6.40 -3.57 1.49
N TRP A 38 -6.75 -2.46 2.16
CA TRP A 38 -7.35 -2.52 3.48
C TRP A 38 -8.86 -2.28 3.35
N ALA A 39 -9.66 -3.08 4.02
CA ALA A 39 -11.12 -2.98 3.87
C ALA A 39 -11.86 -3.33 5.16
N THR A 40 -13.13 -2.96 5.21
CA THR A 40 -13.98 -3.25 6.36
C THR A 40 -14.45 -4.70 6.33
N TRP A 41 -14.59 -5.22 5.12
CA TRP A 41 -15.18 -6.53 4.90
C TRP A 41 -14.12 -7.58 4.52
N CYS A 42 -12.87 -7.31 4.86
CA CYS A 42 -11.82 -8.30 4.66
C CYS A 42 -11.22 -8.69 6.01
N GLY A 43 -11.83 -9.71 6.62
CA GLY A 43 -11.39 -10.17 7.93
C GLY A 43 -9.93 -10.58 8.00
N PRO A 44 -9.46 -11.48 7.10
CA PRO A 44 -8.07 -11.97 7.11
C PRO A 44 -7.05 -10.84 7.09
N CYS A 45 -7.37 -9.76 6.37
CA CYS A 45 -6.46 -8.63 6.21
C CYS A 45 -6.06 -8.04 7.57
N ARG A 46 -6.98 -8.14 8.53
CA ARG A 46 -6.78 -7.53 9.83
C ARG A 46 -5.76 -8.29 10.66
N GLY A 47 -5.23 -9.36 10.10
CA GLY A 47 -4.16 -10.10 10.74
C GLY A 47 -2.80 -9.49 10.46
N GLU A 48 -2.61 -9.05 9.22
CA GLU A 48 -1.35 -8.45 8.81
C GLU A 48 -1.39 -6.93 8.93
N LEU A 49 -2.57 -6.38 9.22
CA LEU A 49 -2.71 -4.94 9.40
C LEU A 49 -1.75 -4.41 10.48
N PRO A 50 -1.72 -5.02 11.69
CA PRO A 50 -0.76 -4.64 12.75
C PRO A 50 0.67 -4.77 12.27
N ALA A 51 0.95 -5.81 11.50
CA ALA A 51 2.29 -6.04 10.99
C ALA A 51 2.67 -4.99 9.95
N LEU A 52 1.68 -4.54 9.19
CA LEU A 52 1.89 -3.58 8.12
C LEU A 52 2.31 -2.23 8.69
N LYS A 53 1.59 -1.75 9.69
CA LYS A 53 1.96 -0.50 10.35
C LYS A 53 3.32 -0.62 11.00
N GLU A 54 3.56 -1.75 11.65
CA GLU A 54 4.84 -2.01 12.31
C GLU A 54 5.98 -2.05 11.31
N LEU A 55 5.70 -2.56 10.12
CA LEU A 55 6.67 -2.56 9.04
C LEU A 55 7.10 -1.14 8.68
N GLU A 56 6.11 -0.28 8.51
CA GLU A 56 6.35 1.12 8.19
C GLU A 56 7.11 1.79 9.34
N GLU A 57 6.72 1.48 10.57
CA GLU A 57 7.38 2.01 11.76
C GLU A 57 8.80 1.45 11.87
N LYS A 58 9.05 0.34 11.22
CA LYS A 58 10.35 -0.32 11.25
C LYS A 58 11.28 0.25 10.18
N TYR A 59 10.76 0.44 8.98
CA TYR A 59 11.58 0.86 7.84
C TYR A 59 11.56 2.37 7.64
N ALA A 60 10.82 3.07 8.50
CA ALA A 60 10.78 4.53 8.46
C ALA A 60 12.17 5.11 8.62
N GLY A 61 12.67 5.72 7.56
CA GLY A 61 14.00 6.29 7.58
C GLY A 61 14.63 6.27 6.21
N LYS A 62 14.35 5.21 5.45
CA LYS A 62 14.82 5.11 4.08
C LYS A 62 13.69 5.41 3.11
N ASP A 63 13.87 4.99 1.87
CA ASP A 63 12.91 5.30 0.82
C ASP A 63 11.93 4.17 0.59
N ILE A 64 10.94 4.08 1.46
CA ILE A 64 9.89 3.10 1.32
C ILE A 64 8.62 3.61 2.01
N HIS A 65 7.48 3.09 1.60
CA HIS A 65 6.19 3.41 2.21
C HIS A 65 5.32 2.18 2.23
N PHE A 66 4.55 2.02 3.30
CA PHE A 66 3.56 0.98 3.36
C PHE A 66 2.18 1.62 3.31
N VAL A 67 1.55 1.54 2.15
CA VAL A 67 0.32 2.24 1.87
C VAL A 67 -0.79 1.26 1.53
N SER A 68 -1.89 1.35 2.23
CA SER A 68 -3.04 0.51 1.95
C SER A 68 -4.13 1.34 1.29
N LEU A 69 -4.80 0.75 0.32
CA LEU A 69 -5.90 1.41 -0.39
C LEU A 69 -7.20 0.64 -0.18
N SER A 70 -8.26 1.36 0.14
CA SER A 70 -9.53 0.75 0.53
C SER A 70 -10.61 0.94 -0.53
N CYS A 71 -11.07 -0.16 -1.10
CA CYS A 71 -12.13 -0.11 -2.09
C CYS A 71 -13.51 -0.11 -1.43
N ASP A 72 -13.56 0.27 -0.15
CA ASP A 72 -14.80 0.26 0.61
C ASP A 72 -15.70 1.41 0.21
N LYS A 73 -16.99 1.17 0.29
CA LYS A 73 -17.98 2.18 -0.01
C LYS A 73 -18.43 2.87 1.27
N ASN A 74 -18.43 2.12 2.36
CA ASN A 74 -18.87 2.64 3.65
C ASN A 74 -17.76 3.46 4.28
N LYS A 75 -17.53 4.65 3.76
CA LYS A 75 -16.42 5.48 4.23
C LYS A 75 -16.52 5.75 5.72
N LYS A 76 -17.68 6.22 6.15
CA LYS A 76 -17.91 6.58 7.54
C LYS A 76 -17.65 5.39 8.48
N ALA A 77 -18.21 4.23 8.15
CA ALA A 77 -18.07 3.05 9.00
C ALA A 77 -16.62 2.59 9.01
N TRP A 78 -16.00 2.67 7.85
CA TRP A 78 -14.64 2.23 7.68
C TRP A 78 -13.66 3.17 8.38
N GLU A 79 -13.82 4.47 8.17
CA GLU A 79 -12.89 5.46 8.71
C GLU A 79 -12.87 5.44 10.24
N ASN A 80 -14.03 5.23 10.87
CA ASN A 80 -14.05 5.19 12.32
C ASN A 80 -13.51 3.86 12.83
N MET A 81 -13.73 2.79 12.06
CA MET A 81 -13.19 1.47 12.39
C MET A 81 -11.67 1.47 12.39
N VAL A 82 -11.06 2.02 11.34
CA VAL A 82 -9.60 2.12 11.31
C VAL A 82 -9.10 2.96 12.48
N THR A 83 -9.85 4.00 12.83
CA THR A 83 -9.51 4.83 13.97
C THR A 83 -9.57 4.02 15.28
N LYS A 84 -10.56 3.12 15.37
CA LYS A 84 -10.71 2.26 16.54
C LYS A 84 -9.67 1.17 16.55
N ASP A 85 -9.51 0.51 15.42
CA ASP A 85 -8.57 -0.59 15.26
C ASP A 85 -7.12 -0.10 15.25
N GLN A 86 -6.93 1.21 15.21
CA GLN A 86 -5.62 1.84 15.40
C GLN A 86 -4.66 1.56 14.24
N LEU A 87 -5.20 1.30 13.06
CA LEU A 87 -4.36 0.98 11.90
C LEU A 87 -3.55 2.21 11.47
N LYS A 88 -2.25 2.17 11.72
CA LYS A 88 -1.36 3.27 11.39
C LYS A 88 -0.69 3.07 10.04
N GLY A 89 0.19 4.00 9.67
CA GLY A 89 0.79 3.96 8.36
C GLY A 89 0.05 4.86 7.39
N ILE A 90 0.25 4.67 6.09
CA ILE A 90 -0.47 5.45 5.11
C ILE A 90 -1.66 4.65 4.61
N GLN A 91 -2.85 5.14 4.92
CA GLN A 91 -4.06 4.42 4.61
C GLN A 91 -5.01 5.28 3.77
N LEU A 92 -5.11 4.95 2.50
CA LEU A 92 -5.89 5.74 1.56
C LEU A 92 -7.21 5.06 1.24
N HIS A 93 -8.24 5.84 1.02
CA HIS A 93 -9.57 5.30 0.74
C HIS A 93 -10.01 5.62 -0.67
N MET A 94 -10.64 4.64 -1.29
CA MET A 94 -11.16 4.73 -2.64
C MET A 94 -12.68 4.80 -2.56
N GLY A 95 -13.18 6.01 -2.56
CA GLY A 95 -14.61 6.24 -2.46
C GLY A 95 -15.38 5.80 -3.70
N THR A 96 -15.60 4.50 -3.81
CA THR A 96 -16.42 3.91 -4.86
C THR A 96 -15.72 3.97 -6.23
N ASP A 97 -14.47 4.43 -6.25
CA ASP A 97 -13.69 4.50 -7.48
C ASP A 97 -13.14 3.13 -7.84
N ARG A 98 -13.90 2.09 -7.50
CA ARG A 98 -13.41 0.73 -7.58
C ARG A 98 -13.44 0.18 -9.00
N THR A 99 -13.61 1.06 -9.97
CA THR A 99 -13.40 0.70 -11.36
C THR A 99 -11.92 0.39 -11.58
N PHE A 100 -11.10 1.03 -10.77
CA PHE A 100 -9.67 0.75 -10.74
C PHE A 100 -9.43 -0.61 -10.10
N MET A 101 -10.22 -0.90 -9.07
CA MET A 101 -10.25 -2.22 -8.44
C MET A 101 -10.58 -3.29 -9.47
N ASP A 102 -11.59 -3.00 -10.28
CA ASP A 102 -12.03 -3.91 -11.33
C ASP A 102 -10.97 -4.04 -12.42
N ALA A 103 -10.24 -2.97 -12.68
CA ALA A 103 -9.20 -2.98 -13.71
C ALA A 103 -7.97 -3.76 -13.25
N TYR A 104 -7.61 -3.60 -11.98
CA TYR A 104 -6.44 -4.27 -11.42
C TYR A 104 -6.76 -5.69 -10.98
N LEU A 105 -8.04 -6.06 -11.06
CA LEU A 105 -8.50 -7.41 -10.71
C LEU A 105 -8.27 -7.70 -9.23
N ILE A 106 -8.12 -6.65 -8.44
CA ILE A 106 -7.92 -6.79 -7.00
C ILE A 106 -9.24 -7.09 -6.29
N ASN A 107 -9.87 -8.19 -6.68
CA ASN A 107 -11.14 -8.59 -6.08
C ASN A 107 -10.91 -9.44 -4.84
N GLY A 108 -9.89 -10.29 -4.87
CA GLY A 108 -9.53 -11.08 -3.72
C GLY A 108 -8.61 -10.32 -2.80
N ILE A 109 -9.18 -9.39 -2.04
CA ILE A 109 -8.40 -8.56 -1.14
C ILE A 109 -8.38 -9.14 0.26
N PRO A 110 -7.35 -8.80 1.08
CA PRO A 110 -6.28 -7.85 0.71
C PRO A 110 -5.43 -8.30 -0.48
N ARG A 111 -4.97 -7.32 -1.25
CA ARG A 111 -4.14 -7.58 -2.41
C ARG A 111 -2.78 -6.92 -2.19
N PHE A 112 -1.72 -7.64 -2.55
CA PHE A 112 -0.34 -7.20 -2.33
C PHE A 112 0.25 -6.67 -3.63
N ILE A 113 0.69 -5.42 -3.64
CA ILE A 113 1.29 -4.80 -4.81
C ILE A 113 2.51 -3.97 -4.42
N LEU A 114 3.50 -3.91 -5.30
CA LEU A 114 4.72 -3.15 -5.03
C LEU A 114 5.04 -2.21 -6.19
N LEU A 115 5.44 -0.98 -5.87
CA LEU A 115 5.78 0.02 -6.87
C LEU A 115 7.14 0.63 -6.57
N ASP A 116 7.82 1.05 -7.62
CA ASP A 116 9.10 1.72 -7.52
C ASP A 116 8.92 3.12 -6.95
N ARG A 117 10.02 3.73 -6.50
CA ARG A 117 10.03 5.08 -5.93
C ARG A 117 9.30 6.08 -6.81
N ASP A 118 9.35 5.85 -8.12
CA ASP A 118 8.72 6.73 -9.09
C ASP A 118 7.20 6.60 -9.04
N GLY A 119 6.74 5.68 -8.23
CA GLY A 119 5.33 5.35 -8.22
C GLY A 119 5.02 4.41 -9.38
N LYS A 120 6.00 3.61 -9.76
CA LYS A 120 5.84 2.74 -10.92
C LYS A 120 5.75 1.28 -10.53
N ILE A 121 4.56 0.72 -10.70
CA ILE A 121 4.28 -0.67 -10.35
C ILE A 121 5.40 -1.62 -10.77
N ILE A 122 6.08 -2.17 -9.78
CA ILE A 122 7.13 -3.15 -10.00
C ILE A 122 6.51 -4.53 -10.07
N SER A 123 5.65 -4.81 -9.11
CA SER A 123 4.96 -6.09 -9.04
C SER A 123 3.48 -5.87 -8.76
N ALA A 124 2.64 -6.23 -9.73
CA ALA A 124 1.20 -6.16 -9.54
C ALA A 124 0.73 -7.32 -8.67
N ASN A 125 1.60 -8.30 -8.54
CA ASN A 125 1.39 -9.44 -7.68
C ASN A 125 2.55 -9.56 -6.69
N MET A 126 2.42 -8.87 -5.57
CA MET A 126 3.44 -8.88 -4.53
C MET A 126 3.08 -9.95 -3.49
N THR A 127 3.78 -9.98 -2.38
CA THR A 127 3.54 -10.97 -1.35
C THR A 127 3.09 -10.30 -0.06
N ARG A 128 2.11 -10.92 0.59
CA ARG A 128 1.62 -10.53 1.92
C ARG A 128 2.72 -9.95 2.81
N PRO A 129 2.40 -8.85 3.52
CA PRO A 129 3.36 -8.14 4.39
C PRO A 129 4.09 -9.06 5.37
N SER A 130 3.36 -10.02 5.93
CA SER A 130 3.92 -10.89 6.94
C SER A 130 4.68 -12.08 6.33
N ASP A 131 5.05 -11.98 5.06
CA ASP A 131 5.85 -13.02 4.44
C ASP A 131 7.33 -12.63 4.45
N PRO A 132 8.20 -13.55 4.90
CA PRO A 132 9.65 -13.29 5.01
C PRO A 132 10.28 -12.80 3.71
N LYS A 133 9.80 -13.30 2.58
CA LYS A 133 10.37 -12.92 1.29
C LYS A 133 10.06 -11.46 1.00
N THR A 134 8.88 -11.02 1.39
CA THR A 134 8.47 -9.65 1.21
C THR A 134 9.35 -8.72 2.05
N ALA A 135 9.51 -9.08 3.31
CA ALA A 135 10.31 -8.32 4.26
C ALA A 135 11.76 -8.15 3.78
N GLU A 136 12.37 -9.25 3.35
CA GLU A 136 13.75 -9.22 2.91
C GLU A 136 13.87 -8.48 1.58
N LYS A 137 12.80 -8.44 0.81
CA LYS A 137 12.78 -7.68 -0.42
C LYS A 137 12.90 -6.19 -0.09
N PHE A 138 12.20 -5.77 0.96
CA PHE A 138 12.25 -4.39 1.41
C PHE A 138 13.68 -4.00 1.78
N ASN A 139 14.31 -4.81 2.62
CA ASN A 139 15.64 -4.47 3.11
C ASN A 139 16.68 -4.59 2.00
N GLU A 140 16.41 -5.39 0.98
CA GLU A 140 17.27 -5.43 -0.19
C GLU A 140 17.17 -4.11 -0.96
N LEU A 141 15.95 -3.65 -1.20
CA LEU A 141 15.72 -2.43 -1.96
C LEU A 141 16.27 -1.23 -1.23
N LEU A 142 16.19 -1.26 0.09
CA LEU A 142 16.68 -0.15 0.91
C LEU A 142 18.16 -0.28 1.20
N GLY A 143 18.70 -1.48 0.96
CA GLY A 143 20.11 -1.73 1.18
C GLY A 143 20.42 -1.88 2.66
N LEU A 144 19.46 -2.49 3.36
CA LEU A 144 19.52 -2.63 4.81
C LEU A 144 19.93 -4.06 5.19
N GLU A 145 20.45 -4.78 4.21
CA GLU A 145 20.92 -6.15 4.43
C GLU A 145 22.07 -6.17 5.42
N GLY A 146 22.08 -7.17 6.28
CA GLY A 146 23.14 -7.30 7.26
C GLY A 146 23.88 -8.61 7.13
N HIS A 147 24.61 -8.77 6.02
CA HIS A 147 25.36 -9.99 5.75
C HIS A 147 26.63 -10.03 6.60
N HIS A 148 27.13 -8.85 6.94
CA HIS A 148 28.34 -8.74 7.75
C HIS A 148 27.99 -8.48 9.20
N HIS A 149 28.37 -9.40 10.07
CA HIS A 149 28.09 -9.27 11.50
C HIS A 149 29.37 -8.96 12.26
N HIS A 150 29.58 -7.69 12.56
CA HIS A 150 30.77 -7.25 13.30
C HIS A 150 30.72 -7.81 14.73
N HIS A 151 29.51 -7.97 15.24
CA HIS A 151 29.27 -8.49 16.58
C HIS A 151 27.78 -8.68 16.77
N HIS A 152 27.01 -7.92 15.99
CA HIS A 152 25.57 -8.10 15.90
C HIS A 152 25.23 -8.56 14.49
#